data_6PFI
#
_entry.id   6PFI
#
_cell.length_a   213.380
_cell.length_b   116.741
_cell.length_c   221.580
_cell.angle_alpha   90.00
_cell.angle_beta   95.05
_cell.angle_gamma   90.00
#
_symmetry.space_group_name_H-M   'C 1 2 1'
#
loop_
_entity.id
_entity.type
_entity.pdbx_description
1 polymer 'Bifunctional dihydrofolate reductase-thymidylate synthase'
2 non-polymer 'NADPH DIHYDRO-NICOTINAMIDE-ADENINE-DINUCLEOTIDE PHOSPHATE'
3 non-polymer "5-FLUORO-2'-DEOXYURIDINE-5'-MONOPHOSPHATE"
4 non-polymer '3-({4-[(2-amino-4-oxo-4,7-dihydro-3H-pyrrolo[2,3-d]pyrimidin-5-yl)methyl]benzene-1-carbonyl}amino)-4-(carboxymethyl)benzoic acid'
5 non-polymer METHOTREXATE
6 water water
#
_entity_poly.entity_id   1
_entity_poly.type   'polypeptide(L)'
_entity_poly.pdbx_seq_one_letter_code
;MSEKNVSIVVAASVLSSGIGINGQLPWSISEDLKFFSKITNNKCDSNKKNALIMGRKTWDSIGRRPLKNRIIVVISSSLP
QDEADPNVVVFRNLEDSIENLMNDDSIENIFVCGGESIYRDALKDNFVDRIYLTRVALEDIEFDTYFPEIPETFLPVYMS
QTFCTKNISYDFMIFEKQEKKTLQNCDPARGQLKSIDDTVDLLGEIFGIRKMGNRHKFPKEEIYNTPSIRFGREHYEFQY
LDLLSRVLENGAYRENRTGISTYSIFGQMMRFDMRESFPLLTTKKVAIRSIFEELIWFIKGDTNGNHLIEKKVYIWSGNG
SKEYLERIGLGHREENDLGPIYGFQWRHYNGEYKTMHDDYTGVGVDQLAKLIETLKNNPKDRRHILTAWNPSALSQMALP
PCHVLSQYYVTNDNCLSCNLYQRSCDLGLGSPFNIASYAILTMMLAQVCGYEPGELAIFIGDAHIYENHLTQLKEQLSRT
PRPFPQLKFKRKVENIEDFKWEDIELIGYYPYPTIKMDMAV
;
_entity_poly.pdbx_strand_id   A,B,C,D,E
#
loop_
_chem_comp.id
_chem_comp.type
_chem_comp.name
_chem_comp.formula
MTX non-polymer METHOTREXATE 'C20 H22 N8 O5'
NDP non-polymer 'NADPH DIHYDRO-NICOTINAMIDE-ADENINE-DINUCLEOTIDE PHOSPHATE' 'C21 H30 N7 O17 P3'
OEP non-polymer '3-({4-[(2-amino-4-oxo-4,7-dihydro-3H-pyrrolo[2,3-d]pyrimidin-5-yl)methyl]benzene-1-carbonyl}amino)-4-(carboxymethyl)benzoic acid' 'C23 H19 N5 O6'
UFP DNA linking 5-FLUORO-2'-DEOXYURIDINE-5'-MONOPHOSPHATE 'C9 H12 F N2 O8 P'
#
# COMPACT_ATOMS: atom_id res chain seq x y z
N GLU A 3 -54.83 -25.85 -29.63
CA GLU A 3 -54.65 -25.93 -28.19
C GLU A 3 -55.38 -24.82 -27.46
N LYS A 4 -56.11 -25.18 -26.40
CA LYS A 4 -56.76 -24.22 -25.52
C LYS A 4 -56.74 -24.75 -24.10
N ASN A 5 -57.30 -23.98 -23.18
CA ASN A 5 -57.22 -24.28 -21.76
C ASN A 5 -58.39 -25.14 -21.32
N VAL A 6 -58.13 -26.02 -20.35
CA VAL A 6 -59.14 -26.91 -19.78
C VAL A 6 -59.04 -26.78 -18.27
N SER A 7 -60.08 -26.21 -17.65
CA SER A 7 -60.08 -25.97 -16.22
C SER A 7 -61.22 -26.74 -15.56
N ILE A 8 -61.02 -27.02 -14.27
CA ILE A 8 -62.02 -27.68 -13.44
C ILE A 8 -62.62 -26.64 -12.51
N VAL A 9 -63.96 -26.62 -12.43
CA VAL A 9 -64.69 -25.82 -11.47
C VAL A 9 -65.42 -26.77 -10.54
N VAL A 10 -65.23 -26.59 -9.22
CA VAL A 10 -65.81 -27.49 -8.24
C VAL A 10 -65.96 -26.76 -6.92
N ALA A 11 -66.95 -27.15 -6.13
CA ALA A 11 -67.13 -26.69 -4.76
C ALA A 11 -67.17 -27.91 -3.86
N ALA A 12 -66.11 -28.12 -3.08
CA ALA A 12 -66.01 -29.27 -2.19
C ALA A 12 -65.82 -28.80 -0.75
N SER A 13 -66.18 -29.68 0.18
CA SER A 13 -66.03 -29.37 1.59
C SER A 13 -64.56 -29.30 1.98
N VAL A 14 -64.31 -28.72 3.16
CA VAL A 14 -62.96 -28.30 3.50
C VAL A 14 -62.06 -29.48 3.87
N LEU A 15 -62.62 -30.54 4.46
CA LEU A 15 -61.82 -31.66 4.92
C LEU A 15 -61.96 -32.89 4.04
N SER A 16 -63.17 -33.43 3.92
CA SER A 16 -63.40 -34.66 3.17
C SER A 16 -63.64 -34.43 1.68
N SER A 17 -63.74 -33.17 1.25
CA SER A 17 -63.91 -32.81 -0.16
C SER A 17 -65.21 -33.41 -0.73
N GLY A 18 -66.31 -33.16 -0.03
CA GLY A 18 -67.62 -33.63 -0.49
C GLY A 18 -68.30 -32.60 -1.37
N ILE A 19 -68.96 -33.09 -2.43
CA ILE A 19 -69.53 -32.19 -3.43
C ILE A 19 -71.01 -32.45 -3.64
N GLY A 20 -71.52 -33.55 -3.10
CA GLY A 20 -72.91 -33.85 -3.38
C GLY A 20 -73.50 -34.86 -2.42
N ILE A 21 -74.84 -34.95 -2.47
CA ILE A 21 -75.60 -35.90 -1.67
C ILE A 21 -76.97 -36.08 -2.31
N ASN A 22 -77.32 -37.33 -2.62
CA ASN A 22 -78.64 -37.67 -3.16
C ASN A 22 -78.97 -36.85 -4.42
N GLY A 23 -77.99 -36.73 -5.32
CA GLY A 23 -78.22 -36.06 -6.57
C GLY A 23 -78.38 -34.57 -6.48
N GLN A 24 -77.94 -33.94 -5.40
CA GLN A 24 -78.00 -32.49 -5.27
C GLN A 24 -76.84 -32.04 -4.39
N LEU A 25 -76.69 -30.72 -4.28
CA LEU A 25 -75.60 -30.16 -3.49
C LEU A 25 -75.88 -30.31 -1.99
N PRO A 26 -74.84 -30.41 -1.17
CA PRO A 26 -75.04 -30.44 0.28
C PRO A 26 -75.32 -29.08 0.90
N TRP A 27 -75.41 -28.03 0.09
CA TRP A 27 -75.58 -26.67 0.59
C TRP A 27 -76.30 -25.84 -0.48
N SER A 28 -76.60 -24.59 -0.13
CA SER A 28 -77.24 -23.64 -1.04
C SER A 28 -76.55 -22.30 -0.83
N ILE A 29 -75.54 -22.02 -1.65
CA ILE A 29 -74.76 -20.78 -1.59
C ILE A 29 -74.92 -20.08 -2.92
N SER A 30 -75.68 -18.98 -2.93
CA SER A 30 -75.98 -18.31 -4.19
C SER A 30 -74.75 -17.62 -4.78
N GLU A 31 -73.86 -17.11 -3.94
CA GLU A 31 -72.66 -16.46 -4.45
C GLU A 31 -71.74 -17.46 -5.13
N ASP A 32 -71.79 -18.72 -4.71
CA ASP A 32 -70.98 -19.75 -5.37
C ASP A 32 -71.48 -20.02 -6.78
N LEU A 33 -72.80 -20.05 -6.97
CA LEU A 33 -73.34 -20.24 -8.31
C LEU A 33 -72.98 -19.08 -9.23
N LYS A 34 -73.03 -17.86 -8.70
CA LYS A 34 -72.61 -16.70 -9.50
C LYS A 34 -71.14 -16.80 -9.88
N PHE A 35 -70.31 -17.32 -8.98
CA PHE A 35 -68.92 -17.56 -9.33
C PHE A 35 -68.80 -18.56 -10.47
N PHE A 36 -69.56 -19.65 -10.40
CA PHE A 36 -69.58 -20.61 -11.50
C PHE A 36 -70.05 -19.92 -12.79
N SER A 37 -71.02 -19.01 -12.67
CA SER A 37 -71.52 -18.31 -13.84
C SER A 37 -70.46 -17.40 -14.44
N LYS A 38 -69.82 -16.58 -13.61
CA LYS A 38 -68.86 -15.61 -14.13
C LYS A 38 -67.57 -16.27 -14.59
N ILE A 39 -67.17 -17.38 -13.96
CA ILE A 39 -65.91 -18.02 -14.35
C ILE A 39 -66.05 -18.82 -15.64
N THR A 40 -67.26 -19.27 -15.98
CA THR A 40 -67.47 -20.03 -17.20
C THR A 40 -67.90 -19.15 -18.37
N ASN A 41 -68.36 -17.93 -18.11
CA ASN A 41 -68.68 -16.98 -19.16
C ASN A 41 -67.52 -16.07 -19.53
N ASN A 42 -66.43 -16.11 -18.76
CA ASN A 42 -65.29 -15.22 -19.00
C ASN A 42 -64.56 -15.66 -20.27
N LYS A 43 -64.52 -14.77 -21.26
CA LYS A 43 -63.89 -15.06 -22.53
C LYS A 43 -63.44 -13.76 -23.18
N CYS A 44 -62.75 -13.89 -24.31
CA CYS A 44 -62.28 -12.74 -25.08
C CYS A 44 -63.01 -12.57 -26.40
N ASP A 45 -63.08 -13.63 -27.20
CA ASP A 45 -63.72 -13.56 -28.51
C ASP A 45 -65.24 -13.58 -28.37
N SER A 46 -65.89 -12.51 -28.84
CA SER A 46 -67.36 -12.45 -28.76
C SER A 46 -68.04 -13.46 -29.67
N ASN A 47 -67.36 -13.94 -30.70
CA ASN A 47 -67.92 -14.93 -31.61
C ASN A 47 -67.57 -16.37 -31.21
N LYS A 48 -67.17 -16.57 -29.96
CA LYS A 48 -66.86 -17.89 -29.44
C LYS A 48 -67.61 -18.10 -28.13
N LYS A 49 -67.77 -19.37 -27.76
CA LYS A 49 -68.44 -19.75 -26.53
C LYS A 49 -67.57 -20.73 -25.76
N ASN A 50 -67.85 -20.85 -24.47
CA ASN A 50 -67.14 -21.79 -23.60
C ASN A 50 -67.95 -23.07 -23.46
N ALA A 51 -67.24 -24.19 -23.38
CA ALA A 51 -67.86 -25.51 -23.28
C ALA A 51 -67.80 -26.00 -21.85
N LEU A 52 -68.94 -26.43 -21.31
CA LEU A 52 -69.03 -26.96 -19.96
C LEU A 52 -69.30 -28.46 -20.05
N ILE A 53 -68.30 -29.27 -19.68
CA ILE A 53 -68.41 -30.71 -19.71
C ILE A 53 -68.96 -31.19 -18.38
N MET A 54 -69.96 -32.06 -18.42
CA MET A 54 -70.54 -32.60 -17.21
C MET A 54 -71.05 -34.02 -17.46
N GLY A 55 -71.22 -34.77 -16.37
CA GLY A 55 -71.79 -36.09 -16.45
C GLY A 55 -73.31 -36.07 -16.52
N ARG A 56 -73.89 -37.25 -16.80
CA ARG A 56 -75.33 -37.32 -16.98
C ARG A 56 -76.08 -37.03 -15.68
N LYS A 57 -75.66 -37.66 -14.58
CA LYS A 57 -76.33 -37.42 -13.31
C LYS A 57 -76.25 -35.96 -12.89
N THR A 58 -75.16 -35.28 -13.26
CA THR A 58 -75.08 -33.84 -13.03
C THR A 58 -75.99 -33.08 -14.00
N TRP A 59 -76.05 -33.53 -15.25
CA TRP A 59 -76.95 -32.92 -16.22
C TRP A 59 -78.41 -33.04 -15.78
N ASP A 60 -78.76 -34.13 -15.09
CA ASP A 60 -80.12 -34.25 -14.55
C ASP A 60 -80.34 -33.34 -13.36
N SER A 61 -79.30 -33.10 -12.55
CA SER A 61 -79.44 -32.32 -11.33
C SER A 61 -79.72 -30.85 -11.63
N ILE A 62 -79.36 -30.37 -12.81
CA ILE A 62 -79.61 -28.98 -13.19
C ILE A 62 -80.86 -28.87 -14.07
N GLY A 63 -81.71 -29.88 -14.06
CA GLY A 63 -82.99 -29.82 -14.75
C GLY A 63 -82.96 -30.07 -16.24
N ARG A 64 -81.83 -30.52 -16.78
CA ARG A 64 -81.68 -30.79 -18.21
C ARG A 64 -82.05 -29.57 -19.04
N ARG A 65 -81.68 -28.40 -18.54
CA ARG A 65 -81.92 -27.16 -19.26
C ARG A 65 -80.61 -26.43 -19.53
N PRO A 66 -80.47 -25.81 -20.70
CA PRO A 66 -79.19 -25.22 -21.08
C PRO A 66 -78.84 -24.01 -20.23
N LEU A 67 -77.58 -23.61 -20.31
CA LEU A 67 -77.05 -22.44 -19.65
C LEU A 67 -76.79 -21.36 -20.68
N LYS A 68 -77.22 -20.14 -20.39
CA LYS A 68 -77.15 -19.06 -21.38
C LYS A 68 -75.71 -18.77 -21.78
N ASN A 69 -75.51 -18.54 -23.08
CA ASN A 69 -74.25 -18.14 -23.70
C ASN A 69 -73.17 -19.22 -23.62
N ARG A 70 -73.52 -20.44 -23.20
CA ARG A 70 -72.55 -21.51 -23.06
C ARG A 70 -73.09 -22.79 -23.69
N ILE A 71 -72.17 -23.61 -24.19
CA ILE A 71 -72.50 -24.90 -24.78
C ILE A 71 -72.20 -25.98 -23.75
N ILE A 72 -73.21 -26.77 -23.40
CA ILE A 72 -73.06 -27.83 -22.42
C ILE A 72 -72.75 -29.14 -23.12
N VAL A 73 -71.71 -29.83 -22.66
CA VAL A 73 -71.30 -31.12 -23.19
C VAL A 73 -71.59 -32.17 -22.13
N VAL A 74 -72.43 -33.14 -22.47
CA VAL A 74 -72.87 -34.17 -21.54
C VAL A 74 -72.16 -35.47 -21.89
N ILE A 75 -71.56 -36.11 -20.89
CA ILE A 75 -70.92 -37.40 -21.05
C ILE A 75 -71.92 -38.47 -20.60
N SER A 76 -72.36 -39.29 -21.54
CA SER A 76 -73.35 -40.31 -21.24
C SER A 76 -73.21 -41.44 -22.25
N SER A 77 -73.54 -42.65 -21.79
CA SER A 77 -73.53 -43.82 -22.65
C SER A 77 -74.92 -44.18 -23.17
N SER A 78 -75.96 -43.49 -22.71
CA SER A 78 -77.34 -43.81 -23.07
C SER A 78 -78.08 -42.67 -23.76
N LEU A 79 -77.74 -41.42 -23.45
CA LEU A 79 -78.48 -40.30 -24.01
C LEU A 79 -78.38 -40.27 -25.53
N PRO A 80 -79.50 -40.05 -26.23
CA PRO A 80 -79.43 -40.00 -27.70
C PRO A 80 -78.67 -38.77 -28.15
N GLN A 81 -77.86 -38.95 -29.20
CA GLN A 81 -77.07 -37.86 -29.76
C GLN A 81 -77.96 -36.99 -30.65
N ASP A 82 -78.90 -36.33 -29.99
CA ASP A 82 -79.85 -35.46 -30.69
C ASP A 82 -79.15 -34.19 -31.17
N GLU A 83 -79.32 -33.88 -32.45
CA GLU A 83 -78.73 -32.68 -33.03
C GLU A 83 -79.71 -31.52 -33.09
N ALA A 84 -80.87 -31.63 -32.44
CA ALA A 84 -81.85 -30.56 -32.49
C ALA A 84 -81.40 -29.36 -31.66
N ASP A 85 -80.87 -29.60 -30.46
CA ASP A 85 -80.44 -28.50 -29.59
C ASP A 85 -78.95 -28.24 -29.84
N PRO A 86 -78.58 -27.06 -30.34
CA PRO A 86 -77.15 -26.78 -30.55
C PRO A 86 -76.41 -26.39 -29.28
N ASN A 87 -77.10 -26.04 -28.21
CA ASN A 87 -76.46 -25.68 -26.96
C ASN A 87 -76.23 -26.88 -26.04
N VAL A 88 -76.62 -28.08 -26.46
CA VAL A 88 -76.45 -29.30 -25.68
C VAL A 88 -76.03 -30.40 -26.64
N VAL A 89 -74.83 -30.96 -26.43
CA VAL A 89 -74.29 -32.02 -27.26
C VAL A 89 -73.84 -33.16 -26.35
N VAL A 90 -73.96 -34.38 -26.85
CA VAL A 90 -73.72 -35.59 -26.07
C VAL A 90 -72.57 -36.37 -26.68
N PHE A 91 -71.62 -36.80 -25.84
CA PHE A 91 -70.53 -37.67 -26.24
C PHE A 91 -70.56 -38.94 -25.39
N ARG A 92 -69.95 -40.00 -25.92
CA ARG A 92 -70.00 -41.30 -25.27
C ARG A 92 -68.89 -41.52 -24.24
N ASN A 93 -67.82 -40.72 -24.30
CA ASN A 93 -66.74 -40.85 -23.34
C ASN A 93 -66.01 -39.52 -23.24
N LEU A 94 -65.29 -39.34 -22.12
CA LEU A 94 -64.61 -38.07 -21.89
C LEU A 94 -63.46 -37.84 -22.86
N GLU A 95 -62.78 -38.91 -23.29
CA GLU A 95 -61.67 -38.75 -24.23
C GLU A 95 -62.16 -38.19 -25.57
N ASP A 96 -63.19 -38.82 -26.16
CA ASP A 96 -63.72 -38.34 -27.42
C ASP A 96 -64.30 -36.94 -27.27
N SER A 97 -64.77 -36.60 -26.07
CA SER A 97 -65.36 -35.29 -25.83
C SER A 97 -64.36 -34.17 -26.01
N ILE A 98 -63.07 -34.44 -25.79
CA ILE A 98 -62.06 -33.41 -25.96
C ILE A 98 -61.72 -33.30 -27.45
N GLU A 99 -62.72 -32.94 -28.25
CA GLU A 99 -62.53 -32.65 -29.66
C GLU A 99 -62.51 -31.14 -29.92
N ASN A 100 -62.39 -30.34 -28.86
CA ASN A 100 -62.45 -28.90 -28.98
C ASN A 100 -61.07 -28.25 -29.00
N LEU A 101 -60.00 -29.01 -28.71
CA LEU A 101 -58.66 -28.42 -28.60
C LEU A 101 -58.02 -28.16 -29.96
N MET A 102 -57.75 -29.23 -30.72
CA MET A 102 -57.05 -29.13 -31.99
C MET A 102 -58.01 -28.92 -33.17
N ASN A 103 -59.31 -29.01 -32.93
CA ASN A 103 -60.31 -28.77 -33.95
C ASN A 103 -61.44 -27.97 -33.32
N ASP A 104 -62.44 -27.63 -34.13
CA ASP A 104 -63.57 -26.81 -33.69
C ASP A 104 -63.07 -25.50 -33.09
N ASP A 105 -62.72 -24.54 -33.93
CA ASP A 105 -62.19 -23.26 -33.47
C ASP A 105 -63.27 -22.33 -32.91
N SER A 106 -64.52 -22.77 -32.87
CA SER A 106 -65.60 -21.94 -32.30
C SER A 106 -65.61 -21.94 -30.78
N ILE A 107 -64.94 -22.90 -30.15
CA ILE A 107 -64.86 -23.00 -28.69
C ILE A 107 -63.56 -22.37 -28.22
N GLU A 108 -63.66 -21.47 -27.25
CA GLU A 108 -62.48 -20.79 -26.72
C GLU A 108 -61.87 -21.53 -25.53
N ASN A 109 -62.64 -21.70 -24.46
CA ASN A 109 -62.17 -22.36 -23.26
C ASN A 109 -63.07 -23.55 -22.92
N ILE A 110 -62.49 -24.50 -22.17
CA ILE A 110 -63.17 -25.73 -21.78
C ILE A 110 -63.21 -25.82 -20.27
N PHE A 111 -64.36 -26.19 -19.72
CA PHE A 111 -64.54 -26.33 -18.28
C PHE A 111 -65.12 -27.69 -17.95
N VAL A 112 -64.54 -28.32 -16.93
CA VAL A 112 -65.00 -29.60 -16.42
C VAL A 112 -65.67 -29.36 -15.07
N CYS A 113 -66.86 -29.92 -14.88
CA CYS A 113 -67.64 -29.64 -13.68
C CYS A 113 -68.68 -30.72 -13.41
N GLY A 114 -68.42 -31.94 -13.87
CA GLY A 114 -69.45 -32.95 -13.93
C GLY A 114 -69.40 -34.05 -12.90
N GLY A 115 -69.24 -33.70 -11.63
CA GLY A 115 -69.33 -34.68 -10.57
C GLY A 115 -68.10 -35.56 -10.49
N GLU A 116 -68.14 -36.46 -9.50
CA GLU A 116 -66.96 -37.27 -9.17
C GLU A 116 -66.52 -38.13 -10.34
N SER A 117 -67.47 -38.68 -11.09
CA SER A 117 -67.11 -39.57 -12.20
C SER A 117 -66.28 -38.85 -13.26
N ILE A 118 -66.67 -37.62 -13.61
CA ILE A 118 -65.93 -36.88 -14.61
C ILE A 118 -64.69 -36.24 -14.02
N TYR A 119 -64.77 -35.77 -12.77
CA TYR A 119 -63.61 -35.17 -12.12
C TYR A 119 -62.45 -36.15 -12.04
N ARG A 120 -62.73 -37.37 -11.60
CA ARG A 120 -61.67 -38.34 -11.38
C ARG A 120 -61.03 -38.77 -12.70
N ASP A 121 -61.84 -38.94 -13.74
CA ASP A 121 -61.28 -39.34 -15.04
C ASP A 121 -60.56 -38.20 -15.72
N ALA A 122 -60.97 -36.95 -15.45
CA ALA A 122 -60.28 -35.81 -16.05
C ALA A 122 -58.89 -35.62 -15.45
N LEU A 123 -58.71 -35.99 -14.20
CA LEU A 123 -57.42 -35.89 -13.54
C LEU A 123 -56.57 -37.14 -13.79
N LYS A 124 -57.20 -38.31 -13.86
CA LYS A 124 -56.47 -39.56 -14.11
C LYS A 124 -55.83 -39.53 -15.50
N ASP A 125 -56.61 -39.12 -16.51
CA ASP A 125 -56.12 -39.07 -17.88
C ASP A 125 -55.34 -37.80 -18.18
N ASN A 126 -55.14 -36.93 -17.19
CA ASN A 126 -54.27 -35.76 -17.29
C ASN A 126 -54.74 -34.81 -18.39
N PHE A 127 -55.98 -34.32 -18.24
CA PHE A 127 -56.57 -33.37 -19.17
C PHE A 127 -56.68 -31.96 -18.61
N VAL A 128 -56.53 -31.79 -17.29
CA VAL A 128 -56.86 -30.54 -16.61
C VAL A 128 -55.59 -29.71 -16.44
N ASP A 129 -55.69 -28.41 -16.76
CA ASP A 129 -54.60 -27.47 -16.58
C ASP A 129 -54.75 -26.62 -15.32
N ARG A 130 -55.97 -26.41 -14.86
CA ARG A 130 -56.23 -25.50 -13.75
C ARG A 130 -57.47 -25.97 -13.00
N ILE A 131 -57.50 -25.71 -11.70
CA ILE A 131 -58.61 -26.10 -10.84
C ILE A 131 -59.11 -24.87 -10.10
N TYR A 132 -60.40 -24.57 -10.25
CA TYR A 132 -61.08 -23.54 -9.46
C TYR A 132 -61.84 -24.25 -8.34
N LEU A 133 -61.33 -24.17 -7.12
CA LEU A 133 -61.90 -24.87 -5.97
C LEU A 133 -62.57 -23.88 -5.04
N THR A 134 -63.78 -24.20 -4.61
CA THR A 134 -64.53 -23.42 -3.63
C THR A 134 -64.68 -24.28 -2.38
N ARG A 135 -63.81 -24.05 -1.39
CA ARG A 135 -63.84 -24.83 -0.16
C ARG A 135 -64.96 -24.33 0.75
N VAL A 136 -65.86 -25.24 1.14
CA VAL A 136 -67.01 -24.92 1.98
C VAL A 136 -66.78 -25.53 3.36
N ALA A 137 -67.03 -24.74 4.40
CA ALA A 137 -66.77 -25.16 5.78
C ALA A 137 -67.98 -25.89 6.37
N LEU A 138 -68.27 -27.05 5.79
CA LEU A 138 -69.32 -27.96 6.26
C LEU A 138 -68.80 -29.37 6.21
N GLU A 139 -68.73 -30.03 7.36
CA GLU A 139 -68.14 -31.37 7.42
C GLU A 139 -68.91 -32.39 8.23
N ASP A 140 -69.79 -31.99 9.14
CA ASP A 140 -70.56 -32.94 9.93
C ASP A 140 -71.93 -33.22 9.32
N ILE A 141 -71.98 -33.37 7.99
CA ILE A 141 -73.17 -33.78 7.27
C ILE A 141 -72.81 -34.98 6.40
N GLU A 142 -73.78 -35.46 5.64
CA GLU A 142 -73.64 -36.67 4.84
C GLU A 142 -73.33 -36.33 3.39
N PHE A 143 -72.31 -36.98 2.83
CA PHE A 143 -71.96 -36.87 1.42
C PHE A 143 -72.01 -38.25 0.77
N ASP A 144 -72.25 -38.28 -0.53
CA ASP A 144 -72.19 -39.52 -1.31
C ASP A 144 -71.33 -39.42 -2.55
N THR A 145 -70.96 -38.23 -3.00
CA THR A 145 -70.00 -38.04 -4.08
C THR A 145 -68.95 -37.05 -3.61
N TYR A 146 -67.69 -37.39 -3.83
CA TYR A 146 -66.58 -36.60 -3.31
C TYR A 146 -65.74 -36.07 -4.47
N PHE A 147 -64.98 -35.01 -4.19
CA PHE A 147 -64.02 -34.55 -5.16
C PHE A 147 -62.70 -35.26 -4.95
N PRO A 148 -62.09 -35.83 -5.99
CA PRO A 148 -60.87 -36.61 -5.79
C PRO A 148 -59.75 -35.74 -5.25
N GLU A 149 -58.82 -36.38 -4.53
CA GLU A 149 -57.68 -35.67 -3.98
C GLU A 149 -56.85 -35.06 -5.09
N ILE A 150 -56.50 -33.79 -4.93
CA ILE A 150 -55.75 -33.07 -5.95
C ILE A 150 -54.36 -33.68 -6.08
N PRO A 151 -53.96 -34.11 -7.28
CA PRO A 151 -52.66 -34.77 -7.43
C PRO A 151 -51.52 -33.81 -7.15
N GLU A 152 -50.34 -34.39 -6.88
CA GLU A 152 -49.17 -33.60 -6.52
C GLU A 152 -48.68 -32.70 -7.65
N THR A 153 -49.14 -32.93 -8.88
CA THR A 153 -48.71 -32.09 -9.99
C THR A 153 -49.37 -30.72 -9.99
N PHE A 154 -50.34 -30.50 -9.10
CA PHE A 154 -51.00 -29.20 -8.97
C PHE A 154 -50.48 -28.48 -7.74
N LEU A 155 -50.31 -27.16 -7.87
CA LEU A 155 -49.87 -26.32 -6.76
C LEU A 155 -50.81 -25.12 -6.63
N PRO A 156 -51.16 -24.76 -5.40
CA PRO A 156 -52.05 -23.60 -5.22
C PRO A 156 -51.33 -22.29 -5.57
N VAL A 157 -52.04 -21.43 -6.29
CA VAL A 157 -51.50 -20.13 -6.68
C VAL A 157 -52.35 -18.96 -6.19
N TYR A 158 -53.50 -19.23 -5.57
CA TYR A 158 -54.37 -18.17 -5.09
C TYR A 158 -55.28 -18.74 -4.02
N MET A 159 -55.51 -17.95 -2.97
CA MET A 159 -56.44 -18.30 -1.91
C MET A 159 -57.12 -17.02 -1.45
N SER A 160 -58.41 -16.89 -1.75
CA SER A 160 -59.16 -15.68 -1.45
C SER A 160 -59.41 -15.55 0.04
N GLN A 161 -59.97 -14.41 0.43
CA GLN A 161 -60.44 -14.22 1.79
C GLN A 161 -61.64 -15.12 2.06
N THR A 162 -62.00 -15.24 3.33
CA THR A 162 -63.14 -16.05 3.71
C THR A 162 -64.42 -15.22 3.58
N PHE A 163 -65.41 -15.77 2.88
CA PHE A 163 -66.71 -15.15 2.71
C PHE A 163 -67.74 -15.90 3.54
N CYS A 164 -68.90 -15.27 3.74
CA CYS A 164 -69.94 -15.82 4.59
C CYS A 164 -71.29 -15.76 3.88
N THR A 165 -72.07 -16.82 4.03
CA THR A 165 -73.42 -16.89 3.47
C THR A 165 -74.22 -17.83 4.37
N LYS A 166 -75.23 -17.28 5.06
CA LYS A 166 -76.03 -18.06 6.00
C LYS A 166 -75.15 -18.71 7.07
N ASN A 167 -74.18 -17.94 7.58
CA ASN A 167 -73.24 -18.41 8.61
C ASN A 167 -72.37 -19.55 8.10
N ILE A 168 -72.16 -19.64 6.79
CA ILE A 168 -71.31 -20.65 6.19
C ILE A 168 -70.06 -19.97 5.65
N SER A 169 -68.90 -20.43 6.10
CA SER A 169 -67.63 -19.89 5.64
C SER A 169 -67.17 -20.62 4.38
N TYR A 170 -66.64 -19.87 3.43
CA TYR A 170 -66.08 -20.46 2.22
C TYR A 170 -65.09 -19.50 1.59
N ASP A 171 -64.09 -20.07 0.91
CA ASP A 171 -63.07 -19.30 0.20
C ASP A 171 -62.99 -19.80 -1.23
N PHE A 172 -62.10 -19.18 -2.02
CA PHE A 172 -61.91 -19.54 -3.42
C PHE A 172 -60.42 -19.72 -3.68
N MET A 173 -60.06 -20.86 -4.25
CA MET A 173 -58.66 -21.16 -4.54
C MET A 173 -58.48 -21.49 -6.02
N ILE A 174 -57.26 -21.29 -6.49
CA ILE A 174 -56.85 -21.61 -7.86
C ILE A 174 -55.63 -22.52 -7.78
N PHE A 175 -55.69 -23.64 -8.50
CA PHE A 175 -54.58 -24.58 -8.58
C PHE A 175 -54.07 -24.62 -10.01
N GLU A 176 -52.76 -24.53 -10.18
CA GLU A 176 -52.12 -24.61 -11.48
C GLU A 176 -51.26 -25.87 -11.55
N LYS A 177 -51.19 -26.45 -12.74
CA LYS A 177 -50.40 -27.65 -12.97
C LYS A 177 -49.01 -27.25 -13.44
N GLN A 178 -48.00 -27.61 -12.65
CA GLN A 178 -46.63 -27.24 -12.97
C GLN A 178 -46.09 -28.09 -14.12
N GLU A 179 -45.30 -27.47 -14.97
CA GLU A 179 -44.72 -28.15 -16.13
C GLU A 179 -43.20 -28.03 -16.14
N LEU A 193 -40.37 -6.62 -12.95
CA LEU A 193 -39.77 -6.30 -14.25
C LEU A 193 -38.61 -7.25 -14.55
N LYS A 194 -37.76 -6.85 -15.49
CA LYS A 194 -36.65 -7.67 -15.94
C LYS A 194 -35.32 -7.22 -15.36
N SER A 195 -34.94 -5.96 -15.61
CA SER A 195 -33.68 -5.41 -15.17
C SER A 195 -33.74 -4.76 -13.78
N ILE A 196 -34.92 -4.64 -13.19
CA ILE A 196 -35.02 -3.98 -11.89
C ILE A 196 -34.51 -4.90 -10.78
N ASP A 197 -34.84 -6.19 -10.83
CA ASP A 197 -34.39 -7.09 -9.78
C ASP A 197 -32.87 -7.21 -9.74
N ASP A 198 -32.22 -7.13 -10.89
CA ASP A 198 -30.75 -7.18 -10.92
C ASP A 198 -30.14 -5.93 -10.30
N THR A 199 -30.66 -4.76 -10.64
CA THR A 199 -30.11 -3.52 -10.10
C THR A 199 -30.30 -3.43 -8.59
N VAL A 200 -31.41 -3.96 -8.06
CA VAL A 200 -31.63 -3.93 -6.62
C VAL A 200 -30.66 -4.87 -5.91
N ASP A 201 -30.39 -6.03 -6.52
CA ASP A 201 -29.43 -6.97 -5.91
C ASP A 201 -28.03 -6.38 -5.87
N LEU A 202 -27.63 -5.71 -6.96
CA LEU A 202 -26.31 -5.07 -6.99
C LEU A 202 -26.19 -4.01 -5.91
N LEU A 203 -27.22 -3.19 -5.74
CA LEU A 203 -27.19 -2.22 -4.65
C LEU A 203 -27.14 -2.91 -3.29
N GLY A 204 -27.73 -4.10 -3.17
CA GLY A 204 -27.63 -4.85 -1.93
C GLY A 204 -26.27 -5.43 -1.67
N GLU A 205 -25.46 -5.61 -2.72
CA GLU A 205 -24.08 -6.06 -2.54
C GLU A 205 -23.17 -4.89 -2.15
N ILE A 206 -23.40 -3.73 -2.76
CA ILE A 206 -22.59 -2.55 -2.46
C ILE A 206 -22.82 -2.09 -1.03
N PHE A 207 -24.06 -1.68 -0.72
CA PHE A 207 -24.44 -1.36 0.65
C PHE A 207 -24.95 -2.63 1.30
N GLY A 208 -24.32 -3.03 2.40
CA GLY A 208 -24.74 -4.24 3.07
C GLY A 208 -26.02 -4.01 3.83
N ILE A 209 -25.87 -3.74 5.14
CA ILE A 209 -27.01 -3.42 5.98
C ILE A 209 -27.35 -1.94 5.89
N ARG A 210 -26.63 -1.17 5.07
CA ARG A 210 -26.96 0.23 4.87
C ARG A 210 -28.21 0.40 4.03
N LYS A 211 -28.53 -0.57 3.18
CA LYS A 211 -29.75 -0.56 2.39
C LYS A 211 -30.87 -1.19 3.20
N MET A 212 -31.94 -0.43 3.45
CA MET A 212 -33.01 -0.90 4.32
C MET A 212 -33.65 -2.19 3.80
N GLY A 213 -33.61 -2.41 2.48
CA GLY A 213 -34.12 -3.65 1.94
C GLY A 213 -33.43 -4.88 2.49
N ASN A 214 -32.13 -4.79 2.78
CA ASN A 214 -31.41 -5.92 3.35
C ASN A 214 -31.75 -6.17 4.80
N ARG A 215 -32.31 -5.17 5.50
CA ARG A 215 -32.79 -5.36 6.86
C ARG A 215 -34.20 -5.93 6.90
N HIS A 216 -34.89 -5.99 5.76
CA HIS A 216 -36.22 -6.59 5.65
C HIS A 216 -36.22 -7.59 4.50
N LYS A 217 -35.39 -8.62 4.61
CA LYS A 217 -35.25 -9.59 3.54
C LYS A 217 -36.52 -10.42 3.40
N PHE A 218 -36.89 -10.72 2.16
CA PHE A 218 -38.04 -11.57 1.92
C PHE A 218 -37.76 -12.98 2.43
N PRO A 219 -38.72 -13.60 3.11
CA PRO A 219 -38.45 -14.92 3.70
C PRO A 219 -38.11 -15.96 2.65
N LYS A 220 -37.19 -16.86 3.02
CA LYS A 220 -36.80 -17.93 2.13
C LYS A 220 -37.95 -18.92 1.95
N GLU A 221 -37.87 -19.69 0.87
CA GLU A 221 -38.95 -20.63 0.55
C GLU A 221 -39.13 -21.67 1.64
N GLU A 222 -38.05 -22.05 2.33
CA GLU A 222 -38.13 -23.08 3.34
C GLU A 222 -38.95 -22.66 4.56
N ILE A 223 -39.18 -21.36 4.74
CA ILE A 223 -39.93 -20.85 5.88
C ILE A 223 -41.15 -20.04 5.45
N TYR A 224 -41.55 -20.17 4.19
CA TYR A 224 -42.70 -19.45 3.65
C TYR A 224 -43.89 -20.41 3.57
N ASN A 225 -44.99 -20.05 4.22
CA ASN A 225 -46.15 -20.93 4.29
C ASN A 225 -46.83 -21.00 2.92
N THR A 226 -46.93 -22.22 2.37
CA THR A 226 -47.48 -22.48 1.05
C THR A 226 -46.82 -21.54 0.03
N PRO A 227 -45.54 -21.73 -0.26
CA PRO A 227 -44.81 -20.74 -1.08
C PRO A 227 -45.23 -20.70 -2.53
N SER A 228 -46.04 -21.66 -3.00
CA SER A 228 -46.49 -21.60 -4.39
C SER A 228 -47.51 -20.49 -4.60
N ILE A 229 -48.22 -20.09 -3.55
CA ILE A 229 -49.15 -18.97 -3.61
C ILE A 229 -48.33 -17.69 -3.47
N ARG A 230 -47.85 -17.16 -4.58
CA ARG A 230 -46.96 -16.01 -4.56
C ARG A 230 -47.71 -14.69 -4.76
N PHE A 231 -48.61 -14.63 -5.74
CA PHE A 231 -49.31 -13.39 -6.07
C PHE A 231 -50.74 -13.35 -5.56
N GLY A 232 -51.21 -14.42 -4.91
CA GLY A 232 -52.59 -14.47 -4.47
C GLY A 232 -52.76 -14.76 -2.99
N ARG A 233 -51.99 -14.07 -2.16
CA ARG A 233 -52.05 -14.27 -0.71
C ARG A 233 -53.11 -13.37 -0.08
N GLU A 234 -54.35 -13.60 -0.49
CA GLU A 234 -55.46 -12.74 -0.08
C GLU A 234 -55.99 -13.14 1.29
N HIS A 235 -56.01 -14.44 1.59
CA HIS A 235 -56.48 -14.92 2.88
C HIS A 235 -55.71 -14.24 4.01
N TYR A 236 -56.45 -13.62 4.92
CA TYR A 236 -55.83 -12.75 5.93
C TYR A 236 -55.17 -13.53 7.07
N GLU A 237 -55.22 -14.87 7.06
CA GLU A 237 -54.37 -15.61 7.97
C GLU A 237 -52.91 -15.54 7.53
N PHE A 238 -52.66 -15.26 6.25
CA PHE A 238 -51.29 -15.01 5.80
C PHE A 238 -50.70 -13.77 6.45
N GLN A 239 -51.54 -12.83 6.90
CA GLN A 239 -51.05 -11.66 7.61
C GLN A 239 -50.33 -12.05 8.89
N TYR A 240 -50.63 -13.22 9.44
CA TYR A 240 -49.96 -13.75 10.61
C TYR A 240 -48.87 -14.76 10.25
N LEU A 241 -49.15 -15.65 9.29
CA LEU A 241 -48.15 -16.65 8.90
C LEU A 241 -46.94 -16.00 8.24
N ASP A 242 -47.17 -14.96 7.43
CA ASP A 242 -46.05 -14.27 6.80
C ASP A 242 -45.28 -13.40 7.79
N LEU A 243 -45.90 -12.99 8.89
CA LEU A 243 -45.16 -12.31 9.94
C LEU A 243 -44.21 -13.28 10.65
N LEU A 244 -44.65 -14.52 10.84
CA LEU A 244 -43.75 -15.55 11.34
C LEU A 244 -42.57 -15.75 10.41
N SER A 245 -42.83 -15.76 9.10
CA SER A 245 -41.76 -15.96 8.13
C SER A 245 -40.77 -14.80 8.15
N ARG A 246 -41.26 -13.56 8.29
CA ARG A 246 -40.36 -12.41 8.32
C ARG A 246 -39.49 -12.39 9.57
N VAL A 247 -40.01 -12.90 10.69
CA VAL A 247 -39.20 -12.95 11.92
C VAL A 247 -38.10 -13.99 11.78
N LEU A 248 -38.45 -15.18 11.27
CA LEU A 248 -37.44 -16.23 11.07
C LEU A 248 -36.34 -15.80 10.10
N GLU A 249 -36.62 -14.86 9.21
CA GLU A 249 -35.63 -14.43 8.21
C GLU A 249 -34.75 -13.29 8.71
N ASN A 250 -35.32 -12.33 9.44
CA ASN A 250 -34.59 -11.14 9.84
C ASN A 250 -34.49 -10.93 11.34
N GLY A 251 -35.04 -11.86 12.15
CA GLY A 251 -35.08 -11.64 13.59
C GLY A 251 -33.70 -11.71 14.21
N ALA A 252 -33.35 -10.70 14.99
CA ALA A 252 -32.07 -10.66 15.69
C ALA A 252 -32.18 -11.41 17.00
N TYR A 253 -31.19 -12.26 17.27
CA TYR A 253 -31.16 -13.02 18.51
C TYR A 253 -30.89 -12.07 19.69
N ARG A 254 -31.87 -11.94 20.58
CA ARG A 254 -31.79 -10.98 21.67
C ARG A 254 -32.22 -11.62 22.97
N GLU A 255 -31.70 -11.09 24.08
CA GLU A 255 -32.11 -11.51 25.41
C GLU A 255 -33.24 -10.62 25.90
N ASN A 256 -33.89 -11.06 26.99
CA ASN A 256 -34.98 -10.29 27.58
C ASN A 256 -35.06 -10.64 29.06
N ARG A 257 -36.08 -10.12 29.74
CA ARG A 257 -36.22 -10.31 31.18
C ARG A 257 -36.40 -11.78 31.58
N THR A 258 -36.87 -12.63 30.66
CA THR A 258 -36.99 -14.04 30.95
C THR A 258 -35.69 -14.77 30.57
N GLY A 259 -35.58 -16.01 31.01
CA GLY A 259 -34.41 -16.79 30.68
C GLY A 259 -34.39 -17.33 29.26
N ILE A 260 -35.39 -17.00 28.46
CA ILE A 260 -35.56 -17.55 27.11
C ILE A 260 -35.38 -16.42 26.12
N SER A 261 -34.34 -16.51 25.29
CA SER A 261 -34.06 -15.48 24.31
C SER A 261 -35.04 -15.58 23.14
N THR A 262 -35.13 -14.49 22.38
CA THR A 262 -36.07 -14.41 21.27
C THR A 262 -35.35 -13.98 19.99
N TYR A 263 -36.05 -14.17 18.88
CA TYR A 263 -35.69 -13.56 17.60
C TYR A 263 -36.71 -12.46 17.32
N SER A 264 -36.24 -11.22 17.26
CA SER A 264 -37.12 -10.05 17.31
C SER A 264 -36.89 -9.13 16.11
N ILE A 265 -38.00 -8.59 15.59
CA ILE A 265 -37.97 -7.48 14.65
C ILE A 265 -38.90 -6.39 15.18
N PHE A 266 -38.78 -5.20 14.62
CA PHE A 266 -39.47 -4.03 15.14
C PHE A 266 -40.23 -3.32 14.02
N GLY A 267 -41.52 -3.07 14.25
CA GLY A 267 -42.34 -2.35 13.30
C GLY A 267 -43.03 -3.25 12.30
N GLN A 268 -44.13 -3.89 12.71
CA GLN A 268 -44.86 -4.80 11.85
C GLN A 268 -46.36 -4.60 12.08
N MET A 269 -47.16 -4.99 11.08
CA MET A 269 -48.60 -4.88 11.16
C MET A 269 -49.24 -6.07 10.45
N MET A 270 -50.54 -6.23 10.67
CA MET A 270 -51.32 -7.23 9.97
C MET A 270 -52.80 -6.87 10.08
N ARG A 271 -53.52 -6.95 8.96
CA ARG A 271 -54.93 -6.61 8.88
C ARG A 271 -55.78 -7.87 8.86
N PHE A 272 -57.01 -7.75 9.36
CA PHE A 272 -57.96 -8.85 9.34
C PHE A 272 -59.34 -8.31 9.02
N ASP A 273 -60.11 -9.10 8.26
CA ASP A 273 -61.51 -8.78 8.00
C ASP A 273 -62.38 -9.39 9.08
N MET A 274 -63.41 -8.66 9.48
CA MET A 274 -64.40 -9.18 10.42
C MET A 274 -65.81 -9.13 9.87
N ARG A 275 -65.99 -8.63 8.64
CA ARG A 275 -67.32 -8.57 8.06
C ARG A 275 -67.82 -9.96 7.66
N GLU A 276 -67.00 -10.71 6.93
CA GLU A 276 -67.41 -12.00 6.39
C GLU A 276 -66.80 -13.18 7.13
N SER A 277 -65.98 -12.95 8.15
CA SER A 277 -65.34 -14.06 8.86
C SER A 277 -64.85 -13.55 10.22
N PHE A 278 -64.28 -14.48 11.00
CA PHE A 278 -63.72 -14.18 12.32
C PHE A 278 -62.26 -14.59 12.33
N PRO A 279 -61.32 -13.69 12.63
CA PRO A 279 -59.90 -14.04 12.50
C PRO A 279 -59.40 -14.99 13.59
N LEU A 280 -59.89 -16.22 13.58
CA LEU A 280 -59.40 -17.28 14.46
C LEU A 280 -58.55 -18.23 13.64
N LEU A 281 -57.28 -18.37 14.01
CA LEU A 281 -56.33 -19.09 13.18
C LEU A 281 -56.77 -20.55 12.98
N THR A 282 -56.61 -21.03 11.75
CA THR A 282 -56.96 -22.41 11.42
C THR A 282 -55.75 -23.34 11.37
N THR A 283 -54.55 -22.80 11.19
CA THR A 283 -53.33 -23.61 11.20
C THR A 283 -53.00 -24.19 12.56
N LYS A 284 -53.80 -23.87 13.59
CA LYS A 284 -53.59 -24.37 14.93
C LYS A 284 -54.89 -24.19 15.70
N LYS A 285 -55.30 -25.21 16.44
CA LYS A 285 -56.52 -25.14 17.24
C LYS A 285 -56.31 -24.16 18.39
N VAL A 286 -56.94 -22.99 18.31
CA VAL A 286 -56.79 -21.95 19.30
C VAL A 286 -57.87 -22.11 20.36
N ALA A 287 -57.47 -21.98 21.64
CA ALA A 287 -58.39 -22.12 22.77
C ALA A 287 -59.26 -20.88 22.84
N ILE A 288 -60.34 -20.88 22.06
CA ILE A 288 -61.22 -19.73 21.96
C ILE A 288 -61.92 -19.45 23.28
N ARG A 289 -62.21 -20.48 24.07
CA ARG A 289 -62.92 -20.27 25.33
C ARG A 289 -62.08 -19.48 26.33
N SER A 290 -60.78 -19.81 26.42
CA SER A 290 -59.91 -19.07 27.34
C SER A 290 -59.73 -17.62 26.89
N ILE A 291 -59.75 -17.38 25.58
CA ILE A 291 -59.64 -16.00 25.08
C ILE A 291 -60.84 -15.18 25.54
N PHE A 292 -62.04 -15.75 25.40
CA PHE A 292 -63.24 -15.02 25.79
C PHE A 292 -63.27 -14.73 27.28
N GLU A 293 -63.04 -15.76 28.10
CA GLU A 293 -63.11 -15.57 29.55
C GLU A 293 -62.09 -14.55 30.03
N GLU A 294 -60.97 -14.41 29.33
CA GLU A 294 -60.01 -13.34 29.65
C GLU A 294 -60.56 -11.97 29.22
N LEU A 295 -61.21 -11.92 28.05
CA LEU A 295 -61.73 -10.64 27.56
C LEU A 295 -62.88 -10.14 28.43
N ILE A 296 -63.81 -11.01 28.79
CA ILE A 296 -64.90 -10.60 29.67
C ILE A 296 -64.36 -10.30 31.07
N TRP A 297 -63.22 -10.89 31.42
CA TRP A 297 -62.57 -10.58 32.69
C TRP A 297 -62.03 -9.16 32.69
N PHE A 298 -61.55 -8.68 31.54
CA PHE A 298 -61.10 -7.30 31.43
C PHE A 298 -62.28 -6.34 31.51
N ILE A 299 -63.36 -6.64 30.78
CA ILE A 299 -64.49 -5.73 30.69
C ILE A 299 -65.10 -5.51 32.07
N LYS A 300 -65.24 -6.58 32.85
CA LYS A 300 -65.81 -6.49 34.19
C LYS A 300 -64.94 -5.70 35.15
N GLY A 301 -63.77 -5.24 34.72
CA GLY A 301 -62.89 -4.47 35.58
C GLY A 301 -62.07 -5.27 36.57
N ASP A 302 -61.90 -6.57 36.34
CA ASP A 302 -61.40 -7.48 37.36
C ASP A 302 -59.89 -7.68 37.19
N THR A 303 -59.19 -7.65 38.32
CA THR A 303 -57.77 -7.96 38.36
C THR A 303 -57.47 -9.19 39.22
N ASN A 304 -58.51 -9.82 39.78
CA ASN A 304 -58.32 -11.03 40.59
C ASN A 304 -57.98 -12.19 39.67
N GLY A 305 -56.75 -12.70 39.77
CA GLY A 305 -56.32 -13.80 38.94
C GLY A 305 -56.93 -15.13 39.31
N ASN A 306 -57.55 -15.24 40.48
CA ASN A 306 -58.19 -16.50 40.86
C ASN A 306 -59.49 -16.72 40.09
N HIS A 307 -60.18 -15.64 39.70
CA HIS A 307 -61.43 -15.78 38.97
C HIS A 307 -61.24 -16.46 37.62
N LEU A 308 -60.02 -16.41 37.05
CA LEU A 308 -59.75 -17.13 35.81
C LEU A 308 -59.41 -18.59 36.10
N ILE A 309 -58.66 -18.85 37.18
CA ILE A 309 -58.36 -20.23 37.54
C ILE A 309 -59.62 -20.94 38.02
N GLU A 310 -60.55 -20.20 38.63
CA GLU A 310 -61.82 -20.81 39.04
C GLU A 310 -62.64 -21.22 37.83
N LYS A 311 -62.44 -20.56 36.69
CA LYS A 311 -63.08 -20.93 35.43
C LYS A 311 -62.15 -21.76 34.54
N LYS A 312 -61.11 -22.37 35.12
CA LYS A 312 -60.19 -23.25 34.40
C LYS A 312 -59.46 -22.52 33.27
N VAL A 313 -58.95 -21.33 33.59
CA VAL A 313 -58.14 -20.54 32.67
C VAL A 313 -56.83 -20.21 33.35
N TYR A 314 -55.74 -20.83 32.89
CA TYR A 314 -54.45 -20.77 33.59
C TYR A 314 -53.42 -19.92 32.86
N ILE A 315 -53.86 -18.97 32.03
CA ILE A 315 -52.89 -18.18 31.27
C ILE A 315 -52.19 -17.13 32.12
N TRP A 316 -52.79 -16.71 33.24
CA TRP A 316 -52.17 -15.74 34.12
C TRP A 316 -51.63 -16.38 35.40
N SER A 317 -51.35 -17.69 35.37
CA SER A 317 -50.78 -18.34 36.54
C SER A 317 -49.29 -18.07 36.64
N GLY A 318 -48.59 -18.05 35.50
CA GLY A 318 -47.15 -17.84 35.53
C GLY A 318 -46.77 -16.46 36.05
N ASN A 319 -47.45 -15.43 35.56
CA ASN A 319 -47.20 -14.06 36.01
C ASN A 319 -47.93 -13.71 37.30
N GLY A 320 -48.51 -14.70 37.98
CA GLY A 320 -49.20 -14.45 39.23
C GLY A 320 -48.95 -15.53 40.26
N SER A 321 -47.69 -15.90 40.47
CA SER A 321 -47.30 -16.84 41.49
C SER A 321 -46.53 -16.12 42.59
N LYS A 322 -46.49 -16.75 43.76
CA LYS A 322 -45.77 -16.15 44.89
C LYS A 322 -44.30 -15.95 44.55
N GLU A 323 -43.71 -16.90 43.81
CA GLU A 323 -42.29 -16.78 43.45
C GLU A 323 -42.07 -15.64 42.47
N TYR A 324 -42.93 -15.52 41.45
CA TYR A 324 -42.75 -14.48 40.45
C TYR A 324 -43.01 -13.09 41.02
N LEU A 325 -44.04 -12.96 41.86
CA LEU A 325 -44.39 -11.65 42.39
C LEU A 325 -43.30 -11.12 43.32
N GLU A 326 -42.67 -11.98 44.11
CA GLU A 326 -41.58 -11.54 44.98
C GLU A 326 -40.37 -11.13 44.16
N ARG A 327 -40.15 -11.76 43.01
CA ARG A 327 -38.98 -11.45 42.19
C ARG A 327 -39.04 -10.02 41.65
N ILE A 328 -40.23 -9.57 41.21
CA ILE A 328 -40.37 -8.24 40.64
C ILE A 328 -40.69 -7.24 41.73
N GLY A 329 -40.60 -7.67 42.99
CA GLY A 329 -40.76 -6.76 44.11
C GLY A 329 -42.17 -6.50 44.54
N LEU A 330 -43.09 -7.44 44.33
CA LEU A 330 -44.48 -7.31 44.73
C LEU A 330 -44.88 -8.43 45.69
N GLY A 331 -43.98 -8.78 46.60
CA GLY A 331 -44.25 -9.84 47.56
C GLY A 331 -45.32 -9.53 48.57
N HIS A 332 -45.76 -8.27 48.67
CA HIS A 332 -46.82 -7.89 49.60
C HIS A 332 -48.21 -8.21 49.06
N ARG A 333 -48.32 -8.66 47.82
CA ARG A 333 -49.60 -8.96 47.20
C ARG A 333 -49.99 -10.41 47.50
N GLU A 334 -51.28 -10.71 47.26
CA GLU A 334 -51.76 -12.07 47.40
C GLU A 334 -51.19 -12.95 46.28
N GLU A 335 -51.65 -14.20 46.25
CA GLU A 335 -51.11 -15.17 45.29
C GLU A 335 -51.29 -14.68 43.85
N ASN A 336 -52.54 -14.41 43.46
CA ASN A 336 -52.85 -14.04 42.09
C ASN A 336 -53.33 -12.61 41.96
N ASP A 337 -52.90 -11.73 42.87
CA ASP A 337 -53.26 -10.32 42.81
C ASP A 337 -52.36 -9.67 41.76
N LEU A 338 -52.84 -9.64 40.52
CA LEU A 338 -52.05 -9.14 39.40
C LEU A 338 -51.88 -7.63 39.41
N GLY A 339 -52.60 -6.91 40.29
CA GLY A 339 -52.49 -5.48 40.37
C GLY A 339 -53.30 -4.77 39.30
N PRO A 340 -53.19 -3.44 39.25
CA PRO A 340 -53.99 -2.67 38.29
C PRO A 340 -53.51 -2.86 36.86
N ILE A 341 -54.18 -3.72 36.11
CA ILE A 341 -53.74 -4.10 34.77
C ILE A 341 -54.88 -3.82 33.80
N TYR A 342 -54.90 -4.55 32.68
CA TYR A 342 -56.05 -4.50 31.79
C TYR A 342 -57.34 -4.65 32.58
N GLY A 343 -58.31 -3.80 32.27
CA GLY A 343 -59.58 -3.79 32.96
C GLY A 343 -59.60 -3.00 34.24
N PHE A 344 -58.45 -2.59 34.77
CA PHE A 344 -58.46 -1.58 35.81
C PHE A 344 -58.11 -0.21 35.25
N GLN A 345 -57.33 -0.16 34.19
CA GLN A 345 -57.15 1.07 33.44
C GLN A 345 -58.30 1.32 32.47
N TRP A 346 -59.06 0.27 32.15
CA TRP A 346 -60.24 0.42 31.30
C TRP A 346 -61.40 1.03 32.06
N ARG A 347 -61.61 0.60 33.31
CA ARG A 347 -62.77 1.01 34.09
C ARG A 347 -62.45 1.98 35.22
N HIS A 348 -61.20 2.02 35.70
CA HIS A 348 -60.83 2.87 36.82
C HIS A 348 -59.44 3.47 36.57
N TYR A 349 -59.29 4.19 35.46
CA TYR A 349 -58.01 4.78 35.12
C TYR A 349 -57.61 5.84 36.15
N ASN A 350 -56.33 5.81 36.54
CA ASN A 350 -55.77 6.69 37.56
C ASN A 350 -56.41 6.47 38.94
N GLY A 351 -57.03 5.32 39.15
CA GLY A 351 -57.65 5.04 40.43
C GLY A 351 -56.64 4.51 41.43
N GLU A 352 -56.79 4.95 42.67
CA GLU A 352 -55.89 4.52 43.75
C GLU A 352 -56.11 3.04 44.01
N TYR A 353 -55.21 2.21 43.48
CA TYR A 353 -55.33 0.77 43.63
C TYR A 353 -54.87 0.34 45.02
N LYS A 354 -55.62 -0.58 45.63
CA LYS A 354 -55.25 -1.13 46.93
C LYS A 354 -54.95 -2.62 46.80
N THR A 355 -56.00 -3.45 46.80
CA THR A 355 -55.88 -4.88 46.55
C THR A 355 -56.94 -5.30 45.54
N MET A 356 -56.95 -6.60 45.20
CA MET A 356 -57.92 -7.10 44.24
C MET A 356 -59.30 -7.33 44.86
N HIS A 357 -59.42 -7.25 46.18
CA HIS A 357 -60.69 -7.48 46.86
C HIS A 357 -61.46 -6.21 47.17
N ASP A 358 -60.81 -5.05 47.09
CA ASP A 358 -61.47 -3.79 47.41
C ASP A 358 -62.52 -3.46 46.36
N ASP A 359 -63.41 -2.54 46.71
CA ASP A 359 -64.47 -2.08 45.84
C ASP A 359 -64.04 -0.79 45.15
N TYR A 360 -63.91 -0.85 43.83
CA TYR A 360 -63.45 0.30 43.04
C TYR A 360 -64.58 0.95 42.24
N THR A 361 -65.83 0.67 42.60
CA THR A 361 -66.97 1.24 41.88
C THR A 361 -66.99 2.75 42.07
N GLY A 362 -66.89 3.49 40.97
CA GLY A 362 -66.91 4.94 40.99
C GLY A 362 -65.55 5.60 40.98
N VAL A 363 -64.48 4.88 41.32
CA VAL A 363 -63.15 5.46 41.36
C VAL A 363 -62.52 5.37 39.97
N GLY A 364 -61.66 6.32 39.67
CA GLY A 364 -60.98 6.36 38.39
C GLY A 364 -61.90 6.81 37.26
N VAL A 365 -61.33 6.82 36.06
CA VAL A 365 -62.05 7.21 34.85
C VAL A 365 -62.47 5.94 34.12
N ASP A 366 -63.78 5.78 33.92
CA ASP A 366 -64.33 4.61 33.22
C ASP A 366 -64.20 4.87 31.73
N GLN A 367 -63.10 4.41 31.14
CA GLN A 367 -62.86 4.66 29.72
C GLN A 367 -63.81 3.86 28.83
N LEU A 368 -64.07 2.59 29.18
CA LEU A 368 -64.91 1.76 28.35
C LEU A 368 -66.34 2.31 28.27
N ALA A 369 -66.86 2.78 29.41
CA ALA A 369 -68.19 3.38 29.40
C ALA A 369 -68.22 4.64 28.55
N LYS A 370 -67.25 5.53 28.75
CA LYS A 370 -67.16 6.74 27.93
C LYS A 370 -66.92 6.40 26.46
N LEU A 371 -66.23 5.28 26.20
CA LEU A 371 -66.03 4.85 24.82
C LEU A 371 -67.35 4.42 24.18
N ILE A 372 -68.12 3.59 24.89
CA ILE A 372 -69.39 3.11 24.35
C ILE A 372 -70.35 4.27 24.12
N GLU A 373 -70.42 5.19 25.08
CA GLU A 373 -71.35 6.31 24.93
C GLU A 373 -70.93 7.24 23.79
N THR A 374 -69.62 7.41 23.60
CA THR A 374 -69.14 8.26 22.51
C THR A 374 -69.31 7.57 21.14
N LEU A 375 -69.26 6.24 21.11
CA LEU A 375 -69.34 5.54 19.83
C LEU A 375 -70.71 5.67 19.18
N LYS A 376 -71.78 5.79 19.97
CA LYS A 376 -73.11 5.95 19.41
C LYS A 376 -73.60 7.39 19.37
N ASN A 377 -73.11 8.26 20.27
CA ASN A 377 -73.53 9.65 20.27
C ASN A 377 -72.74 10.51 19.28
N ASN A 378 -71.52 10.11 18.94
CA ASN A 378 -70.69 10.85 17.99
C ASN A 378 -69.79 9.86 17.28
N PRO A 379 -70.30 9.17 16.27
CA PRO A 379 -69.51 8.09 15.64
C PRO A 379 -68.34 8.60 14.82
N LYS A 380 -68.50 9.72 14.11
CA LYS A 380 -67.42 10.23 13.27
C LYS A 380 -66.36 10.97 14.06
N ASP A 381 -66.44 10.92 15.39
CA ASP A 381 -65.40 11.49 16.23
C ASP A 381 -64.10 10.71 16.05
N ARG A 382 -62.98 11.43 16.02
CA ARG A 382 -61.67 10.83 15.80
C ARG A 382 -60.90 10.61 17.11
N ARG A 383 -61.61 10.31 18.20
CA ARG A 383 -60.97 10.18 19.50
C ARG A 383 -61.44 8.97 20.30
N HIS A 384 -61.99 7.96 19.63
CA HIS A 384 -62.48 6.75 20.31
C HIS A 384 -61.29 5.88 20.69
N ILE A 385 -60.63 6.25 21.78
CA ILE A 385 -59.36 5.65 22.18
C ILE A 385 -59.51 5.03 23.56
N LEU A 386 -59.05 3.78 23.69
CA LEU A 386 -59.01 3.06 24.96
C LEU A 386 -57.54 2.74 25.25
N THR A 387 -56.98 3.38 26.28
CA THR A 387 -55.58 3.22 26.62
C THR A 387 -55.40 2.35 27.86
N ALA A 388 -54.19 1.80 27.99
CA ALA A 388 -53.81 1.02 29.15
C ALA A 388 -52.43 1.38 29.69
N TRP A 389 -51.71 2.27 29.02
CA TRP A 389 -50.37 2.66 29.47
C TRP A 389 -50.53 3.82 30.44
N ASN A 390 -50.40 3.53 31.73
CA ASN A 390 -50.45 4.54 32.78
C ASN A 390 -49.11 4.55 33.50
N PRO A 391 -48.19 5.46 33.15
CA PRO A 391 -46.86 5.44 33.78
C PRO A 391 -46.86 5.66 35.27
N SER A 392 -47.96 6.15 35.86
CA SER A 392 -48.04 6.32 37.30
C SER A 392 -48.30 5.02 38.04
N ALA A 393 -48.68 3.96 37.33
CA ALA A 393 -49.04 2.70 37.97
C ALA A 393 -48.26 1.51 37.41
N LEU A 394 -47.24 1.75 36.58
CA LEU A 394 -46.50 0.64 35.98
C LEU A 394 -45.80 -0.20 37.04
N SER A 395 -45.23 0.46 38.07
CA SER A 395 -44.50 -0.26 39.10
C SER A 395 -45.41 -1.15 39.94
N GLN A 396 -46.71 -0.85 40.01
CA GLN A 396 -47.64 -1.67 40.75
C GLN A 396 -48.17 -2.86 39.94
N MET A 397 -47.90 -2.91 38.64
CA MET A 397 -48.44 -3.97 37.78
C MET A 397 -47.55 -5.20 37.81
N ALA A 398 -48.19 -6.37 37.82
CA ALA A 398 -47.45 -7.62 37.69
C ALA A 398 -46.81 -7.76 36.33
N LEU A 399 -47.34 -7.08 35.32
CA LEU A 399 -46.80 -7.10 33.96
C LEU A 399 -47.36 -5.90 33.20
N PRO A 400 -46.50 -5.04 32.66
CA PRO A 400 -46.99 -3.88 31.91
C PRO A 400 -47.82 -4.30 30.71
N PRO A 401 -48.70 -3.43 30.23
CA PRO A 401 -49.62 -3.82 29.15
C PRO A 401 -48.86 -4.08 27.85
N CYS A 402 -49.20 -5.20 27.20
CA CYS A 402 -48.66 -5.51 25.89
C CYS A 402 -49.50 -4.86 24.79
N HIS A 403 -50.79 -5.16 24.78
CA HIS A 403 -51.72 -4.40 23.93
C HIS A 403 -52.01 -3.09 24.66
N VAL A 404 -51.33 -2.03 24.21
CA VAL A 404 -51.23 -0.79 24.96
C VAL A 404 -52.39 0.14 24.65
N LEU A 405 -52.63 0.42 23.38
CA LEU A 405 -53.59 1.42 22.95
C LEU A 405 -54.44 0.86 21.83
N SER A 406 -55.74 1.20 21.84
CA SER A 406 -56.65 0.77 20.79
C SER A 406 -57.54 1.95 20.40
N GLN A 407 -57.80 2.07 19.10
CA GLN A 407 -58.65 3.11 18.57
C GLN A 407 -59.75 2.47 17.71
N TYR A 408 -60.93 3.08 17.74
CA TYR A 408 -62.11 2.54 17.08
C TYR A 408 -62.68 3.57 16.12
N TYR A 409 -63.34 3.09 15.08
CA TYR A 409 -63.70 3.90 13.93
C TYR A 409 -65.02 3.42 13.37
N VAL A 410 -65.98 4.32 13.21
CA VAL A 410 -67.29 3.99 12.68
C VAL A 410 -67.34 4.43 11.21
N THR A 411 -67.50 3.46 10.32
CA THR A 411 -67.52 3.75 8.89
C THR A 411 -68.87 4.36 8.49
N ASN A 412 -68.95 4.79 7.23
CA ASN A 412 -70.18 5.40 6.74
C ASN A 412 -71.32 4.38 6.64
N ASP A 413 -71.01 3.11 6.39
CA ASP A 413 -72.02 2.06 6.34
C ASP A 413 -72.21 1.38 7.70
N ASN A 414 -71.98 2.11 8.80
CA ASN A 414 -72.28 1.65 10.15
C ASN A 414 -71.52 0.36 10.48
N CYS A 415 -70.22 0.37 10.23
CA CYS A 415 -69.32 -0.70 10.62
C CYS A 415 -68.28 -0.16 11.58
N LEU A 416 -67.87 -1.01 12.54
CA LEU A 416 -66.93 -0.62 13.59
C LEU A 416 -65.59 -1.33 13.34
N SER A 417 -64.57 -0.56 12.98
CA SER A 417 -63.23 -1.09 12.83
C SER A 417 -62.41 -0.79 14.08
N CYS A 418 -61.25 -1.45 14.18
CA CYS A 418 -60.42 -1.36 15.38
C CYS A 418 -58.96 -1.37 14.99
N ASN A 419 -58.18 -0.46 15.60
CA ASN A 419 -56.74 -0.42 15.46
C ASN A 419 -56.12 -0.62 16.84
N LEU A 420 -55.16 -1.53 16.93
CA LEU A 420 -54.48 -1.85 18.19
C LEU A 420 -52.98 -1.68 18.02
N TYR A 421 -52.34 -1.02 18.97
CA TYR A 421 -50.89 -0.99 19.03
C TYR A 421 -50.40 -1.90 20.14
N GLN A 422 -49.50 -2.83 19.78
CA GLN A 422 -48.97 -3.82 20.71
C GLN A 422 -47.47 -3.61 20.82
N ARG A 423 -47.00 -3.29 22.03
CA ARG A 423 -45.58 -2.98 22.22
C ARG A 423 -44.71 -4.22 22.12
N SER A 424 -45.21 -5.37 22.59
CA SER A 424 -44.44 -6.61 22.57
C SER A 424 -45.40 -7.75 22.26
N CYS A 425 -45.05 -8.57 21.26
CA CYS A 425 -45.97 -9.56 20.73
C CYS A 425 -45.27 -10.92 20.68
N ASP A 426 -45.64 -11.80 21.59
CA ASP A 426 -45.21 -13.19 21.57
C ASP A 426 -45.99 -13.90 20.46
N LEU A 427 -45.36 -14.06 19.30
CA LEU A 427 -46.04 -14.62 18.13
C LEU A 427 -46.47 -16.07 18.33
N GLY A 428 -45.90 -16.76 19.31
CA GLY A 428 -46.25 -18.15 19.53
C GLY A 428 -47.53 -18.33 20.33
N LEU A 429 -47.73 -17.48 21.35
CA LEU A 429 -48.87 -17.61 22.25
C LEU A 429 -49.72 -16.36 22.28
N GLY A 430 -49.14 -15.20 22.59
CA GLY A 430 -49.95 -14.00 22.77
C GLY A 430 -50.62 -13.54 21.50
N SER A 431 -49.91 -13.63 20.37
CA SER A 431 -50.43 -13.08 19.12
C SER A 431 -51.74 -13.74 18.69
N PRO A 432 -51.86 -15.07 18.61
CA PRO A 432 -53.17 -15.65 18.26
C PRO A 432 -54.26 -15.29 19.25
N PHE A 433 -53.91 -15.07 20.52
CA PHE A 433 -54.89 -14.62 21.50
C PHE A 433 -55.29 -13.17 21.25
N ASN A 434 -54.33 -12.30 20.95
CA ASN A 434 -54.64 -10.89 20.74
C ASN A 434 -55.48 -10.68 19.49
N ILE A 435 -55.29 -11.50 18.46
CA ILE A 435 -56.07 -11.35 17.23
C ILE A 435 -57.55 -11.64 17.53
N ALA A 436 -57.81 -12.75 18.22
CA ALA A 436 -59.20 -13.11 18.52
C ALA A 436 -59.78 -12.23 19.61
N SER A 437 -58.97 -11.85 20.59
CA SER A 437 -59.48 -11.08 21.74
C SER A 437 -60.02 -9.73 21.29
N TYR A 438 -59.24 -8.96 20.53
CA TYR A 438 -59.71 -7.66 20.08
C TYR A 438 -60.72 -7.77 18.95
N ALA A 439 -60.82 -8.91 18.29
CA ALA A 439 -61.90 -9.12 17.33
C ALA A 439 -63.23 -9.28 18.04
N ILE A 440 -63.27 -10.09 19.10
CA ILE A 440 -64.49 -10.26 19.88
C ILE A 440 -64.90 -8.95 20.52
N LEU A 441 -63.93 -8.22 21.08
CA LEU A 441 -64.24 -6.95 21.74
C LEU A 441 -64.88 -5.96 20.78
N THR A 442 -64.38 -5.91 19.54
CA THR A 442 -64.97 -5.01 18.55
C THR A 442 -66.40 -5.44 18.21
N MET A 443 -66.64 -6.74 18.15
CA MET A 443 -67.99 -7.23 17.90
C MET A 443 -68.92 -6.92 19.06
N MET A 444 -68.43 -7.06 20.30
CA MET A 444 -69.22 -6.67 21.46
C MET A 444 -69.55 -5.19 21.42
N LEU A 445 -68.55 -4.35 21.13
CA LEU A 445 -68.80 -2.92 21.00
C LEU A 445 -69.74 -2.62 19.85
N ALA A 446 -69.71 -3.45 18.80
CA ALA A 446 -70.57 -3.22 17.65
C ALA A 446 -72.03 -3.51 17.98
N GLN A 447 -72.29 -4.55 18.77
CA GLN A 447 -73.68 -4.91 19.08
C GLN A 447 -74.29 -3.93 20.07
N VAL A 448 -73.53 -3.54 21.11
CA VAL A 448 -74.06 -2.62 22.11
C VAL A 448 -74.29 -1.24 21.50
N CYS A 449 -73.49 -0.84 20.51
CA CYS A 449 -73.65 0.45 19.86
C CYS A 449 -74.54 0.38 18.63
N GLY A 450 -74.95 -0.81 18.20
CA GLY A 450 -75.83 -0.93 17.06
C GLY A 450 -75.16 -0.88 15.71
N TYR A 451 -73.89 -1.24 15.63
CA TYR A 451 -73.16 -1.28 14.38
C TYR A 451 -72.86 -2.72 13.99
N GLU A 452 -72.13 -2.88 12.89
CA GLU A 452 -71.66 -4.16 12.41
C GLU A 452 -70.14 -4.24 12.50
N PRO A 453 -69.57 -5.45 12.60
CA PRO A 453 -68.11 -5.55 12.66
C PRO A 453 -67.46 -5.10 11.36
N GLY A 454 -66.30 -4.46 11.49
CA GLY A 454 -65.58 -3.96 10.33
C GLY A 454 -64.25 -4.64 10.10
N GLU A 455 -63.16 -3.89 10.25
CA GLU A 455 -61.82 -4.40 10.05
C GLU A 455 -61.03 -4.37 11.35
N LEU A 456 -59.96 -5.16 11.40
CA LEU A 456 -59.07 -5.22 12.55
C LEU A 456 -57.63 -5.10 12.07
N ALA A 457 -56.95 -4.05 12.49
CA ALA A 457 -55.54 -3.84 12.18
C ALA A 457 -54.75 -3.82 13.50
N ILE A 458 -53.67 -4.60 13.55
CA ILE A 458 -52.82 -4.69 14.73
C ILE A 458 -51.43 -4.20 14.34
N PHE A 459 -50.99 -3.11 14.96
CA PHE A 459 -49.65 -2.57 14.77
C PHE A 459 -48.76 -3.03 15.92
N ILE A 460 -47.61 -3.61 15.57
CA ILE A 460 -46.76 -4.30 16.52
C ILE A 460 -45.42 -3.59 16.62
N GLY A 461 -44.93 -3.44 17.85
CA GLY A 461 -43.58 -2.97 18.06
C GLY A 461 -42.59 -4.11 18.02
N ASP A 462 -42.34 -4.75 19.16
CA ASP A 462 -41.38 -5.84 19.27
C ASP A 462 -42.09 -7.15 18.96
N ALA A 463 -42.08 -7.54 17.69
CA ALA A 463 -42.64 -8.82 17.25
C ALA A 463 -41.54 -9.87 17.31
N HIS A 464 -41.71 -10.85 18.18
CA HIS A 464 -40.62 -11.77 18.48
C HIS A 464 -41.13 -13.20 18.60
N ILE A 465 -40.20 -14.14 18.45
CA ILE A 465 -40.46 -15.57 18.62
C ILE A 465 -39.49 -16.09 19.67
N TYR A 466 -40.02 -16.74 20.70
CA TYR A 466 -39.16 -17.35 21.70
C TYR A 466 -38.49 -18.59 21.13
N GLU A 467 -37.22 -18.78 21.51
CA GLU A 467 -36.40 -19.80 20.85
C GLU A 467 -36.88 -21.22 21.11
N ASN A 468 -37.67 -21.44 22.15
CA ASN A 468 -38.27 -22.75 22.39
C ASN A 468 -39.55 -22.98 21.60
N HIS A 469 -39.96 -22.02 20.76
CA HIS A 469 -41.10 -22.17 19.88
C HIS A 469 -40.70 -22.43 18.42
N LEU A 470 -39.41 -22.63 18.16
CA LEU A 470 -38.94 -22.68 16.78
C LEU A 470 -39.45 -23.91 16.05
N THR A 471 -39.27 -25.10 16.63
CA THR A 471 -39.76 -26.31 15.97
C THR A 471 -41.28 -26.33 15.91
N GLN A 472 -41.96 -25.66 16.85
CA GLN A 472 -43.41 -25.62 16.84
C GLN A 472 -43.93 -24.70 15.74
N LEU A 473 -43.39 -23.48 15.66
CA LEU A 473 -43.87 -22.53 14.67
C LEU A 473 -43.50 -22.94 13.25
N LYS A 474 -42.35 -23.62 13.08
CA LYS A 474 -42.02 -24.16 11.77
C LYS A 474 -42.99 -25.27 11.38
N GLU A 475 -43.48 -26.04 12.36
CA GLU A 475 -44.52 -27.02 12.08
C GLU A 475 -45.82 -26.34 11.65
N GLN A 476 -46.17 -25.22 12.30
CA GLN A 476 -47.39 -24.51 11.94
C GLN A 476 -47.29 -23.92 10.54
N LEU A 477 -46.09 -23.51 10.12
CA LEU A 477 -45.92 -22.95 8.78
C LEU A 477 -46.03 -24.01 7.68
N SER A 478 -46.00 -25.29 8.03
CA SER A 478 -46.13 -26.36 7.05
C SER A 478 -47.57 -26.67 6.68
N ARG A 479 -48.53 -25.97 7.27
CA ARG A 479 -49.95 -26.27 7.11
C ARG A 479 -50.61 -25.19 6.26
N THR A 480 -51.20 -25.60 5.14
CA THR A 480 -51.93 -24.66 4.30
C THR A 480 -53.21 -24.22 5.02
N PRO A 481 -53.46 -22.92 5.13
CA PRO A 481 -54.60 -22.45 5.93
C PRO A 481 -55.94 -22.88 5.36
N ARG A 482 -56.95 -22.84 6.22
CA ARG A 482 -58.33 -23.16 5.90
C ARG A 482 -59.20 -21.93 6.15
N PRO A 483 -60.41 -21.88 5.57
CA PRO A 483 -61.25 -20.69 5.75
C PRO A 483 -61.55 -20.42 7.22
N PHE A 484 -61.61 -19.13 7.56
CA PHE A 484 -61.89 -18.71 8.92
C PHE A 484 -63.28 -19.19 9.34
N PRO A 485 -63.51 -19.39 10.63
CA PRO A 485 -64.86 -19.74 11.10
C PRO A 485 -65.78 -18.53 11.15
N GLN A 486 -66.97 -18.69 11.73
CA GLN A 486 -67.89 -17.59 11.97
C GLN A 486 -68.16 -17.48 13.46
N LEU A 487 -68.27 -16.24 13.95
CA LEU A 487 -68.60 -15.97 15.34
C LEU A 487 -69.88 -15.16 15.38
N LYS A 488 -70.92 -15.71 15.98
CA LYS A 488 -72.21 -15.03 16.09
C LYS A 488 -72.68 -15.08 17.54
N PHE A 489 -73.37 -14.02 17.94
CA PHE A 489 -73.94 -13.94 19.29
C PHE A 489 -75.37 -14.46 19.27
N LYS A 490 -75.71 -15.27 20.27
CA LYS A 490 -77.03 -15.88 20.31
C LYS A 490 -78.12 -14.93 20.74
N ARG A 491 -77.79 -13.94 21.56
CA ARG A 491 -78.77 -12.97 22.05
C ARG A 491 -78.16 -11.58 22.06
N LYS A 492 -79.02 -10.57 22.15
CA LYS A 492 -78.60 -9.18 22.28
C LYS A 492 -78.59 -8.81 23.76
N VAL A 493 -77.49 -8.24 24.23
CA VAL A 493 -77.32 -7.89 25.63
C VAL A 493 -77.63 -6.41 25.82
N GLU A 494 -77.97 -6.06 27.06
CA GLU A 494 -78.25 -4.66 27.39
C GLU A 494 -77.00 -3.91 27.79
N ASN A 495 -76.07 -4.56 28.48
CA ASN A 495 -74.80 -3.98 28.86
C ASN A 495 -73.68 -4.90 28.40
N ILE A 496 -72.53 -4.30 28.07
CA ILE A 496 -71.42 -5.06 27.51
C ILE A 496 -70.86 -6.06 28.51
N GLU A 497 -71.06 -5.83 29.81
CA GLU A 497 -70.55 -6.75 30.83
C GLU A 497 -71.38 -8.02 30.95
N ASP A 498 -72.53 -8.10 30.28
CA ASP A 498 -73.47 -9.20 30.46
C ASP A 498 -73.20 -10.38 29.53
N PHE A 499 -72.17 -10.31 28.69
CA PHE A 499 -71.87 -11.41 27.80
C PHE A 499 -71.41 -12.63 28.59
N LYS A 500 -71.81 -13.80 28.12
CA LYS A 500 -71.40 -15.07 28.72
C LYS A 500 -70.96 -16.01 27.62
N TRP A 501 -70.20 -17.04 28.03
CA TRP A 501 -69.64 -17.97 27.04
C TRP A 501 -70.73 -18.71 26.29
N GLU A 502 -71.89 -18.93 26.93
CA GLU A 502 -72.99 -19.62 26.27
C GLU A 502 -73.64 -18.76 25.18
N ASP A 503 -73.44 -17.44 25.23
CA ASP A 503 -74.00 -16.54 24.24
C ASP A 503 -73.19 -16.49 22.94
N ILE A 504 -72.15 -17.31 22.82
CA ILE A 504 -71.25 -17.27 21.67
C ILE A 504 -71.39 -18.58 20.89
N GLU A 505 -71.58 -18.47 19.59
CA GLU A 505 -71.69 -19.62 18.69
C GLU A 505 -70.56 -19.56 17.68
N LEU A 506 -69.66 -20.55 17.71
CA LEU A 506 -68.54 -20.63 16.78
C LEU A 506 -68.89 -21.62 15.68
N ILE A 507 -69.06 -21.11 14.47
CA ILE A 507 -69.60 -21.89 13.35
C ILE A 507 -68.50 -22.13 12.33
N GLY A 508 -68.28 -23.41 11.99
CA GLY A 508 -67.38 -23.75 10.91
C GLY A 508 -65.91 -23.63 11.21
N TYR A 509 -65.49 -24.06 12.39
CA TYR A 509 -64.08 -24.00 12.79
C TYR A 509 -63.50 -25.40 12.68
N TYR A 510 -62.70 -25.63 11.63
CA TYR A 510 -62.06 -26.92 11.38
C TYR A 510 -60.56 -26.71 11.34
N PRO A 511 -59.92 -26.56 12.49
CA PRO A 511 -58.48 -26.25 12.52
C PRO A 511 -57.61 -27.49 12.47
N TYR A 512 -56.31 -27.26 12.31
CA TYR A 512 -55.31 -28.30 12.45
C TYR A 512 -55.09 -28.61 13.92
N PRO A 513 -54.50 -29.77 14.23
CA PRO A 513 -54.32 -30.15 15.63
C PRO A 513 -53.55 -29.08 16.42
N THR A 514 -53.84 -29.01 17.71
CA THR A 514 -53.21 -28.01 18.56
C THR A 514 -51.71 -28.25 18.65
N ILE A 515 -50.97 -27.17 18.93
CA ILE A 515 -49.52 -27.19 19.02
C ILE A 515 -49.14 -26.69 20.41
N LYS A 516 -48.48 -27.55 21.19
CA LYS A 516 -48.11 -27.20 22.56
C LYS A 516 -46.89 -26.30 22.56
N MET A 517 -46.98 -25.17 23.27
CA MET A 517 -45.87 -24.24 23.41
C MET A 517 -45.85 -23.71 24.84
N ASP A 518 -44.66 -23.66 25.44
CA ASP A 518 -44.51 -23.22 26.82
C ASP A 518 -44.35 -21.70 26.88
N MET A 519 -44.93 -21.10 27.91
CA MET A 519 -44.84 -19.66 28.11
C MET A 519 -43.58 -19.30 28.89
N ALA A 520 -42.91 -18.25 28.46
CA ALA A 520 -41.73 -17.73 29.15
C ALA A 520 -42.19 -16.79 30.26
N VAL A 521 -41.98 -17.19 31.50
CA VAL A 521 -42.39 -16.39 32.66
C VAL A 521 -41.39 -15.26 32.90
N GLU B 3 -29.32 -7.83 -32.62
CA GLU B 3 -29.86 -6.84 -31.70
C GLU B 3 -29.48 -7.16 -30.25
N LYS B 4 -29.00 -6.15 -29.53
CA LYS B 4 -28.71 -6.27 -28.11
C LYS B 4 -29.05 -4.95 -27.43
N ASN B 5 -28.80 -4.89 -26.12
CA ASN B 5 -29.22 -3.76 -25.31
C ASN B 5 -28.15 -2.67 -25.29
N VAL B 6 -28.60 -1.43 -25.25
CA VAL B 6 -27.71 -0.26 -25.16
C VAL B 6 -28.21 0.61 -24.03
N SER B 7 -27.44 0.69 -22.95
CA SER B 7 -27.83 1.45 -21.77
C SER B 7 -26.86 2.59 -21.52
N ILE B 8 -27.37 3.62 -20.85
CA ILE B 8 -26.58 4.77 -20.43
C ILE B 8 -26.36 4.67 -18.93
N VAL B 9 -25.12 4.85 -18.51
CA VAL B 9 -24.77 4.96 -17.10
C VAL B 9 -24.23 6.36 -16.87
N VAL B 10 -24.81 7.07 -15.90
CA VAL B 10 -24.43 8.46 -15.67
C VAL B 10 -24.74 8.80 -14.21
N ALA B 11 -23.96 9.73 -13.65
CA ALA B 11 -24.22 10.32 -12.34
C ALA B 11 -24.28 11.83 -12.53
N ALA B 12 -25.48 12.39 -12.42
CA ALA B 12 -25.70 13.82 -12.60
C ALA B 12 -26.32 14.42 -11.36
N SER B 13 -26.17 15.75 -11.23
CA SER B 13 -26.75 16.45 -10.08
C SER B 13 -28.27 16.47 -10.19
N VAL B 14 -28.91 16.77 -9.06
CA VAL B 14 -30.34 16.53 -8.94
C VAL B 14 -31.17 17.57 -9.71
N LEU B 15 -30.71 18.81 -9.80
CA LEU B 15 -31.46 19.87 -10.46
C LEU B 15 -30.90 20.22 -11.83
N SER B 16 -29.64 20.66 -11.90
CA SER B 16 -29.06 21.11 -13.15
C SER B 16 -28.43 19.98 -13.97
N SER B 17 -28.35 18.77 -13.42
CA SER B 17 -27.83 17.60 -14.14
C SER B 17 -26.38 17.80 -14.58
N GLY B 18 -25.54 18.19 -13.62
CA GLY B 18 -24.11 18.37 -13.89
C GLY B 18 -23.35 17.09 -13.65
N ILE B 19 -22.38 16.81 -14.52
CA ILE B 19 -21.67 15.54 -14.46
C ILE B 19 -20.16 15.74 -14.37
N GLY B 20 -19.68 16.96 -14.59
CA GLY B 20 -18.24 17.15 -14.60
C GLY B 20 -17.84 18.60 -14.44
N ILE B 21 -16.55 18.77 -14.13
CA ILE B 21 -15.94 20.09 -13.97
C ILE B 21 -14.44 19.98 -14.16
N ASN B 22 -13.90 20.75 -15.09
CA ASN B 22 -12.45 20.81 -15.34
C ASN B 22 -11.87 19.43 -15.59
N GLY B 23 -12.56 18.65 -16.41
CA GLY B 23 -12.07 17.34 -16.79
C GLY B 23 -12.11 16.29 -15.71
N GLN B 24 -12.91 16.50 -14.66
CA GLN B 24 -13.05 15.50 -13.61
C GLN B 24 -14.44 15.62 -13.01
N LEU B 25 -14.76 14.70 -12.10
CA LEU B 25 -16.07 14.67 -11.48
C LEU B 25 -16.20 15.80 -10.46
N PRO B 26 -17.43 16.28 -10.23
CA PRO B 26 -17.64 17.31 -9.19
C PRO B 26 -17.68 16.75 -7.77
N TRP B 27 -17.49 15.45 -7.58
CA TRP B 27 -17.61 14.84 -6.27
C TRP B 27 -16.74 13.58 -6.23
N SER B 28 -16.72 12.93 -5.06
CA SER B 28 -15.97 11.69 -4.87
C SER B 28 -16.86 10.75 -4.04
N ILE B 29 -17.60 9.90 -4.73
CA ILE B 29 -18.51 8.93 -4.11
C ILE B 29 -18.06 7.55 -4.53
N SER B 30 -17.46 6.80 -3.60
CA SER B 30 -16.89 5.50 -3.95
C SER B 30 -17.97 4.46 -4.23
N GLU B 31 -19.11 4.55 -3.53
CA GLU B 31 -20.19 3.58 -3.76
C GLU B 31 -20.80 3.74 -5.14
N ASP B 32 -20.76 4.96 -5.69
CA ASP B 32 -21.27 5.16 -7.05
C ASP B 32 -20.37 4.51 -8.09
N LEU B 33 -19.05 4.56 -7.88
CA LEU B 33 -18.14 3.90 -8.81
C LEU B 33 -18.33 2.39 -8.78
N LYS B 34 -18.55 1.83 -7.59
CA LYS B 34 -18.83 0.40 -7.50
C LYS B 34 -20.11 0.04 -8.24
N PHE B 35 -21.10 0.94 -8.21
CA PHE B 35 -22.30 0.72 -9.00
C PHE B 35 -21.98 0.70 -10.49
N PHE B 36 -21.12 1.62 -10.94
CA PHE B 36 -20.68 1.60 -12.33
C PHE B 36 -19.97 0.29 -12.66
N SER B 37 -19.20 -0.25 -11.72
CA SER B 37 -18.48 -1.49 -11.96
C SER B 37 -19.43 -2.66 -12.09
N LYS B 38 -20.35 -2.81 -11.14
CA LYS B 38 -21.21 -3.98 -11.13
C LYS B 38 -22.27 -3.93 -12.23
N ILE B 39 -22.69 -2.73 -12.63
CA ILE B 39 -23.71 -2.64 -13.67
C ILE B 39 -23.12 -2.89 -15.05
N THR B 40 -21.82 -2.62 -15.24
CA THR B 40 -21.19 -2.84 -16.54
C THR B 40 -20.53 -4.21 -16.66
N ASN B 41 -20.28 -4.89 -15.54
CA ASN B 41 -19.79 -6.26 -15.55
C ASN B 41 -20.89 -7.29 -15.50
N ASN B 42 -22.13 -6.88 -15.28
CA ASN B 42 -23.25 -7.82 -15.16
C ASN B 42 -23.55 -8.43 -16.53
N LYS B 43 -23.41 -9.75 -16.63
CA LYS B 43 -23.63 -10.44 -17.90
C LYS B 43 -24.03 -11.88 -17.61
N CYS B 44 -24.38 -12.60 -18.67
CA CYS B 44 -24.78 -14.00 -18.59
C CYS B 44 -23.75 -14.94 -19.18
N ASP B 45 -23.32 -14.70 -20.42
CA ASP B 45 -22.37 -15.58 -21.08
C ASP B 45 -20.96 -15.31 -20.55
N SER B 46 -20.34 -16.33 -19.96
CA SER B 46 -18.99 -16.18 -19.44
C SER B 46 -17.96 -15.98 -20.53
N ASN B 47 -18.28 -16.39 -21.77
CA ASN B 47 -17.38 -16.23 -22.90
C ASN B 47 -17.65 -14.94 -23.68
N LYS B 48 -18.36 -13.99 -23.08
CA LYS B 48 -18.64 -12.71 -23.71
C LYS B 48 -18.27 -11.59 -22.73
N LYS B 49 -18.05 -10.39 -23.29
CA LYS B 49 -17.70 -9.22 -22.50
C LYS B 49 -18.59 -8.06 -22.90
N ASN B 50 -18.67 -7.06 -22.03
CA ASN B 50 -19.47 -5.87 -22.28
C ASN B 50 -18.60 -4.73 -22.82
N ALA B 51 -19.19 -3.93 -23.71
CA ALA B 51 -18.49 -2.82 -24.34
C ALA B 51 -18.93 -1.51 -23.70
N LEU B 52 -17.95 -0.71 -23.29
CA LEU B 52 -18.20 0.59 -22.66
C LEU B 52 -17.74 1.68 -23.62
N ILE B 53 -18.70 2.42 -24.16
CA ILE B 53 -18.43 3.51 -25.11
C ILE B 53 -18.23 4.80 -24.33
N MET B 54 -17.16 5.53 -24.63
CA MET B 54 -16.88 6.79 -23.98
C MET B 54 -16.16 7.72 -24.94
N GLY B 55 -16.22 9.02 -24.64
CA GLY B 55 -15.52 10.01 -25.43
C GLY B 55 -14.06 10.10 -25.07
N ARG B 56 -13.32 10.85 -25.90
CA ARG B 56 -11.87 10.94 -25.72
C ARG B 56 -11.53 11.68 -24.42
N LYS B 57 -12.15 12.85 -24.20
CA LYS B 57 -11.87 13.60 -22.98
C LYS B 57 -12.23 12.80 -21.73
N THR B 58 -13.24 11.94 -21.83
CA THR B 58 -13.55 11.03 -20.72
C THR B 58 -12.51 9.92 -20.65
N TRP B 59 -12.05 9.43 -21.80
CA TRP B 59 -10.96 8.45 -21.82
C TRP B 59 -9.71 9.01 -21.17
N ASP B 60 -9.46 10.32 -21.30
CA ASP B 60 -8.32 10.92 -20.64
C ASP B 60 -8.55 11.04 -19.14
N SER B 61 -9.80 11.26 -18.72
CA SER B 61 -10.10 11.48 -17.31
C SER B 61 -9.90 10.23 -16.46
N ILE B 62 -9.96 9.04 -17.06
CA ILE B 62 -9.75 7.80 -16.32
C ILE B 62 -8.32 7.28 -16.52
N GLY B 63 -7.41 8.13 -16.96
CA GLY B 63 -6.00 7.78 -17.05
C GLY B 63 -5.59 6.97 -18.26
N ARG B 64 -6.48 6.83 -19.25
CA ARG B 64 -6.20 6.06 -20.47
C ARG B 64 -5.76 4.63 -20.14
N ARG B 65 -6.38 4.04 -19.13
CA ARG B 65 -6.09 2.68 -18.73
C ARG B 65 -7.34 1.82 -18.81
N PRO B 66 -7.22 0.56 -19.23
CA PRO B 66 -8.41 -0.26 -19.46
C PRO B 66 -9.10 -0.63 -18.16
N LEU B 67 -10.33 -1.12 -18.31
CA LEU B 67 -11.14 -1.60 -17.21
C LEU B 67 -11.22 -3.12 -17.28
N LYS B 68 -11.05 -3.77 -16.13
CA LYS B 68 -10.93 -5.23 -16.10
C LYS B 68 -12.20 -5.88 -16.62
N ASN B 69 -12.03 -6.93 -17.43
CA ASN B 69 -13.10 -7.78 -17.97
C ASN B 69 -14.03 -7.05 -18.92
N ARG B 70 -13.70 -5.82 -19.32
CA ARG B 70 -14.57 -5.03 -20.18
C ARG B 70 -13.75 -4.44 -21.32
N ILE B 71 -14.40 -4.26 -22.46
CA ILE B 71 -13.77 -3.66 -23.64
C ILE B 71 -14.22 -2.20 -23.72
N ILE B 72 -13.26 -1.28 -23.72
CA ILE B 72 -13.56 0.14 -23.77
C ILE B 72 -13.51 0.60 -25.22
N VAL B 73 -14.55 1.33 -25.63
CA VAL B 73 -14.66 1.89 -26.98
C VAL B 73 -14.56 3.41 -26.86
N VAL B 74 -13.55 3.99 -27.50
CA VAL B 74 -13.29 5.42 -27.42
C VAL B 74 -13.70 6.06 -28.74
N ILE B 75 -14.47 7.13 -28.65
CA ILE B 75 -14.88 7.92 -29.82
C ILE B 75 -13.93 9.10 -29.93
N SER B 76 -13.15 9.13 -31.02
CA SER B 76 -12.17 10.19 -31.22
C SER B 76 -11.91 10.36 -32.70
N SER B 77 -11.57 11.58 -33.09
CA SER B 77 -11.18 11.89 -34.45
C SER B 77 -9.67 11.97 -34.63
N SER B 78 -8.91 11.89 -33.54
CA SER B 78 -7.47 12.04 -33.58
C SER B 78 -6.71 10.81 -33.09
N LEU B 79 -7.27 10.04 -32.17
CA LEU B 79 -6.54 8.90 -31.62
C LEU B 79 -6.25 7.89 -32.72
N PRO B 80 -5.03 7.35 -32.79
CA PRO B 80 -4.73 6.35 -33.81
C PRO B 80 -5.45 5.04 -33.51
N GLN B 81 -5.95 4.39 -34.55
CA GLN B 81 -6.66 3.12 -34.43
C GLN B 81 -5.65 1.99 -34.22
N ASP B 82 -4.97 2.06 -33.07
CA ASP B 82 -3.97 1.06 -32.71
C ASP B 82 -4.64 -0.26 -32.36
N GLU B 83 -4.17 -1.34 -32.99
CA GLU B 83 -4.70 -2.68 -32.75
C GLU B 83 -3.89 -3.47 -31.74
N ALA B 84 -2.96 -2.82 -31.04
CA ALA B 84 -2.12 -3.54 -30.09
C ALA B 84 -2.90 -3.94 -28.85
N ASP B 85 -3.72 -3.05 -28.32
CA ASP B 85 -4.50 -3.34 -27.12
C ASP B 85 -5.87 -3.87 -27.52
N PRO B 86 -6.21 -5.12 -27.19
CA PRO B 86 -7.54 -5.64 -27.54
C PRO B 86 -8.64 -5.16 -26.61
N ASN B 87 -8.30 -4.60 -25.45
CA ASN B 87 -9.28 -4.08 -24.52
C ASN B 87 -9.60 -2.60 -24.75
N VAL B 88 -8.99 -1.98 -25.77
CA VAL B 88 -9.24 -0.58 -26.10
C VAL B 88 -9.28 -0.44 -27.62
N VAL B 89 -10.42 -0.01 -28.15
CA VAL B 89 -10.61 0.16 -29.58
C VAL B 89 -11.18 1.55 -29.83
N VAL B 90 -10.79 2.16 -30.95
CA VAL B 90 -11.12 3.54 -31.27
C VAL B 90 -11.97 3.58 -32.53
N PHE B 91 -13.07 4.32 -32.49
CA PHE B 91 -13.93 4.56 -33.64
C PHE B 91 -14.02 6.06 -33.91
N ARG B 92 -14.33 6.39 -35.17
CA ARG B 92 -14.35 7.79 -35.61
C ARG B 92 -15.67 8.50 -35.36
N ASN B 93 -16.75 7.76 -35.15
CA ASN B 93 -18.05 8.37 -34.88
C ASN B 93 -18.89 7.39 -34.09
N LEU B 94 -19.90 7.92 -33.41
CA LEU B 94 -20.73 7.09 -32.53
C LEU B 94 -21.58 6.10 -33.33
N GLU B 95 -22.03 6.46 -34.52
CA GLU B 95 -22.83 5.54 -35.32
C GLU B 95 -22.02 4.32 -35.72
N ASP B 96 -20.84 4.53 -36.30
CA ASP B 96 -20.00 3.41 -36.72
C ASP B 96 -19.55 2.56 -35.54
N SER B 97 -19.42 3.16 -34.36
CA SER B 97 -18.98 2.40 -33.18
C SER B 97 -20.01 1.35 -32.79
N ILE B 98 -21.29 1.61 -33.07
CA ILE B 98 -22.34 0.64 -32.78
C ILE B 98 -22.37 -0.36 -33.91
N GLU B 99 -21.27 -1.08 -34.09
CA GLU B 99 -21.17 -2.21 -35.01
C GLU B 99 -21.33 -3.52 -34.27
N ASN B 100 -21.80 -3.48 -33.03
CA ASN B 100 -21.88 -4.65 -32.18
C ASN B 100 -23.27 -5.27 -32.20
N LEU B 101 -24.24 -4.61 -32.83
CA LEU B 101 -25.60 -5.13 -32.89
C LEU B 101 -25.70 -6.26 -33.91
N MET B 102 -25.37 -5.96 -35.17
CA MET B 102 -25.46 -6.93 -36.25
C MET B 102 -24.17 -7.73 -36.44
N ASN B 103 -23.08 -7.35 -35.77
CA ASN B 103 -21.83 -8.09 -35.88
C ASN B 103 -21.18 -8.15 -34.50
N ASP B 104 -20.02 -8.81 -34.45
CA ASP B 104 -19.25 -9.02 -33.23
C ASP B 104 -20.10 -9.67 -32.15
N ASP B 105 -20.30 -10.98 -32.24
CA ASP B 105 -21.12 -11.71 -31.28
C ASP B 105 -20.41 -11.96 -29.95
N SER B 106 -19.18 -11.48 -29.80
CA SER B 106 -18.46 -11.62 -28.53
C SER B 106 -18.92 -10.59 -27.50
N ILE B 107 -19.62 -9.55 -27.94
CA ILE B 107 -20.11 -8.50 -27.05
C ILE B 107 -21.55 -8.82 -26.70
N GLU B 108 -21.87 -8.82 -25.40
CA GLU B 108 -23.22 -9.11 -24.93
C GLU B 108 -24.05 -7.85 -24.79
N ASN B 109 -23.60 -6.93 -23.94
CA ASN B 109 -24.31 -5.69 -23.68
C ASN B 109 -23.43 -4.49 -24.00
N ILE B 110 -24.07 -3.36 -24.26
CA ILE B 110 -23.39 -2.13 -24.63
C ILE B 110 -23.78 -1.06 -23.61
N PHE B 111 -22.77 -0.30 -23.16
CA PHE B 111 -22.99 0.76 -22.17
C PHE B 111 -22.40 2.06 -22.69
N VAL B 112 -23.16 3.14 -22.56
CA VAL B 112 -22.73 4.48 -22.94
C VAL B 112 -22.50 5.26 -21.65
N CYS B 113 -21.36 5.93 -21.57
CA CYS B 113 -21.01 6.63 -20.34
C CYS B 113 -20.00 7.74 -20.58
N GLY B 114 -19.96 8.28 -21.79
CA GLY B 114 -18.85 9.09 -22.23
C GLY B 114 -19.05 10.59 -22.31
N GLY B 115 -19.58 11.20 -21.25
CA GLY B 115 -19.66 12.64 -21.20
C GLY B 115 -20.77 13.21 -22.05
N GLU B 116 -20.90 14.55 -21.98
CA GLU B 116 -22.01 15.24 -22.60
C GLU B 116 -22.07 15.02 -24.10
N SER B 117 -20.91 15.01 -24.77
CA SER B 117 -20.90 14.86 -26.22
C SER B 117 -21.49 13.52 -26.65
N ILE B 118 -21.11 12.44 -25.97
CA ILE B 118 -21.62 11.12 -26.35
C ILE B 118 -23.03 10.92 -25.84
N TYR B 119 -23.33 11.43 -24.64
CA TYR B 119 -24.68 11.31 -24.09
C TYR B 119 -25.69 11.99 -25.00
N ARG B 120 -25.41 13.23 -25.41
CA ARG B 120 -26.37 13.99 -26.19
C ARG B 120 -26.55 13.39 -27.59
N ASP B 121 -25.46 12.91 -28.20
CA ASP B 121 -25.57 12.32 -29.53
C ASP B 121 -26.21 10.93 -29.48
N ALA B 122 -26.04 10.21 -28.36
CA ALA B 122 -26.67 8.90 -28.25
C ALA B 122 -28.18 9.02 -28.08
N LEU B 123 -28.64 10.11 -27.48
CA LEU B 123 -30.08 10.33 -27.31
C LEU B 123 -30.71 10.99 -28.53
N LYS B 124 -29.99 11.91 -29.18
CA LYS B 124 -30.52 12.56 -30.38
C LYS B 124 -30.73 11.56 -31.50
N ASP B 125 -29.76 10.69 -31.73
CA ASP B 125 -29.82 9.70 -32.79
C ASP B 125 -30.59 8.44 -32.39
N ASN B 126 -31.18 8.42 -31.19
CA ASN B 126 -32.10 7.37 -30.75
C ASN B 126 -31.43 5.99 -30.73
N PHE B 127 -30.36 5.90 -29.93
CA PHE B 127 -29.62 4.65 -29.77
C PHE B 127 -29.81 3.99 -28.40
N VAL B 128 -30.36 4.70 -27.42
CA VAL B 128 -30.38 4.26 -26.04
C VAL B 128 -31.72 3.61 -25.73
N ASP B 129 -31.68 2.45 -25.07
CA ASP B 129 -32.87 1.75 -24.61
C ASP B 129 -33.15 1.96 -23.13
N ARG B 130 -32.13 2.23 -22.33
CA ARG B 130 -32.28 2.30 -20.88
C ARG B 130 -31.26 3.28 -20.32
N ILE B 131 -31.62 3.93 -19.22
CA ILE B 131 -30.77 4.91 -18.56
C ILE B 131 -30.64 4.54 -17.09
N TYR B 132 -29.41 4.36 -16.62
CA TYR B 132 -29.12 4.17 -15.20
C TYR B 132 -28.63 5.51 -14.66
N LEU B 133 -29.47 6.19 -13.90
CA LEU B 133 -29.18 7.53 -13.41
C LEU B 133 -28.88 7.51 -11.91
N THR B 134 -27.80 8.18 -11.52
CA THR B 134 -27.41 8.36 -10.13
C THR B 134 -27.53 9.84 -9.82
N ARG B 135 -28.65 10.24 -9.19
CA ARG B 135 -28.89 11.63 -8.87
C ARG B 135 -28.09 12.01 -7.62
N VAL B 136 -27.27 13.05 -7.72
CA VAL B 136 -26.44 13.52 -6.63
C VAL B 136 -27.00 14.84 -6.12
N ALA B 137 -27.12 14.98 -4.80
CA ALA B 137 -27.71 16.16 -4.18
C ALA B 137 -26.64 17.22 -3.93
N LEU B 138 -26.09 17.74 -5.04
CA LEU B 138 -25.09 18.79 -5.00
C LEU B 138 -25.42 19.79 -6.10
N GLU B 139 -25.71 21.04 -5.74
CA GLU B 139 -26.16 21.99 -6.75
C GLU B 139 -25.54 23.38 -6.66
N ASP B 140 -24.98 23.79 -5.54
CA ASP B 140 -24.34 25.10 -5.43
C ASP B 140 -22.84 25.02 -5.67
N ILE B 141 -22.43 24.23 -6.67
CA ILE B 141 -21.04 24.11 -7.08
C ILE B 141 -20.97 24.41 -8.57
N GLU B 142 -19.77 24.33 -9.12
CA GLU B 142 -19.51 24.71 -10.50
C GLU B 142 -19.48 23.48 -11.40
N PHE B 143 -20.22 23.54 -12.50
CA PHE B 143 -20.20 22.51 -13.53
C PHE B 143 -19.83 23.13 -14.87
N ASP B 144 -19.23 22.32 -15.75
CA ASP B 144 -18.96 22.74 -17.11
C ASP B 144 -19.45 21.75 -18.17
N THR B 145 -19.78 20.52 -17.78
CA THR B 145 -20.40 19.54 -18.67
C THR B 145 -21.64 18.99 -17.98
N TYR B 146 -22.74 18.91 -18.73
CA TYR B 146 -24.03 18.52 -18.17
C TYR B 146 -24.55 17.27 -18.85
N PHE B 147 -25.49 16.59 -18.17
CA PHE B 147 -26.21 15.48 -18.77
C PHE B 147 -27.46 16.01 -19.45
N PRO B 148 -27.70 15.67 -20.72
CA PRO B 148 -28.84 16.25 -21.42
C PRO B 148 -30.16 15.84 -20.77
N GLU B 149 -31.16 16.70 -20.94
CA GLU B 149 -32.48 16.41 -20.36
C GLU B 149 -33.05 15.14 -20.97
N ILE B 150 -33.56 14.26 -20.11
CA ILE B 150 -34.10 12.98 -20.55
C ILE B 150 -35.32 13.20 -21.42
N PRO B 151 -35.33 12.69 -22.64
CA PRO B 151 -36.47 12.93 -23.54
C PRO B 151 -37.74 12.26 -23.04
N GLU B 152 -38.87 12.74 -23.57
CA GLU B 152 -40.19 12.25 -23.17
C GLU B 152 -40.40 10.78 -23.52
N THR B 153 -39.57 10.20 -24.39
CA THR B 153 -39.74 8.80 -24.75
C THR B 153 -39.29 7.85 -23.64
N PHE B 154 -38.66 8.37 -22.58
CA PHE B 154 -38.22 7.57 -21.46
C PHE B 154 -39.15 7.77 -20.27
N LEU B 155 -39.43 6.69 -19.54
CA LEU B 155 -40.22 6.76 -18.33
C LEU B 155 -39.49 6.07 -17.19
N PRO B 156 -39.51 6.66 -15.99
CA PRO B 156 -38.85 6.01 -14.86
C PRO B 156 -39.61 4.78 -14.40
N VAL B 157 -38.86 3.71 -14.12
CA VAL B 157 -39.43 2.46 -13.64
C VAL B 157 -38.88 2.04 -12.30
N TYR B 158 -37.90 2.76 -11.76
CA TYR B 158 -37.29 2.42 -10.49
C TYR B 158 -36.64 3.65 -9.88
N MET B 159 -36.81 3.81 -8.56
CA MET B 159 -36.17 4.88 -7.81
C MET B 159 -35.81 4.31 -6.44
N SER B 160 -34.50 4.15 -6.22
CA SER B 160 -34.01 3.52 -4.99
C SER B 160 -34.21 4.44 -3.79
N GLN B 161 -33.90 3.90 -2.61
CA GLN B 161 -33.86 4.71 -1.40
C GLN B 161 -32.67 5.67 -1.47
N THR B 162 -32.67 6.64 -0.57
CA THR B 162 -31.60 7.61 -0.52
C THR B 162 -30.42 7.08 0.28
N PHE B 163 -29.23 7.14 -0.31
CA PHE B 163 -27.99 6.73 0.34
C PHE B 163 -27.16 7.96 0.67
N CYS B 164 -26.14 7.76 1.52
CA CYS B 164 -25.32 8.84 2.02
C CYS B 164 -23.84 8.48 1.90
N THR B 165 -23.04 9.46 1.52
CA THR B 165 -21.58 9.31 1.45
C THR B 165 -20.97 10.68 1.67
N LYS B 166 -20.27 10.86 2.78
CA LYS B 166 -19.68 12.15 3.17
C LYS B 166 -20.76 13.23 3.25
N ASN B 167 -21.90 12.88 3.86
CA ASN B 167 -23.05 13.79 4.02
C ASN B 167 -23.62 14.24 2.68
N ILE B 168 -23.43 13.43 1.64
CA ILE B 168 -23.96 13.72 0.30
C ILE B 168 -25.06 12.70 0.01
N SER B 169 -26.26 13.20 -0.29
CA SER B 169 -27.38 12.33 -0.60
C SER B 169 -27.39 11.95 -2.07
N TYR B 170 -27.73 10.70 -2.35
CA TYR B 170 -27.86 10.26 -3.74
C TYR B 170 -28.74 9.02 -3.79
N ASP B 171 -29.45 8.86 -4.90
CA ASP B 171 -30.29 7.70 -5.17
C ASP B 171 -29.93 7.13 -6.53
N PHE B 172 -30.60 6.03 -6.90
CA PHE B 172 -30.34 5.35 -8.17
C PHE B 172 -31.66 5.11 -8.88
N MET B 173 -31.75 5.55 -10.14
CA MET B 173 -32.96 5.41 -10.92
C MET B 173 -32.68 4.67 -12.22
N ILE B 174 -33.74 4.07 -12.75
CA ILE B 174 -33.70 3.38 -14.04
C ILE B 174 -34.81 3.95 -14.92
N PHE B 175 -34.45 4.31 -16.16
CA PHE B 175 -35.40 4.81 -17.15
C PHE B 175 -35.46 3.84 -18.31
N GLU B 176 -36.69 3.51 -18.74
CA GLU B 176 -36.91 2.64 -19.88
C GLU B 176 -37.56 3.43 -21.01
N LYS B 177 -37.24 3.04 -22.24
CA LYS B 177 -37.80 3.70 -23.42
C LYS B 177 -39.06 2.98 -23.86
N GLN B 178 -40.19 3.69 -23.81
CA GLN B 178 -41.48 3.11 -24.16
C GLN B 178 -41.60 2.96 -25.67
N GLU B 179 -42.25 1.87 -26.09
CA GLU B 179 -42.42 1.57 -27.51
C GLU B 179 -43.88 1.37 -27.89
N LYS B 180 -44.63 0.60 -27.13
CA LYS B 180 -46.04 0.36 -27.43
C LYS B 180 -46.89 0.35 -26.17
N LEU B 193 -49.87 -12.57 -12.02
CA LEU B 193 -50.20 -13.68 -12.92
C LEU B 193 -51.38 -13.31 -13.81
N LYS B 194 -51.50 -14.02 -14.92
CA LYS B 194 -52.53 -13.71 -15.92
C LYS B 194 -53.94 -14.02 -15.41
N SER B 195 -54.17 -15.25 -14.98
CA SER B 195 -55.51 -15.69 -14.60
C SER B 195 -55.88 -15.39 -13.16
N ILE B 196 -54.95 -14.94 -12.32
CA ILE B 196 -55.31 -14.62 -10.95
C ILE B 196 -56.05 -13.28 -10.88
N ASP B 197 -55.59 -12.29 -11.64
CA ASP B 197 -56.23 -10.99 -11.61
C ASP B 197 -57.67 -11.06 -12.11
N ASP B 198 -57.95 -11.95 -13.06
CA ASP B 198 -59.31 -12.10 -13.56
C ASP B 198 -60.24 -12.68 -12.50
N THR B 199 -59.78 -13.70 -11.78
CA THR B 199 -60.61 -14.33 -10.75
C THR B 199 -60.89 -13.35 -9.62
N VAL B 200 -59.92 -12.49 -9.28
CA VAL B 200 -60.13 -11.51 -8.23
C VAL B 200 -61.13 -10.46 -8.67
N ASP B 201 -61.08 -10.06 -9.94
CA ASP B 201 -62.04 -9.08 -10.45
C ASP B 201 -63.46 -9.62 -10.42
N LEU B 202 -63.63 -10.90 -10.79
CA LEU B 202 -64.95 -11.50 -10.76
C LEU B 202 -65.50 -11.59 -9.34
N LEU B 203 -64.66 -11.96 -8.38
CA LEU B 203 -65.09 -11.96 -6.99
C LEU B 203 -65.47 -10.58 -6.51
N GLY B 204 -64.83 -9.54 -7.03
CA GLY B 204 -65.20 -8.17 -6.68
C GLY B 204 -66.51 -7.73 -7.28
N GLU B 205 -66.97 -8.37 -8.35
CA GLU B 205 -68.28 -8.08 -8.90
C GLU B 205 -69.39 -8.77 -8.11
N ILE B 206 -69.13 -10.00 -7.68
CA ILE B 206 -70.12 -10.74 -6.88
C ILE B 206 -70.32 -10.06 -5.54
N PHE B 207 -69.27 -10.02 -4.72
CA PHE B 207 -69.32 -9.30 -3.45
C PHE B 207 -68.89 -7.86 -3.68
N GLY B 208 -69.76 -6.92 -3.32
CA GLY B 208 -69.42 -5.53 -3.51
C GLY B 208 -68.45 -5.06 -2.44
N ILE B 209 -68.98 -4.46 -1.38
CA ILE B 209 -68.17 -4.03 -0.26
C ILE B 209 -67.96 -5.16 0.73
N ARG B 210 -68.47 -6.36 0.43
CA ARG B 210 -68.24 -7.51 1.28
C ARG B 210 -66.82 -8.03 1.15
N LYS B 211 -66.18 -7.82 -0.01
CA LYS B 211 -64.80 -8.21 -0.23
C LYS B 211 -63.89 -7.07 0.20
N MET B 212 -63.00 -7.35 1.17
CA MET B 212 -62.16 -6.30 1.74
C MET B 212 -61.29 -5.61 0.70
N GLY B 213 -60.94 -6.33 -0.37
CA GLY B 213 -60.16 -5.71 -1.44
C GLY B 213 -60.85 -4.52 -2.07
N ASN B 214 -62.19 -4.56 -2.16
CA ASN B 214 -62.93 -3.44 -2.73
C ASN B 214 -62.95 -2.22 -1.80
N ARG B 215 -62.69 -2.41 -0.51
CA ARG B 215 -62.53 -1.30 0.42
C ARG B 215 -61.13 -0.73 0.43
N HIS B 216 -60.17 -1.41 -0.21
CA HIS B 216 -58.80 -0.93 -0.35
C HIS B 216 -58.38 -1.01 -1.81
N LYS B 217 -59.09 -0.26 -2.67
CA LYS B 217 -58.82 -0.29 -4.10
C LYS B 217 -57.47 0.36 -4.39
N PHE B 218 -56.74 -0.21 -5.35
CA PHE B 218 -55.48 0.36 -5.77
C PHE B 218 -55.73 1.72 -6.45
N PRO B 219 -54.94 2.74 -6.13
CA PRO B 219 -55.21 4.08 -6.67
C PRO B 219 -55.12 4.10 -8.19
N LYS B 220 -56.00 4.89 -8.81
CA LYS B 220 -56.00 5.05 -10.25
C LYS B 220 -54.75 5.81 -10.70
N GLU B 221 -54.42 5.65 -11.98
CA GLU B 221 -53.21 6.25 -12.52
C GLU B 221 -53.24 7.78 -12.41
N GLU B 222 -54.42 8.38 -12.51
CA GLU B 222 -54.53 9.83 -12.49
C GLU B 222 -54.18 10.44 -11.13
N ILE B 223 -54.15 9.64 -10.07
CA ILE B 223 -53.82 10.11 -8.74
C ILE B 223 -52.63 9.38 -8.15
N TYR B 224 -51.87 8.68 -9.00
CA TYR B 224 -50.69 7.92 -8.58
C TYR B 224 -49.44 8.71 -8.97
N ASN B 225 -48.59 8.99 -7.98
CA ASN B 225 -47.41 9.81 -8.22
C ASN B 225 -46.37 9.02 -9.02
N THR B 226 -45.99 9.56 -10.19
CA THR B 226 -45.06 8.92 -11.12
C THR B 226 -45.51 7.49 -11.38
N PRO B 227 -46.65 7.29 -12.07
CA PRO B 227 -47.23 5.95 -12.16
C PRO B 227 -46.42 4.97 -12.99
N SER B 228 -45.38 5.42 -13.72
CA SER B 228 -44.59 4.48 -14.49
C SER B 228 -43.69 3.64 -13.59
N ILE B 229 -43.36 4.14 -12.40
CA ILE B 229 -42.59 3.37 -11.43
C ILE B 229 -43.54 2.45 -10.69
N ARG B 230 -43.76 1.25 -11.24
CA ARG B 230 -44.73 0.31 -10.69
C ARG B 230 -44.10 -0.70 -9.74
N PHE B 231 -42.97 -1.29 -10.12
CA PHE B 231 -42.33 -2.32 -9.30
C PHE B 231 -41.12 -1.83 -8.53
N GLY B 232 -40.74 -0.57 -8.69
CA GLY B 232 -39.54 -0.06 -8.05
C GLY B 232 -39.77 1.18 -7.21
N ARG B 233 -40.80 1.18 -6.39
CA ARG B 233 -41.12 2.32 -5.53
C ARG B 233 -40.37 2.19 -4.20
N GLU B 234 -39.04 2.19 -4.29
CA GLU B 234 -38.21 1.95 -3.12
C GLU B 234 -38.02 3.21 -2.30
N HIS B 235 -37.93 4.38 -2.94
CA HIS B 235 -37.78 5.64 -2.24
C HIS B 235 -38.91 5.80 -1.23
N TYR B 236 -38.54 6.01 0.03
CA TYR B 236 -39.51 5.98 1.12
C TYR B 236 -40.36 7.22 1.21
N GLU B 237 -40.17 8.21 0.33
CA GLU B 237 -41.17 9.27 0.22
C GLU B 237 -42.45 8.74 -0.43
N PHE B 238 -42.35 7.66 -1.20
CA PHE B 238 -43.53 7.00 -1.73
C PHE B 238 -44.41 6.43 -0.63
N GLN B 239 -43.84 6.13 0.54
CA GLN B 239 -44.65 5.68 1.67
C GLN B 239 -45.65 6.73 2.11
N TYR B 240 -45.39 8.00 1.81
CA TYR B 240 -46.32 9.10 2.08
C TYR B 240 -47.13 9.48 0.85
N LEU B 241 -46.51 9.51 -0.33
CA LEU B 241 -47.24 9.85 -1.54
C LEU B 241 -48.28 8.80 -1.89
N ASP B 242 -47.96 7.52 -1.65
CA ASP B 242 -48.94 6.47 -1.92
C ASP B 242 -50.06 6.45 -0.89
N LEU B 243 -49.82 6.96 0.32
CA LEU B 243 -50.91 7.08 1.28
C LEU B 243 -51.90 8.16 0.86
N LEU B 244 -51.40 9.27 0.30
CA LEU B 244 -52.28 10.28 -0.28
C LEU B 244 -53.14 9.68 -1.39
N SER B 245 -52.53 8.88 -2.25
CA SER B 245 -53.26 8.28 -3.36
C SER B 245 -54.33 7.32 -2.86
N ARG B 246 -54.02 6.54 -1.83
CA ARG B 246 -55.01 5.60 -1.30
C ARG B 246 -56.18 6.32 -0.64
N VAL B 247 -55.93 7.49 -0.05
CA VAL B 247 -57.03 8.25 0.54
C VAL B 247 -57.91 8.85 -0.55
N LEU B 248 -57.29 9.44 -1.59
CA LEU B 248 -58.06 9.99 -2.69
C LEU B 248 -58.89 8.93 -3.40
N GLU B 249 -58.48 7.67 -3.32
CA GLU B 249 -59.18 6.60 -4.01
C GLU B 249 -60.30 5.98 -3.15
N ASN B 250 -60.06 5.82 -1.85
CA ASN B 250 -61.00 5.13 -0.98
C ASN B 250 -61.50 5.98 0.19
N GLY B 251 -61.11 7.24 0.27
CA GLY B 251 -61.50 8.05 1.42
C GLY B 251 -62.98 8.35 1.41
N ALA B 252 -63.65 8.08 2.53
CA ALA B 252 -65.07 8.36 2.66
C ALA B 252 -65.28 9.80 3.09
N TYR B 253 -66.22 10.48 2.43
CA TYR B 253 -66.54 11.87 2.77
C TYR B 253 -67.25 11.90 4.12
N ARG B 254 -66.60 12.50 5.11
CA ARG B 254 -67.09 12.49 6.48
C ARG B 254 -66.99 13.89 7.08
N GLU B 255 -67.84 14.16 8.06
CA GLU B 255 -67.80 15.40 8.81
C GLU B 255 -66.89 15.23 10.05
N ASN B 256 -66.56 16.37 10.66
CA ASN B 256 -65.76 16.37 11.88
C ASN B 256 -66.07 17.63 12.67
N ARG B 257 -65.33 17.82 13.76
CA ARG B 257 -65.58 18.95 14.66
C ARG B 257 -65.40 20.30 13.98
N THR B 258 -64.63 20.36 12.91
CA THR B 258 -64.45 21.61 12.17
C THR B 258 -65.51 21.72 11.08
N GLY B 259 -65.63 22.91 10.50
CA GLY B 259 -66.55 23.09 9.40
C GLY B 259 -66.08 22.54 8.08
N ILE B 260 -64.91 21.91 8.05
CA ILE B 260 -64.28 21.44 6.83
C ILE B 260 -64.25 19.93 6.85
N SER B 261 -64.99 19.30 5.93
CA SER B 261 -65.07 17.85 5.84
C SER B 261 -63.79 17.27 5.26
N THR B 262 -63.61 15.97 5.48
CA THR B 262 -62.42 15.27 5.02
C THR B 262 -62.83 14.01 4.25
N TYR B 263 -61.86 13.44 3.53
CA TYR B 263 -61.96 12.10 2.97
C TYR B 263 -61.05 11.21 3.79
N SER B 264 -61.63 10.21 4.47
CA SER B 264 -60.95 9.50 5.54
C SER B 264 -60.94 7.99 5.30
N ILE B 265 -59.80 7.36 5.61
CA ILE B 265 -59.68 5.92 5.73
C ILE B 265 -59.04 5.60 7.07
N PHE B 266 -59.13 4.33 7.47
CA PHE B 266 -58.74 3.90 8.80
C PHE B 266 -57.77 2.72 8.71
N GLY B 267 -56.63 2.85 9.38
CA GLY B 267 -55.65 1.78 9.44
C GLY B 267 -54.61 1.83 8.34
N GLN B 268 -53.61 2.70 8.49
CA GLN B 268 -52.56 2.86 7.49
C GLN B 268 -51.22 3.05 8.19
N MET B 269 -50.13 2.75 7.48
CA MET B 269 -48.79 2.92 8.01
C MET B 269 -47.85 3.38 6.89
N MET B 270 -46.66 3.80 7.30
CA MET B 270 -45.60 4.16 6.35
C MET B 270 -44.27 4.13 7.09
N ARG B 271 -43.26 3.52 6.48
CA ARG B 271 -41.94 3.40 7.08
C ARG B 271 -40.97 4.39 6.45
N PHE B 272 -39.96 4.78 7.21
CA PHE B 272 -38.92 5.67 6.73
C PHE B 272 -37.58 5.20 7.26
N ASP B 273 -36.55 5.34 6.43
CA ASP B 273 -35.18 5.07 6.85
C ASP B 273 -34.57 6.34 7.41
N MET B 274 -33.77 6.19 8.46
CA MET B 274 -33.04 7.31 9.03
C MET B 274 -31.54 7.07 9.08
N ARG B 275 -31.08 5.90 8.65
CA ARG B 275 -29.64 5.62 8.68
C ARG B 275 -28.89 6.41 7.61
N GLU B 276 -29.37 6.35 6.37
CA GLU B 276 -28.68 6.97 5.25
C GLU B 276 -29.32 8.27 4.78
N SER B 277 -30.42 8.71 5.39
CA SER B 277 -31.10 9.92 4.96
C SER B 277 -32.01 10.40 6.09
N PHE B 278 -32.67 11.53 5.84
CA PHE B 278 -33.61 12.13 6.78
C PHE B 278 -34.96 12.28 6.09
N PRO B 279 -36.04 11.71 6.62
CA PRO B 279 -37.32 11.72 5.90
C PRO B 279 -38.01 13.07 5.89
N LEU B 280 -37.41 14.04 5.20
CA LEU B 280 -38.03 15.34 4.99
C LEU B 280 -38.50 15.40 3.54
N LEU B 281 -39.81 15.60 3.36
CA LEU B 281 -40.41 15.47 2.04
C LEU B 281 -39.78 16.46 1.06
N THR B 282 -39.53 15.98 -0.16
CA THR B 282 -38.96 16.81 -1.21
C THR B 282 -39.99 17.34 -2.19
N THR B 283 -41.16 16.70 -2.30
CA THR B 283 -42.19 17.18 -3.21
C THR B 283 -42.82 18.49 -2.75
N LYS B 284 -42.38 19.05 -1.63
CA LYS B 284 -42.91 20.31 -1.11
C LYS B 284 -41.92 20.85 -0.09
N LYS B 285 -41.64 22.15 -0.16
CA LYS B 285 -40.70 22.78 0.77
C LYS B 285 -41.32 22.79 2.16
N VAL B 286 -40.80 21.94 3.04
CA VAL B 286 -41.31 21.81 4.41
C VAL B 286 -40.55 22.73 5.34
N ALA B 287 -41.28 23.44 6.20
CA ALA B 287 -40.70 24.37 7.16
C ALA B 287 -40.01 23.59 8.28
N ILE B 288 -38.77 23.19 8.01
CA ILE B 288 -38.02 22.36 8.96
C ILE B 288 -37.76 23.11 10.26
N ARG B 289 -37.58 24.43 10.20
CA ARG B 289 -37.30 25.18 11.42
C ARG B 289 -38.50 25.16 12.37
N SER B 290 -39.71 25.32 11.83
CA SER B 290 -40.89 25.28 12.69
C SER B 290 -41.11 23.90 13.29
N ILE B 291 -40.72 22.84 12.57
CA ILE B 291 -40.83 21.50 13.11
C ILE B 291 -39.93 21.34 14.33
N PHE B 292 -38.68 21.80 14.20
CA PHE B 292 -37.73 21.69 15.31
C PHE B 292 -38.17 22.52 16.50
N GLU B 293 -38.52 23.79 16.26
CA GLU B 293 -38.88 24.68 17.35
C GLU B 293 -40.10 24.16 18.11
N GLU B 294 -40.97 23.41 17.44
CA GLU B 294 -42.07 22.75 18.13
C GLU B 294 -41.57 21.55 18.94
N LEU B 295 -40.63 20.79 18.37
CA LEU B 295 -40.14 19.60 19.07
C LEU B 295 -39.36 19.97 20.32
N ILE B 296 -38.49 20.98 20.23
CA ILE B 296 -37.79 21.45 21.43
C ILE B 296 -38.79 22.09 22.40
N TRP B 297 -39.90 22.60 21.88
CA TRP B 297 -40.95 23.14 22.74
C TRP B 297 -41.62 22.05 23.55
N PHE B 298 -41.79 20.86 22.97
CA PHE B 298 -42.32 19.73 23.71
C PHE B 298 -41.33 19.25 24.77
N ILE B 299 -40.06 19.07 24.37
CA ILE B 299 -39.08 18.47 25.27
C ILE B 299 -38.89 19.32 26.52
N LYS B 300 -38.84 20.64 26.35
CA LYS B 300 -38.69 21.55 27.49
C LYS B 300 -39.89 21.53 28.43
N GLY B 301 -40.93 20.77 28.13
CA GLY B 301 -42.09 20.68 28.99
C GLY B 301 -43.04 21.86 28.89
N ASP B 302 -42.99 22.60 27.79
CA ASP B 302 -43.65 23.90 27.70
C ASP B 302 -45.01 23.74 27.02
N THR B 303 -46.02 24.41 27.59
CA THR B 303 -47.33 24.50 26.98
C THR B 303 -47.72 25.92 26.62
N ASN B 304 -46.86 26.90 26.87
CA ASN B 304 -47.13 28.29 26.54
C ASN B 304 -47.03 28.48 25.03
N GLY B 305 -48.16 28.76 24.38
CA GLY B 305 -48.16 28.97 22.94
C GLY B 305 -47.52 30.26 22.48
N ASN B 306 -47.29 31.20 23.39
CA ASN B 306 -46.65 32.45 23.00
C ASN B 306 -45.17 32.26 22.71
N HIS B 307 -44.54 31.29 23.37
CA HIS B 307 -43.12 31.04 23.15
C HIS B 307 -42.83 30.60 21.72
N LEU B 308 -43.82 30.03 21.03
CA LEU B 308 -43.66 29.70 19.62
C LEU B 308 -43.95 30.90 18.73
N ILE B 309 -44.95 31.71 19.10
CA ILE B 309 -45.23 32.93 18.34
C ILE B 309 -44.11 33.95 18.52
N GLU B 310 -43.47 33.95 19.69
CA GLU B 310 -42.32 34.84 19.90
C GLU B 310 -41.14 34.45 19.02
N LYS B 311 -41.05 33.18 18.65
CA LYS B 311 -40.02 32.71 17.72
C LYS B 311 -40.56 32.58 16.30
N LYS B 312 -41.68 33.26 16.00
CA LYS B 312 -42.27 33.30 14.66
C LYS B 312 -42.66 31.91 14.16
N VAL B 313 -43.33 31.15 15.03
CA VAL B 313 -43.90 29.85 14.70
C VAL B 313 -45.38 29.91 15.06
N TYR B 314 -46.25 29.94 14.04
CA TYR B 314 -47.66 30.21 14.22
C TYR B 314 -48.53 28.98 14.00
N ILE B 315 -47.99 27.78 14.17
CA ILE B 315 -48.78 26.58 13.90
C ILE B 315 -49.79 26.28 14.99
N TRP B 316 -49.58 26.76 16.21
CA TRP B 316 -50.52 26.55 17.31
C TRP B 316 -51.34 27.80 17.63
N SER B 317 -51.46 28.73 16.67
CA SER B 317 -52.26 29.93 16.91
C SER B 317 -53.75 29.65 16.77
N GLY B 318 -54.12 28.80 15.80
CA GLY B 318 -55.53 28.53 15.58
C GLY B 318 -56.19 27.84 16.76
N ASN B 319 -55.52 26.83 17.31
CA ASN B 319 -56.05 26.11 18.45
C ASN B 319 -55.79 26.82 19.77
N GLY B 320 -55.33 28.08 19.72
CA GLY B 320 -55.10 28.85 20.92
C GLY B 320 -55.54 30.29 20.78
N SER B 321 -56.76 30.50 20.29
CA SER B 321 -57.34 31.83 20.19
C SER B 321 -58.48 31.95 21.19
N LYS B 322 -58.81 33.19 21.53
CA LYS B 322 -59.90 33.42 22.48
C LYS B 322 -61.22 32.83 21.97
N GLU B 323 -61.45 32.93 20.66
CA GLU B 323 -62.68 32.41 20.09
C GLU B 323 -62.71 30.89 20.11
N TYR B 324 -61.59 30.25 19.77
CA TYR B 324 -61.57 28.79 19.74
C TYR B 324 -61.66 28.20 21.14
N LEU B 325 -60.96 28.82 22.10
CA LEU B 325 -60.97 28.29 23.46
C LEU B 325 -62.35 28.41 24.08
N GLU B 326 -63.06 29.50 23.81
CA GLU B 326 -64.43 29.64 24.33
C GLU B 326 -65.37 28.64 23.68
N ARG B 327 -65.12 28.27 22.43
CA ARG B 327 -65.99 27.33 21.74
C ARG B 327 -65.93 25.95 22.37
N ILE B 328 -64.74 25.49 22.74
CA ILE B 328 -64.56 24.16 23.31
C ILE B 328 -64.67 24.22 24.83
N GLY B 329 -65.07 25.38 25.35
CA GLY B 329 -65.33 25.51 26.77
C GLY B 329 -64.13 25.80 27.64
N LEU B 330 -63.11 26.46 27.10
CA LEU B 330 -61.92 26.81 27.88
C LEU B 330 -61.71 28.32 27.87
N GLY B 331 -62.80 29.08 27.98
CA GLY B 331 -62.72 30.53 27.98
C GLY B 331 -62.03 31.12 29.19
N HIS B 332 -61.78 30.31 30.22
CA HIS B 332 -61.12 30.77 31.43
C HIS B 332 -59.60 30.86 31.28
N ARG B 333 -59.03 30.33 30.21
CA ARG B 333 -57.60 30.37 30.00
C ARG B 333 -57.18 31.64 29.27
N GLU B 334 -55.87 31.91 29.30
CA GLU B 334 -55.31 33.04 28.59
C GLU B 334 -55.42 32.82 27.08
N GLU B 335 -54.85 33.75 26.32
CA GLU B 335 -54.96 33.69 24.87
C GLU B 335 -54.41 32.38 24.33
N ASN B 336 -53.15 32.06 24.65
CA ASN B 336 -52.49 30.89 24.08
C ASN B 336 -52.18 29.82 25.12
N ASP B 337 -52.97 29.75 26.19
CA ASP B 337 -52.78 28.71 27.21
C ASP B 337 -53.36 27.41 26.68
N LEU B 338 -52.51 26.62 26.01
CA LEU B 338 -52.98 25.40 25.37
C LEU B 338 -53.29 24.28 26.36
N GLY B 339 -52.95 24.44 27.64
CA GLY B 339 -53.24 23.42 28.62
C GLY B 339 -52.24 22.28 28.58
N PRO B 340 -52.48 21.26 29.41
CA PRO B 340 -51.52 20.15 29.48
C PRO B 340 -51.52 19.26 28.24
N ILE B 341 -50.59 19.48 27.33
CA ILE B 341 -50.59 18.76 26.05
C ILE B 341 -49.26 18.04 25.90
N TYR B 342 -48.85 17.80 24.65
CA TYR B 342 -47.52 17.28 24.37
C TYR B 342 -46.48 18.06 25.16
N GLY B 343 -45.57 17.34 25.79
CA GLY B 343 -44.55 17.93 26.62
C GLY B 343 -44.96 18.23 28.04
N PHE B 344 -46.25 18.17 28.35
CA PHE B 344 -46.66 18.16 29.74
C PHE B 344 -46.98 16.75 30.21
N GLN B 345 -47.42 15.88 29.31
CA GLN B 345 -47.49 14.46 29.61
C GLN B 345 -46.14 13.78 29.44
N TRP B 346 -45.21 14.43 28.72
CA TRP B 346 -43.87 13.88 28.58
C TRP B 346 -43.04 14.11 29.83
N ARG B 347 -43.17 15.29 30.44
CA ARG B 347 -42.34 15.66 31.57
C ARG B 347 -43.08 15.69 32.91
N HIS B 348 -44.41 15.84 32.90
CA HIS B 348 -45.19 15.94 34.12
C HIS B 348 -46.50 15.17 33.97
N TYR B 349 -46.41 13.87 33.68
CA TYR B 349 -47.60 13.06 33.49
C TYR B 349 -48.39 12.98 34.78
N ASN B 350 -49.72 13.09 34.66
CA ASN B 350 -50.66 13.10 35.79
C ASN B 350 -50.43 14.28 36.74
N GLY B 351 -49.78 15.33 36.27
CA GLY B 351 -49.57 16.50 37.12
C GLY B 351 -50.78 17.41 37.08
N GLU B 352 -51.13 17.94 38.25
CA GLU B 352 -52.28 18.84 38.37
C GLU B 352 -51.96 20.16 37.66
N TYR B 353 -52.52 20.33 36.47
CA TYR B 353 -52.28 21.53 35.69
C TYR B 353 -53.12 22.69 36.22
N LYS B 354 -52.51 23.87 36.28
CA LYS B 354 -53.21 25.08 36.68
C LYS B 354 -53.28 26.05 35.51
N THR B 355 -52.19 26.78 35.28
CA THR B 355 -52.05 27.66 34.13
C THR B 355 -50.69 27.43 33.49
N MET B 356 -50.44 28.15 32.41
CA MET B 356 -49.17 28.05 31.70
C MET B 356 -48.04 28.80 32.39
N HIS B 357 -48.34 29.59 33.42
CA HIS B 357 -47.32 30.39 34.09
C HIS B 357 -46.75 29.72 35.35
N ASP B 358 -47.42 28.70 35.87
CA ASP B 358 -46.97 28.06 37.09
C ASP B 358 -45.70 27.25 36.86
N ASP B 359 -45.03 26.94 37.96
CA ASP B 359 -43.80 26.16 37.93
C ASP B 359 -44.13 24.69 38.21
N TYR B 360 -43.90 23.83 37.22
CA TYR B 360 -44.21 22.42 37.33
C TYR B 360 -42.97 21.55 37.50
N THR B 361 -41.84 22.14 37.88
CA THR B 361 -40.62 21.37 38.05
C THR B 361 -40.78 20.40 39.22
N GLY B 362 -40.65 19.11 38.93
CA GLY B 362 -40.75 18.07 39.91
C GLY B 362 -42.12 17.42 40.01
N VAL B 363 -43.16 18.06 39.50
CA VAL B 363 -44.51 17.51 39.57
C VAL B 363 -44.73 16.56 38.39
N GLY B 364 -45.58 15.57 38.59
CA GLY B 364 -45.87 14.59 37.56
C GLY B 364 -44.73 13.60 37.37
N VAL B 365 -44.92 12.72 36.40
CA VAL B 365 -43.97 11.67 36.07
C VAL B 365 -43.15 12.14 34.87
N ASP B 366 -41.83 12.24 35.05
CA ASP B 366 -40.95 12.65 33.95
C ASP B 366 -40.72 11.42 33.08
N GLN B 367 -41.59 11.25 32.08
CA GLN B 367 -41.52 10.07 31.23
C GLN B 367 -40.31 10.10 30.32
N LEU B 368 -39.98 11.27 29.77
CA LEU B 368 -38.85 11.38 28.86
C LEU B 368 -37.53 11.06 29.56
N ALA B 369 -37.35 11.54 30.78
CA ALA B 369 -36.14 11.24 31.54
C ALA B 369 -36.02 9.75 31.81
N LYS B 370 -37.10 9.13 32.29
CA LYS B 370 -37.08 7.68 32.50
C LYS B 370 -36.85 6.94 31.19
N LEU B 371 -37.30 7.51 30.08
CA LEU B 371 -37.06 6.88 28.77
C LEU B 371 -35.57 6.93 28.42
N ILE B 372 -34.94 8.10 28.59
CA ILE B 372 -33.53 8.25 28.25
C ILE B 372 -32.68 7.36 29.15
N GLU B 373 -33.00 7.34 30.45
CA GLU B 373 -32.20 6.53 31.38
C GLU B 373 -32.38 5.04 31.09
N THR B 374 -33.58 4.63 30.68
CA THR B 374 -33.80 3.23 30.35
C THR B 374 -33.15 2.85 29.02
N LEU B 375 -33.02 3.80 28.10
CA LEU B 375 -32.50 3.47 26.77
C LEU B 375 -31.03 3.08 26.82
N LYS B 376 -30.25 3.65 27.74
CA LYS B 376 -28.84 3.30 27.84
C LYS B 376 -28.54 2.27 28.91
N ASN B 377 -29.36 2.18 29.96
CA ASN B 377 -29.13 1.21 31.01
C ASN B 377 -29.72 -0.16 30.69
N ASN B 378 -30.75 -0.22 29.84
CA ASN B 378 -31.37 -1.48 29.46
C ASN B 378 -31.91 -1.35 28.05
N PRO B 379 -31.04 -1.51 27.05
CA PRO B 379 -31.47 -1.24 25.66
C PRO B 379 -32.43 -2.28 25.10
N LYS B 380 -32.24 -3.56 25.43
CA LYS B 380 -33.09 -4.61 24.90
C LYS B 380 -34.43 -4.72 25.62
N ASP B 381 -34.72 -3.79 26.52
CA ASP B 381 -36.02 -3.74 27.18
C ASP B 381 -37.11 -3.45 26.17
N ARG B 382 -38.26 -4.10 26.34
CA ARG B 382 -39.40 -3.95 25.43
C ARG B 382 -40.44 -2.99 25.99
N ARG B 383 -40.02 -1.95 26.72
CA ARG B 383 -40.96 -1.04 27.36
C ARG B 383 -40.58 0.42 27.19
N HIS B 384 -39.75 0.76 26.18
CA HIS B 384 -39.35 2.14 25.94
C HIS B 384 -40.50 2.89 25.29
N ILE B 385 -41.46 3.28 26.11
CA ILE B 385 -42.72 3.85 25.63
C ILE B 385 -42.92 5.24 26.21
N LEU B 386 -43.25 6.18 25.34
CA LEU B 386 -43.58 7.55 25.73
C LEU B 386 -45.03 7.81 25.29
N THR B 387 -45.92 7.96 26.26
CA THR B 387 -47.34 8.17 25.99
C THR B 387 -47.74 9.62 26.22
N ALA B 388 -48.85 10.00 25.61
CA ALA B 388 -49.42 11.33 25.79
C ALA B 388 -50.92 11.30 26.03
N TRP B 389 -51.54 10.12 25.97
CA TRP B 389 -52.99 10.00 26.15
C TRP B 389 -53.26 9.84 27.64
N ASN B 390 -53.72 10.92 28.27
CA ASN B 390 -54.12 10.93 29.67
C ASN B 390 -55.61 11.26 29.75
N PRO B 391 -56.48 10.25 29.84
CA PRO B 391 -57.93 10.54 29.84
C PRO B 391 -58.39 11.38 31.03
N SER B 392 -57.59 11.52 32.07
CA SER B 392 -57.94 12.39 33.19
C SER B 392 -57.73 13.86 32.87
N ALA B 393 -57.03 14.18 31.79
CA ALA B 393 -56.71 15.56 31.45
C ALA B 393 -57.13 15.95 30.04
N LEU B 394 -57.90 15.09 29.35
CA LEU B 394 -58.28 15.40 27.97
C LEU B 394 -59.16 16.65 27.90
N SER B 395 -60.08 16.81 28.86
CA SER B 395 -60.98 17.96 28.83
C SER B 395 -60.26 19.28 29.05
N GLN B 396 -59.10 19.26 29.71
CA GLN B 396 -58.32 20.48 29.93
C GLN B 396 -57.43 20.84 28.74
N MET B 397 -57.30 19.95 27.76
CA MET B 397 -56.40 20.18 26.63
C MET B 397 -57.11 20.99 25.56
N ALA B 398 -56.38 21.92 24.95
CA ALA B 398 -56.93 22.66 23.82
C ALA B 398 -57.18 21.74 22.62
N LEU B 399 -56.50 20.61 22.55
CA LEU B 399 -56.69 19.61 21.51
C LEU B 399 -56.06 18.31 21.99
N PRO B 400 -56.81 17.22 22.02
CA PRO B 400 -56.25 15.94 22.47
C PRO B 400 -55.09 15.52 21.60
N PRO B 401 -54.20 14.68 22.10
CA PRO B 401 -52.98 14.33 21.36
C PRO B 401 -53.30 13.59 20.06
N CYS B 402 -52.64 14.02 18.98
CA CYS B 402 -52.74 13.32 17.70
C CYS B 402 -51.70 12.20 17.60
N HIS B 403 -50.42 12.54 17.76
CA HIS B 403 -49.40 11.50 17.94
C HIS B 403 -49.48 11.05 19.39
N VAL B 404 -50.13 9.91 19.61
CA VAL B 404 -50.55 9.49 20.95
C VAL B 404 -49.46 8.71 21.67
N LEU B 405 -48.92 7.68 21.02
CA LEU B 405 -48.00 6.76 21.66
C LEU B 405 -46.79 6.50 20.77
N SER B 406 -45.62 6.40 21.38
CA SER B 406 -44.40 6.10 20.66
C SER B 406 -43.58 5.08 21.44
N GLN B 407 -42.97 4.14 20.72
CA GLN B 407 -42.14 3.10 21.32
C GLN B 407 -40.77 3.11 20.65
N TYR B 408 -39.73 2.81 21.42
CA TYR B 408 -38.37 2.90 20.94
C TYR B 408 -37.64 1.56 21.15
N TYR B 409 -36.70 1.28 20.26
CA TYR B 409 -36.12 -0.05 20.12
C TYR B 409 -34.66 0.10 19.71
N VAL B 410 -33.77 -0.57 20.44
CA VAL B 410 -32.34 -0.54 20.17
C VAL B 410 -31.95 -1.84 19.48
N THR B 411 -31.48 -1.74 18.24
CA THR B 411 -31.09 -2.91 17.49
C THR B 411 -29.75 -3.45 17.98
N ASN B 412 -29.35 -4.60 17.43
CA ASN B 412 -28.11 -5.23 17.86
C ASN B 412 -26.89 -4.42 17.44
N ASP B 413 -26.97 -3.69 16.33
CA ASP B 413 -25.88 -2.83 15.89
C ASP B 413 -26.01 -1.40 16.42
N ASN B 414 -26.61 -1.23 17.60
CA ASN B 414 -26.64 0.04 18.31
C ASN B 414 -27.30 1.13 17.46
N CYS B 415 -28.46 0.82 16.91
CA CYS B 415 -29.29 1.77 16.20
C CYS B 415 -30.63 1.93 16.92
N LEU B 416 -31.18 3.14 16.87
CA LEU B 416 -32.40 3.47 17.59
C LEU B 416 -33.54 3.65 16.58
N SER B 417 -34.50 2.73 16.59
CA SER B 417 -35.69 2.83 15.77
C SER B 417 -36.84 3.42 16.58
N CYS B 418 -37.90 3.81 15.88
CA CYS B 418 -39.03 4.48 16.50
C CYS B 418 -40.33 4.06 15.83
N ASN B 419 -41.33 3.74 16.65
CA ASN B 419 -42.68 3.45 16.19
C ASN B 419 -43.64 4.46 16.82
N LEU B 420 -44.49 5.06 16.00
CA LEU B 420 -45.46 6.06 16.44
C LEU B 420 -46.86 5.63 16.06
N TYR B 421 -47.81 5.74 16.99
CA TYR B 421 -49.21 5.59 16.67
C TYR B 421 -49.88 6.96 16.65
N GLN B 422 -50.53 7.27 15.55
CA GLN B 422 -51.19 8.56 15.34
C GLN B 422 -52.68 8.30 15.14
N ARG B 423 -53.50 8.83 16.04
CA ARG B 423 -54.94 8.56 15.98
C ARG B 423 -55.61 9.31 14.84
N SER B 424 -55.14 10.52 14.53
CA SER B 424 -55.73 11.35 13.49
C SER B 424 -54.60 12.06 12.77
N CYS B 425 -54.61 11.97 11.44
CA CYS B 425 -53.48 12.43 10.64
C CYS B 425 -53.97 13.33 9.51
N ASP B 426 -53.74 14.63 9.66
CA ASP B 426 -53.96 15.60 8.57
C ASP B 426 -52.85 15.42 7.56
N LEU B 427 -53.13 14.70 6.47
CA LEU B 427 -52.10 14.39 5.49
C LEU B 427 -51.57 15.62 4.77
N GLY B 428 -52.29 16.73 4.81
CA GLY B 428 -51.85 17.94 4.13
C GLY B 428 -50.84 18.76 4.91
N LEU B 429 -51.03 18.84 6.23
CA LEU B 429 -50.19 19.69 7.08
C LEU B 429 -49.51 18.90 8.19
N GLY B 430 -50.26 18.19 9.03
CA GLY B 430 -49.66 17.55 10.18
C GLY B 430 -48.72 16.41 9.84
N SER B 431 -49.07 15.62 8.83
CA SER B 431 -48.29 14.43 8.51
C SER B 431 -46.85 14.75 8.13
N PRO B 432 -46.56 15.65 7.19
CA PRO B 432 -45.15 15.98 6.92
C PRO B 432 -44.42 16.52 8.14
N PHE B 433 -45.14 17.19 9.05
CA PHE B 433 -44.53 17.64 10.29
C PHE B 433 -44.25 16.46 11.22
N ASN B 434 -45.19 15.53 11.34
CA ASN B 434 -45.00 14.41 12.26
C ASN B 434 -43.89 13.48 11.80
N ILE B 435 -43.70 13.34 10.49
CA ILE B 435 -42.63 12.49 9.97
C ILE B 435 -41.27 13.04 10.36
N ALA B 436 -41.06 14.34 10.15
CA ALA B 436 -39.77 14.95 10.45
C ALA B 436 -39.58 15.13 11.96
N SER B 437 -40.67 15.44 12.68
CA SER B 437 -40.55 15.73 14.11
C SER B 437 -40.06 14.51 14.88
N TYR B 438 -40.71 13.36 14.67
CA TYR B 438 -40.30 12.16 15.38
C TYR B 438 -39.00 11.56 14.82
N ALA B 439 -38.60 11.96 13.62
CA ALA B 439 -37.27 11.59 13.14
C ALA B 439 -36.20 12.35 13.90
N ILE B 440 -36.38 13.66 14.07
CA ILE B 440 -35.44 14.46 14.83
C ILE B 440 -35.38 14.00 16.28
N LEU B 441 -36.55 13.71 16.86
CA LEU B 441 -36.58 13.26 18.25
C LEU B 441 -35.80 11.97 18.45
N THR B 442 -35.93 11.03 17.52
CA THR B 442 -35.17 9.79 17.62
C THR B 442 -33.68 10.05 17.48
N MET B 443 -33.30 10.97 16.58
CA MET B 443 -31.89 11.31 16.42
C MET B 443 -31.35 11.99 17.67
N MET B 444 -32.15 12.86 18.28
CA MET B 444 -31.76 13.47 19.55
C MET B 444 -31.56 12.41 20.61
N LEU B 445 -32.53 11.48 20.74
CA LEU B 445 -32.41 10.41 21.71
C LEU B 445 -31.22 9.50 21.38
N ALA B 446 -30.89 9.35 20.10
CA ALA B 446 -29.77 8.49 19.73
C ALA B 446 -28.44 9.09 20.15
N GLN B 447 -28.29 10.41 20.04
CA GLN B 447 -27.02 11.04 20.39
C GLN B 447 -26.82 11.09 21.90
N VAL B 448 -27.88 11.43 22.64
CA VAL B 448 -27.76 11.51 24.09
C VAL B 448 -27.51 10.13 24.69
N CYS B 449 -28.04 9.07 24.05
CA CYS B 449 -27.81 7.71 24.52
C CYS B 449 -26.62 7.04 23.86
N GLY B 450 -26.02 7.67 22.85
CA GLY B 450 -24.85 7.10 22.21
C GLY B 450 -25.12 6.07 21.15
N TYR B 451 -26.28 6.12 20.51
CA TYR B 451 -26.63 5.22 19.42
C TYR B 451 -26.69 5.98 18.11
N GLU B 452 -27.05 5.26 17.04
CA GLU B 452 -27.22 5.83 15.72
C GLU B 452 -28.70 5.77 15.30
N PRO B 453 -29.14 6.65 14.41
CA PRO B 453 -30.54 6.60 13.96
C PRO B 453 -30.83 5.32 13.20
N GLY B 454 -32.04 4.79 13.40
CA GLY B 454 -32.45 3.56 12.75
C GLY B 454 -33.59 3.76 11.78
N GLU B 455 -34.74 3.16 12.08
CA GLU B 455 -35.92 3.24 11.24
C GLU B 455 -37.03 4.01 11.94
N LEU B 456 -37.99 4.49 11.13
CA LEU B 456 -39.14 5.22 11.63
C LEU B 456 -40.39 4.63 11.00
N ALA B 457 -41.28 4.10 11.84
CA ALA B 457 -42.57 3.59 11.39
C ALA B 457 -43.68 4.38 12.05
N ILE B 458 -44.64 4.84 11.26
CA ILE B 458 -45.78 5.62 11.75
C ILE B 458 -47.04 4.85 11.42
N PHE B 459 -47.76 4.43 12.46
CA PHE B 459 -49.04 3.75 12.33
C PHE B 459 -50.17 4.75 12.54
N ILE B 460 -51.10 4.81 11.60
CA ILE B 460 -52.11 5.87 11.56
C ILE B 460 -53.50 5.27 11.71
N GLY B 461 -54.33 5.93 12.52
CA GLY B 461 -55.74 5.59 12.60
C GLY B 461 -56.56 6.28 11.52
N ASP B 462 -57.03 7.49 11.80
CA ASP B 462 -57.86 8.24 10.87
C ASP B 462 -56.96 9.06 9.96
N ALA B 463 -56.57 8.47 8.83
CA ALA B 463 -55.76 9.15 7.82
C ALA B 463 -56.71 9.84 6.84
N HIS B 464 -56.67 11.17 6.80
CA HIS B 464 -57.68 11.93 6.07
C HIS B 464 -57.04 13.10 5.34
N ILE B 465 -57.78 13.59 4.34
CA ILE B 465 -57.41 14.76 3.56
C ILE B 465 -58.55 15.77 3.67
N TYR B 466 -58.23 16.99 4.10
CA TYR B 466 -59.26 18.03 4.15
C TYR B 466 -59.62 18.46 2.73
N GLU B 467 -60.91 18.72 2.51
CA GLU B 467 -61.41 18.92 1.15
C GLU B 467 -60.87 20.20 0.51
N ASN B 468 -60.41 21.16 1.30
CA ASN B 468 -59.79 22.36 0.75
C ASN B 468 -58.31 22.16 0.44
N HIS B 469 -57.79 20.94 0.62
CA HIS B 469 -56.42 20.60 0.26
C HIS B 469 -56.35 19.77 -1.02
N LEU B 470 -57.47 19.59 -1.72
CA LEU B 470 -57.52 18.65 -2.83
C LEU B 470 -56.68 19.14 -4.00
N THR B 471 -56.88 20.38 -4.44
CA THR B 471 -56.09 20.88 -5.57
C THR B 471 -54.62 21.00 -5.22
N GLN B 472 -54.29 21.22 -3.94
CA GLN B 472 -52.89 21.32 -3.53
C GLN B 472 -52.23 19.95 -3.52
N LEU B 473 -52.87 18.95 -2.91
CA LEU B 473 -52.26 17.63 -2.82
C LEU B 473 -52.18 16.95 -4.18
N LYS B 474 -53.14 17.22 -5.06
CA LYS B 474 -53.04 16.71 -6.43
C LYS B 474 -51.88 17.38 -7.18
N GLU B 475 -51.61 18.64 -6.88
CA GLU B 475 -50.43 19.30 -7.43
C GLU B 475 -49.15 18.65 -6.91
N GLN B 476 -49.11 18.31 -5.62
CA GLN B 476 -47.93 17.69 -5.05
C GLN B 476 -47.68 16.31 -5.64
N LEU B 477 -48.76 15.58 -5.98
CA LEU B 477 -48.60 14.25 -6.55
C LEU B 477 -48.08 14.28 -7.98
N SER B 478 -48.06 15.45 -8.62
CA SER B 478 -47.53 15.58 -9.98
C SER B 478 -46.02 15.74 -10.01
N ARG B 479 -45.37 15.71 -8.85
CA ARG B 479 -43.95 15.98 -8.73
C ARG B 479 -43.21 14.69 -8.41
N THR B 480 -42.29 14.30 -9.28
CA THR B 480 -41.48 13.12 -9.01
C THR B 480 -40.52 13.42 -7.86
N PRO B 481 -40.45 12.56 -6.86
CA PRO B 481 -39.63 12.87 -5.67
C PRO B 481 -38.15 12.95 -6.00
N ARG B 482 -37.43 13.61 -5.10
CA ARG B 482 -35.99 13.77 -5.16
C ARG B 482 -35.36 13.13 -3.92
N PRO B 483 -34.06 12.83 -3.96
CA PRO B 483 -33.43 12.16 -2.81
C PRO B 483 -33.56 12.98 -1.53
N PHE B 484 -33.76 12.27 -0.42
CA PHE B 484 -33.92 12.92 0.88
C PHE B 484 -32.65 13.68 1.25
N PRO B 485 -32.77 14.72 2.07
CA PRO B 485 -31.58 15.43 2.54
C PRO B 485 -30.87 14.69 3.65
N GLN B 486 -29.86 15.32 4.26
CA GLN B 486 -29.17 14.79 5.42
C GLN B 486 -29.34 15.76 6.58
N LEU B 487 -29.50 15.21 7.78
CA LEU B 487 -29.59 15.99 9.01
C LEU B 487 -28.47 15.56 9.93
N LYS B 488 -27.59 16.49 10.27
CA LYS B 488 -26.47 16.21 11.17
C LYS B 488 -26.43 17.26 12.27
N PHE B 489 -26.01 16.82 13.45
CA PHE B 489 -25.85 17.71 14.60
C PHE B 489 -24.43 18.24 14.67
N LYS B 490 -24.30 19.55 14.93
CA LYS B 490 -22.99 20.18 14.93
C LYS B 490 -22.20 19.91 16.20
N ARG B 491 -22.88 19.70 17.32
CA ARG B 491 -22.20 19.45 18.58
C ARG B 491 -22.93 18.36 19.35
N LYS B 492 -22.23 17.79 20.33
CA LYS B 492 -22.82 16.82 21.24
C LYS B 492 -23.28 17.54 22.49
N VAL B 493 -24.53 17.32 22.88
CA VAL B 493 -25.12 17.99 24.02
C VAL B 493 -25.07 17.06 25.22
N GLU B 494 -25.10 17.66 26.42
CA GLU B 494 -25.11 16.89 27.65
C GLU B 494 -26.52 16.50 28.07
N ASN B 495 -27.49 17.38 27.85
CA ASN B 495 -28.88 17.11 28.12
C ASN B 495 -29.71 17.39 26.87
N ILE B 496 -30.79 16.63 26.69
CA ILE B 496 -31.59 16.74 25.47
C ILE B 496 -32.28 18.09 25.38
N GLU B 497 -32.46 18.80 26.48
CA GLU B 497 -33.11 20.09 26.46
C GLU B 497 -32.22 21.20 25.93
N ASP B 498 -30.93 20.93 25.70
CA ASP B 498 -29.96 21.95 25.33
C ASP B 498 -29.83 22.15 23.83
N PHE B 499 -30.57 21.41 23.01
CA PHE B 499 -30.48 21.57 21.57
C PHE B 499 -30.99 22.94 21.15
N LYS B 500 -30.34 23.51 20.13
CA LYS B 500 -30.75 24.78 19.55
C LYS B 500 -30.78 24.66 18.03
N TRP B 501 -31.51 25.58 17.39
CA TRP B 501 -31.67 25.52 15.95
C TRP B 501 -30.32 25.69 15.22
N GLU B 502 -29.39 26.43 15.83
CA GLU B 502 -28.08 26.61 15.21
C GLU B 502 -27.25 25.33 15.26
N ASP B 503 -27.60 24.39 16.13
CA ASP B 503 -26.90 23.12 16.26
C ASP B 503 -27.31 22.10 15.19
N ILE B 504 -28.17 22.48 14.25
CA ILE B 504 -28.70 21.58 13.24
C ILE B 504 -28.21 22.02 11.87
N GLU B 505 -27.68 21.08 11.10
CA GLU B 505 -27.20 21.33 9.75
C GLU B 505 -28.00 20.48 8.77
N LEU B 506 -28.73 21.13 7.88
CA LEU B 506 -29.53 20.46 6.85
C LEU B 506 -28.74 20.48 5.55
N ILE B 507 -28.30 19.32 5.09
CA ILE B 507 -27.37 19.20 3.97
C ILE B 507 -28.10 18.58 2.79
N GLY B 508 -28.11 19.29 1.65
CA GLY B 508 -28.61 18.72 0.42
C GLY B 508 -30.11 18.64 0.30
N TYR B 509 -30.83 19.68 0.72
CA TYR B 509 -32.29 19.71 0.64
C TYR B 509 -32.67 20.60 -0.54
N TYR B 510 -33.10 19.98 -1.64
CA TYR B 510 -33.50 20.68 -2.85
C TYR B 510 -34.94 20.32 -3.17
N PRO B 511 -35.90 20.90 -2.46
CA PRO B 511 -37.30 20.51 -2.62
C PRO B 511 -37.98 21.30 -3.73
N TYR B 512 -39.20 20.88 -4.03
CA TYR B 512 -40.10 21.62 -4.91
C TYR B 512 -40.68 22.82 -4.15
N PRO B 513 -41.22 23.81 -4.87
CA PRO B 513 -41.75 25.00 -4.20
C PRO B 513 -42.78 24.65 -3.14
N THR B 514 -42.88 25.50 -2.14
CA THR B 514 -43.83 25.28 -1.06
C THR B 514 -45.26 25.38 -1.57
N ILE B 515 -46.18 24.70 -0.88
CA ILE B 515 -47.58 24.65 -1.25
C ILE B 515 -48.40 25.14 -0.06
N LYS B 516 -49.13 26.24 -0.25
CA LYS B 516 -49.91 26.83 0.84
C LYS B 516 -51.19 26.05 1.07
N MET B 517 -51.44 25.69 2.33
CA MET B 517 -52.65 24.98 2.72
C MET B 517 -53.12 25.51 4.07
N ASP B 518 -54.42 25.77 4.18
CA ASP B 518 -55.01 26.34 5.39
C ASP B 518 -55.36 25.24 6.39
N MET B 519 -55.15 25.55 7.67
CA MET B 519 -55.47 24.62 8.74
C MET B 519 -56.93 24.75 9.15
N ALA B 520 -57.58 23.60 9.39
CA ALA B 520 -58.95 23.59 9.86
C ALA B 520 -58.96 23.75 11.37
N VAL B 521 -59.46 24.88 11.85
CA VAL B 521 -59.50 25.16 13.28
C VAL B 521 -60.66 24.44 13.94
N GLU C 3 -3.12 -33.81 8.42
CA GLU C 3 -2.78 -32.55 9.07
C GLU C 3 -3.07 -31.37 8.15
N LYS C 4 -3.64 -30.30 8.71
CA LYS C 4 -3.89 -29.07 7.99
C LYS C 4 -3.63 -27.89 8.92
N ASN C 5 -3.86 -26.68 8.42
CA ASN C 5 -3.49 -25.47 9.12
C ASN C 5 -4.61 -25.01 10.05
N VAL C 6 -4.21 -24.45 11.19
CA VAL C 6 -5.14 -23.93 12.18
C VAL C 6 -4.67 -22.53 12.54
N SER C 7 -5.45 -21.53 12.15
CA SER C 7 -5.10 -20.13 12.36
C SER C 7 -6.10 -19.46 13.28
N ILE C 8 -5.65 -18.41 13.97
CA ILE C 8 -6.49 -17.60 14.84
C ILE C 8 -6.75 -16.26 14.16
N VAL C 9 -8.01 -15.85 14.13
CA VAL C 9 -8.40 -14.51 13.69
C VAL C 9 -9.00 -13.78 14.89
N VAL C 10 -8.49 -12.59 15.17
CA VAL C 10 -8.93 -11.84 16.35
C VAL C 10 -8.66 -10.37 16.09
N ALA C 11 -9.49 -9.51 16.69
CA ALA C 11 -9.28 -8.05 16.69
C ALA C 11 -9.25 -7.58 18.13
N ALA C 12 -8.07 -7.21 18.61
CA ALA C 12 -7.88 -6.78 19.98
C ALA C 12 -7.32 -5.36 20.03
N SER C 13 -7.53 -4.71 21.17
CA SER C 13 -7.02 -3.37 21.37
C SER C 13 -5.49 -3.38 21.48
N VAL C 14 -4.89 -2.21 21.35
CA VAL C 14 -3.45 -2.14 21.13
C VAL C 14 -2.65 -2.42 22.42
N LEU C 15 -3.18 -2.05 23.59
CA LEU C 15 -2.43 -2.19 24.83
C LEU C 15 -2.93 -3.35 25.69
N SER C 16 -4.19 -3.30 26.14
CA SER C 16 -4.72 -4.32 27.03
C SER C 16 -5.30 -5.52 26.31
N SER C 17 -5.39 -5.47 24.98
CA SER C 17 -5.87 -6.59 24.16
C SER C 17 -7.32 -6.95 24.50
N GLY C 18 -8.19 -5.94 24.46
CA GLY C 18 -9.61 -6.15 24.70
C GLY C 18 -10.34 -6.44 23.40
N ILE C 19 -11.30 -7.36 23.47
CA ILE C 19 -11.97 -7.83 22.25
C ILE C 19 -13.50 -7.70 22.36
N GLY C 20 -14.01 -7.41 23.54
CA GLY C 20 -15.46 -7.37 23.70
C GLY C 20 -15.92 -6.63 24.93
N ILE C 21 -17.22 -6.32 24.93
CA ILE C 21 -17.87 -5.65 26.05
C ILE C 21 -19.38 -5.92 25.98
N ASN C 22 -19.94 -6.47 27.06
CA ASN C 22 -21.39 -6.71 27.16
C ASN C 22 -21.92 -7.53 25.98
N GLY C 23 -21.18 -8.58 25.63
CA GLY C 23 -21.62 -9.49 24.57
C GLY C 23 -21.54 -8.94 23.17
N GLN C 24 -20.77 -7.88 22.95
CA GLN C 24 -20.60 -7.32 21.61
C GLN C 24 -19.22 -6.69 21.52
N LEU C 25 -18.88 -6.24 20.31
CA LEU C 25 -17.57 -5.64 20.08
C LEU C 25 -17.49 -4.26 20.71
N PRO C 26 -16.29 -3.81 21.11
CA PRO C 26 -16.13 -2.45 21.62
C PRO C 26 -16.09 -1.38 20.55
N TRP C 27 -16.24 -1.75 19.28
CA TRP C 27 -16.11 -0.82 18.18
C TRP C 27 -16.96 -1.31 17.01
N SER C 28 -16.98 -0.51 15.93
CA SER C 28 -17.72 -0.85 14.71
C SER C 28 -16.85 -0.47 13.52
N ILE C 29 -16.08 -1.44 13.02
CA ILE C 29 -15.19 -1.24 11.88
C ILE C 29 -15.62 -2.22 10.79
N SER C 30 -16.23 -1.71 9.72
CA SER C 30 -16.74 -2.58 8.67
C SER C 30 -15.60 -3.21 7.87
N GLU C 31 -14.50 -2.48 7.69
CA GLU C 31 -13.36 -3.04 6.95
C GLU C 31 -12.71 -4.19 7.71
N ASP C 32 -12.81 -4.19 9.04
CA ASP C 32 -12.27 -5.30 9.82
C ASP C 32 -13.08 -6.57 9.61
N LEU C 33 -14.41 -6.44 9.51
CA LEU C 33 -15.25 -7.60 9.24
C LEU C 33 -14.98 -8.15 7.85
N LYS C 34 -14.75 -7.26 6.86
CA LYS C 34 -14.43 -7.72 5.52
C LYS C 34 -13.14 -8.52 5.49
N PHE C 35 -12.17 -8.13 6.33
CA PHE C 35 -10.95 -8.92 6.46
C PHE C 35 -11.26 -10.31 7.01
N PHE C 36 -12.13 -10.39 8.02
CA PHE C 36 -12.53 -11.68 8.56
C PHE C 36 -13.19 -12.54 7.48
N SER C 37 -13.97 -11.94 6.60
CA SER C 37 -14.63 -12.71 5.54
C SER C 37 -13.62 -13.26 4.55
N LYS C 38 -12.74 -12.41 4.05
CA LYS C 38 -11.82 -12.85 2.99
C LYS C 38 -10.74 -13.78 3.54
N ILE C 39 -10.35 -13.61 4.80
CA ILE C 39 -9.31 -14.46 5.36
C ILE C 39 -9.87 -15.84 5.69
N THR C 40 -11.18 -15.95 5.97
CA THR C 40 -11.80 -17.22 6.28
C THR C 40 -12.43 -17.90 5.07
N ASN C 41 -12.66 -17.17 3.98
CA ASN C 41 -13.14 -17.75 2.73
C ASN C 41 -12.00 -18.13 1.80
N ASN C 42 -10.77 -17.73 2.12
CA ASN C 42 -9.63 -18.00 1.25
C ASN C 42 -9.28 -19.47 1.26
N LYS C 43 -9.36 -20.11 0.09
CA LYS C 43 -9.12 -21.54 -0.03
C LYS C 43 -8.62 -21.84 -1.43
N CYS C 44 -8.24 -23.11 -1.64
CA CYS C 44 -7.80 -23.61 -2.94
C CYS C 44 -8.79 -24.56 -3.58
N ASP C 45 -9.22 -25.59 -2.85
CA ASP C 45 -10.12 -26.61 -3.37
C ASP C 45 -11.54 -26.06 -3.44
N SER C 46 -12.13 -26.04 -4.64
CA SER C 46 -13.48 -25.54 -4.81
C SER C 46 -14.52 -26.44 -4.15
N ASN C 47 -14.21 -27.72 -3.93
CA ASN C 47 -15.13 -28.65 -3.30
C ASN C 47 -14.90 -28.78 -1.79
N LYS C 48 -14.21 -27.81 -1.19
CA LYS C 48 -13.94 -27.83 0.25
C LYS C 48 -14.34 -26.49 0.85
N LYS C 49 -14.55 -26.50 2.17
CA LYS C 49 -14.92 -25.32 2.92
C LYS C 49 -14.02 -25.18 4.13
N ASN C 50 -13.97 -23.98 4.68
CA ASN C 50 -13.17 -23.70 5.87
C ASN C 50 -14.06 -23.74 7.10
N ALA C 51 -13.49 -24.21 8.21
CA ALA C 51 -14.22 -24.36 9.47
C ALA C 51 -13.84 -23.23 10.41
N LEU C 52 -14.86 -22.55 10.96
CA LEU C 52 -14.67 -21.45 11.90
C LEU C 52 -15.16 -21.93 13.27
N ILE C 53 -14.22 -22.12 14.19
CA ILE C 53 -14.53 -22.58 15.54
C ILE C 53 -14.79 -21.37 16.42
N MET C 54 -15.88 -21.40 17.17
CA MET C 54 -16.22 -20.30 18.07
C MET C 54 -16.97 -20.83 19.28
N GLY C 55 -16.96 -20.03 20.35
CA GLY C 55 -17.69 -20.37 21.54
C GLY C 55 -19.17 -20.00 21.44
N ARG C 56 -19.93 -20.47 22.43
CA ARG C 56 -21.38 -20.26 22.41
C ARG C 56 -21.73 -18.79 22.58
N LYS C 57 -21.12 -18.13 23.57
CA LYS C 57 -21.41 -16.71 23.78
C LYS C 57 -21.03 -15.87 22.56
N THR C 58 -20.01 -16.30 21.81
CA THR C 58 -19.71 -15.65 20.54
C THR C 58 -20.74 -16.02 19.49
N TRP C 59 -21.20 -17.27 19.49
CA TRP C 59 -22.24 -17.71 18.57
C TRP C 59 -23.53 -16.93 18.79
N ASP C 60 -23.80 -16.51 20.03
CA ASP C 60 -24.98 -15.67 20.28
C ASP C 60 -24.78 -14.26 19.77
N SER C 61 -23.55 -13.74 19.81
CA SER C 61 -23.29 -12.36 19.41
C SER C 61 -23.48 -12.15 17.91
N ILE C 62 -23.39 -13.20 17.11
CA ILE C 62 -23.60 -13.09 15.67
C ILE C 62 -25.01 -13.54 15.27
N GLY C 63 -25.93 -13.60 16.23
CA GLY C 63 -27.32 -13.88 15.93
C GLY C 63 -27.68 -15.33 15.68
N ARG C 64 -26.76 -16.26 15.97
CA ARG C 64 -26.99 -17.68 15.75
C ARG C 64 -27.37 -17.98 14.30
N ARG C 65 -26.74 -17.26 13.36
CA ARG C 65 -27.00 -17.50 11.96
C ARG C 65 -25.71 -17.86 11.22
N PRO C 66 -25.77 -18.78 10.25
CA PRO C 66 -24.55 -19.27 9.62
C PRO C 66 -23.91 -18.22 8.72
N LEU C 67 -22.66 -18.49 8.36
CA LEU C 67 -21.89 -17.65 7.46
C LEU C 67 -21.76 -18.36 6.11
N LYS C 68 -21.96 -17.60 5.03
CA LYS C 68 -22.02 -18.19 3.70
C LYS C 68 -20.69 -18.85 3.35
N ASN C 69 -20.78 -20.03 2.72
CA ASN C 69 -19.65 -20.80 2.20
C ASN C 69 -18.71 -21.31 3.27
N ARG C 70 -19.08 -21.22 4.55
CA ARG C 70 -18.23 -21.65 5.65
C ARG C 70 -19.05 -22.47 6.64
N ILE C 71 -18.37 -23.41 7.29
CA ILE C 71 -18.97 -24.25 8.31
C ILE C 71 -18.58 -23.71 9.68
N ILE C 72 -19.58 -23.38 10.49
CA ILE C 72 -19.34 -22.82 11.82
C ILE C 72 -19.38 -23.96 12.83
N VAL C 73 -18.36 -24.02 13.68
CA VAL C 73 -18.26 -25.02 14.74
C VAL C 73 -18.42 -24.31 16.07
N VAL C 74 -19.42 -24.72 16.85
CA VAL C 74 -19.73 -24.08 18.12
C VAL C 74 -19.28 -25.00 19.25
N ILE C 75 -18.54 -24.45 20.19
CA ILE C 75 -18.10 -25.16 21.38
C ILE C 75 -19.06 -24.80 22.50
N SER C 76 -19.84 -25.77 22.97
CA SER C 76 -20.82 -25.53 24.01
C SER C 76 -21.09 -26.83 24.75
N SER C 77 -21.43 -26.69 26.04
CA SER C 77 -21.79 -27.83 26.88
C SER C 77 -23.29 -28.00 27.01
N SER C 78 -24.09 -27.08 26.45
CA SER C 78 -25.53 -27.11 26.59
C SER C 78 -26.27 -27.22 25.26
N LEU C 79 -25.72 -26.68 24.18
CA LEU C 79 -26.43 -26.67 22.91
C LEU C 79 -26.67 -28.11 22.42
N PRO C 80 -27.87 -28.42 21.95
CA PRO C 80 -28.13 -29.77 21.44
C PRO C 80 -27.37 -30.00 20.14
N GLN C 81 -26.82 -31.21 20.01
CA GLN C 81 -26.05 -31.59 18.82
C GLN C 81 -27.01 -31.94 17.68
N ASP C 82 -27.73 -30.92 17.23
CA ASP C 82 -28.67 -31.09 16.13
C ASP C 82 -27.93 -31.28 14.82
N GLU C 83 -28.29 -32.34 14.09
CA GLU C 83 -27.67 -32.65 12.80
C GLU C 83 -28.48 -32.13 11.61
N ALA C 84 -29.48 -31.28 11.87
CA ALA C 84 -30.32 -30.77 10.78
C ALA C 84 -29.56 -29.77 9.93
N ASP C 85 -28.81 -28.86 10.55
CA ASP C 85 -28.07 -27.84 9.82
C ASP C 85 -26.67 -28.34 9.52
N PRO C 86 -26.29 -28.53 8.25
CA PRO C 86 -24.92 -28.98 7.94
C PRO C 86 -23.89 -27.88 8.03
N ASN C 87 -24.29 -26.61 8.05
CA ASN C 87 -23.37 -25.50 8.16
C ASN C 87 -23.11 -25.07 9.60
N VAL C 88 -23.71 -25.75 10.57
CA VAL C 88 -23.52 -25.46 11.99
C VAL C 88 -23.46 -26.79 12.73
N VAL C 89 -22.33 -27.06 13.38
CA VAL C 89 -22.14 -28.29 14.14
C VAL C 89 -21.63 -27.92 15.53
N VAL C 90 -22.02 -28.71 16.53
CA VAL C 90 -21.74 -28.42 17.92
C VAL C 90 -20.89 -29.53 18.50
N PHE C 91 -19.82 -29.15 19.20
CA PHE C 91 -18.96 -30.07 19.93
C PHE C 91 -18.92 -29.67 21.40
N ARG C 92 -18.58 -30.63 22.26
CA ARG C 92 -18.60 -30.40 23.69
C ARG C 92 -17.31 -29.81 24.25
N ASN C 93 -16.21 -29.92 23.52
CA ASN C 93 -14.94 -29.36 23.98
C ASN C 93 -14.06 -29.05 22.77
N LEU C 94 -13.09 -28.16 22.98
CA LEU C 94 -12.24 -27.73 21.88
C LEU C 94 -11.36 -28.85 21.35
N GLU C 95 -10.93 -29.77 22.23
CA GLU C 95 -10.06 -30.86 21.81
C GLU C 95 -10.78 -31.78 20.82
N ASP C 96 -11.98 -32.26 21.19
CA ASP C 96 -12.73 -33.16 20.33
C ASP C 96 -13.13 -32.48 19.02
N SER C 97 -13.32 -31.15 19.04
CA SER C 97 -13.72 -30.45 17.82
C SER C 97 -12.64 -30.50 16.75
N ILE C 98 -11.37 -30.55 17.16
CA ILE C 98 -10.29 -30.63 16.18
C ILE C 98 -10.09 -32.09 15.78
N GLU C 99 -11.14 -32.69 15.24
CA GLU C 99 -11.08 -34.01 14.62
C GLU C 99 -11.00 -33.93 13.11
N ASN C 100 -10.75 -32.73 12.59
CA ASN C 100 -10.77 -32.47 11.16
C ASN C 100 -9.37 -32.50 10.55
N LEU C 101 -8.33 -32.65 11.36
CA LEU C 101 -6.97 -32.65 10.84
C LEU C 101 -6.67 -33.97 10.14
N MET C 102 -6.77 -35.08 10.88
CA MET C 102 -6.50 -36.41 10.36
C MET C 102 -7.72 -37.07 9.74
N ASN C 103 -8.92 -36.49 9.91
CA ASN C 103 -10.14 -37.03 9.33
C ASN C 103 -10.96 -35.89 8.76
N ASP C 104 -12.11 -36.24 8.18
CA ASP C 104 -13.00 -35.28 7.54
C ASP C 104 -12.23 -34.45 6.51
N ASP C 105 -12.00 -35.03 5.33
CA ASP C 105 -11.21 -34.38 4.29
C ASP C 105 -11.98 -33.31 3.54
N SER C 106 -13.23 -33.02 3.92
CA SER C 106 -13.99 -31.96 3.27
C SER C 106 -13.60 -30.58 3.76
N ILE C 107 -12.92 -30.48 4.90
CA ILE C 107 -12.46 -29.22 5.46
C ILE C 107 -11.00 -29.01 5.08
N GLU C 108 -10.69 -27.84 4.52
CA GLU C 108 -9.33 -27.53 4.12
C GLU C 108 -8.55 -26.84 5.23
N ASN C 109 -9.03 -25.69 5.69
CA ASN C 109 -8.36 -24.92 6.73
C ASN C 109 -9.30 -24.72 7.92
N ILE C 110 -8.71 -24.48 9.08
CA ILE C 110 -9.44 -24.30 10.33
C ILE C 110 -9.09 -22.95 10.91
N PHE C 111 -10.11 -22.23 11.38
CA PHE C 111 -9.94 -20.91 11.98
C PHE C 111 -10.59 -20.89 13.35
N VAL C 112 -9.88 -20.33 14.32
CA VAL C 112 -10.38 -20.15 15.69
C VAL C 112 -10.64 -18.67 15.91
N CYS C 113 -11.82 -18.34 16.44
CA CYS C 113 -12.22 -16.95 16.57
C CYS C 113 -13.30 -16.76 17.63
N GLY C 114 -13.33 -17.64 18.62
CA GLY C 114 -14.47 -17.72 19.52
C GLY C 114 -14.30 -17.17 20.92
N GLY C 115 -13.76 -15.96 21.03
CA GLY C 115 -13.71 -15.29 22.32
C GLY C 115 -12.63 -15.81 23.24
N GLU C 116 -12.55 -15.18 24.42
CA GLU C 116 -11.44 -15.42 25.34
C GLU C 116 -11.38 -16.88 25.77
N SER C 117 -12.54 -17.50 26.01
CA SER C 117 -12.55 -18.88 26.48
C SER C 117 -11.93 -19.83 25.46
N ILE C 118 -12.28 -19.65 24.19
CA ILE C 118 -11.75 -20.53 23.15
C ILE C 118 -10.34 -20.12 22.76
N TYR C 119 -10.06 -18.82 22.76
CA TYR C 119 -8.71 -18.35 22.43
C TYR C 119 -7.68 -18.92 23.40
N ARG C 120 -8.00 -18.88 24.69
CA ARG C 120 -7.03 -19.30 25.71
C ARG C 120 -6.75 -20.79 25.64
N ASP C 121 -7.78 -21.61 25.41
CA ASP C 121 -7.58 -23.05 25.35
C ASP C 121 -6.89 -23.48 24.06
N ALA C 122 -7.06 -22.73 22.98
CA ALA C 122 -6.40 -23.09 21.72
C ALA C 122 -4.91 -22.83 21.78
N LEU C 123 -4.49 -21.84 22.56
CA LEU C 123 -3.07 -21.53 22.73
C LEU C 123 -2.44 -22.37 23.83
N LYS C 124 -3.19 -22.64 24.90
CA LYS C 124 -2.67 -23.44 26.02
C LYS C 124 -2.34 -24.85 25.58
N ASP C 125 -3.25 -25.48 24.83
CA ASP C 125 -3.03 -26.84 24.35
C ASP C 125 -2.21 -26.89 23.06
N ASN C 126 -1.73 -25.75 22.58
CA ASN C 126 -0.80 -25.69 21.44
C ASN C 126 -1.44 -26.28 20.18
N PHE C 127 -2.55 -25.66 19.77
CA PHE C 127 -3.26 -26.08 18.56
C PHE C 127 -3.08 -25.11 17.41
N VAL C 128 -2.57 -23.91 17.66
CA VAL C 128 -2.58 -22.82 16.69
C VAL C 128 -1.24 -22.76 15.97
N ASP C 129 -1.29 -22.62 14.65
CA ASP C 129 -0.09 -22.45 13.83
C ASP C 129 0.18 -21.00 13.45
N ARG C 130 -0.86 -20.18 13.38
CA ARG C 130 -0.73 -18.80 12.89
C ARG C 130 -1.79 -17.94 13.55
N ILE C 131 -1.46 -16.67 13.75
CA ILE C 131 -2.36 -15.70 14.39
C ILE C 131 -2.51 -14.50 13.46
N TYR C 132 -3.74 -14.18 13.09
CA TYR C 132 -4.07 -12.95 12.37
C TYR C 132 -4.62 -11.96 13.38
N LEU C 133 -3.84 -10.93 13.72
CA LEU C 133 -4.19 -9.96 14.74
C LEU C 133 -4.53 -8.62 14.09
N THR C 134 -5.64 -8.04 14.51
CA THR C 134 -6.07 -6.71 14.06
C THR C 134 -6.02 -5.79 15.27
N ARG C 135 -4.93 -5.01 15.38
CA ARG C 135 -4.75 -4.11 16.50
C ARG C 135 -5.59 -2.85 16.31
N VAL C 136 -6.43 -2.55 17.30
CA VAL C 136 -7.31 -1.38 17.25
C VAL C 136 -6.79 -0.36 18.27
N ALA C 137 -6.72 0.91 17.84
CA ALA C 137 -6.18 1.98 18.69
C ALA C 137 -7.29 2.60 19.52
N LEU C 138 -7.83 1.77 20.43
CA LEU C 138 -8.87 2.20 21.36
C LEU C 138 -8.57 1.59 22.72
N GLU C 139 -8.34 2.44 23.73
CA GLU C 139 -7.93 1.93 25.03
C GLU C 139 -8.62 2.59 26.22
N ASP C 140 -9.20 3.78 26.08
CA ASP C 140 -9.87 4.42 27.22
C ASP C 140 -11.36 4.13 27.22
N ILE C 141 -11.73 2.87 26.95
CA ILE C 141 -13.09 2.39 27.01
C ILE C 141 -13.12 1.15 27.92
N GLU C 142 -14.31 0.58 28.08
CA GLU C 142 -14.52 -0.52 29.00
C GLU C 142 -14.48 -1.85 28.26
N PHE C 143 -13.72 -2.79 28.79
CA PHE C 143 -13.67 -4.15 28.27
C PHE C 143 -14.05 -5.14 29.37
N ASP C 144 -14.59 -6.29 28.94
CA ASP C 144 -14.89 -7.38 29.86
C ASP C 144 -14.34 -8.73 29.41
N THR C 145 -13.94 -8.88 28.16
CA THR C 145 -13.26 -10.08 27.68
C THR C 145 -12.03 -9.66 26.90
N TYR C 146 -10.89 -10.30 27.19
CA TYR C 146 -9.61 -9.91 26.62
C TYR C 146 -9.02 -11.07 25.82
N PHE C 147 -8.09 -10.73 24.92
CA PHE C 147 -7.33 -11.72 24.18
C PHE C 147 -6.05 -12.06 24.95
N PRO C 148 -5.76 -13.35 25.16
CA PRO C 148 -4.59 -13.71 25.98
C PRO C 148 -3.29 -13.22 25.37
N GLU C 149 -2.30 -12.99 26.24
CA GLU C 149 -1.00 -12.54 25.78
C GLU C 149 -0.38 -13.59 24.86
N ILE C 150 0.13 -13.15 23.72
CA ILE C 150 0.69 -14.05 22.71
C ILE C 150 1.93 -14.73 23.27
N PRO C 151 1.99 -16.06 23.27
CA PRO C 151 3.13 -16.75 23.86
C PRO C 151 4.41 -16.51 23.08
N GLU C 152 5.54 -16.76 23.76
CA GLU C 152 6.86 -16.52 23.19
C GLU C 152 7.17 -17.41 22.00
N THR C 153 6.40 -18.48 21.79
CA THR C 153 6.62 -19.37 20.65
C THR C 153 6.15 -18.77 19.33
N PHE C 154 5.47 -17.63 19.35
CA PHE C 154 5.00 -16.96 18.14
C PHE C 154 5.89 -15.75 17.85
N LEU C 155 6.16 -15.53 16.57
CA LEU C 155 6.94 -14.39 16.13
C LEU C 155 6.20 -13.65 15.02
N PRO C 156 6.18 -12.32 15.07
CA PRO C 156 5.51 -11.55 14.01
C PRO C 156 6.28 -11.63 12.70
N VAL C 157 5.54 -11.84 11.61
CA VAL C 157 6.12 -11.94 10.28
C VAL C 157 5.55 -10.90 9.32
N TYR C 158 4.57 -10.11 9.74
CA TYR C 158 3.96 -9.11 8.87
C TYR C 158 3.28 -8.05 9.73
N MET C 159 3.41 -6.79 9.32
CA MET C 159 2.73 -5.68 9.99
C MET C 159 2.33 -4.68 8.92
N SER C 160 1.02 -4.56 8.68
CA SER C 160 0.51 -3.71 7.61
C SER C 160 0.65 -2.23 7.98
N GLN C 161 0.34 -1.38 7.00
CA GLN C 161 0.24 0.05 7.24
C GLN C 161 -0.95 0.35 8.14
N THR C 162 -0.99 1.58 8.65
CA THR C 162 -2.07 1.98 9.53
C THR C 162 -3.26 2.47 8.69
N PHE C 163 -4.43 1.91 8.98
CA PHE C 163 -5.68 2.27 8.33
C PHE C 163 -6.56 3.07 9.27
N CYS C 164 -7.58 3.71 8.70
CA CYS C 164 -8.47 4.60 9.44
C CYS C 164 -9.92 4.28 9.11
N THR C 165 -10.78 4.32 10.14
CA THR C 165 -12.22 4.15 9.96
C THR C 165 -12.91 4.90 11.09
N LYS C 166 -13.61 5.98 10.74
CA LYS C 166 -14.27 6.84 11.73
C LYS C 166 -13.27 7.35 12.77
N ASN C 167 -12.11 7.80 12.27
CA ASN C 167 -11.02 8.34 13.09
C ASN C 167 -10.43 7.30 14.04
N ILE C 168 -10.55 6.01 13.69
CA ILE C 168 -10.00 4.92 14.49
C ILE C 168 -8.84 4.31 13.70
N SER C 169 -7.66 4.29 14.31
CA SER C 169 -6.47 3.71 13.69
C SER C 169 -6.43 2.21 13.98
N TYR C 170 -6.01 1.44 12.97
CA TYR C 170 -5.87 0.01 13.18
C TYR C 170 -4.87 -0.57 12.19
N ASP C 171 -4.24 -1.67 12.59
CA ASP C 171 -3.23 -2.40 11.82
C ASP C 171 -3.66 -3.84 11.63
N PHE C 172 -2.84 -4.57 10.85
CA PHE C 172 -3.03 -5.99 10.62
C PHE C 172 -1.67 -6.65 10.78
N MET C 173 -1.59 -7.65 11.66
CA MET C 173 -0.35 -8.37 11.90
C MET C 173 -0.56 -9.86 11.71
N ILE C 174 0.53 -10.55 11.40
CA ILE C 174 0.54 -12.00 11.26
C ILE C 174 1.63 -12.55 12.18
N PHE C 175 1.27 -13.53 13.00
CA PHE C 175 2.20 -14.20 13.89
C PHE C 175 2.34 -15.66 13.48
N GLU C 176 3.57 -16.13 13.37
CA GLU C 176 3.86 -17.52 13.05
C GLU C 176 4.57 -18.17 14.23
N LYS C 177 4.32 -19.46 14.42
CA LYS C 177 4.96 -20.22 15.49
C LYS C 177 6.20 -20.88 14.92
N GLN C 178 7.37 -20.48 15.42
CA GLN C 178 8.62 -21.01 14.90
C GLN C 178 8.87 -22.42 15.42
N GLU C 179 9.43 -23.26 14.56
CA GLU C 179 9.71 -24.66 14.90
C GLU C 179 11.18 -25.00 14.66
N LEU C 193 17.12 -16.36 -4.53
CA LEU C 193 17.43 -17.71 -5.00
C LEU C 193 18.30 -18.46 -4.00
N LYS C 194 19.41 -19.00 -4.50
CA LYS C 194 20.32 -19.78 -3.67
C LYS C 194 21.77 -19.48 -4.06
N SER C 195 22.08 -19.62 -5.35
CA SER C 195 23.43 -19.41 -5.84
C SER C 195 23.73 -17.95 -6.15
N ILE C 196 22.72 -17.07 -6.11
CA ILE C 196 22.97 -15.66 -6.35
C ILE C 196 23.63 -15.01 -5.14
N ASP C 197 23.16 -15.36 -3.94
CA ASP C 197 23.73 -14.78 -2.73
C ASP C 197 25.19 -15.19 -2.55
N ASP C 198 25.55 -16.40 -2.98
CA ASP C 198 26.94 -16.85 -2.86
C ASP C 198 27.85 -16.06 -3.79
N THR C 199 27.42 -15.86 -5.04
CA THR C 199 28.24 -15.12 -6.00
C THR C 199 28.43 -13.67 -5.56
N VAL C 200 27.41 -13.07 -4.93
CA VAL C 200 27.56 -11.71 -4.44
C VAL C 200 28.53 -11.67 -3.26
N ASP C 201 28.49 -12.70 -2.40
CA ASP C 201 29.42 -12.76 -1.28
C ASP C 201 30.86 -12.91 -1.77
N LEU C 202 31.08 -13.76 -2.79
CA LEU C 202 32.41 -13.92 -3.33
C LEU C 202 32.93 -12.63 -3.95
N LEU C 203 32.06 -11.93 -4.70
CA LEU C 203 32.46 -10.63 -5.23
C LEU C 203 32.71 -9.62 -4.12
N GLY C 204 32.01 -9.74 -2.99
CA GLY C 204 32.26 -8.87 -1.85
C GLY C 204 33.56 -9.17 -1.14
N GLU C 205 34.07 -10.38 -1.27
CA GLU C 205 35.39 -10.71 -0.74
C GLU C 205 36.48 -10.22 -1.67
N ILE C 206 36.27 -10.37 -2.98
CA ILE C 206 37.26 -9.92 -3.97
C ILE C 206 37.38 -8.40 -3.93
N PHE C 207 36.30 -7.69 -4.25
CA PHE C 207 36.26 -6.24 -4.13
C PHE C 207 35.79 -5.90 -2.72
N GLY C 208 36.62 -5.17 -1.99
CA GLY C 208 36.26 -4.79 -0.64
C GLY C 208 35.24 -3.66 -0.67
N ILE C 209 35.73 -2.43 -0.53
CA ILE C 209 34.86 -1.26 -0.62
C ILE C 209 34.69 -0.80 -2.06
N ARG C 210 35.26 -1.53 -3.02
CA ARG C 210 35.05 -1.20 -4.42
C ARG C 210 33.67 -1.60 -4.90
N LYS C 211 33.07 -2.62 -4.28
CA LYS C 211 31.71 -3.05 -4.63
C LYS C 211 30.72 -2.25 -3.79
N MET C 212 29.84 -1.52 -4.46
CA MET C 212 28.93 -0.60 -3.77
C MET C 212 28.06 -1.31 -2.76
N GLY C 213 27.76 -2.59 -2.98
CA GLY C 213 26.97 -3.34 -2.01
C GLY C 213 27.63 -3.39 -0.64
N ASN C 214 28.96 -3.44 -0.59
CA ASN C 214 29.66 -3.46 0.69
C ASN C 214 29.61 -2.13 1.41
N ARG C 215 29.33 -1.04 0.69
CA ARG C 215 29.15 0.27 1.32
C ARG C 215 27.74 0.46 1.87
N HIS C 216 26.81 -0.44 1.51
CA HIS C 216 25.44 -0.41 2.03
C HIS C 216 25.09 -1.80 2.56
N LYS C 217 25.82 -2.24 3.59
CA LYS C 217 25.59 -3.57 4.14
C LYS C 217 24.26 -3.64 4.86
N PHE C 218 23.58 -4.77 4.72
CA PHE C 218 22.31 -4.95 5.41
C PHE C 218 22.53 -4.99 6.92
N PRO C 219 21.68 -4.31 7.69
CA PRO C 219 21.91 -4.25 9.14
C PRO C 219 21.86 -5.62 9.80
N LYS C 220 22.72 -5.81 10.79
CA LYS C 220 22.73 -7.05 11.55
C LYS C 220 21.48 -7.17 12.41
N GLU C 221 21.18 -8.41 12.81
CA GLU C 221 19.97 -8.67 13.58
C GLU C 221 19.96 -7.92 14.91
N GLU C 222 21.14 -7.69 15.50
CA GLU C 222 21.21 -7.05 16.80
C GLU C 222 20.76 -5.59 16.76
N ILE C 223 20.71 -4.98 15.58
CA ILE C 223 20.29 -3.59 15.45
C ILE C 223 19.09 -3.45 14.51
N TYR C 224 18.41 -4.55 14.22
CA TYR C 224 17.24 -4.54 13.35
C TYR C 224 15.98 -4.62 14.21
N ASN C 225 15.09 -3.64 14.05
CA ASN C 225 13.89 -3.57 14.89
C ASN C 225 12.91 -4.67 14.48
N THR C 226 12.55 -5.53 15.45
CA THR C 226 11.69 -6.68 15.21
C THR C 226 12.19 -7.47 14.01
N PRO C 227 13.34 -8.14 14.14
CA PRO C 227 13.96 -8.76 12.96
C PRO C 227 13.21 -9.96 12.41
N SER C 228 12.19 -10.46 13.11
CA SER C 228 11.42 -11.59 12.61
C SER C 228 10.52 -11.19 11.45
N ILE C 229 10.15 -9.91 11.35
CA ILE C 229 9.38 -9.39 10.22
C ILE C 229 10.35 -9.09 9.08
N ARG C 230 10.57 -10.08 8.22
CA ARG C 230 11.56 -9.94 7.16
C ARG C 230 10.93 -9.48 5.85
N PHE C 231 9.82 -10.09 5.44
CA PHE C 231 9.20 -9.79 4.16
C PHE C 231 7.95 -8.91 4.28
N GLY C 232 7.54 -8.56 5.49
CA GLY C 232 6.30 -7.82 5.67
C GLY C 232 6.44 -6.54 6.45
N ARG C 233 7.46 -5.74 6.12
CA ARG C 233 7.70 -4.47 6.80
C ARG C 233 6.93 -3.34 6.10
N GLU C 234 5.60 -3.49 6.10
CA GLU C 234 4.75 -2.55 5.39
C GLU C 234 4.49 -1.29 6.20
N HIS C 235 4.37 -1.41 7.52
CA HIS C 235 4.16 -0.26 8.38
C HIS C 235 5.25 0.78 8.15
N TYR C 236 4.84 2.00 7.83
CA TYR C 236 5.77 3.01 7.36
C TYR C 236 6.59 3.63 8.49
N GLU C 237 6.40 3.23 9.73
CA GLU C 237 7.35 3.61 10.76
C GLU C 237 8.67 2.87 10.57
N PHE C 238 8.65 1.71 9.90
CA PHE C 238 9.88 1.01 9.56
C PHE C 238 10.76 1.83 8.62
N GLN C 239 10.16 2.75 7.86
CA GLN C 239 10.93 3.63 6.99
C GLN C 239 11.90 4.50 7.78
N TYR C 240 11.61 4.74 9.06
CA TYR C 240 12.48 5.47 9.97
C TYR C 240 13.34 4.56 10.83
N LEU C 241 12.76 3.47 11.35
CA LEU C 241 13.53 2.56 12.20
C LEU C 241 14.61 1.85 11.40
N ASP C 242 14.32 1.49 10.15
CA ASP C 242 15.33 0.82 9.32
C ASP C 242 16.41 1.79 8.85
N LEU C 243 16.12 3.09 8.81
CA LEU C 243 17.17 4.07 8.53
C LEU C 243 18.15 4.16 9.70
N LEU C 244 17.65 4.08 10.93
CA LEU C 244 18.53 4.00 12.09
C LEU C 244 19.42 2.77 12.00
N SER C 245 18.86 1.64 11.60
CA SER C 245 19.63 0.41 11.50
C SER C 245 20.73 0.51 10.44
N ARG C 246 20.43 1.15 9.32
CA ARG C 246 21.42 1.29 8.27
C ARG C 246 22.55 2.23 8.70
N VAL C 247 22.25 3.23 9.52
CA VAL C 247 23.29 4.13 10.01
C VAL C 247 24.19 3.42 11.01
N LEU C 248 23.60 2.67 11.94
CA LEU C 248 24.40 1.92 12.91
C LEU C 248 25.30 0.90 12.24
N GLU C 249 24.94 0.43 11.05
CA GLU C 249 25.72 -0.60 10.37
C GLU C 249 26.81 -0.02 9.48
N ASN C 250 26.53 1.10 8.79
CA ASN C 250 27.45 1.66 7.81
C ASN C 250 27.92 3.07 8.12
N GLY C 251 27.50 3.65 9.25
CA GLY C 251 27.83 5.03 9.53
C GLY C 251 29.31 5.20 9.84
N ALA C 252 29.95 6.15 9.17
CA ALA C 252 31.35 6.46 9.40
C ALA C 252 31.48 7.44 10.56
N TYR C 253 32.40 7.15 11.48
CA TYR C 253 32.64 8.03 12.62
C TYR C 253 33.28 9.32 12.12
N ARG C 254 32.57 10.44 12.26
CA ARG C 254 33.01 11.72 11.71
C ARG C 254 32.84 12.84 12.72
N GLU C 255 33.65 13.88 12.57
CA GLU C 255 33.55 15.09 13.38
C GLU C 255 32.63 16.10 12.69
N ASN C 256 32.23 17.12 13.44
CA ASN C 256 31.39 18.18 12.91
C ASN C 256 31.64 19.45 13.72
N ARG C 257 30.86 20.50 13.43
CA ARG C 257 31.08 21.80 14.08
C ARG C 257 30.84 21.74 15.59
N THR C 258 30.07 20.78 16.08
CA THR C 258 29.88 20.61 17.50
C THR C 258 30.93 19.67 18.08
N GLY C 259 31.01 19.64 19.40
CA GLY C 259 31.95 18.74 20.05
C GLY C 259 31.56 17.29 20.10
N ILE C 260 30.43 16.92 19.50
CA ILE C 260 29.89 15.57 19.58
C ILE C 260 29.93 14.95 18.19
N SER C 261 30.73 13.90 18.03
CA SER C 261 30.87 13.26 16.74
C SER C 261 29.64 12.42 16.42
N THR C 262 29.48 12.08 15.14
CA THR C 262 28.34 11.32 14.66
C THR C 262 28.81 10.13 13.82
N TYR C 263 27.88 9.22 13.58
CA TYR C 263 28.02 8.16 12.57
C TYR C 263 27.10 8.53 11.42
N SER C 264 27.68 8.78 10.24
CA SER C 264 26.96 9.44 9.16
C SER C 264 27.01 8.62 7.88
N ILE C 265 25.89 8.56 7.17
CA ILE C 265 25.82 8.06 5.80
C ILE C 265 25.14 9.14 4.94
N PHE C 266 25.26 8.98 3.63
CA PHE C 266 24.83 10.00 2.68
C PHE C 266 23.90 9.41 1.64
N GLY C 267 22.74 10.03 1.45
CA GLY C 267 21.79 9.60 0.45
C GLY C 267 20.79 8.57 0.94
N GLN C 268 19.77 9.02 1.67
CA GLN C 268 18.76 8.14 2.20
C GLN C 268 17.39 8.79 2.07
N MET C 269 16.34 7.96 2.04
CA MET C 269 14.97 8.44 1.93
C MET C 269 14.05 7.56 2.76
N MET C 270 12.83 8.05 2.95
CA MET C 270 11.79 7.29 3.63
C MET C 270 10.43 7.89 3.30
N ARG C 271 9.46 7.03 2.97
CA ARG C 271 8.12 7.46 2.61
C ARG C 271 7.16 7.24 3.76
N PHE C 272 6.10 8.05 3.78
CA PHE C 272 5.05 7.93 4.78
C PHE C 272 3.70 8.16 4.11
N ASP C 273 2.69 7.42 4.57
CA ASP C 273 1.33 7.66 4.14
C ASP C 273 0.66 8.66 5.07
N MET C 274 -0.14 9.55 4.49
CA MET C 274 -0.92 10.51 5.26
C MET C 274 -2.41 10.41 4.99
N ARG C 275 -2.83 9.49 4.10
CA ARG C 275 -4.25 9.35 3.80
C ARG C 275 -4.99 8.68 4.96
N GLU C 276 -4.48 7.55 5.43
CA GLU C 276 -5.14 6.75 6.46
C GLU C 276 -4.51 6.89 7.84
N SER C 277 -3.45 7.69 7.98
CA SER C 277 -2.76 7.81 9.27
C SER C 277 -1.94 9.08 9.28
N PHE C 278 -1.31 9.34 10.43
CA PHE C 278 -0.44 10.50 10.61
C PHE C 278 0.93 10.01 11.06
N PRO C 279 2.01 10.31 10.34
CA PRO C 279 3.32 9.73 10.68
C PRO C 279 3.94 10.32 11.94
N LEU C 280 3.34 10.06 13.09
CA LEU C 280 3.92 10.42 14.38
C LEU C 280 4.44 9.15 15.04
N LEU C 281 5.74 9.11 15.32
CA LEU C 281 6.37 7.87 15.77
C LEU C 281 5.74 7.36 17.06
N THR C 282 5.52 6.05 17.11
CA THR C 282 4.94 5.40 18.27
C THR C 282 5.98 4.73 19.16
N THR C 283 7.16 4.40 18.62
CA THR C 283 8.22 3.80 19.42
C THR C 283 8.82 4.77 20.43
N LYS C 284 8.33 6.01 20.47
CA LYS C 284 8.80 7.02 21.39
C LYS C 284 7.76 8.15 21.44
N LYS C 285 7.43 8.62 22.64
CA LYS C 285 6.46 9.68 22.80
C LYS C 285 7.04 10.98 22.25
N VAL C 286 6.53 11.43 21.11
CA VAL C 286 7.03 12.64 20.46
C VAL C 286 6.20 13.83 20.92
N ALA C 287 6.88 14.94 21.24
CA ALA C 287 6.22 16.16 21.69
C ALA C 287 5.54 16.84 20.50
N ILE C 288 4.33 16.39 20.20
CA ILE C 288 3.60 16.89 19.04
C ILE C 288 3.26 18.36 19.21
N ARG C 289 3.03 18.82 20.45
CA ARG C 289 2.68 20.22 20.67
C ARG C 289 3.81 21.15 20.28
N SER C 290 5.06 20.80 20.65
CA SER C 290 6.19 21.63 20.28
C SER C 290 6.43 21.63 18.79
N ILE C 291 6.12 20.52 18.11
CA ILE C 291 6.26 20.45 16.66
C ILE C 291 5.34 21.46 15.99
N PHE C 292 4.08 21.50 16.43
CA PHE C 292 3.11 22.42 15.84
C PHE C 292 3.51 23.87 16.09
N GLU C 293 3.83 24.21 17.34
CA GLU C 293 4.15 25.60 17.67
C GLU C 293 5.36 26.09 16.90
N GLU C 294 6.27 25.18 16.53
CA GLU C 294 7.38 25.57 15.66
C GLU C 294 6.91 25.80 14.24
N LEU C 295 6.00 24.96 13.74
CA LEU C 295 5.53 25.08 12.36
C LEU C 295 4.69 26.34 12.18
N ILE C 296 3.77 26.62 13.12
CA ILE C 296 3.00 27.86 13.02
C ILE C 296 3.90 29.06 13.25
N TRP C 297 5.01 28.87 13.96
CA TRP C 297 5.99 29.94 14.12
C TRP C 297 6.67 30.26 12.80
N PHE C 298 6.90 29.24 11.98
CA PHE C 298 7.44 29.46 10.63
C PHE C 298 6.42 30.14 9.73
N ILE C 299 5.18 29.64 9.73
CA ILE C 299 4.17 30.12 8.80
C ILE C 299 3.91 31.60 9.02
N LYS C 300 3.84 32.02 10.29
CA LYS C 300 3.61 33.43 10.61
C LYS C 300 4.77 34.33 10.20
N GLY C 301 5.85 33.76 9.68
CA GLY C 301 7.00 34.54 9.26
C GLY C 301 7.91 34.97 10.38
N ASP C 302 7.86 34.29 11.52
CA ASP C 302 8.48 34.79 12.74
C ASP C 302 9.87 34.20 12.93
N THR C 303 10.81 35.06 13.30
CA THR C 303 12.15 34.64 13.68
C THR C 303 12.46 34.97 15.13
N ASN C 304 11.51 35.53 15.87
CA ASN C 304 11.70 35.85 17.28
C ASN C 304 11.70 34.56 18.10
N GLY C 305 12.86 34.20 18.65
CA GLY C 305 12.96 32.99 19.45
C GLY C 305 12.33 33.08 20.81
N ASN C 306 12.00 34.28 21.28
CA ASN C 306 11.34 34.40 22.58
C ASN C 306 9.89 33.97 22.50
N HIS C 307 9.25 34.14 21.33
CA HIS C 307 7.85 33.74 21.18
C HIS C 307 7.66 32.24 21.36
N LEU C 308 8.70 31.44 21.16
CA LEU C 308 8.60 30.01 21.42
C LEU C 308 8.88 29.68 22.88
N ILE C 309 9.83 30.39 23.50
CA ILE C 309 10.09 30.17 24.93
C ILE C 309 8.93 30.65 25.77
N GLU C 310 8.21 31.69 25.31
CA GLU C 310 7.03 32.16 26.02
C GLU C 310 5.92 31.11 25.99
N LYS C 311 5.90 30.26 24.96
CA LYS C 311 4.94 29.17 24.85
C LYS C 311 5.52 27.84 25.31
N LYS C 312 6.59 27.88 26.12
CA LYS C 312 7.20 26.69 26.71
C LYS C 312 7.71 25.73 25.64
N VAL C 313 8.40 26.28 24.64
CA VAL C 313 9.06 25.52 23.59
C VAL C 313 10.52 25.93 23.57
N TYR C 314 11.40 25.05 24.02
CA TYR C 314 12.80 25.39 24.23
C TYR C 314 13.72 24.72 23.21
N ILE C 315 13.21 24.38 22.03
CA ILE C 315 14.03 23.69 21.03
C ILE C 315 15.01 24.64 20.35
N TRP C 316 14.73 25.93 20.30
CA TRP C 316 15.63 26.90 19.70
C TRP C 316 16.38 27.73 20.73
N SER C 317 16.49 27.23 21.96
CA SER C 317 17.23 27.95 23.00
C SER C 317 18.73 27.77 22.83
N GLY C 318 19.17 26.55 22.46
CA GLY C 318 20.59 26.30 22.32
C GLY C 318 21.21 27.11 21.20
N ASN C 319 20.56 27.15 20.05
CA ASN C 319 21.05 27.92 18.90
C ASN C 319 20.67 29.40 18.98
N GLY C 320 20.15 29.84 20.12
CA GLY C 320 19.79 31.24 20.30
C GLY C 320 20.15 31.79 21.67
N SER C 321 21.37 31.54 22.11
CA SER C 321 21.87 32.09 23.36
C SER C 321 22.95 33.11 23.07
N LYS C 322 23.18 34.00 24.05
CA LYS C 322 24.20 35.03 23.88
C LYS C 322 25.58 34.42 23.66
N GLU C 323 25.86 33.30 24.34
CA GLU C 323 27.15 32.65 24.19
C GLU C 323 27.31 32.02 22.81
N TYR C 324 26.26 31.33 22.32
CA TYR C 324 26.35 30.67 21.03
C TYR C 324 26.40 31.68 19.89
N LEU C 325 25.64 32.76 20.00
CA LEU C 325 25.58 33.75 18.93
C LEU C 325 26.91 34.46 18.76
N GLU C 326 27.62 34.71 19.87
CA GLU C 326 28.94 35.34 19.77
C GLU C 326 29.96 34.41 19.12
N ARG C 327 29.82 33.09 19.30
CA ARG C 327 30.79 32.16 18.74
C ARG C 327 30.76 32.17 17.22
N ILE C 328 29.58 32.22 16.62
CA ILE C 328 29.46 32.16 15.16
C ILE C 328 29.51 33.57 14.58
N GLY C 329 29.85 34.55 15.42
CA GLY C 329 30.06 35.90 14.93
C GLY C 329 28.81 36.76 14.82
N LEU C 330 27.78 36.48 15.63
CA LEU C 330 26.56 37.25 15.64
C LEU C 330 26.29 37.84 17.02
N GLY C 331 27.34 38.30 17.69
CA GLY C 331 27.20 38.86 19.02
C GLY C 331 26.45 40.18 19.07
N HIS C 332 26.21 40.80 17.92
CA HIS C 332 25.48 42.06 17.86
C HIS C 332 23.97 41.87 17.95
N ARG C 333 23.49 40.64 17.92
CA ARG C 333 22.07 40.36 17.95
C ARG C 333 21.57 40.24 19.39
N GLU C 334 20.25 40.28 19.54
CA GLU C 334 19.63 40.09 20.84
C GLU C 334 19.81 38.65 21.30
N GLU C 335 19.18 38.32 22.43
CA GLU C 335 19.34 36.98 23.01
C GLU C 335 18.89 35.90 22.04
N ASN C 336 17.64 35.98 21.58
CA ASN C 336 17.07 34.94 20.74
C ASN C 336 16.78 35.42 19.31
N ASP C 337 17.53 36.41 18.84
CA ASP C 337 17.37 36.90 17.47
C ASP C 337 18.02 35.89 16.52
N LEU C 338 17.23 34.93 16.08
CA LEU C 338 17.77 33.84 15.26
C LEU C 338 18.11 34.26 13.84
N GLY C 339 17.74 35.47 13.42
CA GLY C 339 18.04 35.94 12.09
C GLY C 339 17.10 35.38 11.05
N PRO C 340 17.34 35.69 9.78
CA PRO C 340 16.44 35.23 8.72
C PRO C 340 16.55 33.74 8.44
N ILE C 341 15.64 32.95 8.99
CA ILE C 341 15.71 31.50 8.90
C ILE C 341 14.42 30.98 8.29
N TYR C 342 14.06 29.73 8.58
CA TYR C 342 12.75 29.23 8.21
C TYR C 342 11.67 30.22 8.57
N GLY C 343 10.76 30.47 7.63
CA GLY C 343 9.69 31.41 7.81
C GLY C 343 10.04 32.85 7.51
N PHE C 344 11.31 33.18 7.34
CA PHE C 344 11.65 34.46 6.76
C PHE C 344 12.02 34.33 5.29
N GLN C 345 12.55 33.17 4.89
CA GLN C 345 12.66 32.85 3.47
C GLN C 345 11.36 32.33 2.91
N TRP C 346 10.43 31.89 3.78
CA TRP C 346 9.12 31.45 3.34
C TRP C 346 8.22 32.61 2.98
N ARG C 347 8.26 33.69 3.78
CA ARG C 347 7.36 34.81 3.60
C ARG C 347 8.02 36.08 3.08
N HIS C 348 9.33 36.23 3.25
CA HIS C 348 10.06 37.42 2.82
C HIS C 348 11.41 37.02 2.24
N TYR C 349 11.38 36.19 1.20
CA TYR C 349 12.62 35.73 0.58
C TYR C 349 13.38 36.89 -0.04
N ASN C 350 14.70 36.89 0.16
CA ASN C 350 15.59 37.96 -0.30
C ASN C 350 15.26 39.31 0.34
N GLY C 351 14.58 39.30 1.48
CA GLY C 351 14.26 40.54 2.16
C GLY C 351 15.42 41.01 3.02
N GLU C 352 15.66 42.31 3.01
CA GLU C 352 16.75 42.89 3.79
C GLU C 352 16.42 42.73 5.27
N TYR C 353 17.05 41.75 5.91
CA TYR C 353 16.81 41.50 7.31
C TYR C 353 17.55 42.52 8.17
N LYS C 354 16.87 43.03 9.19
CA LYS C 354 17.48 43.96 10.13
C LYS C 354 17.54 43.36 11.51
N THR C 355 16.44 43.40 12.26
CA THR C 355 16.33 42.78 13.57
C THR C 355 15.06 41.96 13.65
N MET C 356 14.86 41.32 14.81
CA MET C 356 13.69 40.48 15.06
C MET C 356 12.44 41.29 15.39
N HIS C 357 12.58 42.59 15.65
CA HIS C 357 11.45 43.44 16.01
C HIS C 357 10.90 44.27 14.86
N ASP C 358 11.62 44.37 13.76
CA ASP C 358 11.17 45.21 12.65
C ASP C 358 9.94 44.59 11.98
N ASP C 359 9.24 45.43 11.22
CA ASP C 359 8.05 45.01 10.49
C ASP C 359 8.45 44.71 9.05
N TYR C 360 8.33 43.45 8.64
CA TYR C 360 8.73 43.01 7.31
C TYR C 360 7.52 42.74 6.41
N THR C 361 6.35 43.27 6.76
CA THR C 361 5.16 43.05 5.96
C THR C 361 5.32 43.71 4.60
N GLY C 362 5.23 42.91 3.53
CA GLY C 362 5.33 43.39 2.18
C GLY C 362 6.71 43.28 1.55
N VAL C 363 7.76 43.12 2.36
CA VAL C 363 9.12 43.02 1.85
C VAL C 363 9.42 41.58 1.49
N GLY C 364 10.31 41.39 0.52
CA GLY C 364 10.68 40.06 0.09
C GLY C 364 9.61 39.39 -0.76
N VAL C 365 9.88 38.15 -1.13
CA VAL C 365 8.98 37.34 -1.94
C VAL C 365 8.23 36.39 -1.01
N ASP C 366 6.91 36.50 -1.00
CA ASP C 366 6.06 35.64 -0.19
C ASP C 366 5.87 34.32 -0.93
N GLN C 367 6.73 33.35 -0.61
CA GLN C 367 6.67 32.06 -1.28
C GLN C 367 5.43 31.27 -0.88
N LEU C 368 5.09 31.29 0.41
CA LEU C 368 3.97 30.49 0.89
C LEU C 368 2.66 30.96 0.26
N ALA C 369 2.47 32.27 0.14
CA ALA C 369 1.27 32.79 -0.50
C ALA C 369 1.22 32.39 -1.96
N LYS C 370 2.33 32.59 -2.69
CA LYS C 370 2.38 32.16 -4.10
C LYS C 370 2.23 30.65 -4.22
N LEU C 371 2.69 29.90 -3.23
CA LEU C 371 2.52 28.45 -3.26
C LEU C 371 1.04 28.07 -3.12
N ILE C 372 0.35 28.67 -2.14
CA ILE C 372 -1.06 28.35 -1.93
C ILE C 372 -1.88 28.75 -3.13
N GLU C 373 -1.63 29.93 -3.69
CA GLU C 373 -2.40 30.39 -4.84
C GLU C 373 -2.14 29.52 -6.06
N THR C 374 -0.91 29.05 -6.24
CA THR C 374 -0.60 28.18 -7.36
C THR C 374 -1.19 26.79 -7.17
N LEU C 375 -1.33 26.34 -5.92
CA LEU C 375 -1.83 24.99 -5.67
C LEU C 375 -3.29 24.83 -6.05
N LYS C 376 -4.09 25.90 -5.94
CA LYS C 376 -5.50 25.82 -6.30
C LYS C 376 -5.80 26.36 -7.70
N ASN C 377 -5.00 27.30 -8.20
CA ASN C 377 -5.22 27.82 -9.54
C ASN C 377 -4.59 26.97 -10.63
N ASN C 378 -3.55 26.21 -10.30
CA ASN C 378 -2.88 25.34 -11.27
C ASN C 378 -2.30 24.14 -10.54
N PRO C 379 -3.13 23.13 -10.25
CA PRO C 379 -2.65 22.01 -9.43
C PRO C 379 -1.66 21.11 -10.14
N LYS C 380 -1.82 20.87 -11.44
CA LYS C 380 -0.92 19.98 -12.18
C LYS C 380 0.39 20.66 -12.55
N ASP C 381 0.63 21.87 -12.06
CA ASP C 381 1.90 22.55 -12.28
C ASP C 381 3.02 21.80 -11.59
N ARG C 382 4.19 21.75 -12.24
CA ARG C 382 5.35 21.04 -11.72
C ARG C 382 6.36 21.98 -11.06
N ARG C 383 5.88 23.05 -10.42
CA ARG C 383 6.78 24.04 -9.84
C ARG C 383 6.34 24.48 -8.44
N HIS C 384 5.55 23.67 -7.74
CA HIS C 384 5.08 24.00 -6.39
C HIS C 384 6.23 23.78 -5.41
N ILE C 385 7.13 24.75 -5.35
CA ILE C 385 8.38 24.60 -4.61
C ILE C 385 8.48 25.69 -3.55
N LEU C 386 8.82 25.28 -2.33
CA LEU C 386 9.08 26.18 -1.22
C LEU C 386 10.52 25.95 -0.77
N THR C 387 11.39 26.94 -1.02
CA THR C 387 12.81 26.83 -0.71
C THR C 387 13.14 27.66 0.53
N ALA C 388 14.28 27.31 1.14
CA ALA C 388 14.80 28.04 2.28
C ALA C 388 16.29 28.31 2.17
N TRP C 389 16.95 27.80 1.13
CA TRP C 389 18.39 27.99 0.94
C TRP C 389 18.61 29.29 0.18
N ASN C 390 19.02 30.33 0.89
CA ASN C 390 19.35 31.61 0.29
C ASN C 390 20.82 31.90 0.54
N PRO C 391 21.72 31.61 -0.41
CA PRO C 391 23.15 31.80 -0.16
C PRO C 391 23.56 33.25 0.11
N SER C 392 22.69 34.22 -0.19
CA SER C 392 22.99 35.61 0.10
C SER C 392 22.78 35.97 1.57
N ALA C 393 22.11 35.12 2.36
CA ALA C 393 21.78 35.44 3.74
C ALA C 393 22.23 34.36 4.72
N LEU C 394 23.04 33.39 4.29
CA LEU C 394 23.46 32.32 5.19
C LEU C 394 24.29 32.87 6.35
N SER C 395 25.15 33.85 6.08
CA SER C 395 26.01 34.39 7.12
C SER C 395 25.22 35.11 8.20
N GLN C 396 24.01 35.59 7.90
CA GLN C 396 23.18 36.26 8.88
C GLN C 396 22.36 35.29 9.72
N MET C 397 22.32 34.00 9.35
CA MET C 397 21.49 33.02 10.05
C MET C 397 22.22 32.45 11.26
N ALA C 398 21.48 32.26 12.35
CA ALA C 398 22.04 31.56 13.50
C ALA C 398 22.33 30.11 13.19
N LEU C 399 21.67 29.54 12.19
CA LEU C 399 21.88 28.16 11.75
C LEU C 399 21.28 28.00 10.35
N PRO C 400 22.08 27.57 9.38
CA PRO C 400 21.57 27.40 8.02
C PRO C 400 20.44 26.39 7.98
N PRO C 401 19.59 26.46 6.95
CA PRO C 401 18.40 25.60 6.91
C PRO C 401 18.79 24.13 6.78
N CYS C 402 18.15 23.30 7.60
CA CYS C 402 18.31 21.85 7.50
C CYS C 402 17.33 21.24 6.50
N HIS C 403 16.02 21.47 6.71
CA HIS C 403 15.03 21.14 5.69
C HIS C 403 15.06 22.27 4.67
N VAL C 404 15.75 22.02 3.56
CA VAL C 404 16.16 23.07 2.62
C VAL C 404 15.08 23.36 1.59
N LEU C 405 14.57 22.33 0.93
CA LEU C 405 13.67 22.50 -0.20
C LEU C 405 12.51 21.53 -0.08
N SER C 406 11.31 21.98 -0.44
CA SER C 406 10.13 21.14 -0.44
C SER C 406 9.32 21.39 -1.70
N GLN C 407 8.78 20.31 -2.28
CA GLN C 407 7.96 20.39 -3.48
C GLN C 407 6.64 19.68 -3.21
N TYR C 408 5.56 20.21 -3.80
CA TYR C 408 4.22 19.72 -3.55
C TYR C 408 3.55 19.34 -4.86
N TYR C 409 2.63 18.38 -4.77
CA TYR C 409 2.11 17.68 -5.94
C TYR C 409 0.65 17.34 -5.70
N VAL C 410 -0.22 17.71 -6.63
CA VAL C 410 -1.64 17.42 -6.54
C VAL C 410 -1.95 16.23 -7.44
N THR C 411 -2.39 15.14 -6.83
CA THR C 411 -2.71 13.94 -7.59
C THR C 411 -4.05 14.11 -8.29
N ASN C 412 -4.40 13.13 -9.14
CA ASN C 412 -5.65 13.22 -9.89
C ASN C 412 -6.86 13.10 -8.99
N ASP C 413 -6.76 12.38 -7.87
CA ASP C 413 -7.86 12.27 -6.91
C ASP C 413 -7.81 13.36 -5.84
N ASN C 414 -7.28 14.54 -6.17
CA ASN C 414 -7.33 15.71 -5.30
C ASN C 414 -6.66 15.45 -3.95
N CYS C 415 -5.46 14.87 -4.01
CA CYS C 415 -4.61 14.68 -2.84
C CYS C 415 -3.32 15.44 -3.02
N LEU C 416 -2.79 15.94 -1.90
CA LEU C 416 -1.57 16.76 -1.90
C LEU C 416 -0.43 15.96 -1.29
N SER C 417 0.55 15.62 -2.11
CA SER C 417 1.76 14.96 -1.65
C SER C 417 2.86 15.99 -1.44
N CYS C 418 3.93 15.57 -0.77
CA CYS C 418 5.03 16.46 -0.42
C CYS C 418 6.35 15.71 -0.49
N ASN C 419 7.35 16.35 -1.08
CA ASN C 419 8.72 15.87 -1.11
C ASN C 419 9.62 16.88 -0.42
N LEU C 420 10.46 16.40 0.49
CA LEU C 420 11.38 17.25 1.23
C LEU C 420 12.81 16.75 1.05
N TYR C 421 13.73 17.67 0.77
CA TYR C 421 15.16 17.37 0.79
C TYR C 421 15.77 18.00 2.04
N GLN C 422 16.45 17.17 2.83
CA GLN C 422 17.05 17.59 4.08
C GLN C 422 18.55 17.38 3.99
N ARG C 423 19.32 18.47 4.09
CA ARG C 423 20.76 18.38 3.91
C ARG C 423 21.44 17.69 5.09
N SER C 424 20.93 17.89 6.30
CA SER C 424 21.49 17.29 7.50
C SER C 424 20.34 16.89 8.41
N CYS C 425 20.35 15.64 8.87
CA CYS C 425 19.22 15.06 9.58
C CYS C 425 19.71 14.42 10.88
N ASP C 426 19.47 15.09 12.00
CA ASP C 426 19.71 14.52 13.32
C ASP C 426 18.63 13.48 13.61
N LEU C 427 18.97 12.20 13.40
CA LEU C 427 17.99 11.14 13.53
C LEU C 427 17.46 10.98 14.95
N GLY C 428 18.15 11.54 15.94
CA GLY C 428 17.72 11.42 17.32
C GLY C 428 16.66 12.44 17.70
N LEU C 429 16.78 13.67 17.19
CA LEU C 429 15.87 14.74 17.56
C LEU C 429 15.18 15.36 16.36
N GLY C 430 15.94 15.82 15.35
CA GLY C 430 15.32 16.55 14.26
C GLY C 430 14.42 15.68 13.39
N SER C 431 14.84 14.44 13.14
CA SER C 431 14.10 13.59 12.22
C SER C 431 12.66 13.32 12.66
N PRO C 432 12.39 12.87 13.90
CA PRO C 432 10.98 12.70 14.29
C PRO C 432 10.20 14.00 14.26
N PHE C 433 10.86 15.14 14.50
CA PHE C 433 10.18 16.42 14.38
C PHE C 433 9.92 16.76 12.91
N ASN C 434 10.91 16.52 12.03
CA ASN C 434 10.73 16.86 10.62
C ASN C 434 9.67 16.00 9.96
N ILE C 435 9.51 14.75 10.41
CA ILE C 435 8.48 13.89 9.83
C ILE C 435 7.10 14.44 10.14
N ALA C 436 6.84 14.79 11.40
CA ALA C 436 5.53 15.30 11.78
C ALA C 436 5.30 16.73 11.30
N SER C 437 6.34 17.56 11.33
CA SER C 437 6.18 18.98 10.99
C SER C 437 5.73 19.13 9.54
N TYR C 438 6.43 18.49 8.60
CA TYR C 438 6.03 18.60 7.20
C TYR C 438 4.78 17.79 6.90
N ALA C 439 4.41 16.85 7.78
CA ALA C 439 3.12 16.19 7.63
C ALA C 439 1.98 17.13 7.97
N ILE C 440 2.11 17.86 9.08
CA ILE C 440 1.10 18.84 9.47
C ILE C 440 0.99 19.94 8.42
N LEU C 441 2.13 20.42 7.93
CA LEU C 441 2.12 21.50 6.94
C LEU C 441 1.39 21.09 5.68
N THR C 442 1.60 19.86 5.22
CA THR C 442 0.89 19.40 4.02
C THR C 442 -0.61 19.32 4.26
N MET C 443 -1.01 18.87 5.46
CA MET C 443 -2.43 18.82 5.79
C MET C 443 -3.02 20.22 5.89
N MET C 444 -2.27 21.17 6.45
CA MET C 444 -2.71 22.56 6.49
C MET C 444 -2.90 23.10 5.08
N LEU C 445 -1.94 22.87 4.19
CA LEU C 445 -2.07 23.32 2.82
C LEU C 445 -3.23 22.62 2.10
N ALA C 446 -3.51 21.36 2.48
CA ALA C 446 -4.59 20.63 1.82
C ALA C 446 -5.95 21.21 2.17
N GLN C 447 -6.14 21.64 3.42
CA GLN C 447 -7.45 22.17 3.81
C GLN C 447 -7.69 23.56 3.22
N VAL C 448 -6.66 24.42 3.25
CA VAL C 448 -6.81 25.76 2.70
C VAL C 448 -7.00 25.71 1.18
N CYS C 449 -6.41 24.71 0.52
CA CYS C 449 -6.54 24.56 -0.91
C CYS C 449 -7.69 23.65 -1.31
N GLY C 450 -8.32 22.98 -0.36
CA GLY C 450 -9.46 22.12 -0.66
C GLY C 450 -9.11 20.73 -1.14
N TYR C 451 -7.94 20.21 -0.78
CA TYR C 451 -7.53 18.86 -1.14
C TYR C 451 -7.51 17.99 0.12
N GLU C 452 -7.07 16.75 -0.08
CA GLU C 452 -6.88 15.78 0.99
C GLU C 452 -5.39 15.46 1.13
N PRO C 453 -4.95 15.04 2.31
CA PRO C 453 -3.53 14.69 2.47
C PRO C 453 -3.16 13.46 1.64
N GLY C 454 -1.94 13.48 1.10
CA GLY C 454 -1.47 12.40 0.25
C GLY C 454 -0.29 11.63 0.85
N GLU C 455 0.87 11.73 0.20
CA GLU C 455 2.06 11.04 0.65
C GLU C 455 3.12 12.04 1.09
N LEU C 456 4.07 11.55 1.89
CA LEU C 456 5.20 12.34 2.36
C LEU C 456 6.48 11.55 2.13
N ALA C 457 7.37 12.08 1.31
CA ALA C 457 8.68 11.49 1.06
C ALA C 457 9.74 12.47 1.52
N ILE C 458 10.69 11.99 2.30
CA ILE C 458 11.78 12.81 2.82
C ILE C 458 13.10 12.25 2.30
N PHE C 459 13.79 13.04 1.50
CA PHE C 459 15.10 12.68 0.97
C PHE C 459 16.18 13.35 1.81
N ILE C 460 17.14 12.57 2.28
CA ILE C 460 18.12 13.02 3.27
C ILE C 460 19.52 13.00 2.67
N GLY C 461 20.29 14.05 2.94
CA GLY C 461 21.69 14.07 2.61
C GLY C 461 22.53 13.40 3.69
N ASP C 462 22.94 14.17 4.69
CA ASP C 462 23.79 13.67 5.77
C ASP C 462 22.88 13.12 6.87
N ALA C 463 22.57 11.82 6.78
CA ALA C 463 21.78 11.14 7.80
C ALA C 463 22.76 10.57 8.84
N HIS C 464 22.67 11.10 10.07
CA HIS C 464 23.69 10.80 11.08
C HIS C 464 23.03 10.60 12.44
N ILE C 465 23.76 9.93 13.33
CA ILE C 465 23.37 9.72 14.72
C ILE C 465 24.48 10.25 15.61
N TYR C 466 24.13 11.16 16.53
CA TYR C 466 25.11 11.67 17.47
C TYR C 466 25.48 10.59 18.48
N GLU C 467 26.77 10.54 18.84
CA GLU C 467 27.29 9.41 19.62
C GLU C 467 26.71 9.36 21.03
N ASN C 468 26.19 10.46 21.55
CA ASN C 468 25.53 10.43 22.86
C ASN C 468 24.08 9.98 22.77
N HIS C 469 23.59 9.63 21.57
CA HIS C 469 22.26 9.07 21.38
C HIS C 469 22.28 7.57 21.12
N LEU C 470 23.44 6.93 21.27
CA LEU C 470 23.56 5.53 20.86
C LEU C 470 22.75 4.61 21.76
N THR C 471 22.92 4.73 23.08
CA THR C 471 22.16 3.89 24.00
C THR C 471 20.68 4.22 23.97
N GLN C 472 20.33 5.48 23.63
CA GLN C 472 18.93 5.86 23.57
C GLN C 472 18.25 5.27 22.34
N LEU C 473 18.87 5.44 21.17
CA LEU C 473 18.24 4.95 19.94
C LEU C 473 18.22 3.42 19.89
N LYS C 474 19.21 2.76 20.48
CA LYS C 474 19.16 1.31 20.58
C LYS C 474 18.03 0.86 21.50
N GLU C 475 17.71 1.66 22.53
CA GLU C 475 16.54 1.36 23.35
C GLU C 475 15.26 1.50 22.54
N GLN C 476 15.19 2.52 21.67
CA GLN C 476 14.00 2.71 20.84
C GLN C 476 13.83 1.59 19.83
N LEU C 477 14.95 1.03 19.33
CA LEU C 477 14.86 -0.05 18.36
C LEU C 477 14.39 -1.37 18.96
N SER C 478 14.35 -1.49 20.29
CA SER C 478 13.87 -2.71 20.93
C SER C 478 12.35 -2.75 21.04
N ARG C 479 11.64 -1.74 20.55
CA ARG C 479 10.21 -1.60 20.72
C ARG C 479 9.50 -1.86 19.40
N THR C 480 8.63 -2.86 19.38
CA THR C 480 7.84 -3.15 18.18
C THR C 480 6.83 -2.02 17.94
N PRO C 481 6.76 -1.47 16.73
CA PRO C 481 5.92 -0.30 16.50
C PRO C 481 4.44 -0.59 16.70
N ARG C 482 3.68 0.49 16.90
CA ARG C 482 2.25 0.48 17.05
C ARG C 482 1.62 1.30 15.94
N PRO C 483 0.32 1.12 15.66
CA PRO C 483 -0.31 1.87 14.56
C PRO C 483 -0.23 3.37 14.77
N PHE C 484 -0.03 4.09 13.66
CA PHE C 484 0.06 5.54 13.71
C PHE C 484 -1.25 6.14 14.23
N PRO C 485 -1.18 7.31 14.84
CA PRO C 485 -2.42 7.99 15.26
C PRO C 485 -3.12 8.68 14.10
N GLN C 486 -4.16 9.46 14.40
CA GLN C 486 -4.85 10.28 13.42
C GLN C 486 -4.76 11.74 13.83
N LEU C 487 -4.63 12.62 12.84
CA LEU C 487 -4.61 14.06 13.06
C LEU C 487 -5.77 14.68 12.30
N LYS C 488 -6.69 15.31 13.02
CA LYS C 488 -7.85 15.95 12.42
C LYS C 488 -7.96 17.38 12.92
N PHE C 489 -8.43 18.26 12.04
CA PHE C 489 -8.65 19.65 12.38
C PHE C 489 -10.08 19.86 12.87
N LYS C 490 -10.21 20.63 13.95
CA LYS C 490 -11.53 20.81 14.56
C LYS C 490 -12.38 21.81 13.78
N ARG C 491 -11.76 22.77 13.11
CA ARG C 491 -12.48 23.77 12.33
C ARG C 491 -11.76 24.01 11.02
N LYS C 492 -12.48 24.59 10.06
CA LYS C 492 -11.89 25.00 8.80
C LYS C 492 -11.52 26.48 8.89
N VAL C 493 -10.28 26.79 8.54
CA VAL C 493 -9.75 28.14 8.63
C VAL C 493 -9.81 28.80 7.26
N GLU C 494 -9.86 30.12 7.26
CA GLU C 494 -9.87 30.88 6.01
C GLU C 494 -8.46 31.21 5.52
N ASN C 495 -7.55 31.47 6.44
CA ASN C 495 -6.16 31.73 6.11
C ASN C 495 -5.27 30.76 6.89
N ILE C 496 -4.15 30.37 6.27
CA ILE C 496 -3.31 29.35 6.85
C ILE C 496 -2.66 29.82 8.16
N GLU C 497 -2.55 31.12 8.37
CA GLU C 497 -1.94 31.64 9.59
C GLU C 497 -2.86 31.54 10.81
N ASP C 498 -4.12 31.17 10.62
CA ASP C 498 -5.10 31.20 11.70
C ASP C 498 -5.16 29.91 12.51
N PHE C 499 -4.34 28.91 12.18
CA PHE C 499 -4.34 27.66 12.93
C PHE C 499 -3.85 27.90 14.35
N LYS C 500 -4.46 27.19 15.30
CA LYS C 500 -4.04 27.24 16.70
C LYS C 500 -3.97 25.82 17.23
N TRP C 501 -3.24 25.66 18.34
CA TRP C 501 -3.06 24.33 18.92
C TRP C 501 -4.38 23.73 19.38
N GLU C 502 -5.34 24.58 19.75
CA GLU C 502 -6.65 24.09 20.16
C GLU C 502 -7.46 23.52 18.99
N ASP C 503 -7.10 23.89 17.76
CA ASP C 503 -7.78 23.40 16.57
C ASP C 503 -7.30 22.01 16.14
N ILE C 504 -6.41 21.38 16.90
CA ILE C 504 -5.81 20.10 16.53
C ILE C 504 -6.26 19.03 17.50
N GLU C 505 -6.76 17.92 16.98
CA GLU C 505 -7.20 16.78 17.76
C GLU C 505 -6.37 15.57 17.36
N LEU C 506 -5.61 15.03 18.31
CA LEU C 506 -4.77 13.86 18.08
C LEU C 506 -5.51 12.64 18.63
N ILE C 507 -5.94 11.76 17.74
CA ILE C 507 -6.82 10.65 18.07
C ILE C 507 -6.03 9.35 17.97
N GLY C 508 -6.01 8.58 19.05
CA GLY C 508 -5.45 7.25 19.02
C GLY C 508 -3.94 7.18 19.03
N TYR C 509 -3.28 8.00 19.84
CA TYR C 509 -1.82 8.02 19.95
C TYR C 509 -1.44 7.32 21.26
N TYR C 510 -0.95 6.09 21.14
CA TYR C 510 -0.54 5.28 22.29
C TYR C 510 0.92 4.90 22.13
N PRO C 511 1.84 5.82 22.40
CA PRO C 511 3.25 5.57 22.16
C PRO C 511 3.92 4.91 23.36
N TYR C 512 5.16 4.49 23.14
CA TYR C 512 6.02 4.03 24.22
C TYR C 512 6.54 5.24 24.99
N PRO C 513 7.01 5.04 26.23
CA PRO C 513 7.45 6.19 27.03
C PRO C 513 8.54 7.00 26.33
N THR C 514 8.56 8.30 26.63
CA THR C 514 9.50 9.20 25.99
C THR C 514 10.94 8.85 26.36
N ILE C 515 11.86 9.23 25.47
CA ILE C 515 13.29 8.96 25.63
C ILE C 515 14.03 10.28 25.59
N LYS C 516 14.73 10.59 26.69
CA LYS C 516 15.43 11.86 26.81
C LYS C 516 16.75 11.83 26.04
N MET C 517 16.97 12.85 25.21
CA MET C 517 18.21 12.98 24.45
C MET C 517 18.63 14.43 24.41
N ASP C 518 19.92 14.68 24.61
CA ASP C 518 20.47 16.04 24.65
C ASP C 518 20.82 16.50 23.24
N MET C 519 20.60 17.79 22.98
CA MET C 519 20.92 18.39 21.69
C MET C 519 22.37 18.85 21.64
N ALA C 520 23.03 18.60 20.51
CA ALA C 520 24.40 19.07 20.28
C ALA C 520 24.33 20.50 19.75
N VAL C 521 24.80 21.44 20.56
CA VAL C 521 24.76 22.85 20.18
C VAL C 521 25.90 23.20 19.22
N GLU D 3 23.81 -37.21 -9.76
CA GLU D 3 23.18 -35.94 -10.06
C GLU D 3 23.82 -34.79 -9.29
N LYS D 4 24.61 -33.97 -9.97
CA LYS D 4 25.23 -32.80 -9.37
C LYS D 4 25.20 -31.66 -10.37
N ASN D 5 25.78 -30.53 -9.97
CA ASN D 5 25.69 -29.30 -10.75
C ASN D 5 26.82 -29.22 -11.77
N VAL D 6 26.50 -28.67 -12.94
CA VAL D 6 27.45 -28.48 -14.03
C VAL D 6 27.32 -27.05 -14.51
N SER D 7 28.34 -26.24 -14.24
CA SER D 7 28.31 -24.82 -14.59
C SER D 7 29.43 -24.49 -15.58
N ILE D 8 29.20 -23.43 -16.33
CA ILE D 8 30.20 -22.88 -17.26
C ILE D 8 30.73 -21.58 -16.67
N VAL D 9 32.05 -21.45 -16.65
CA VAL D 9 32.72 -20.20 -16.28
C VAL D 9 33.46 -19.70 -17.51
N VAL D 10 33.22 -18.45 -17.88
CA VAL D 10 33.78 -17.90 -19.11
C VAL D 10 33.87 -16.39 -18.98
N ALA D 11 34.85 -15.80 -19.65
CA ALA D 11 34.99 -14.35 -19.79
C ALA D 11 35.05 -14.03 -21.28
N ALA D 12 33.97 -13.45 -21.80
CA ALA D 12 33.87 -13.12 -23.22
C ALA D 12 33.62 -11.63 -23.39
N SER D 13 33.93 -11.13 -24.59
CA SER D 13 33.72 -9.72 -24.88
C SER D 13 32.22 -9.41 -24.95
N VAL D 14 31.90 -8.13 -24.87
CA VAL D 14 30.51 -7.72 -24.64
C VAL D 14 29.64 -7.91 -25.88
N LEU D 15 30.19 -7.73 -27.07
CA LEU D 15 29.41 -7.80 -28.30
C LEU D 15 29.68 -9.09 -29.08
N SER D 16 30.92 -9.32 -29.51
CA SER D 16 31.25 -10.48 -30.33
C SER D 16 31.60 -11.72 -29.51
N SER D 17 31.70 -11.60 -28.19
CA SER D 17 31.94 -12.75 -27.31
C SER D 17 33.27 -13.43 -27.60
N GLY D 18 34.35 -12.65 -27.63
CA GLY D 18 35.68 -13.18 -27.84
C GLY D 18 36.32 -13.58 -26.52
N ILE D 19 37.04 -14.71 -26.53
CA ILE D 19 37.58 -15.26 -25.30
C ILE D 19 39.08 -15.47 -25.38
N GLY D 20 39.65 -15.38 -26.58
CA GLY D 20 41.06 -15.68 -26.70
C GLY D 20 41.66 -15.16 -27.99
N ILE D 21 42.99 -15.15 -28.01
CA ILE D 21 43.76 -14.74 -29.17
C ILE D 21 45.17 -15.32 -29.07
N ASN D 22 45.57 -16.07 -30.10
CA ASN D 22 46.92 -16.64 -30.19
C ASN D 22 47.28 -17.46 -28.95
N GLY D 23 46.33 -18.27 -28.50
CA GLY D 23 46.60 -19.15 -27.37
C GLY D 23 46.72 -18.47 -26.04
N GLN D 24 46.20 -17.24 -25.91
CA GLN D 24 46.24 -16.53 -24.65
C GLN D 24 45.02 -15.61 -24.57
N LEU D 25 44.85 -14.99 -23.41
CA LEU D 25 43.71 -14.11 -23.19
C LEU D 25 43.86 -12.79 -23.94
N PRO D 26 42.76 -12.16 -24.35
CA PRO D 26 42.83 -10.84 -24.97
C PRO D 26 42.99 -9.70 -23.97
N TRP D 27 43.08 -9.99 -22.68
CA TRP D 27 43.16 -8.97 -21.65
C TRP D 27 43.85 -9.55 -20.43
N SER D 28 44.06 -8.69 -19.41
CA SER D 28 44.70 -9.11 -18.16
C SER D 28 43.93 -8.45 -17.02
N ILE D 29 42.96 -9.17 -16.45
CA ILE D 29 42.13 -8.69 -15.37
C ILE D 29 42.34 -9.62 -14.17
N SER D 30 43.06 -9.14 -13.16
CA SER D 30 43.41 -10.00 -12.03
C SER D 30 42.21 -10.30 -11.15
N GLU D 31 41.27 -9.37 -11.02
CA GLU D 31 40.09 -9.61 -10.21
C GLU D 31 39.21 -10.69 -10.82
N ASP D 32 39.23 -10.82 -12.15
CA ASP D 32 38.46 -11.86 -12.81
C ASP D 32 39.02 -13.25 -12.53
N LEU D 33 40.35 -13.37 -12.49
CA LEU D 33 40.96 -14.66 -12.18
C LEU D 33 40.62 -15.12 -10.77
N LYS D 34 40.62 -14.19 -9.81
CA LYS D 34 40.21 -14.56 -8.45
C LYS D 34 38.74 -14.98 -8.41
N PHE D 35 37.91 -14.38 -9.26
CA PHE D 35 36.53 -14.85 -9.38
C PHE D 35 36.48 -16.29 -9.85
N PHE D 36 37.30 -16.64 -10.85
CA PHE D 36 37.39 -18.03 -11.28
C PHE D 36 37.85 -18.93 -10.13
N SER D 37 38.76 -18.43 -9.30
CA SER D 37 39.26 -19.23 -8.19
C SER D 37 38.17 -19.49 -7.17
N LYS D 38 37.48 -18.44 -6.73
CA LYS D 38 36.49 -18.60 -5.68
C LYS D 38 35.23 -19.33 -6.16
N ILE D 39 34.90 -19.20 -7.44
CA ILE D 39 33.69 -19.87 -7.93
C ILE D 39 33.94 -21.36 -8.15
N THR D 40 35.19 -21.76 -8.40
CA THR D 40 35.49 -23.18 -8.60
C THR D 40 35.93 -23.88 -7.32
N ASN D 41 36.33 -23.14 -6.29
CA ASN D 41 36.65 -23.72 -5.00
C ASN D 41 35.47 -23.73 -4.04
N ASN D 42 34.35 -23.10 -4.39
CA ASN D 42 33.20 -23.03 -3.49
C ASN D 42 32.56 -24.40 -3.39
N LYS D 43 32.52 -24.95 -2.16
CA LYS D 43 31.98 -26.28 -1.94
C LYS D 43 31.48 -26.37 -0.50
N CYS D 44 30.86 -27.49 -0.19
CA CYS D 44 30.36 -27.78 1.16
C CYS D 44 31.16 -28.87 1.87
N ASP D 45 31.33 -30.03 1.23
CA ASP D 45 32.05 -31.13 1.86
C ASP D 45 33.54 -30.85 1.79
N SER D 46 34.18 -30.77 2.96
CA SER D 46 35.61 -30.50 3.01
C SER D 46 36.42 -31.67 2.48
N ASN D 47 35.84 -32.87 2.45
CA ASN D 47 36.51 -34.05 1.94
C ASN D 47 36.23 -34.30 0.47
N LYS D 48 35.74 -33.30 -0.25
CA LYS D 48 35.45 -33.39 -1.67
C LYS D 48 36.13 -32.25 -2.41
N LYS D 49 36.31 -32.44 -3.72
CA LYS D 49 36.93 -31.43 -4.57
C LYS D 49 36.07 -31.22 -5.81
N ASN D 50 36.26 -30.09 -6.46
CA ASN D 50 35.54 -29.74 -7.68
C ASN D 50 36.37 -30.07 -8.92
N ALA D 51 35.68 -30.49 -9.98
CA ALA D 51 36.32 -30.90 -11.23
C ALA D 51 36.19 -29.79 -12.26
N LEU D 52 37.31 -29.40 -12.86
CA LEU D 52 37.34 -28.35 -13.89
C LEU D 52 37.67 -28.99 -15.23
N ILE D 53 36.70 -29.02 -16.13
CA ILE D 53 36.86 -29.60 -17.46
C ILE D 53 37.38 -28.54 -18.41
N MET D 54 38.42 -28.87 -19.17
CA MET D 54 38.97 -27.93 -20.14
C MET D 54 39.55 -28.69 -21.32
N GLY D 55 39.71 -27.98 -22.43
CA GLY D 55 40.34 -28.55 -23.60
C GLY D 55 41.85 -28.52 -23.52
N ARG D 56 42.50 -29.22 -24.46
CA ARG D 56 43.94 -29.34 -24.44
C ARG D 56 44.62 -28.00 -24.69
N LYS D 57 44.19 -27.28 -25.73
CA LYS D 57 44.79 -25.99 -26.04
C LYS D 57 44.63 -25.02 -24.88
N THR D 58 43.55 -25.16 -24.11
CA THR D 58 43.41 -24.37 -22.89
C THR D 58 44.35 -24.88 -21.80
N TRP D 59 44.53 -26.20 -21.71
CA TRP D 59 45.48 -26.78 -20.77
C TRP D 59 46.89 -26.30 -21.05
N ASP D 60 47.23 -26.08 -22.32
CA ASP D 60 48.54 -25.53 -22.66
C ASP D 60 48.65 -24.06 -22.30
N SER D 61 47.54 -23.32 -22.39
CA SER D 61 47.58 -21.88 -22.14
C SER D 61 47.83 -21.56 -20.67
N ILE D 62 47.54 -22.48 -19.76
CA ILE D 62 47.76 -22.26 -18.34
C ILE D 62 49.05 -22.93 -17.86
N GLY D 63 49.95 -23.28 -18.79
CA GLY D 63 51.25 -23.80 -18.43
C GLY D 63 51.30 -25.26 -18.08
N ARG D 64 50.21 -26.00 -18.30
CA ARG D 64 50.13 -27.43 -17.98
C ARG D 64 50.46 -27.71 -16.52
N ARG D 65 50.01 -26.83 -15.63
CA ARG D 65 50.23 -27.03 -14.20
C ARG D 65 48.90 -27.06 -13.46
N PRO D 66 48.75 -27.92 -12.46
CA PRO D 66 47.45 -28.08 -11.79
C PRO D 66 47.06 -26.86 -10.99
N LEU D 67 45.78 -26.83 -10.62
CA LEU D 67 45.21 -25.77 -9.79
C LEU D 67 44.94 -26.31 -8.39
N LYS D 68 45.31 -25.52 -7.38
CA LYS D 68 45.26 -25.99 -6.01
C LYS D 68 43.82 -26.31 -5.60
N ASN D 69 43.66 -27.42 -4.86
CA ASN D 69 42.41 -27.88 -4.27
C ASN D 69 41.37 -28.29 -5.31
N ARG D 70 41.76 -28.38 -6.58
CA ARG D 70 40.82 -28.73 -7.65
C ARG D 70 41.44 -29.78 -8.56
N ILE D 71 40.58 -30.62 -9.13
CA ILE D 71 40.97 -31.66 -10.05
C ILE D 71 40.68 -31.18 -11.46
N ILE D 72 41.72 -31.15 -12.31
CA ILE D 72 41.57 -30.68 -13.68
C ILE D 72 41.33 -31.88 -14.59
N VAL D 73 40.32 -31.77 -15.44
CA VAL D 73 39.96 -32.79 -16.42
C VAL D 73 40.25 -32.22 -17.81
N VAL D 74 41.14 -32.87 -18.54
CA VAL D 74 41.55 -32.40 -19.86
C VAL D 74 40.92 -33.30 -20.92
N ILE D 75 40.31 -32.68 -21.92
CA ILE D 75 39.73 -33.38 -23.05
C ILE D 75 40.75 -33.36 -24.18
N SER D 76 41.27 -34.52 -24.55
CA SER D 76 42.28 -34.59 -25.60
C SER D 76 42.25 -35.97 -26.22
N SER D 77 42.62 -36.02 -27.50
CA SER D 77 42.74 -37.28 -28.23
C SER D 77 44.16 -37.78 -28.34
N SER D 78 45.15 -37.01 -27.88
CA SER D 78 46.56 -37.37 -27.99
C SER D 78 47.28 -37.49 -26.66
N LEU D 79 46.87 -36.73 -25.64
CA LEU D 79 47.57 -36.76 -24.37
C LEU D 79 47.47 -38.15 -23.76
N PRO D 80 48.56 -38.69 -23.24
CA PRO D 80 48.49 -40.03 -22.61
C PRO D 80 47.70 -39.98 -21.31
N GLN D 81 46.90 -41.03 -21.09
CA GLN D 81 46.08 -41.15 -19.88
C GLN D 81 46.98 -41.58 -18.72
N ASP D 82 47.90 -40.69 -18.37
CA ASP D 82 48.83 -40.96 -17.28
C ASP D 82 48.12 -40.92 -15.94
N GLU D 83 48.30 -41.98 -15.14
CA GLU D 83 47.69 -42.09 -13.83
C GLU D 83 48.62 -41.65 -12.71
N ALA D 84 49.76 -41.03 -13.04
CA ALA D 84 50.71 -40.63 -12.00
C ALA D 84 50.19 -39.44 -11.22
N ASP D 85 49.64 -38.43 -11.90
CA ASP D 85 49.12 -37.25 -11.23
C ASP D 85 47.64 -37.42 -10.94
N PRO D 86 47.22 -37.46 -9.67
CA PRO D 86 45.79 -37.58 -9.36
C PRO D 86 45.02 -36.28 -9.53
N ASN D 87 45.70 -35.15 -9.62
CA ASN D 87 45.05 -33.85 -9.80
C ASN D 87 44.85 -33.48 -11.27
N VAL D 88 45.25 -34.35 -12.20
CA VAL D 88 45.08 -34.13 -13.63
C VAL D 88 44.70 -35.46 -14.26
N VAL D 89 43.52 -35.51 -14.87
CA VAL D 89 43.04 -36.73 -15.54
C VAL D 89 42.61 -36.35 -16.95
N VAL D 90 42.80 -37.29 -17.88
CA VAL D 90 42.58 -37.06 -19.30
C VAL D 90 41.50 -38.01 -19.79
N PHE D 91 40.53 -37.47 -20.51
CA PHE D 91 39.48 -38.27 -21.15
C PHE D 91 39.51 -38.02 -22.66
N ARG D 92 38.95 -38.98 -23.40
CA ARG D 92 39.01 -38.93 -24.86
C ARG D 92 37.86 -38.14 -25.48
N ASN D 93 36.79 -37.90 -24.73
CA ASN D 93 35.66 -37.13 -25.25
C ASN D 93 34.92 -36.49 -24.09
N LEU D 94 34.16 -35.44 -24.42
CA LEU D 94 33.45 -34.70 -23.38
C LEU D 94 32.33 -35.52 -22.76
N GLU D 95 31.69 -36.39 -23.53
CA GLU D 95 30.59 -37.20 -22.99
C GLU D 95 31.10 -38.15 -21.91
N ASP D 96 32.14 -38.92 -22.22
CA ASP D 96 32.67 -39.88 -21.25
C ASP D 96 33.22 -39.19 -20.02
N SER D 97 33.76 -37.97 -20.16
CA SER D 97 34.32 -37.27 -19.01
C SER D 97 33.26 -36.90 -17.99
N ILE D 98 32.04 -36.61 -18.44
CA ILE D 98 30.97 -36.27 -17.52
C ILE D 98 30.33 -37.57 -17.04
N GLU D 99 31.14 -38.42 -16.40
CA GLU D 99 30.69 -39.65 -15.76
C GLU D 99 30.63 -39.52 -14.24
N ASN D 100 30.67 -38.31 -13.71
CA ASN D 100 30.82 -38.08 -12.27
C ASN D 100 29.51 -37.88 -11.52
N LEU D 101 28.38 -37.84 -12.22
CA LEU D 101 27.11 -37.57 -11.55
C LEU D 101 26.59 -38.78 -10.77
N MET D 102 26.43 -39.92 -11.43
CA MET D 102 25.84 -41.09 -10.79
C MET D 102 26.84 -41.95 -10.03
N ASN D 103 28.14 -41.71 -10.19
CA ASN D 103 29.16 -42.42 -9.43
C ASN D 103 30.25 -41.42 -9.05
N ASP D 104 31.29 -41.93 -8.37
CA ASP D 104 32.38 -41.10 -7.89
C ASP D 104 31.85 -39.98 -7.01
N ASP D 105 31.52 -40.30 -5.76
CA ASP D 105 30.96 -39.34 -4.82
C ASP D 105 32.00 -38.39 -4.25
N SER D 106 33.26 -38.49 -4.69
CA SER D 106 34.30 -37.59 -4.20
C SER D 106 34.26 -36.22 -4.86
N ILE D 107 33.58 -36.10 -6.00
CA ILE D 107 33.44 -34.83 -6.71
C ILE D 107 32.08 -34.23 -6.35
N GLU D 108 32.08 -32.97 -5.92
CA GLU D 108 30.85 -32.29 -5.53
C GLU D 108 30.23 -31.53 -6.71
N ASN D 109 30.99 -30.59 -7.29
CA ASN D 109 30.51 -29.77 -8.40
C ASN D 109 31.43 -29.93 -9.60
N ILE D 110 30.89 -29.66 -10.79
CA ILE D 110 31.60 -29.77 -12.04
C ILE D 110 31.57 -28.42 -12.74
N PHE D 111 32.71 -27.99 -13.26
CA PHE D 111 32.82 -26.71 -13.95
C PHE D 111 33.46 -26.90 -15.32
N VAL D 112 32.87 -26.29 -16.33
CA VAL D 112 33.37 -26.33 -17.70
C VAL D 112 33.92 -24.95 -18.06
N CYS D 113 35.12 -24.92 -18.63
CA CYS D 113 35.78 -23.65 -18.91
C CYS D 113 36.84 -23.79 -20.01
N GLY D 114 36.67 -24.74 -20.91
CA GLY D 114 37.75 -25.14 -21.78
C GLY D 114 37.69 -24.69 -23.23
N GLY D 115 37.46 -23.41 -23.46
CA GLY D 115 37.56 -22.86 -24.80
C GLY D 115 36.37 -23.20 -25.67
N GLU D 116 36.43 -22.68 -26.90
CA GLU D 116 35.29 -22.76 -27.81
C GLU D 116 34.90 -24.21 -28.10
N SER D 117 35.89 -25.10 -28.24
CA SER D 117 35.58 -26.47 -28.58
C SER D 117 34.75 -27.15 -27.50
N ILE D 118 35.12 -26.94 -26.23
CA ILE D 118 34.37 -27.57 -25.14
C ILE D 118 33.10 -26.80 -24.83
N TYR D 119 33.13 -25.48 -24.96
CA TYR D 119 31.93 -24.67 -24.73
C TYR D 119 30.80 -25.07 -25.68
N ARG D 120 31.13 -25.19 -26.97
CA ARG D 120 30.09 -25.47 -27.97
C ARG D 120 29.51 -26.86 -27.79
N ASP D 121 30.35 -27.85 -27.48
CA ASP D 121 29.85 -29.21 -27.31
C ASP D 121 29.08 -29.37 -26.00
N ALA D 122 29.41 -28.58 -24.98
CA ALA D 122 28.69 -28.67 -23.72
C ALA D 122 27.29 -28.08 -23.82
N LEU D 123 27.10 -27.08 -24.70
CA LEU D 123 25.79 -26.49 -24.91
C LEU D 123 24.98 -27.26 -25.94
N LYS D 124 25.62 -27.75 -27.00
CA LYS D 124 24.92 -28.51 -28.02
C LYS D 124 24.37 -29.81 -27.45
N ASP D 125 25.18 -30.54 -26.68
CA ASP D 125 24.76 -31.79 -26.08
C ASP D 125 23.98 -31.61 -24.79
N ASN D 126 23.69 -30.37 -24.40
CA ASN D 126 22.79 -30.06 -23.29
C ASN D 126 23.30 -30.66 -21.98
N PHE D 127 24.50 -30.24 -21.59
CA PHE D 127 25.13 -30.69 -20.35
C PHE D 127 25.17 -29.62 -19.28
N VAL D 128 24.92 -28.35 -19.64
CA VAL D 128 25.18 -27.22 -18.76
C VAL D 128 23.88 -26.82 -18.04
N ASP D 129 23.99 -26.59 -16.74
CA ASP D 129 22.87 -26.11 -15.94
C ASP D 129 22.94 -24.61 -15.63
N ARG D 130 24.15 -24.05 -15.60
CA ARG D 130 24.32 -22.67 -15.19
C ARG D 130 25.55 -22.10 -15.89
N ILE D 131 25.54 -20.80 -16.16
CA ILE D 131 26.63 -20.11 -16.82
C ILE D 131 27.05 -18.92 -15.96
N TYR D 132 28.34 -18.86 -15.61
CA TYR D 132 28.93 -17.70 -14.96
C TYR D 132 29.69 -16.92 -16.03
N LEU D 133 29.12 -15.79 -16.45
CA LEU D 133 29.65 -14.99 -17.55
C LEU D 133 30.28 -13.70 -17.04
N THR D 134 31.48 -13.40 -17.51
CA THR D 134 32.18 -12.16 -17.21
C THR D 134 32.32 -11.38 -18.51
N ARG D 135 31.41 -10.42 -18.73
CA ARG D 135 31.43 -9.62 -19.94
C ARG D 135 32.49 -8.53 -19.82
N VAL D 136 33.42 -8.49 -20.78
CA VAL D 136 34.52 -7.53 -20.79
C VAL D 136 34.27 -6.52 -21.90
N ALA D 137 34.46 -5.24 -21.60
CA ALA D 137 34.16 -4.16 -22.53
C ALA D 137 35.38 -3.87 -23.42
N LEU D 138 35.69 -4.86 -24.25
CA LEU D 138 36.78 -4.75 -25.23
C LEU D 138 36.31 -5.37 -26.53
N GLU D 139 36.25 -4.57 -27.60
CA GLU D 139 35.68 -5.05 -28.85
C GLU D 139 36.46 -4.68 -30.10
N ASP D 140 37.30 -3.64 -30.09
CA ASP D 140 38.06 -3.26 -31.28
C ASP D 140 39.46 -3.87 -31.26
N ILE D 141 39.56 -5.14 -30.86
CA ILE D 141 40.80 -5.89 -30.86
C ILE D 141 40.57 -7.16 -31.67
N GLU D 142 41.61 -7.99 -31.74
CA GLU D 142 41.62 -9.18 -32.58
C GLU D 142 41.29 -10.41 -31.74
N PHE D 143 40.34 -11.22 -32.22
CA PHE D 143 39.98 -12.49 -31.61
C PHE D 143 40.13 -13.62 -32.62
N ASP D 144 40.39 -14.82 -32.11
CA ASP D 144 40.40 -16.03 -32.93
C ASP D 144 39.57 -17.16 -32.34
N THR D 145 39.20 -17.10 -31.06
CA THR D 145 38.29 -18.07 -30.46
C THR D 145 37.20 -17.32 -29.72
N TYR D 146 35.95 -17.71 -29.94
CA TYR D 146 34.79 -17.02 -29.41
C TYR D 146 33.96 -17.96 -28.53
N PHE D 147 33.13 -17.36 -27.68
CA PHE D 147 32.16 -18.09 -26.88
C PHE D 147 30.85 -18.23 -27.64
N PRO D 148 30.29 -19.44 -27.73
CA PRO D 148 29.08 -19.63 -28.53
C PRO D 148 27.91 -18.82 -27.97
N GLU D 149 26.97 -18.49 -28.86
CA GLU D 149 25.80 -17.73 -28.45
C GLU D 149 25.00 -18.52 -27.42
N ILE D 150 24.60 -17.85 -26.35
CA ILE D 150 23.88 -18.50 -25.25
C ILE D 150 22.54 -19.02 -25.77
N PRO D 151 22.22 -20.29 -25.61
CA PRO D 151 20.98 -20.82 -26.18
C PRO D 151 19.76 -20.18 -25.53
N GLU D 152 18.64 -20.25 -26.26
CA GLU D 152 17.40 -19.64 -25.79
C GLU D 152 16.87 -20.31 -24.53
N THR D 153 17.36 -21.49 -24.18
CA THR D 153 16.92 -22.20 -22.98
C THR D 153 17.49 -21.61 -21.70
N PHE D 154 18.42 -20.67 -21.78
CA PHE D 154 19.02 -20.05 -20.60
C PHE D 154 18.46 -18.64 -20.41
N LEU D 155 18.24 -18.27 -19.15
CA LEU D 155 17.77 -16.94 -18.83
C LEU D 155 18.66 -16.29 -17.76
N PRO D 156 18.99 -15.02 -17.92
CA PRO D 156 19.81 -14.34 -16.90
C PRO D 156 19.02 -14.12 -15.62
N VAL D 157 19.67 -14.37 -14.49
CA VAL D 157 19.08 -14.19 -13.17
C VAL D 157 19.88 -13.23 -12.30
N TYR D 158 21.02 -12.74 -12.77
CA TYR D 158 21.85 -11.85 -11.99
C TYR D 158 22.76 -11.04 -12.92
N MET D 159 22.92 -9.76 -12.61
CA MET D 159 23.84 -8.89 -13.33
C MET D 159 24.47 -7.93 -12.32
N SER D 160 25.76 -8.11 -12.06
CA SER D 160 26.44 -7.34 -11.04
C SER D 160 26.65 -5.89 -11.49
N GLN D 161 27.14 -5.08 -10.57
CA GLN D 161 27.55 -3.73 -10.93
C GLN D 161 28.79 -3.78 -11.83
N THR D 162 29.10 -2.65 -12.46
CA THR D 162 30.24 -2.56 -13.35
C THR D 162 31.49 -2.28 -12.54
N PHE D 163 32.53 -3.08 -12.77
CA PHE D 163 33.82 -2.92 -12.12
C PHE D 163 34.84 -2.42 -13.14
N CYS D 164 35.97 -1.94 -12.62
CA CYS D 164 37.02 -1.35 -13.45
C CYS D 164 38.37 -1.93 -13.09
N THR D 165 39.19 -2.18 -14.11
CA THR D 165 40.56 -2.63 -13.93
C THR D 165 41.37 -2.16 -15.12
N LYS D 166 42.32 -1.25 -14.88
CA LYS D 166 43.12 -0.64 -15.94
C LYS D 166 42.22 0.04 -16.98
N ASN D 167 41.19 0.75 -16.48
CA ASN D 167 40.22 1.47 -17.31
C ASN D 167 39.43 0.52 -18.23
N ILE D 168 39.30 -0.74 -17.82
CA ILE D 168 38.53 -1.74 -18.57
C ILE D 168 37.30 -2.08 -17.75
N SER D 169 36.11 -1.90 -18.34
CA SER D 169 34.86 -2.20 -17.67
C SER D 169 34.47 -3.65 -17.86
N TYR D 170 33.95 -4.26 -16.78
CA TYR D 170 33.46 -5.62 -16.85
C TYR D 170 32.45 -5.84 -15.73
N ASP D 171 31.48 -6.72 -16.00
CA ASP D 171 30.45 -7.09 -15.03
C ASP D 171 30.40 -8.61 -14.92
N PHE D 172 29.54 -9.11 -14.04
CA PHE D 172 29.41 -10.54 -13.80
C PHE D 172 27.93 -10.91 -13.84
N MET D 173 27.59 -11.90 -14.68
CA MET D 173 26.22 -12.35 -14.84
C MET D 173 26.12 -13.85 -14.56
N ILE D 174 24.91 -14.27 -14.18
CA ILE D 174 24.59 -15.67 -13.95
C ILE D 174 23.38 -16.03 -14.80
N PHE D 175 23.49 -17.12 -15.55
CA PHE D 175 22.41 -17.61 -16.40
C PHE D 175 21.96 -18.97 -15.88
N GLU D 176 20.64 -19.15 -15.77
CA GLU D 176 20.05 -20.41 -15.34
C GLU D 176 19.25 -21.01 -16.48
N LYS D 177 19.21 -22.34 -16.52
CA LYS D 177 18.48 -23.06 -17.55
C LYS D 177 17.07 -23.36 -17.06
N GLN D 178 16.08 -22.78 -17.74
CA GLN D 178 14.69 -22.95 -17.35
C GLN D 178 14.17 -24.33 -17.77
N GLU D 179 13.33 -24.93 -16.93
CA GLU D 179 12.80 -26.26 -17.19
C GLU D 179 11.28 -26.15 -17.16
N LYS D 180 10.60 -26.89 -16.27
CA LYS D 180 9.14 -26.92 -16.23
C LYS D 180 8.54 -25.59 -15.76
N LEU D 193 7.47 -14.88 1.39
CA LEU D 193 6.84 -15.99 2.10
C LEU D 193 5.63 -16.53 1.34
N LYS D 194 4.78 -17.28 2.04
CA LYS D 194 3.62 -17.93 1.43
C LYS D 194 2.33 -17.21 1.75
N SER D 195 2.02 -17.05 3.04
CA SER D 195 0.77 -16.45 3.47
C SER D 195 0.82 -14.93 3.56
N ILE D 196 2.00 -14.33 3.40
CA ILE D 196 2.08 -12.88 3.47
C ILE D 196 1.54 -12.26 2.20
N ASP D 197 1.88 -12.83 1.04
CA ASP D 197 1.39 -12.29 -0.23
C ASP D 197 -0.13 -12.38 -0.33
N ASP D 198 -0.73 -13.41 0.25
CA ASP D 198 -2.18 -13.55 0.22
C ASP D 198 -2.85 -12.49 1.08
N THR D 199 -2.34 -12.28 2.30
CA THR D 199 -2.94 -11.30 3.20
C THR D 199 -2.82 -9.88 2.63
N VAL D 200 -1.72 -9.59 1.95
CA VAL D 200 -1.56 -8.27 1.35
C VAL D 200 -2.53 -8.07 0.19
N ASP D 201 -2.77 -9.13 -0.59
CA ASP D 201 -3.73 -9.03 -1.69
C ASP D 201 -5.14 -8.79 -1.17
N LEU D 202 -5.52 -9.50 -0.10
CA LEU D 202 -6.85 -9.32 0.48
C LEU D 202 -7.04 -7.90 0.99
N LEU D 203 -6.03 -7.35 1.66
CA LEU D 203 -6.11 -5.96 2.08
C LEU D 203 -6.18 -5.02 0.89
N GLY D 204 -5.56 -5.38 -0.24
CA GLY D 204 -5.65 -4.59 -1.44
C GLY D 204 -6.99 -4.65 -2.13
N GLU D 205 -7.77 -5.70 -1.87
CA GLU D 205 -9.13 -5.78 -2.40
C GLU D 205 -10.09 -4.97 -1.53
N ILE D 206 -9.88 -5.00 -0.22
CA ILE D 206 -10.73 -4.26 0.70
C ILE D 206 -10.56 -2.76 0.49
N PHE D 207 -9.36 -2.25 0.73
CA PHE D 207 -9.03 -0.86 0.46
C PHE D 207 -8.52 -0.74 -0.97
N GLY D 208 -9.14 0.12 -1.76
CA GLY D 208 -8.70 0.28 -3.12
C GLY D 208 -7.40 1.07 -3.19
N ILE D 209 -7.51 2.37 -3.47
CA ILE D 209 -6.33 3.23 -3.49
C ILE D 209 -6.07 3.75 -2.08
N ARG D 210 -6.86 3.27 -1.12
CA ARG D 210 -6.60 3.65 0.28
C ARG D 210 -5.35 2.98 0.82
N LYS D 211 -4.99 1.82 0.29
CA LYS D 211 -3.76 1.14 0.68
C LYS D 211 -2.63 1.65 -0.20
N MET D 212 -1.60 2.23 0.44
CA MET D 212 -0.52 2.87 -0.30
C MET D 212 0.19 1.91 -1.24
N GLY D 213 0.20 0.61 -0.90
CA GLY D 213 0.80 -0.36 -1.80
C GLY D 213 0.16 -0.39 -3.17
N ASN D 214 -1.16 -0.15 -3.24
CA ASN D 214 -1.85 -0.13 -4.53
C ASN D 214 -1.52 1.11 -5.35
N ARG D 215 -1.01 2.17 -4.72
CA ARG D 215 -0.53 3.35 -5.43
C ARG D 215 0.89 3.19 -5.93
N HIS D 216 1.60 2.14 -5.48
CA HIS D 216 2.95 1.83 -5.94
C HIS D 216 3.01 0.37 -6.36
N LYS D 217 2.22 0.01 -7.37
CA LYS D 217 2.17 -1.37 -7.83
C LYS D 217 3.48 -1.77 -8.50
N PHE D 218 3.90 -3.01 -8.25
CA PHE D 218 5.10 -3.52 -8.91
C PHE D 218 4.83 -3.68 -10.41
N PRO D 219 5.76 -3.27 -11.27
CA PRO D 219 5.50 -3.30 -12.71
C PRO D 219 5.24 -4.71 -13.22
N LYS D 220 4.34 -4.81 -14.19
CA LYS D 220 4.04 -6.09 -14.81
C LYS D 220 5.23 -6.57 -15.64
N GLU D 221 5.26 -7.88 -15.91
CA GLU D 221 6.38 -8.47 -16.63
C GLU D 221 6.51 -7.90 -18.03
N GLU D 222 5.41 -7.50 -18.66
CA GLU D 222 5.45 -7.01 -20.03
C GLU D 222 6.19 -5.68 -20.17
N ILE D 223 6.39 -4.94 -19.07
CA ILE D 223 7.08 -3.66 -19.11
C ILE D 223 8.30 -3.66 -18.18
N TYR D 224 8.74 -4.83 -17.74
CA TYR D 224 9.89 -4.97 -16.86
C TYR D 224 11.09 -5.41 -17.68
N ASN D 225 12.18 -4.65 -17.61
CA ASN D 225 13.36 -4.94 -18.41
C ASN D 225 14.08 -6.18 -17.87
N THR D 226 14.25 -7.18 -18.75
CA THR D 226 14.85 -8.47 -18.41
C THR D 226 14.20 -9.03 -17.15
N PRO D 227 12.93 -9.44 -17.24
CA PRO D 227 12.19 -9.81 -16.02
C PRO D 227 12.67 -11.07 -15.35
N SER D 228 13.57 -11.85 -15.98
CA SER D 228 14.08 -13.04 -15.32
C SER D 228 15.05 -12.69 -14.19
N ILE D 229 15.68 -11.52 -14.27
CA ILE D 229 16.56 -11.05 -13.20
C ILE D 229 15.70 -10.44 -12.10
N ARG D 230 15.25 -11.27 -11.17
CA ARG D 230 14.34 -10.84 -10.11
C ARG D 230 15.08 -10.48 -8.82
N PHE D 231 16.01 -11.32 -8.39
CA PHE D 231 16.71 -11.11 -7.12
C PHE D 231 18.13 -10.59 -7.30
N GLY D 232 18.60 -10.39 -8.53
CA GLY D 232 19.96 -9.96 -8.76
C GLY D 232 20.07 -8.72 -9.61
N ARG D 233 19.27 -7.70 -9.30
CA ARG D 233 19.30 -6.44 -10.05
C ARG D 233 20.32 -5.48 -9.47
N GLU D 234 21.59 -5.90 -9.51
CA GLU D 234 22.66 -5.12 -8.90
C GLU D 234 23.13 -4.01 -9.83
N HIS D 235 23.17 -4.26 -11.14
CA HIS D 235 23.61 -3.26 -12.09
C HIS D 235 22.77 -1.99 -11.94
N TYR D 236 23.44 -0.86 -11.72
CA TYR D 236 22.76 0.37 -11.37
C TYR D 236 22.11 1.06 -12.57
N GLU D 237 22.22 0.51 -13.77
CA GLU D 237 21.37 1.01 -14.84
C GLU D 237 19.92 0.60 -14.63
N PHE D 238 19.69 -0.47 -13.86
CA PHE D 238 18.33 -0.85 -13.49
C PHE D 238 17.68 0.22 -12.63
N GLN D 239 18.45 1.04 -11.92
CA GLN D 239 17.87 2.13 -11.14
C GLN D 239 17.14 3.13 -12.03
N TYR D 240 17.47 3.20 -13.31
CA TYR D 240 16.78 4.04 -14.28
C TYR D 240 15.73 3.27 -15.08
N LEU D 241 16.03 2.05 -15.52
CA LEU D 241 15.06 1.28 -16.28
C LEU D 241 13.86 0.90 -15.43
N ASP D 242 14.08 0.58 -14.16
CA ASP D 242 12.96 0.25 -13.29
C ASP D 242 12.14 1.48 -12.91
N LEU D 243 12.71 2.68 -12.99
CA LEU D 243 11.91 3.89 -12.82
C LEU D 243 10.97 4.10 -14.00
N LEU D 244 11.45 3.78 -15.21
CA LEU D 244 10.56 3.82 -16.37
C LEU D 244 9.41 2.85 -16.20
N SER D 245 9.69 1.65 -15.71
CA SER D 245 8.63 0.66 -15.53
C SER D 245 7.62 1.10 -14.48
N ARG D 246 8.09 1.71 -13.39
CA ARG D 246 7.16 2.15 -12.35
C ARG D 246 6.27 3.28 -12.84
N VAL D 247 6.77 4.12 -13.74
CA VAL D 247 5.93 5.17 -14.30
C VAL D 247 4.89 4.58 -15.23
N LEU D 248 5.29 3.64 -16.08
CA LEU D 248 4.34 2.99 -16.98
C LEU D 248 3.25 2.23 -16.23
N GLU D 249 3.51 1.82 -14.98
CA GLU D 249 2.54 1.05 -14.23
C GLU D 249 1.61 1.93 -13.39
N ASN D 250 2.13 3.01 -12.80
CA ASN D 250 1.36 3.83 -11.88
C ASN D 250 1.23 5.28 -12.32
N GLY D 251 1.77 5.64 -13.48
CA GLY D 251 1.76 7.04 -13.89
C GLY D 251 0.35 7.51 -14.22
N ALA D 252 -0.03 8.63 -13.62
CA ALA D 252 -1.34 9.23 -13.90
C ALA D 252 -1.25 10.10 -15.14
N TYR D 253 -2.22 9.94 -16.04
CA TYR D 253 -2.27 10.75 -17.26
C TYR D 253 -2.64 12.18 -16.87
N ARG D 254 -1.71 13.11 -17.09
CA ARG D 254 -1.87 14.49 -16.64
C ARG D 254 -1.48 15.45 -17.76
N GLU D 255 -2.06 16.64 -17.72
CA GLU D 255 -1.72 17.70 -18.64
C GLU D 255 -0.61 18.56 -18.04
N ASN D 256 -0.02 19.41 -18.89
CA ASN D 256 1.03 20.31 -18.45
C ASN D 256 1.06 21.52 -19.37
N ARG D 257 2.05 22.40 -19.15
CA ARG D 257 2.15 23.64 -19.91
C ARG D 257 2.36 23.40 -21.39
N THR D 258 2.90 22.24 -21.78
CA THR D 258 3.05 21.90 -23.18
C THR D 258 1.81 21.19 -23.69
N GLY D 259 1.72 21.05 -25.01
CA GLY D 259 0.60 20.34 -25.59
C GLY D 259 0.67 18.84 -25.49
N ILE D 260 1.70 18.31 -24.85
CA ILE D 260 1.96 16.87 -24.80
C ILE D 260 1.77 16.42 -23.36
N SER D 261 0.76 15.59 -23.13
CA SER D 261 0.47 15.09 -21.79
C SER D 261 1.47 14.02 -21.39
N THR D 262 1.56 13.77 -20.09
CA THR D 262 2.51 12.82 -19.54
C THR D 262 1.80 11.81 -18.64
N TYR D 263 2.52 10.73 -18.33
CA TYR D 263 2.16 9.81 -17.27
C TYR D 263 3.13 10.06 -16.12
N SER D 264 2.62 10.51 -14.98
CA SER D 264 3.45 11.08 -13.94
C SER D 264 3.24 10.38 -12.61
N ILE D 265 4.33 10.17 -11.88
CA ILE D 265 4.30 9.77 -10.48
C ILE D 265 5.18 10.75 -9.69
N PHE D 266 5.04 10.71 -8.37
CA PHE D 266 5.69 11.69 -7.51
C PHE D 266 6.46 10.98 -6.40
N GLY D 267 7.73 11.35 -6.26
CA GLY D 267 8.56 10.80 -5.20
C GLY D 267 9.32 9.53 -5.58
N GLN D 268 10.42 9.68 -6.31
CA GLN D 268 11.23 8.55 -6.74
C GLN D 268 12.70 8.92 -6.64
N MET D 269 13.55 7.90 -6.55
CA MET D 269 15.00 8.10 -6.48
C MET D 269 15.71 6.99 -7.26
N MET D 270 17.01 7.20 -7.47
CA MET D 270 17.86 6.20 -8.09
C MET D 270 19.31 6.53 -7.79
N ARG D 271 20.08 5.53 -7.37
CA ARG D 271 21.49 5.71 -7.03
C ARG D 271 22.37 5.18 -8.15
N PHE D 272 23.57 5.74 -8.23
CA PHE D 272 24.56 5.30 -9.20
C PHE D 272 25.94 5.28 -8.54
N ASP D 273 26.74 4.30 -8.93
CA ASP D 273 28.14 4.24 -8.52
C ASP D 273 28.99 4.99 -9.54
N MET D 274 30.01 5.70 -9.04
CA MET D 274 30.97 6.37 -9.89
C MET D 274 32.40 5.96 -9.62
N ARG D 275 32.63 5.07 -8.65
CA ARG D 275 34.00 4.64 -8.34
C ARG D 275 34.55 3.75 -9.43
N GLU D 276 33.81 2.71 -9.81
CA GLU D 276 34.28 1.71 -10.75
C GLU D 276 33.69 1.88 -12.15
N SER D 277 32.82 2.86 -12.37
CA SER D 277 32.18 3.03 -13.66
C SER D 277 31.62 4.46 -13.76
N PHE D 278 31.05 4.76 -14.94
CA PHE D 278 30.44 6.05 -15.21
C PHE D 278 28.99 5.81 -15.64
N PRO D 279 28.00 6.39 -14.94
CA PRO D 279 26.60 6.05 -15.25
C PRO D 279 26.10 6.66 -16.55
N LEU D 280 26.64 6.20 -17.68
CA LEU D 280 26.16 6.58 -19.00
C LEU D 280 25.36 5.42 -19.56
N LEU D 281 24.08 5.64 -19.84
CA LEU D 281 23.18 4.54 -20.18
C LEU D 281 23.66 3.81 -21.42
N THR D 282 23.57 2.48 -21.37
CA THR D 282 23.96 1.62 -22.48
C THR D 282 22.78 1.16 -23.32
N THR D 283 21.57 1.16 -22.77
CA THR D 283 20.38 0.78 -23.52
C THR D 283 20.00 1.78 -24.60
N LYS D 284 20.77 2.86 -24.75
CA LYS D 284 20.53 3.88 -25.76
C LYS D 284 21.80 4.70 -25.92
N LYS D 285 22.18 4.98 -27.16
CA LYS D 285 23.37 5.78 -27.42
C LYS D 285 23.10 7.21 -26.95
N VAL D 286 23.74 7.61 -25.85
CA VAL D 286 23.55 8.93 -25.25
C VAL D 286 24.61 9.88 -25.80
N ALA D 287 24.16 11.09 -26.16
CA ALA D 287 25.06 12.13 -26.69
C ALA D 287 25.90 12.69 -25.55
N ILE D 288 27.00 11.99 -25.24
CA ILE D 288 27.85 12.39 -24.13
C ILE D 288 28.51 13.73 -24.42
N ARG D 289 28.81 14.03 -25.68
CA ARG D 289 29.45 15.29 -26.02
C ARG D 289 28.53 16.47 -25.73
N SER D 290 27.25 16.36 -26.07
CA SER D 290 26.31 17.43 -25.76
C SER D 290 26.11 17.58 -24.25
N ILE D 291 26.21 16.48 -23.51
CA ILE D 291 26.09 16.56 -22.05
C ILE D 291 27.22 17.40 -21.48
N PHE D 292 28.46 17.14 -21.92
CA PHE D 292 29.59 17.88 -21.40
C PHE D 292 29.51 19.36 -21.78
N GLU D 293 29.28 19.65 -23.06
CA GLU D 293 29.26 21.02 -23.53
C GLU D 293 28.18 21.84 -22.83
N GLU D 294 27.09 21.19 -22.39
CA GLU D 294 26.10 21.88 -21.58
C GLU D 294 26.61 22.11 -20.16
N LEU D 295 27.32 21.13 -19.60
CA LEU D 295 27.80 21.26 -18.23
C LEU D 295 28.89 22.33 -18.13
N ILE D 296 29.82 22.35 -19.08
CA ILE D 296 30.84 23.40 -19.08
C ILE D 296 30.21 24.74 -19.39
N TRP D 297 29.07 24.74 -20.08
CA TRP D 297 28.33 25.97 -20.32
C TRP D 297 27.75 26.52 -19.02
N PHE D 298 27.33 25.64 -18.12
CA PHE D 298 26.88 26.07 -16.80
C PHE D 298 28.04 26.60 -15.98
N ILE D 299 29.15 25.86 -15.96
CA ILE D 299 30.27 26.21 -15.09
C ILE D 299 30.83 27.57 -15.47
N LYS D 300 30.93 27.86 -16.77
CA LYS D 300 31.43 29.16 -17.23
C LYS D 300 30.49 30.31 -16.88
N GLY D 301 29.34 30.05 -16.28
CA GLY D 301 28.42 31.10 -15.92
C GLY D 301 27.59 31.65 -17.05
N ASP D 302 27.46 30.89 -18.14
CA ASP D 302 26.93 31.40 -19.40
C ASP D 302 25.45 31.11 -19.54
N THR D 303 24.69 32.11 -19.99
CA THR D 303 23.29 31.94 -20.33
C THR D 303 23.02 32.19 -21.81
N ASN D 304 24.04 32.48 -22.60
CA ASN D 304 23.88 32.71 -24.04
C ASN D 304 23.61 31.37 -24.73
N GLY D 305 22.40 31.21 -25.26
CA GLY D 305 22.05 29.99 -25.95
C GLY D 305 22.68 29.83 -27.31
N ASN D 306 23.23 30.90 -27.89
CA ASN D 306 23.89 30.78 -29.18
C ASN D 306 25.23 30.07 -29.07
N HIS D 307 25.91 30.21 -27.93
CA HIS D 307 27.20 29.57 -27.74
C HIS D 307 27.09 28.04 -27.77
N LEU D 308 25.92 27.49 -27.47
CA LEU D 308 25.72 26.05 -27.59
C LEU D 308 25.36 25.65 -29.02
N ILE D 309 24.57 26.47 -29.70
CA ILE D 309 24.24 26.19 -31.10
C ILE D 309 25.47 26.35 -31.99
N GLU D 310 26.40 27.24 -31.61
CA GLU D 310 27.64 27.38 -32.37
C GLU D 310 28.51 26.15 -32.28
N LYS D 311 28.38 25.36 -31.20
CA LYS D 311 29.10 24.11 -31.04
C LYS D 311 28.23 22.91 -31.42
N LYS D 312 27.18 23.13 -32.21
CA LYS D 312 26.30 22.08 -32.72
C LYS D 312 25.63 21.31 -31.58
N VAL D 313 25.12 22.06 -30.60
CA VAL D 313 24.35 21.51 -29.48
C VAL D 313 23.03 22.25 -29.46
N TYR D 314 21.96 21.56 -29.84
CA TYR D 314 20.66 22.18 -30.06
C TYR D 314 19.64 21.84 -28.98
N ILE D 315 20.08 21.47 -27.78
CA ILE D 315 19.12 21.08 -26.75
C ILE D 315 18.41 22.27 -26.15
N TRP D 316 19.00 23.47 -26.18
CA TRP D 316 18.36 24.67 -25.65
C TRP D 316 17.84 25.58 -26.76
N SER D 317 17.63 25.05 -27.97
CA SER D 317 17.08 25.85 -29.03
C SER D 317 15.56 25.97 -28.92
N GLY D 318 14.89 24.89 -28.51
CA GLY D 318 13.45 24.91 -28.43
C GLY D 318 12.91 25.88 -27.40
N ASN D 319 13.51 25.88 -26.21
CA ASN D 319 13.11 26.79 -25.15
C ASN D 319 13.73 28.16 -25.28
N GLY D 320 14.37 28.45 -26.41
CA GLY D 320 14.98 29.75 -26.65
C GLY D 320 14.74 30.23 -28.06
N SER D 321 13.49 30.15 -28.51
CA SER D 321 13.08 30.65 -29.81
C SER D 321 12.20 31.88 -29.63
N LYS D 322 12.11 32.68 -30.70
CA LYS D 322 11.30 33.89 -30.64
C LYS D 322 9.84 33.55 -30.33
N GLU D 323 9.34 32.44 -30.87
CA GLU D 323 7.95 32.06 -30.63
C GLU D 323 7.74 31.63 -29.18
N TYR D 324 8.65 30.82 -28.64
CA TYR D 324 8.47 30.34 -27.27
C TYR D 324 8.65 31.46 -26.25
N LEU D 325 9.61 32.36 -26.49
CA LEU D 325 9.88 33.41 -25.51
C LEU D 325 8.72 34.38 -25.39
N GLU D 326 8.04 34.69 -26.50
CA GLU D 326 6.88 35.58 -26.42
C GLU D 326 5.71 34.90 -25.72
N ARG D 327 5.60 33.58 -25.83
CA ARG D 327 4.50 32.87 -25.19
C ARG D 327 4.59 32.95 -23.68
N ILE D 328 5.79 32.81 -23.13
CA ILE D 328 5.96 32.82 -21.67
C ILE D 328 6.19 34.25 -21.20
N GLY D 329 6.03 35.21 -22.11
CA GLY D 329 6.10 36.61 -21.74
C GLY D 329 7.48 37.21 -21.72
N LEU D 330 8.43 36.66 -22.47
CA LEU D 330 9.79 37.19 -22.56
C LEU D 330 10.14 37.57 -23.99
N GLY D 331 9.17 38.16 -24.71
CA GLY D 331 9.40 38.57 -26.09
C GLY D 331 10.37 39.72 -26.24
N HIS D 332 10.74 40.37 -25.13
CA HIS D 332 11.69 41.46 -25.16
C HIS D 332 13.14 41.00 -25.24
N ARG D 333 13.39 39.70 -25.12
CA ARG D 333 14.75 39.18 -25.13
C ARG D 333 15.20 38.90 -26.56
N GLU D 334 16.51 38.70 -26.71
CA GLU D 334 17.07 38.33 -28.00
C GLU D 334 16.62 36.91 -28.35
N GLU D 335 17.13 36.39 -29.47
CA GLU D 335 16.68 35.09 -29.96
C GLU D 335 16.90 34.00 -28.92
N ASN D 336 18.13 33.82 -28.45
CA ASN D 336 18.47 32.74 -27.56
C ASN D 336 18.87 33.21 -26.15
N ASP D 337 18.37 34.37 -25.72
CA ASP D 337 18.66 34.88 -24.38
C ASP D 337 17.81 34.10 -23.39
N LEU D 338 18.37 33.02 -22.85
CA LEU D 338 17.63 32.15 -21.95
C LEU D 338 17.39 32.75 -20.58
N GLY D 339 18.00 33.90 -20.27
CA GLY D 339 17.82 34.53 -19.00
C GLY D 339 18.65 33.89 -17.92
N PRO D 340 18.51 34.37 -16.67
CA PRO D 340 19.33 33.82 -15.58
C PRO D 340 18.91 32.42 -15.17
N ILE D 341 19.62 31.40 -15.65
CA ILE D 341 19.24 30.02 -15.43
C ILE D 341 20.40 29.30 -14.76
N TYR D 342 20.48 27.98 -14.94
CA TYR D 342 21.64 27.23 -14.50
C TYR D 342 22.93 27.91 -14.91
N GLY D 343 23.86 28.03 -13.97
CA GLY D 343 25.12 28.68 -14.20
C GLY D 343 25.11 30.17 -14.03
N PHE D 344 23.94 30.79 -13.93
CA PHE D 344 23.88 32.17 -13.47
C PHE D 344 23.49 32.25 -12.01
N GLN D 345 22.74 31.28 -11.50
CA GLN D 345 22.57 31.14 -10.07
C GLN D 345 23.75 30.41 -9.45
N TRP D 346 24.55 29.72 -10.26
CA TRP D 346 25.76 29.06 -9.75
C TRP D 346 26.88 30.06 -9.53
N ARG D 347 27.03 31.03 -10.44
CA ARG D 347 28.16 31.95 -10.38
C ARG D 347 27.78 33.37 -9.98
N HIS D 348 26.52 33.78 -10.17
CA HIS D 348 26.08 35.13 -9.87
C HIS D 348 24.68 35.09 -9.25
N TYR D 349 24.55 34.37 -8.14
CA TYR D 349 23.26 34.24 -7.47
C TYR D 349 22.78 35.60 -6.96
N ASN D 350 21.50 35.87 -7.16
CA ASN D 350 20.85 37.13 -6.79
C ASN D 350 21.43 38.33 -7.56
N GLY D 351 22.07 38.08 -8.71
CA GLY D 351 22.61 39.17 -9.50
C GLY D 351 21.54 39.77 -10.39
N GLU D 352 21.57 41.11 -10.49
CA GLU D 352 20.60 41.82 -11.32
C GLU D 352 20.87 41.51 -12.79
N TYR D 353 20.09 40.59 -13.36
CA TYR D 353 20.27 40.19 -14.73
C TYR D 353 19.69 41.22 -15.69
N LYS D 354 20.42 41.49 -16.76
CA LYS D 354 19.94 42.39 -17.80
C LYS D 354 19.74 41.62 -19.09
N THR D 355 20.82 41.37 -19.82
CA THR D 355 20.81 40.54 -21.02
C THR D 355 21.98 39.56 -20.94
N MET D 356 22.09 38.72 -21.97
CA MET D 356 23.17 37.75 -22.08
C MET D 356 24.49 38.36 -22.55
N HIS D 357 24.49 39.64 -22.93
CA HIS D 357 25.69 40.29 -23.42
C HIS D 357 26.44 41.08 -22.36
N ASP D 358 25.80 41.38 -21.24
CA ASP D 358 26.46 42.16 -20.19
C ASP D 358 27.53 41.35 -19.48
N ASP D 359 28.40 42.06 -18.77
CA ASP D 359 29.49 41.46 -18.02
C ASP D 359 29.06 41.34 -16.57
N TYR D 360 28.94 40.10 -16.08
CA TYR D 360 28.49 39.83 -14.72
C TYR D 360 29.62 39.37 -13.81
N THR D 361 30.87 39.59 -14.20
CA THR D 361 32.01 39.15 -13.38
C THR D 361 32.04 39.95 -12.08
N GLY D 362 31.94 39.25 -10.96
CA GLY D 362 31.99 39.86 -9.65
C GLY D 362 30.63 40.15 -9.02
N VAL D 363 29.56 40.18 -9.81
CA VAL D 363 28.23 40.45 -9.28
C VAL D 363 27.61 39.13 -8.83
N GLY D 364 26.74 39.23 -7.82
CA GLY D 364 26.10 38.05 -7.27
C GLY D 364 27.02 37.24 -6.40
N VAL D 365 26.49 36.12 -5.91
CA VAL D 365 27.23 35.20 -5.05
C VAL D 365 27.74 34.04 -5.90
N ASP D 366 29.05 33.86 -5.94
CA ASP D 366 29.67 32.77 -6.69
C ASP D 366 29.59 31.51 -5.84
N GLN D 367 28.52 30.73 -6.05
CA GLN D 367 28.31 29.53 -5.24
C GLN D 367 29.34 28.45 -5.58
N LEU D 368 29.64 28.26 -6.86
CA LEU D 368 30.56 27.21 -7.26
C LEU D 368 31.96 27.47 -6.69
N ALA D 369 32.41 28.72 -6.71
CA ALA D 369 33.70 29.04 -6.12
C ALA D 369 33.71 28.76 -4.62
N LYS D 370 32.68 29.25 -3.91
CA LYS D 370 32.58 28.96 -2.48
C LYS D 370 32.43 27.47 -2.22
N LEU D 371 31.79 26.74 -3.14
CA LEU D 371 31.63 25.30 -2.97
C LEU D 371 32.98 24.60 -3.06
N ILE D 372 33.78 24.94 -4.06
CA ILE D 372 35.10 24.34 -4.22
C ILE D 372 35.99 24.68 -3.03
N GLU D 373 35.94 25.94 -2.60
CA GLU D 373 36.78 26.36 -1.47
C GLU D 373 36.34 25.69 -0.18
N THR D 374 35.04 25.48 0.01
CA THR D 374 34.58 24.79 1.21
C THR D 374 34.90 23.31 1.16
N LEU D 375 34.93 22.73 -0.05
CA LEU D 375 35.17 21.30 -0.18
C LEU D 375 36.60 20.92 0.20
N LYS D 376 37.55 21.85 0.01
CA LYS D 376 38.95 21.58 0.33
C LYS D 376 39.38 22.08 1.69
N ASN D 377 38.76 23.15 2.20
CA ASN D 377 39.12 23.68 3.50
C ASN D 377 38.37 23.03 4.65
N ASN D 378 37.19 22.47 4.41
CA ASN D 378 36.39 21.81 5.45
C ASN D 378 35.55 20.71 4.80
N PRO D 379 36.16 19.54 4.57
CA PRO D 379 35.43 18.51 3.81
C PRO D 379 34.25 17.91 4.57
N LYS D 380 34.36 17.75 5.88
CA LYS D 380 33.29 17.14 6.66
C LYS D 380 32.15 18.12 6.97
N ASP D 381 32.19 19.31 6.38
CA ASP D 381 31.10 20.27 6.52
C ASP D 381 29.83 19.72 5.86
N ARG D 382 28.69 19.96 6.51
CA ARG D 382 27.40 19.49 6.04
C ARG D 382 26.62 20.57 5.30
N ARG D 383 27.31 21.45 4.59
CA ARG D 383 26.68 22.57 3.91
C ARG D 383 27.19 22.76 2.49
N HIS D 384 27.78 21.73 1.88
CA HIS D 384 28.30 21.81 0.52
C HIS D 384 27.13 21.74 -0.45
N ILE D 385 26.43 22.85 -0.59
CA ILE D 385 25.16 22.90 -1.31
C ILE D 385 25.26 23.92 -2.44
N LEU D 386 24.82 23.51 -3.63
CA LEU D 386 24.74 24.38 -4.80
C LEU D 386 23.27 24.45 -5.21
N THR D 387 22.66 25.61 -5.05
CA THR D 387 21.25 25.80 -5.38
C THR D 387 21.07 26.58 -6.67
N ALA D 388 19.90 26.42 -7.27
CA ALA D 388 19.53 27.15 -8.46
C ALA D 388 18.12 27.71 -8.40
N TRP D 389 17.38 27.43 -7.33
CA TRP D 389 16.00 27.92 -7.20
C TRP D 389 16.05 29.30 -6.55
N ASN D 390 15.89 30.33 -7.37
CA ASN D 390 15.84 31.72 -6.91
C ASN D 390 14.46 32.26 -7.23
N PRO D 391 13.53 32.28 -6.28
CA PRO D 391 12.16 32.74 -6.58
C PRO D 391 12.08 34.20 -7.01
N SER D 392 13.14 34.99 -6.78
CA SER D 392 13.15 36.38 -7.24
C SER D 392 13.43 36.50 -8.74
N ALA D 393 13.87 35.43 -9.39
CA ALA D 393 14.25 35.48 -10.80
C ALA D 393 13.54 34.43 -11.64
N LEU D 394 12.55 33.72 -11.09
CA LEU D 394 11.88 32.68 -11.85
C LEU D 394 11.15 33.26 -13.06
N SER D 395 10.52 34.43 -12.89
CA SER D 395 9.76 35.02 -13.98
C SER D 395 10.66 35.44 -15.15
N GLN D 396 11.94 35.71 -14.87
CA GLN D 396 12.87 36.09 -15.93
C GLN D 396 13.49 34.90 -16.65
N MET D 397 13.29 33.68 -16.14
CA MET D 397 13.95 32.52 -16.72
C MET D 397 13.16 31.98 -17.90
N ALA D 398 13.88 31.56 -18.94
CA ALA D 398 13.22 30.88 -20.06
C ALA D 398 12.62 29.56 -19.63
N LEU D 399 13.12 28.97 -18.55
CA LEU D 399 12.61 27.74 -17.99
C LEU D 399 13.13 27.61 -16.56
N PRO D 400 12.25 27.47 -15.57
CA PRO D 400 12.70 27.32 -14.19
C PRO D 400 13.57 26.10 -14.04
N PRO D 401 14.44 26.07 -13.02
CA PRO D 401 15.39 24.95 -12.88
C PRO D 401 14.69 23.63 -12.63
N CYS D 402 15.11 22.60 -13.36
CA CYS D 402 14.63 21.24 -13.13
C CYS D 402 15.50 20.54 -12.08
N HIS D 403 16.81 20.47 -12.31
CA HIS D 403 17.72 20.03 -11.26
C HIS D 403 17.93 21.25 -10.35
N VAL D 404 17.23 21.24 -9.23
CA VAL D 404 17.06 22.44 -8.41
C VAL D 404 18.18 22.60 -7.39
N LEU D 405 18.47 21.56 -6.63
CA LEU D 405 19.41 21.63 -5.52
C LEU D 405 20.33 20.42 -5.56
N SER D 406 21.61 20.65 -5.24
CA SER D 406 22.58 19.57 -5.17
C SER D 406 23.46 19.76 -3.94
N GLN D 407 23.76 18.66 -3.27
CA GLN D 407 24.59 18.66 -2.07
C GLN D 407 25.74 17.68 -2.25
N TYR D 408 26.90 18.02 -1.69
CA TYR D 408 28.11 17.23 -1.87
C TYR D 408 28.68 16.84 -0.52
N TYR D 409 29.36 15.69 -0.52
CA TYR D 409 29.72 14.99 0.72
C TYR D 409 31.06 14.30 0.51
N VAL D 410 31.99 14.55 1.43
CA VAL D 410 33.32 13.95 1.37
C VAL D 410 33.36 12.80 2.37
N THR D 411 33.56 11.59 1.86
CA THR D 411 33.58 10.41 2.73
C THR D 411 34.92 10.33 3.47
N ASN D 412 35.01 9.35 4.37
CA ASN D 412 36.23 9.21 5.17
C ASN D 412 37.40 8.76 4.32
N ASP D 413 37.15 8.02 3.24
CA ASP D 413 38.21 7.59 2.33
C ASP D 413 38.40 8.57 1.17
N ASN D 414 38.12 9.86 1.39
CA ASN D 414 38.41 10.92 0.43
C ASN D 414 37.72 10.67 -0.91
N CYS D 415 36.42 10.37 -0.85
CA CYS D 415 35.57 10.25 -2.02
C CYS D 415 34.47 11.29 -1.95
N LEU D 416 34.07 11.79 -3.12
CA LEU D 416 33.08 12.86 -3.23
C LEU D 416 31.78 12.28 -3.79
N SER D 417 30.75 12.24 -2.95
CA SER D 417 29.41 11.82 -3.36
C SER D 417 28.55 13.04 -3.69
N CYS D 418 27.42 12.79 -4.34
CA CYS D 418 26.54 13.85 -4.79
C CYS D 418 25.09 13.43 -4.65
N ASN D 419 24.27 14.34 -4.11
CA ASN D 419 22.82 14.17 -4.04
C ASN D 419 22.19 15.31 -4.83
N LEU D 420 21.26 14.97 -5.72
CA LEU D 420 20.56 15.95 -6.54
C LEU D 420 19.07 15.80 -6.35
N TYR D 421 18.38 16.91 -6.13
CA TYR D 421 16.92 16.93 -6.14
C TYR D 421 16.43 17.57 -7.43
N GLN D 422 15.57 16.84 -8.15
CA GLN D 422 15.02 17.27 -9.43
C GLN D 422 13.51 17.38 -9.31
N ARG D 423 12.98 18.59 -9.52
CA ARG D 423 11.55 18.82 -9.35
C ARG D 423 10.74 18.18 -10.47
N SER D 424 11.28 18.16 -11.69
CA SER D 424 10.59 17.62 -12.85
C SER D 424 11.59 16.88 -13.71
N CYS D 425 11.28 15.64 -14.07
CA CYS D 425 12.23 14.76 -14.74
C CYS D 425 11.57 14.14 -15.97
N ASP D 426 11.96 14.64 -17.15
CA ASP D 426 11.59 13.98 -18.41
C ASP D 426 12.45 12.75 -18.57
N LEU D 427 11.89 11.57 -18.24
CA LEU D 427 12.65 10.33 -18.26
C LEU D 427 13.11 9.94 -19.66
N GLY D 428 12.54 10.52 -20.70
CA GLY D 428 12.93 10.18 -22.06
C GLY D 428 14.17 10.90 -22.52
N LEU D 429 14.31 12.17 -22.15
CA LEU D 429 15.42 13.01 -22.62
C LEU D 429 16.25 13.58 -21.48
N GLY D 430 15.63 14.27 -20.53
CA GLY D 430 16.41 14.96 -19.50
C GLY D 430 17.13 14.01 -18.56
N SER D 431 16.47 12.92 -18.19
CA SER D 431 17.04 12.02 -17.17
C SER D 431 18.39 11.43 -17.58
N PRO D 432 18.55 10.81 -18.75
CA PRO D 432 19.89 10.31 -19.12
C PRO D 432 20.94 11.42 -19.19
N PHE D 433 20.53 12.64 -19.53
CA PHE D 433 21.46 13.76 -19.50
C PHE D 433 21.79 14.16 -18.08
N ASN D 434 20.78 14.24 -17.20
CA ASN D 434 21.01 14.68 -15.84
C ASN D 434 21.85 13.69 -15.04
N ILE D 435 21.73 12.41 -15.36
CA ILE D 435 22.54 11.40 -14.67
C ILE D 435 24.01 11.59 -15.00
N ALA D 436 24.33 11.75 -16.29
CA ALA D 436 25.73 11.90 -16.70
C ALA D 436 26.26 13.28 -16.36
N SER D 437 25.42 14.31 -16.48
CA SER D 437 25.89 15.68 -16.27
C SER D 437 26.39 15.88 -14.84
N TYR D 438 25.57 15.50 -13.86
CA TYR D 438 25.98 15.64 -12.47
C TYR D 438 27.03 14.60 -12.08
N ALA D 439 27.17 13.53 -12.86
CA ALA D 439 28.27 12.61 -12.64
C ALA D 439 29.58 13.24 -13.08
N ILE D 440 29.60 13.88 -14.25
CA ILE D 440 30.80 14.56 -14.72
C ILE D 440 31.15 15.71 -13.79
N LEU D 441 30.13 16.47 -13.36
CA LEU D 441 30.39 17.61 -12.48
C LEU D 441 31.04 17.16 -11.16
N THR D 442 30.57 16.05 -10.61
CA THR D 442 31.16 15.55 -9.37
C THR D 442 32.60 15.11 -9.59
N MET D 443 32.89 14.49 -10.73
CA MET D 443 34.26 14.08 -11.04
C MET D 443 35.16 15.29 -11.23
N MET D 444 34.65 16.34 -11.87
CA MET D 444 35.41 17.58 -11.98
C MET D 444 35.70 18.15 -10.61
N LEU D 445 34.68 18.22 -9.76
CA LEU D 445 34.89 18.72 -8.39
C LEU D 445 35.86 17.82 -7.62
N ALA D 446 35.87 16.53 -7.93
CA ALA D 446 36.76 15.62 -7.20
C ALA D 446 38.23 15.86 -7.56
N GLN D 447 38.50 16.13 -8.84
CA GLN D 447 39.88 16.32 -9.25
C GLN D 447 40.42 17.67 -8.78
N VAL D 448 39.61 18.73 -8.89
CA VAL D 448 40.05 20.06 -8.47
C VAL D 448 40.24 20.11 -6.96
N CYS D 449 39.45 19.34 -6.21
CA CYS D 449 39.57 19.29 -4.76
C CYS D 449 40.48 18.17 -4.28
N GLY D 450 40.94 17.30 -5.16
CA GLY D 450 41.86 16.25 -4.77
C GLY D 450 41.21 15.02 -4.17
N TYR D 451 39.96 14.74 -4.52
CA TYR D 451 39.26 13.55 -4.06
C TYR D 451 39.02 12.61 -5.23
N GLU D 452 38.34 11.51 -4.93
CA GLU D 452 37.95 10.52 -5.92
C GLU D 452 36.43 10.50 -6.07
N PRO D 453 35.92 10.07 -7.23
CA PRO D 453 34.47 10.02 -7.40
C PRO D 453 33.84 8.99 -6.48
N GLY D 454 32.66 9.31 -5.97
CA GLY D 454 31.96 8.44 -5.05
C GLY D 454 30.64 7.92 -5.60
N GLU D 455 29.53 8.30 -4.98
CA GLU D 455 28.21 7.86 -5.39
C GLU D 455 27.40 9.04 -5.92
N LEU D 456 26.34 8.70 -6.67
CA LEU D 456 25.42 9.68 -7.21
C LEU D 456 24.00 9.22 -6.93
N ALA D 457 23.26 10.02 -6.15
CA ALA D 457 21.86 9.76 -5.85
C ALA D 457 21.03 10.92 -6.39
N ILE D 458 19.97 10.58 -7.12
CA ILE D 458 19.08 11.57 -7.71
C ILE D 458 17.69 11.38 -7.14
N PHE D 459 17.19 12.37 -6.40
CA PHE D 459 15.85 12.35 -5.86
C PHE D 459 14.93 13.17 -6.76
N ILE D 460 13.82 12.57 -7.17
CA ILE D 460 12.95 13.13 -8.19
C ILE D 460 11.59 13.44 -7.62
N GLY D 461 11.05 14.60 -7.98
CA GLY D 461 9.68 14.93 -7.66
C GLY D 461 8.71 14.38 -8.70
N ASP D 462 8.46 15.14 -9.76
CA ASP D 462 7.52 14.74 -10.81
C ASP D 462 8.28 13.94 -11.86
N ALA D 463 8.33 12.62 -11.68
CA ALA D 463 8.94 11.70 -12.63
C ALA D 463 7.88 11.28 -13.64
N HIS D 464 8.06 11.67 -14.90
CA HIS D 464 7.02 11.52 -15.90
C HIS D 464 7.59 11.06 -17.22
N ILE D 465 6.71 10.50 -18.05
CA ILE D 465 7.02 10.08 -19.41
C ILE D 465 6.06 10.79 -20.35
N TYR D 466 6.59 11.51 -21.33
CA TYR D 466 5.74 12.15 -22.32
C TYR D 466 5.13 11.10 -23.25
N GLU D 467 3.86 11.31 -23.61
CA GLU D 467 3.11 10.26 -24.30
C GLU D 467 3.64 9.99 -25.70
N ASN D 468 4.38 10.92 -26.30
CA ASN D 468 5.01 10.67 -27.59
C ASN D 468 6.33 9.91 -27.45
N HIS D 469 6.72 9.55 -26.23
CA HIS D 469 7.90 8.74 -25.98
C HIS D 469 7.55 7.30 -25.63
N LEU D 470 6.27 6.92 -25.73
CA LEU D 470 5.84 5.62 -25.23
C LEU D 470 6.41 4.47 -26.04
N THR D 471 6.26 4.51 -27.36
CA THR D 471 6.79 3.43 -28.18
C THR D 471 8.32 3.41 -28.16
N GLN D 472 8.96 4.56 -27.93
CA GLN D 472 10.42 4.60 -27.87
C GLN D 472 10.93 3.98 -26.58
N LEU D 473 10.35 4.37 -25.44
CA LEU D 473 10.83 3.87 -24.16
C LEU D 473 10.50 2.39 -23.99
N LYS D 474 9.41 1.91 -24.58
CA LYS D 474 9.15 0.48 -24.60
C LYS D 474 10.19 -0.25 -25.43
N GLU D 475 10.69 0.39 -26.50
CA GLU D 475 11.80 -0.19 -27.25
C GLU D 475 13.07 -0.24 -26.42
N GLN D 476 13.33 0.81 -25.63
CA GLN D 476 14.53 0.83 -24.79
C GLN D 476 14.47 -0.24 -23.70
N LEU D 477 13.27 -0.54 -23.19
CA LEU D 477 13.14 -1.56 -22.15
C LEU D 477 13.34 -2.98 -22.66
N SER D 478 13.33 -3.18 -23.99
CA SER D 478 13.54 -4.51 -24.56
C SER D 478 15.02 -4.88 -24.69
N ARG D 479 15.92 -4.00 -24.27
CA ARG D 479 17.36 -4.18 -24.44
C ARG D 479 17.99 -4.48 -23.09
N THR D 480 18.62 -5.64 -22.99
CA THR D 480 19.32 -5.99 -21.75
C THR D 480 20.55 -5.08 -21.60
N PRO D 481 20.74 -4.45 -20.44
CA PRO D 481 21.83 -3.47 -20.30
C PRO D 481 23.20 -4.12 -20.45
N ARG D 482 24.18 -3.27 -20.74
CA ARG D 482 25.58 -3.64 -20.89
C ARG D 482 26.40 -2.89 -19.83
N PRO D 483 27.61 -3.35 -19.54
CA PRO D 483 28.41 -2.69 -18.50
C PRO D 483 28.68 -1.23 -18.82
N PHE D 484 28.64 -0.39 -17.78
CA PHE D 484 28.87 1.03 -17.93
C PHE D 484 30.27 1.30 -18.48
N PRO D 485 30.47 2.42 -19.18
CA PRO D 485 31.84 2.75 -19.65
C PRO D 485 32.68 3.34 -18.53
N GLN D 486 33.86 3.83 -18.87
CA GLN D 486 34.73 4.54 -17.94
C GLN D 486 34.96 5.96 -18.46
N LEU D 487 35.01 6.91 -17.53
CA LEU D 487 35.29 8.31 -17.87
C LEU D 487 36.54 8.74 -17.13
N LYS D 488 37.57 9.11 -17.88
CA LYS D 488 38.83 9.57 -17.31
C LYS D 488 39.24 10.88 -17.94
N PHE D 489 39.89 11.73 -17.13
CA PHE D 489 40.41 13.00 -17.60
C PHE D 489 41.86 12.85 -18.03
N LYS D 490 42.19 13.44 -19.18
CA LYS D 490 43.53 13.30 -19.74
C LYS D 490 44.56 14.17 -19.04
N ARG D 491 44.15 15.31 -18.48
CA ARG D 491 45.07 16.21 -17.81
C ARG D 491 44.42 16.74 -16.54
N LYS D 492 45.25 17.25 -15.64
CA LYS D 492 44.80 17.89 -14.42
C LYS D 492 44.73 19.40 -14.64
N VAL D 493 43.60 19.99 -14.33
CA VAL D 493 43.38 21.41 -14.53
C VAL D 493 43.56 22.14 -13.21
N GLU D 494 43.88 23.44 -13.29
CA GLU D 494 44.03 24.26 -12.10
C GLU D 494 42.70 24.88 -11.67
N ASN D 495 41.86 25.25 -12.62
CA ASN D 495 40.53 25.79 -12.33
C ASN D 495 39.50 24.97 -13.08
N ILE D 496 38.31 24.85 -12.47
CA ILE D 496 37.27 24.00 -13.03
C ILE D 496 36.75 24.51 -14.37
N GLU D 497 36.91 25.80 -14.66
CA GLU D 497 36.42 26.35 -15.92
C GLU D 497 37.29 25.97 -17.12
N ASP D 498 38.44 25.35 -16.89
CA ASP D 498 39.41 25.09 -17.95
C ASP D 498 39.20 23.74 -18.64
N PHE D 499 38.19 22.97 -18.24
CA PHE D 499 37.93 21.69 -18.88
C PHE D 499 37.50 21.88 -20.33
N LYS D 500 37.95 20.97 -21.20
CA LYS D 500 37.57 20.97 -22.60
C LYS D 500 37.19 19.56 -23.00
N TRP D 501 36.44 19.46 -24.11
CA TRP D 501 35.96 18.16 -24.57
C TRP D 501 37.10 17.24 -24.94
N GLU D 502 38.22 17.79 -25.39
CA GLU D 502 39.38 16.97 -25.73
C GLU D 502 40.05 16.37 -24.48
N ASP D 503 39.80 16.95 -23.31
CA ASP D 503 40.38 16.45 -22.07
C ASP D 503 39.62 15.27 -21.50
N ILE D 504 38.61 14.77 -22.20
CA ILE D 504 37.75 13.70 -21.70
C ILE D 504 37.95 12.47 -22.56
N GLU D 505 38.17 11.32 -21.92
CA GLU D 505 38.33 10.05 -22.61
C GLU D 505 37.24 9.09 -22.15
N LEU D 506 36.39 8.68 -23.08
CA LEU D 506 35.31 7.75 -22.80
C LEU D 506 35.75 6.37 -23.25
N ILE D 507 35.97 5.47 -22.29
CA ILE D 507 36.59 4.17 -22.53
C ILE D 507 35.55 3.08 -22.34
N GLY D 508 35.38 2.26 -23.38
CA GLY D 508 34.54 1.08 -23.28
C GLY D 508 33.05 1.34 -23.31
N TYR D 509 32.60 2.23 -24.19
CA TYR D 509 31.18 2.54 -24.32
C TYR D 509 30.66 1.86 -25.59
N TYR D 510 29.93 0.76 -25.41
CA TYR D 510 29.35 -0.01 -26.51
C TYR D 510 27.84 -0.06 -26.31
N PRO D 511 27.13 1.02 -26.61
CA PRO D 511 25.69 1.07 -26.34
C PRO D 511 24.86 0.52 -27.49
N TYR D 512 23.56 0.40 -27.23
CA TYR D 512 22.60 0.09 -28.27
C TYR D 512 22.35 1.33 -29.11
N PRO D 513 21.82 1.16 -30.33
CA PRO D 513 21.61 2.31 -31.21
C PRO D 513 20.77 3.40 -30.57
N THR D 514 21.01 4.64 -31.00
CA THR D 514 20.29 5.78 -30.47
C THR D 514 18.81 5.68 -30.82
N ILE D 515 17.98 6.30 -29.99
CA ILE D 515 16.53 6.31 -30.15
C ILE D 515 16.08 7.75 -30.22
N LYS D 516 15.47 8.13 -31.34
CA LYS D 516 15.05 9.51 -31.55
C LYS D 516 13.76 9.80 -30.78
N MET D 517 13.78 10.89 -30.01
CA MET D 517 12.61 11.31 -29.25
C MET D 517 12.52 12.83 -29.31
N ASP D 518 11.30 13.33 -29.54
CA ASP D 518 11.06 14.76 -29.70
C ASP D 518 10.86 15.42 -28.36
N MET D 519 11.37 16.65 -28.23
CA MET D 519 11.24 17.42 -27.00
C MET D 519 9.93 18.21 -27.01
N ALA D 520 9.27 18.22 -25.85
CA ALA D 520 8.05 19.00 -25.66
C ALA D 520 8.43 20.42 -25.28
N VAL D 521 8.14 21.37 -26.17
CA VAL D 521 8.47 22.77 -25.92
C VAL D 521 7.43 23.39 -25.00
N GLU E 3 55.92 -14.94 29.40
CA GLU E 3 55.72 -13.81 28.51
C GLU E 3 55.35 -14.27 27.11
N LYS E 4 55.02 -13.31 26.24
CA LYS E 4 54.73 -13.56 24.84
C LYS E 4 55.31 -12.43 24.01
N ASN E 5 55.08 -12.48 22.70
CA ASN E 5 55.72 -11.55 21.79
C ASN E 5 54.91 -10.26 21.67
N VAL E 6 55.62 -9.13 21.53
CA VAL E 6 55.01 -7.81 21.38
C VAL E 6 55.69 -7.15 20.20
N SER E 7 54.95 -6.95 19.11
CA SER E 7 55.48 -6.39 17.89
C SER E 7 54.83 -5.06 17.58
N ILE E 8 55.56 -4.22 16.85
CA ILE E 8 55.06 -2.94 16.37
C ILE E 8 54.80 -3.07 14.87
N VAL E 9 53.62 -2.63 14.44
CA VAL E 9 53.29 -2.51 13.03
C VAL E 9 53.08 -1.03 12.74
N VAL E 10 53.79 -0.52 11.72
CA VAL E 10 53.74 0.90 11.41
C VAL E 10 54.10 1.09 9.95
N ALA E 11 53.53 2.13 9.34
CA ALA E 11 53.90 2.56 7.99
C ALA E 11 54.31 4.03 8.07
N ALA E 12 55.59 4.29 7.93
CA ALA E 12 56.14 5.64 8.02
C ALA E 12 56.87 5.99 6.72
N SER E 13 57.02 7.29 6.49
CA SER E 13 57.74 7.74 5.31
C SER E 13 59.22 7.42 5.43
N VAL E 14 59.91 7.48 4.29
CA VAL E 14 61.25 6.91 4.21
C VAL E 14 62.28 7.78 4.93
N LEU E 15 62.09 9.11 4.93
CA LEU E 15 63.06 10.02 5.51
C LEU E 15 62.61 10.60 6.85
N SER E 16 61.50 11.33 6.87
CA SER E 16 61.04 11.99 8.08
C SER E 16 60.17 11.11 8.97
N SER E 17 59.80 9.91 8.50
CA SER E 17 59.02 8.96 9.29
C SER E 17 57.65 9.53 9.67
N GLY E 18 56.93 10.02 8.68
CA GLY E 18 55.58 10.54 8.90
C GLY E 18 54.54 9.44 8.73
N ILE E 19 53.53 9.46 9.59
CA ILE E 19 52.56 8.37 9.64
C ILE E 19 51.12 8.89 9.51
N GLY E 20 50.93 10.19 9.60
CA GLY E 20 49.56 10.71 9.57
C GLY E 20 49.50 12.19 9.27
N ILE E 21 48.27 12.62 8.95
CA ILE E 21 47.98 14.02 8.67
C ILE E 21 46.49 14.27 8.82
N ASN E 22 46.14 15.25 9.67
CA ASN E 22 44.74 15.66 9.87
C ASN E 22 43.86 14.46 10.27
N GLY E 23 44.37 13.63 11.15
CA GLY E 23 43.60 12.51 11.65
C GLY E 23 43.40 11.39 10.66
N GLN E 24 44.22 11.31 9.61
CA GLN E 24 44.12 10.23 8.64
C GLN E 24 45.49 9.95 8.06
N LEU E 25 45.57 8.90 7.24
CA LEU E 25 46.84 8.52 6.64
C LEU E 25 47.24 9.50 5.55
N PRO E 26 48.54 9.67 5.31
CA PRO E 26 49.00 10.53 4.22
C PRO E 26 48.92 9.88 2.85
N TRP E 27 48.42 8.65 2.74
CA TRP E 27 48.40 7.93 1.48
C TRP E 27 47.26 6.92 1.52
N SER E 28 47.09 6.21 0.39
CA SER E 28 46.06 5.16 0.26
C SER E 28 46.69 3.99 -0.50
N ILE E 29 47.21 3.02 0.26
CA ILE E 29 47.86 1.83 -0.29
C ILE E 29 47.10 0.61 0.19
N SER E 30 46.35 -0.02 -0.71
CA SER E 30 45.51 -1.15 -0.31
C SER E 30 46.32 -2.38 0.04
N GLU E 31 47.46 -2.60 -0.64
CA GLU E 31 48.29 -3.75 -0.33
C GLU E 31 48.92 -3.63 1.06
N ASP E 32 49.15 -2.40 1.53
CA ASP E 32 49.69 -2.21 2.87
C ASP E 32 48.66 -2.57 3.93
N LEU E 33 47.40 -2.22 3.69
CA LEU E 33 46.34 -2.56 4.65
C LEU E 33 46.17 -4.07 4.77
N LYS E 34 46.28 -4.78 3.65
CA LYS E 34 46.21 -6.24 3.69
C LYS E 34 47.36 -6.83 4.48
N PHE E 35 48.54 -6.20 4.42
CA PHE E 35 49.67 -6.64 5.24
C PHE E 35 49.35 -6.51 6.73
N PHE E 36 48.75 -5.39 7.13
CA PHE E 36 48.35 -5.23 8.52
C PHE E 36 47.37 -6.33 8.94
N SER E 37 46.48 -6.73 8.04
CA SER E 37 45.50 -7.76 8.37
C SER E 37 46.18 -9.11 8.58
N LYS E 38 47.01 -9.53 7.62
CA LYS E 38 47.60 -10.86 7.69
C LYS E 38 48.66 -10.96 8.78
N ILE E 39 49.34 -9.86 9.09
CA ILE E 39 50.38 -9.91 10.11
C ILE E 39 49.75 -9.91 11.51
N THR E 40 48.54 -9.38 11.67
CA THR E 40 47.88 -9.37 12.96
C THR E 40 46.94 -10.55 13.17
N ASN E 41 46.55 -11.24 12.09
CA ASN E 41 45.76 -12.46 12.20
C ASN E 41 46.62 -13.72 12.23
N ASN E 42 47.92 -13.61 11.98
CA ASN E 42 48.80 -14.77 11.94
C ASN E 42 48.98 -15.34 13.34
N LYS E 43 48.56 -16.58 13.55
CA LYS E 43 48.63 -17.23 14.85
C LYS E 43 48.70 -18.73 14.66
N CYS E 44 48.87 -19.45 15.76
CA CYS E 44 48.91 -20.90 15.77
C CYS E 44 47.67 -21.52 16.42
N ASP E 45 47.35 -21.10 17.64
CA ASP E 45 46.22 -21.66 18.37
C ASP E 45 44.92 -21.09 17.82
N SER E 46 44.04 -21.97 17.31
CA SER E 46 42.77 -21.53 16.76
C SER E 46 41.83 -21.00 17.83
N ASN E 47 42.03 -21.38 19.09
CA ASN E 47 41.19 -20.92 20.19
C ASN E 47 41.76 -19.67 20.88
N LYS E 48 42.67 -18.97 20.23
CA LYS E 48 43.25 -17.74 20.76
C LYS E 48 43.17 -16.66 19.70
N LYS E 49 43.25 -15.40 20.15
CA LYS E 49 43.20 -14.25 19.26
C LYS E 49 44.36 -13.32 19.58
N ASN E 50 44.66 -12.43 18.64
CA ASN E 50 45.73 -11.46 18.79
C ASN E 50 45.15 -10.12 19.26
N ALA E 51 45.92 -9.42 20.09
CA ALA E 51 45.50 -8.14 20.65
C ALA E 51 46.18 -7.00 19.92
N LEU E 52 45.39 -6.03 19.48
CA LEU E 52 45.89 -4.86 18.77
C LEU E 52 45.72 -3.64 19.67
N ILE E 53 46.83 -3.10 20.17
CA ILE E 53 46.81 -1.94 21.04
C ILE E 53 46.91 -0.68 20.20
N MET E 54 46.03 0.28 20.47
CA MET E 54 46.04 1.55 19.74
C MET E 54 45.55 2.67 20.65
N GLY E 55 45.90 3.90 20.27
CA GLY E 55 45.43 5.06 20.98
C GLY E 55 44.01 5.46 20.57
N ARG E 56 43.44 6.39 21.33
CA ARG E 56 42.06 6.79 21.08
C ARG E 56 41.91 7.51 19.75
N LYS E 57 42.79 8.48 19.47
CA LYS E 57 42.71 9.20 18.20
C LYS E 57 42.90 8.26 17.02
N THR E 58 43.68 7.19 17.19
CA THR E 58 43.77 6.16 16.16
C THR E 58 42.50 5.34 16.11
N TRP E 59 41.91 5.05 17.27
CA TRP E 59 40.63 4.34 17.32
C TRP E 59 39.54 5.10 16.60
N ASP E 60 39.60 6.44 16.62
CA ASP E 60 38.63 7.23 15.87
C ASP E 60 38.88 7.16 14.36
N SER E 61 40.15 7.02 13.96
CA SER E 61 40.49 7.02 12.54
C SER E 61 39.98 5.78 11.81
N ILE E 62 39.73 4.68 12.52
CA ILE E 62 39.22 3.47 11.90
C ILE E 62 37.72 3.33 12.11
N GLY E 63 37.02 4.41 12.46
CA GLY E 63 35.58 4.41 12.56
C GLY E 63 35.00 3.85 13.84
N ARG E 64 35.83 3.59 14.85
CA ARG E 64 35.39 3.03 16.12
C ARG E 64 34.62 1.71 15.92
N ARG E 65 35.09 0.90 14.96
CA ARG E 65 34.50 -0.38 14.67
C ARG E 65 35.53 -1.49 14.81
N PRO E 66 35.15 -2.65 15.34
CA PRO E 66 36.12 -3.70 15.63
C PRO E 66 36.69 -4.32 14.35
N LEU E 67 37.79 -5.05 14.54
CA LEU E 67 38.45 -5.78 13.46
C LEU E 67 38.20 -7.26 13.64
N LYS E 68 37.87 -7.93 12.54
CA LYS E 68 37.47 -9.33 12.60
C LYS E 68 38.59 -10.22 13.14
N ASN E 69 38.21 -11.16 14.00
CA ASN E 69 39.08 -12.18 14.58
C ASN E 69 40.16 -11.61 15.49
N ARG E 70 40.10 -10.32 15.81
CA ARG E 70 41.12 -9.67 16.64
C ARG E 70 40.44 -8.84 17.72
N ILE E 71 41.12 -8.73 18.86
CA ILE E 71 40.64 -7.92 19.98
C ILE E 71 41.40 -6.61 19.97
N ILE E 72 40.68 -5.50 19.90
CA ILE E 72 41.28 -4.17 19.85
C ILE E 72 41.36 -3.63 21.28
N VAL E 73 42.53 -3.13 21.65
CA VAL E 73 42.77 -2.53 22.95
C VAL E 73 42.99 -1.04 22.74
N VAL E 74 42.15 -0.22 23.36
CA VAL E 74 42.19 1.23 23.19
C VAL E 74 42.77 1.85 24.45
N ILE E 75 43.77 2.71 24.27
CA ILE E 75 44.38 3.44 25.38
C ILE E 75 43.74 4.82 25.41
N SER E 76 42.98 5.11 26.47
CA SER E 76 42.32 6.39 26.59
C SER E 76 42.08 6.68 28.06
N SER E 77 42.07 7.97 28.39
CA SER E 77 41.77 8.43 29.74
C SER E 77 40.34 8.89 29.89
N SER E 78 39.56 8.90 28.82
CA SER E 78 38.19 9.39 28.83
C SER E 78 37.17 8.34 28.44
N LEU E 79 37.52 7.38 27.59
CA LEU E 79 36.56 6.39 27.13
C LEU E 79 36.08 5.55 28.30
N PRO E 80 34.77 5.30 28.41
CA PRO E 80 34.28 4.46 29.50
C PRO E 80 34.71 3.00 29.29
N GLN E 81 35.08 2.35 30.40
CA GLN E 81 35.51 0.95 30.35
C GLN E 81 34.28 0.06 30.20
N ASP E 82 33.63 0.19 29.05
CA ASP E 82 32.43 -0.59 28.77
C ASP E 82 32.78 -2.04 28.52
N GLU E 83 32.08 -2.93 29.23
CA GLU E 83 32.28 -4.37 29.09
C GLU E 83 31.26 -5.02 28.15
N ALA E 84 30.48 -4.23 27.42
CA ALA E 84 29.47 -4.78 26.54
C ALA E 84 30.09 -5.44 25.31
N ASP E 85 31.08 -4.78 24.70
CA ASP E 85 31.74 -5.33 23.52
C ASP E 85 32.96 -6.12 23.94
N PRO E 86 33.00 -7.43 23.71
CA PRO E 86 34.20 -8.21 24.09
C PRO E 86 35.35 -8.07 23.12
N ASN E 87 35.12 -7.54 21.92
CA ASN E 87 36.18 -7.34 20.93
C ASN E 87 36.83 -5.97 21.04
N VAL E 88 36.41 -5.14 21.99
CA VAL E 88 36.97 -3.81 22.20
C VAL E 88 37.07 -3.57 23.70
N VAL E 89 38.29 -3.36 24.20
CA VAL E 89 38.54 -3.10 25.61
C VAL E 89 39.38 -1.84 25.74
N VAL E 90 39.14 -1.11 26.82
CA VAL E 90 39.76 0.20 27.05
C VAL E 90 40.58 0.14 28.33
N PHE E 91 41.81 0.63 28.26
CA PHE E 91 42.68 0.76 29.42
C PHE E 91 43.10 2.22 29.59
N ARG E 92 43.50 2.55 30.82
CA ARG E 92 43.83 3.93 31.16
C ARG E 92 45.27 4.31 30.87
N ASN E 93 46.16 3.33 30.71
CA ASN E 93 47.56 3.61 30.41
C ASN E 93 48.16 2.41 29.71
N LEU E 94 49.28 2.66 29.02
CA LEU E 94 49.92 1.59 28.25
C LEU E 94 50.52 0.51 29.15
N GLU E 95 51.01 0.88 30.33
CA GLU E 95 51.59 -0.10 31.24
C GLU E 95 50.55 -1.11 31.71
N ASP E 96 49.41 -0.62 32.22
CA ASP E 96 48.36 -1.51 32.70
C ASP E 96 47.78 -2.37 31.57
N SER E 97 47.80 -1.85 30.33
CA SER E 97 47.24 -2.61 29.21
C SER E 97 48.02 -3.88 28.95
N ILE E 98 49.32 -3.89 29.24
CA ILE E 98 50.14 -5.08 29.06
C ILE E 98 49.96 -5.98 30.27
N GLU E 99 48.74 -6.47 30.45
CA GLU E 99 48.40 -7.44 31.47
C GLU E 99 48.37 -8.87 30.94
N ASN E 100 48.85 -9.09 29.72
CA ASN E 100 48.73 -10.38 29.06
C ASN E 100 50.00 -11.22 29.16
N LEU E 101 51.09 -10.68 29.70
CA LEU E 101 52.33 -11.44 29.75
C LEU E 101 52.28 -12.53 30.82
N MET E 102 52.04 -12.14 32.07
CA MET E 102 52.01 -13.09 33.17
C MET E 102 50.62 -13.70 33.41
N ASN E 103 49.56 -13.15 32.82
CA ASN E 103 48.22 -13.70 32.97
C ASN E 103 47.47 -13.57 31.64
N ASP E 104 46.20 -14.00 31.64
CA ASP E 104 45.33 -14.01 30.47
C ASP E 104 45.94 -14.82 29.33
N ASP E 105 45.83 -16.15 29.42
CA ASP E 105 46.40 -17.06 28.44
C ASP E 105 45.58 -17.16 27.15
N SER E 106 44.50 -16.40 27.03
CA SER E 106 43.69 -16.42 25.82
C SER E 106 44.31 -15.62 24.68
N ILE E 107 45.25 -14.74 24.99
CA ILE E 107 45.91 -13.90 23.99
C ILE E 107 47.24 -14.56 23.62
N GLU E 108 47.48 -14.72 22.32
CA GLU E 108 48.70 -15.35 21.84
C GLU E 108 49.80 -14.30 21.58
N ASN E 109 49.53 -13.35 20.69
CA ASN E 109 50.48 -12.32 20.33
C ASN E 109 49.88 -10.94 20.59
N ILE E 110 50.76 -9.96 20.77
CA ILE E 110 50.36 -8.58 21.04
C ILE E 110 50.98 -7.68 19.98
N PHE E 111 50.18 -6.76 19.46
CA PHE E 111 50.62 -5.84 18.42
C PHE E 111 50.32 -4.41 18.83
N VAL E 112 51.30 -3.53 18.65
CA VAL E 112 51.16 -2.10 18.93
C VAL E 112 51.14 -1.36 17.60
N CYS E 113 50.17 -0.45 17.45
CA CYS E 113 49.99 0.24 16.17
C CYS E 113 49.25 1.56 16.34
N GLY E 114 49.36 2.17 17.52
CA GLY E 114 48.46 3.25 17.88
C GLY E 114 48.98 4.66 17.85
N GLY E 115 49.64 5.05 16.76
CA GLY E 115 50.04 6.43 16.59
C GLY E 115 51.25 6.83 17.42
N GLU E 116 51.64 8.09 17.24
CA GLU E 116 52.89 8.58 17.83
C GLU E 116 52.88 8.47 19.35
N SER E 117 51.75 8.76 19.98
CA SER E 117 51.69 8.73 21.44
C SER E 117 51.97 7.33 21.99
N ILE E 118 51.36 6.31 21.39
CA ILE E 118 51.55 4.95 21.87
C ILE E 118 52.88 4.37 21.40
N TYR E 119 53.30 4.72 20.18
CA TYR E 119 54.59 4.26 19.67
C TYR E 119 55.73 4.73 20.56
N ARG E 120 55.72 6.01 20.93
CA ARG E 120 56.82 6.57 21.71
C ARG E 120 56.88 5.96 23.11
N ASP E 121 55.72 5.73 23.72
CA ASP E 121 55.70 5.16 25.07
C ASP E 121 56.05 3.67 25.05
N ALA E 122 55.75 2.97 23.95
CA ALA E 122 56.07 1.55 23.88
C ALA E 122 57.57 1.32 23.71
N LEU E 123 58.27 2.26 23.08
CA LEU E 123 59.73 2.16 22.92
C LEU E 123 60.49 2.73 24.11
N LYS E 124 59.97 3.79 24.72
CA LYS E 124 60.64 4.39 25.86
C LYS E 124 60.67 3.43 27.05
N ASP E 125 59.54 2.79 27.34
CA ASP E 125 59.45 1.84 28.45
C ASP E 125 59.94 0.45 28.09
N ASN E 126 60.46 0.25 26.88
CA ASN E 126 61.11 -1.01 26.48
C ASN E 126 60.13 -2.18 26.56
N PHE E 127 59.05 -2.07 25.79
CA PHE E 127 58.03 -3.10 25.72
C PHE E 127 58.04 -3.89 24.41
N VAL E 128 58.73 -3.39 23.39
CA VAL E 128 58.63 -3.91 22.03
C VAL E 128 59.77 -4.90 21.77
N ASP E 129 59.42 -6.05 21.18
CA ASP E 129 60.41 -7.05 20.78
C ASP E 129 60.72 -7.01 19.30
N ARG E 130 59.81 -6.52 18.46
CA ARG E 130 59.97 -6.57 17.02
C ARG E 130 59.22 -5.40 16.41
N ILE E 131 59.74 -4.89 15.28
CA ILE E 131 59.14 -3.77 14.57
C ILE E 131 58.91 -4.18 13.12
N TYR E 132 57.66 -4.07 12.67
CA TYR E 132 57.30 -4.24 11.27
C TYR E 132 57.12 -2.84 10.67
N LEU E 133 58.08 -2.41 9.85
CA LEU E 133 58.10 -1.08 9.28
C LEU E 133 57.79 -1.15 7.79
N THR E 134 56.88 -0.29 7.34
CA THR E 134 56.53 -0.16 5.93
C THR E 134 56.99 1.21 5.47
N ARG E 135 58.16 1.27 4.83
CA ARG E 135 58.72 2.53 4.37
C ARG E 135 58.01 2.97 3.09
N VAL E 136 57.45 4.17 3.10
CA VAL E 136 56.72 4.73 1.98
C VAL E 136 57.54 5.86 1.37
N ALA E 137 57.65 5.87 0.04
CA ALA E 137 58.47 6.86 -0.66
C ALA E 137 57.65 8.11 -0.97
N LEU E 138 57.25 8.79 0.10
CA LEU E 138 56.51 10.05 0.02
C LEU E 138 57.07 11.00 1.06
N GLU E 139 57.62 12.14 0.62
CA GLU E 139 58.28 13.04 1.56
C GLU E 139 57.97 14.51 1.37
N ASP E 140 57.50 14.96 0.21
CA ASP E 140 57.20 16.38 0.00
C ASP E 140 55.73 16.68 0.24
N ILE E 141 55.17 16.11 1.31
CA ILE E 141 53.81 16.39 1.76
C ILE E 141 53.87 16.81 3.23
N GLU E 142 52.69 17.07 3.79
CA GLU E 142 52.58 17.58 5.15
C GLU E 142 52.23 16.46 6.11
N PHE E 143 52.96 16.38 7.22
CA PHE E 143 52.69 15.45 8.29
C PHE E 143 52.44 16.21 9.58
N ASP E 144 51.68 15.61 10.49
CA ASP E 144 51.47 16.17 11.82
C ASP E 144 51.75 15.18 12.94
N THR E 145 51.83 13.88 12.67
CA THR E 145 52.25 12.88 13.63
C THR E 145 53.32 12.01 12.98
N TYR E 146 54.41 11.77 13.69
CA TYR E 146 55.56 11.05 13.16
C TYR E 146 55.84 9.80 13.97
N PHE E 147 56.59 8.86 13.36
CA PHE E 147 57.05 7.66 14.04
C PHE E 147 58.40 7.94 14.71
N PRO E 148 58.57 7.62 15.98
CA PRO E 148 59.81 7.96 16.67
C PRO E 148 61.00 7.25 16.06
N GLU E 149 62.18 7.86 16.23
CA GLU E 149 63.40 7.26 15.71
C GLU E 149 63.64 5.91 16.38
N ILE E 150 63.94 4.90 15.57
CA ILE E 150 64.14 3.54 16.06
C ILE E 150 65.35 3.50 16.98
N PRO E 151 65.22 3.04 18.22
CA PRO E 151 66.35 3.05 19.15
C PRO E 151 67.46 2.12 18.69
N GLU E 152 68.66 2.37 19.21
CA GLU E 152 69.85 1.61 18.82
C GLU E 152 69.78 0.15 19.23
N THR E 153 68.84 -0.22 20.12
CA THR E 153 68.70 -1.61 20.54
C THR E 153 68.04 -2.49 19.48
N PHE E 154 67.51 -1.91 18.40
CA PHE E 154 66.87 -2.66 17.33
C PHE E 154 67.80 -2.73 16.12
N LEU E 155 67.84 -3.89 15.48
CA LEU E 155 68.62 -4.08 14.28
C LEU E 155 67.75 -4.70 13.17
N PRO E 156 67.87 -4.20 11.94
CA PRO E 156 67.08 -4.78 10.85
C PRO E 156 67.54 -6.18 10.50
N VAL E 157 66.57 -7.08 10.30
CA VAL E 157 66.83 -8.46 9.93
C VAL E 157 66.18 -8.85 8.62
N TYR E 158 65.40 -7.96 8.00
CA TYR E 158 64.73 -8.27 6.75
C TYR E 158 64.39 -6.98 6.02
N MET E 159 64.57 -6.99 4.71
CA MET E 159 64.18 -5.86 3.85
C MET E 159 63.65 -6.42 2.54
N SER E 160 62.36 -6.25 2.31
CA SER E 160 61.71 -6.82 1.13
C SER E 160 62.12 -6.04 -0.13
N GLN E 161 61.68 -6.56 -1.28
CA GLN E 161 61.83 -5.85 -2.53
C GLN E 161 60.92 -4.61 -2.54
N THR E 162 61.15 -3.74 -3.51
CA THR E 162 60.33 -2.54 -3.64
C THR E 162 59.07 -2.85 -4.43
N PHE E 163 57.91 -2.48 -3.86
CA PHE E 163 56.62 -2.65 -4.49
C PHE E 163 56.06 -1.31 -4.95
N CYS E 164 55.04 -1.38 -5.80
CA CYS E 164 54.45 -0.20 -6.41
C CYS E 164 52.93 -0.23 -6.28
N THR E 165 52.35 0.93 -5.99
CA THR E 165 50.90 1.10 -5.94
C THR E 165 50.61 2.56 -6.26
N LYS E 166 49.98 2.81 -7.40
CA LYS E 166 49.72 4.17 -7.88
C LYS E 166 51.02 4.96 -8.00
N ASN E 167 52.05 4.31 -8.55
CA ASN E 167 53.37 4.91 -8.76
C ASN E 167 54.04 5.30 -7.44
N ILE E 168 53.67 4.64 -6.34
CA ILE E 168 54.25 4.88 -5.03
C ILE E 168 55.09 3.67 -4.65
N SER E 169 56.36 3.92 -4.37
CA SER E 169 57.29 2.86 -3.97
C SER E 169 57.20 2.65 -2.46
N TYR E 170 57.27 1.38 -2.05
CA TYR E 170 57.27 1.08 -0.62
C TYR E 170 57.94 -0.27 -0.37
N ASP E 171 58.52 -0.42 0.82
CA ASP E 171 59.24 -1.60 1.25
C ASP E 171 58.62 -2.16 2.52
N PHE E 172 59.14 -3.31 2.95
CA PHE E 172 58.76 -3.96 4.19
C PHE E 172 60.04 -4.37 4.92
N MET E 173 60.18 -3.92 6.16
CA MET E 173 61.36 -4.24 6.94
C MET E 173 60.93 -4.86 8.27
N ILE E 174 61.84 -5.65 8.85
CA ILE E 174 61.63 -6.26 10.15
C ILE E 174 62.82 -5.89 11.03
N PHE E 175 62.54 -5.39 12.22
CA PHE E 175 63.57 -5.03 13.20
C PHE E 175 63.41 -5.92 14.42
N GLU E 176 64.52 -6.50 14.87
CA GLU E 176 64.55 -7.35 16.04
C GLU E 176 65.37 -6.68 17.15
N LYS E 177 64.97 -6.94 18.39
CA LYS E 177 65.68 -6.40 19.55
C LYS E 177 66.73 -7.42 19.98
N GLN E 178 68.00 -7.05 19.85
CA GLN E 178 69.10 -7.97 20.17
C GLN E 178 69.27 -8.09 21.68
N GLU E 179 69.59 -9.29 22.14
CA GLU E 179 69.81 -9.57 23.56
C GLU E 179 71.17 -10.22 23.79
N LEU E 193 73.57 -26.29 9.03
CA LEU E 193 73.63 -27.16 10.19
C LEU E 193 74.71 -26.68 11.14
N LYS E 194 75.11 -27.54 12.07
CA LYS E 194 76.10 -27.24 13.09
C LYS E 194 77.46 -27.87 12.77
N SER E 195 77.48 -29.17 12.49
CA SER E 195 78.72 -29.87 12.23
C SER E 195 79.17 -29.76 10.77
N ILE E 196 78.34 -29.19 9.90
CA ILE E 196 78.74 -29.03 8.50
C ILE E 196 79.74 -27.89 8.36
N ASP E 197 79.53 -26.79 9.09
CA ASP E 197 80.44 -25.65 9.01
C ASP E 197 81.83 -26.02 9.49
N ASP E 198 81.95 -26.92 10.48
CA ASP E 198 83.26 -27.34 10.95
C ASP E 198 84.01 -28.13 9.89
N THR E 199 83.32 -29.07 9.24
CA THR E 199 83.95 -29.89 8.22
C THR E 199 84.39 -29.06 7.02
N VAL E 200 83.62 -28.02 6.68
CA VAL E 200 84.00 -27.17 5.55
C VAL E 200 85.24 -26.36 5.91
N ASP E 201 85.33 -25.88 7.16
CA ASP E 201 86.52 -25.15 7.58
C ASP E 201 87.76 -26.03 7.57
N LEU E 202 87.63 -27.28 8.05
CA LEU E 202 88.78 -28.19 8.07
C LEU E 202 89.28 -28.47 6.66
N LEU E 203 88.37 -28.70 5.72
CA LEU E 203 88.79 -28.86 4.33
C LEU E 203 89.44 -27.60 3.79
N GLY E 204 89.02 -26.43 4.29
CA GLY E 204 89.66 -25.18 3.90
C GLY E 204 91.04 -24.99 4.48
N GLU E 205 91.35 -25.68 5.59
CA GLU E 205 92.71 -25.66 6.12
C GLU E 205 93.62 -26.62 5.37
N ILE E 206 93.09 -27.80 5.04
CA ILE E 206 93.87 -28.81 4.32
C ILE E 206 94.21 -28.32 2.92
N PHE E 207 93.19 -28.12 2.09
CA PHE E 207 93.36 -27.52 0.78
C PHE E 207 93.23 -26.01 0.95
N GLY E 208 94.27 -25.28 0.56
CA GLY E 208 94.22 -23.84 0.71
C GLY E 208 93.34 -23.19 -0.33
N ILE E 209 93.92 -22.71 -1.41
CA ILE E 209 93.13 -22.14 -2.50
C ILE E 209 92.77 -23.29 -3.44
N ARG E 210 93.10 -24.51 -3.03
CA ARG E 210 92.72 -25.68 -3.81
C ARG E 210 91.22 -25.93 -3.75
N LYS E 211 90.58 -25.51 -2.66
CA LYS E 211 89.14 -25.59 -2.48
C LYS E 211 88.50 -24.33 -3.04
N MET E 212 87.59 -24.49 -4.02
CA MET E 212 87.03 -23.33 -4.69
C MET E 212 86.31 -22.39 -3.73
N GLY E 213 85.78 -22.92 -2.61
CA GLY E 213 85.15 -22.06 -1.63
C GLY E 213 86.08 -21.01 -1.07
N ASN E 214 87.37 -21.33 -0.92
CA ASN E 214 88.34 -20.36 -0.41
C ASN E 214 88.65 -19.28 -1.44
N ARG E 215 88.38 -19.51 -2.72
CA ARG E 215 88.53 -18.48 -3.73
C ARG E 215 87.30 -17.58 -3.80
N HIS E 216 86.21 -17.95 -3.14
CA HIS E 216 84.99 -17.16 -3.07
C HIS E 216 84.58 -17.02 -1.59
N LYS E 217 85.44 -16.37 -0.81
CA LYS E 217 85.18 -16.22 0.61
C LYS E 217 84.02 -15.26 0.85
N PHE E 218 83.19 -15.58 1.84
CA PHE E 218 82.10 -14.68 2.20
C PHE E 218 82.66 -13.40 2.80
N PRO E 219 82.14 -12.24 2.41
CA PRO E 219 82.72 -10.97 2.88
C PRO E 219 82.65 -10.83 4.39
N LYS E 220 83.67 -10.21 4.95
CA LYS E 220 83.71 -9.97 6.39
C LYS E 220 82.66 -8.93 6.80
N GLU E 221 82.34 -8.94 8.09
CA GLU E 221 81.31 -8.04 8.61
C GLU E 221 81.67 -6.58 8.42
N GLU E 222 82.96 -6.25 8.48
CA GLU E 222 83.39 -4.85 8.38
C GLU E 222 83.16 -4.27 7.00
N ILE E 223 82.94 -5.11 5.98
CA ILE E 223 82.72 -4.64 4.62
C ILE E 223 81.38 -5.13 4.07
N TYR E 224 80.48 -5.58 4.95
CA TYR E 224 79.17 -6.06 4.55
C TYR E 224 78.13 -4.99 4.85
N ASN E 225 77.38 -4.59 3.83
CA ASN E 225 76.41 -3.51 3.99
C ASN E 225 75.23 -4.00 4.81
N THR E 226 74.97 -3.32 5.94
CA THR E 226 73.93 -3.69 6.89
C THR E 226 74.05 -5.17 7.25
N PRO E 227 75.10 -5.55 7.99
CA PRO E 227 75.37 -6.98 8.22
C PRO E 227 74.36 -7.68 9.10
N SER E 228 73.46 -6.94 9.76
CA SER E 228 72.46 -7.58 10.60
C SER E 228 71.39 -8.28 9.77
N ILE E 229 71.14 -7.83 8.54
CA ILE E 229 70.21 -8.47 7.63
C ILE E 229 70.90 -9.66 6.97
N ARG E 230 70.82 -10.83 7.60
CA ARG E 230 71.55 -12.00 7.13
C ARG E 230 70.71 -12.89 6.22
N PHE E 231 69.47 -13.19 6.62
CA PHE E 231 68.62 -14.11 5.88
C PHE E 231 67.54 -13.40 5.07
N GLY E 232 67.46 -12.08 5.13
CA GLY E 232 66.40 -11.37 4.46
C GLY E 232 66.90 -10.27 3.53
N ARG E 233 67.91 -10.59 2.72
CA ARG E 233 68.45 -9.62 1.76
C ARG E 233 67.68 -9.70 0.45
N GLU E 234 66.38 -9.40 0.56
CA GLU E 234 65.48 -9.54 -0.59
C GLU E 234 65.56 -8.33 -1.52
N HIS E 235 65.72 -7.14 -0.95
CA HIS E 235 65.85 -5.93 -1.76
C HIS E 235 66.97 -6.08 -2.77
N TYR E 236 66.64 -5.91 -4.05
CA TYR E 236 67.55 -6.22 -5.13
C TYR E 236 68.66 -5.19 -5.30
N GLU E 237 68.69 -4.14 -4.49
CA GLU E 237 69.89 -3.31 -4.44
C GLU E 237 71.04 -4.03 -3.77
N PHE E 238 70.75 -5.02 -2.93
CA PHE E 238 71.81 -5.85 -2.36
C PHE E 238 72.54 -6.66 -3.42
N GLN E 239 71.90 -6.91 -4.57
CA GLN E 239 72.57 -7.60 -5.66
C GLN E 239 73.78 -6.83 -6.17
N TYR E 240 73.82 -5.52 -5.95
CA TYR E 240 74.97 -4.68 -6.30
C TYR E 240 75.89 -4.42 -5.10
N LEU E 241 75.32 -4.15 -3.93
CA LEU E 241 76.15 -3.87 -2.76
C LEU E 241 76.94 -5.10 -2.32
N ASP E 242 76.32 -6.28 -2.41
CA ASP E 242 77.03 -7.51 -2.06
C ASP E 242 78.06 -7.90 -3.11
N LEU E 243 77.90 -7.43 -4.35
CA LEU E 243 78.95 -7.63 -5.34
C LEU E 243 80.18 -6.79 -5.01
N LEU E 244 79.96 -5.57 -4.52
CA LEU E 244 81.07 -4.76 -4.01
C LEU E 244 81.76 -5.45 -2.84
N SER E 245 80.98 -6.04 -1.93
CA SER E 245 81.56 -6.71 -0.77
C SER E 245 82.40 -7.92 -1.18
N ARG E 246 81.94 -8.68 -2.17
CA ARG E 246 82.70 -9.85 -2.60
C ARG E 246 84.00 -9.46 -3.27
N VAL E 247 84.04 -8.31 -3.95
CA VAL E 247 85.29 -7.87 -4.58
C VAL E 247 86.29 -7.43 -3.52
N LEU E 248 85.85 -6.66 -2.52
CA LEU E 248 86.75 -6.26 -1.44
C LEU E 248 87.30 -7.45 -0.68
N GLU E 249 86.61 -8.58 -0.69
CA GLU E 249 87.06 -9.75 0.06
C GLU E 249 87.97 -10.66 -0.75
N ASN E 250 87.69 -10.84 -2.04
CA ASN E 250 88.43 -11.78 -2.87
C ASN E 250 89.13 -11.14 -4.07
N GLY E 251 89.04 -9.83 -4.23
CA GLY E 251 89.59 -9.19 -5.41
C GLY E 251 91.11 -9.22 -5.41
N ALA E 252 91.69 -9.70 -6.50
CA ALA E 252 93.14 -9.74 -6.65
C ALA E 252 93.65 -8.40 -7.18
N TYR E 253 94.70 -7.89 -6.56
CA TYR E 253 95.30 -6.64 -7.00
C TYR E 253 95.99 -6.85 -8.34
N ARG E 254 95.50 -6.19 -9.38
CA ARG E 254 95.97 -6.38 -10.73
C ARG E 254 96.18 -5.05 -11.43
N GLU E 255 97.08 -5.05 -12.42
CA GLU E 255 97.31 -3.88 -13.25
C GLU E 255 96.40 -3.93 -14.47
N ASN E 256 96.30 -2.80 -15.17
CA ASN E 256 95.48 -2.70 -16.36
C ASN E 256 96.03 -1.61 -17.26
N ARG E 257 95.32 -1.34 -18.35
CA ARG E 257 95.79 -0.37 -19.35
C ARG E 257 95.92 1.05 -18.79
N THR E 258 95.19 1.37 -17.73
CA THR E 258 95.30 2.67 -17.08
C THR E 258 96.36 2.62 -15.99
N GLY E 259 96.74 3.80 -15.51
CA GLY E 259 97.70 3.89 -14.42
C GLY E 259 97.16 3.55 -13.06
N ILE E 260 95.88 3.17 -12.98
CA ILE E 260 95.20 2.92 -11.71
C ILE E 260 94.86 1.44 -11.64
N SER E 261 95.45 0.76 -10.66
CA SER E 261 95.23 -0.67 -10.49
C SER E 261 93.84 -0.94 -9.91
N THR E 262 93.38 -2.18 -10.07
CA THR E 262 92.06 -2.58 -9.61
C THR E 262 92.16 -3.83 -8.75
N TYR E 263 91.08 -4.11 -8.02
CA TYR E 263 90.87 -5.38 -7.37
C TYR E 263 89.77 -6.11 -8.15
N SER E 264 90.12 -7.24 -8.75
CA SER E 264 89.28 -7.86 -9.76
C SER E 264 88.93 -9.30 -9.41
N ILE E 265 87.68 -9.67 -9.67
CA ILE E 265 87.22 -11.05 -9.66
C ILE E 265 86.52 -11.32 -10.99
N PHE E 266 86.31 -12.60 -11.29
CA PHE E 266 85.80 -13.02 -12.58
C PHE E 266 84.59 -13.93 -12.42
N GLY E 267 83.51 -13.59 -13.11
CA GLY E 267 82.31 -14.42 -13.08
C GLY E 267 81.32 -14.07 -11.99
N GLN E 268 80.54 -13.02 -12.20
CA GLN E 268 79.55 -12.58 -11.23
C GLN E 268 78.28 -12.15 -11.96
N MET E 269 77.17 -12.18 -11.24
CA MET E 269 75.88 -11.78 -11.77
C MET E 269 75.07 -11.07 -10.69
N MET E 270 73.99 -10.43 -11.12
CA MET E 270 73.05 -9.79 -10.21
C MET E 270 71.74 -9.55 -10.94
N ARG E 271 70.63 -9.89 -10.29
CA ARG E 271 69.31 -9.75 -10.88
C ARG E 271 68.61 -8.51 -10.32
N PHE E 272 67.70 -7.96 -11.11
CA PHE E 272 66.91 -6.81 -10.70
C PHE E 272 65.48 -6.98 -11.18
N ASP E 273 64.53 -6.54 -10.36
CA ASP E 273 63.13 -6.49 -10.74
C ASP E 273 62.82 -5.15 -11.38
N MET E 274 62.01 -5.17 -12.43
CA MET E 274 61.56 -3.96 -13.10
C MET E 274 60.04 -3.85 -13.15
N ARG E 275 59.31 -4.83 -12.63
CA ARG E 275 57.85 -4.79 -12.66
C ARG E 275 57.30 -3.76 -11.68
N GLU E 276 57.74 -3.83 -10.43
CA GLU E 276 57.22 -2.98 -9.36
C GLU E 276 58.15 -1.84 -8.98
N SER E 277 59.31 -1.72 -9.61
CA SER E 277 60.27 -0.69 -9.23
C SER E 277 61.24 -0.48 -10.39
N PHE E 278 62.14 0.48 -10.21
CA PHE E 278 63.17 0.79 -11.19
C PHE E 278 64.53 0.68 -10.51
N PRO E 279 65.44 -0.15 -11.00
CA PRO E 279 66.71 -0.38 -10.29
C PRO E 279 67.67 0.80 -10.39
N LEU E 280 67.33 1.92 -9.78
CA LEU E 280 68.22 3.06 -9.66
C LEU E 280 68.73 3.11 -8.23
N LEU E 281 70.06 3.01 -8.07
CA LEU E 281 70.64 2.84 -6.75
C LEU E 281 70.28 4.00 -5.83
N THR E 282 69.96 3.68 -4.58
CA THR E 282 69.61 4.68 -3.58
C THR E 282 70.76 5.01 -2.64
N THR E 283 71.76 4.13 -2.51
CA THR E 283 72.92 4.42 -1.67
C THR E 283 73.81 5.51 -2.23
N LYS E 284 73.47 6.05 -3.40
CA LYS E 284 74.23 7.13 -4.02
C LYS E 284 73.34 7.79 -5.08
N LYS E 285 73.35 9.12 -5.09
CA LYS E 285 72.55 9.87 -6.06
C LYS E 285 73.15 9.67 -7.45
N VAL E 286 72.47 8.90 -8.29
CA VAL E 286 72.94 8.57 -9.63
C VAL E 286 72.41 9.60 -10.62
N ALA E 287 73.28 10.06 -11.51
CA ALA E 287 72.92 11.04 -12.53
C ALA E 287 72.06 10.36 -13.59
N ILE E 288 70.76 10.27 -13.29
CA ILE E 288 69.83 9.58 -14.17
C ILE E 288 69.69 10.31 -15.51
N ARG E 289 69.84 11.63 -15.51
CA ARG E 289 69.71 12.39 -16.76
C ARG E 289 70.83 12.04 -17.74
N SER E 290 72.06 11.92 -17.25
CA SER E 290 73.17 11.55 -18.12
C SER E 290 73.04 10.12 -18.64
N ILE E 291 72.42 9.24 -17.85
CA ILE E 291 72.20 7.87 -18.30
C ILE E 291 71.29 7.84 -19.53
N PHE E 292 70.18 8.58 -19.46
CA PHE E 292 69.23 8.58 -20.56
C PHE E 292 69.85 9.17 -21.83
N GLU E 293 70.47 10.35 -21.69
CA GLU E 293 71.02 11.02 -22.87
C GLU E 293 72.08 10.17 -23.56
N GLU E 294 72.78 9.32 -22.80
CA GLU E 294 73.70 8.36 -23.40
C GLU E 294 72.95 7.24 -24.11
N LEU E 295 71.86 6.75 -23.50
CA LEU E 295 71.12 5.64 -24.09
C LEU E 295 70.43 6.07 -25.38
N ILE E 296 69.81 7.25 -25.38
CA ILE E 296 69.20 7.75 -26.61
C ILE E 296 70.26 8.09 -27.64
N TRP E 297 71.48 8.40 -27.18
CA TRP E 297 72.60 8.61 -28.09
C TRP E 297 72.99 7.32 -28.81
N PHE E 298 72.88 6.18 -28.12
CA PHE E 298 73.14 4.89 -28.76
C PHE E 298 72.06 4.56 -29.77
N ILE E 299 70.79 4.70 -29.38
CA ILE E 299 69.68 4.26 -30.21
C ILE E 299 69.65 5.02 -31.53
N LYS E 300 69.90 6.33 -31.49
CA LYS E 300 69.87 7.16 -32.69
C LYS E 300 70.98 6.82 -33.67
N GLY E 301 71.86 5.87 -33.35
CA GLY E 301 72.93 5.51 -34.27
C GLY E 301 74.10 6.45 -34.27
N ASP E 302 74.27 7.26 -33.22
CA ASP E 302 75.20 8.37 -33.22
C ASP E 302 76.51 7.97 -32.56
N THR E 303 77.62 8.37 -33.18
CA THR E 303 78.95 8.19 -32.61
C THR E 303 79.64 9.51 -32.32
N ASN E 304 78.98 10.64 -32.55
CA ASN E 304 79.54 11.95 -32.28
C ASN E 304 79.57 12.20 -30.77
N GLY E 305 80.76 12.27 -30.20
CA GLY E 305 80.90 12.53 -28.78
C GLY E 305 80.60 13.96 -28.36
N ASN E 306 80.54 14.90 -29.32
CA ASN E 306 80.24 16.28 -28.99
C ASN E 306 78.76 16.48 -28.66
N HIS E 307 77.88 15.65 -29.24
CA HIS E 307 76.46 15.80 -28.98
C HIS E 307 76.10 15.59 -27.51
N LEU E 308 76.93 14.86 -26.77
CA LEU E 308 76.73 14.74 -25.32
C LEU E 308 77.35 15.91 -24.57
N ILE E 309 78.50 16.39 -25.03
CA ILE E 309 79.11 17.56 -24.40
C ILE E 309 78.28 18.80 -24.66
N GLU E 310 77.59 18.86 -25.80
CA GLU E 310 76.68 19.98 -26.06
C GLU E 310 75.48 19.95 -25.13
N LYS E 311 75.10 18.76 -24.65
CA LYS E 311 74.02 18.62 -23.67
C LYS E 311 74.53 18.47 -22.25
N LYS E 312 75.78 18.90 -21.99
CA LYS E 312 76.36 18.89 -20.65
C LYS E 312 76.45 17.48 -20.08
N VAL E 313 76.95 16.55 -20.91
CA VAL E 313 77.20 15.17 -20.50
C VAL E 313 78.65 14.87 -20.83
N TYR E 314 79.50 14.77 -19.80
CA TYR E 314 80.94 14.68 -19.97
C TYR E 314 81.49 13.30 -19.65
N ILE E 315 80.66 12.25 -19.75
CA ILE E 315 81.15 10.91 -19.40
C ILE E 315 82.05 10.34 -20.48
N TRP E 316 81.94 10.80 -21.72
CA TRP E 316 82.79 10.35 -22.82
C TRP E 316 83.85 11.38 -23.18
N SER E 317 84.19 12.29 -22.26
CA SER E 317 85.22 13.27 -22.54
C SER E 317 86.62 12.68 -22.38
N GLY E 318 86.80 11.82 -21.37
CA GLY E 318 88.12 11.25 -21.15
C GLY E 318 88.59 10.36 -22.29
N ASN E 319 87.70 9.49 -22.77
CA ASN E 319 88.01 8.59 -23.88
C ASN E 319 87.84 9.26 -25.24
N GLY E 320 87.65 10.58 -25.28
CA GLY E 320 87.50 11.28 -26.54
C GLY E 320 88.22 12.61 -26.55
N SER E 321 89.48 12.62 -26.11
CA SER E 321 90.31 13.81 -26.15
C SER E 321 91.42 13.63 -27.17
N LYS E 322 91.98 14.76 -27.62
CA LYS E 322 93.07 14.71 -28.59
C LYS E 322 94.26 13.93 -28.06
N GLU E 323 94.55 14.08 -26.76
CA GLU E 323 95.69 13.38 -26.17
C GLU E 323 95.44 11.87 -26.09
N TYR E 324 94.23 11.48 -25.65
CA TYR E 324 93.95 10.05 -25.49
C TYR E 324 93.85 9.33 -26.83
N LEU E 325 93.23 9.96 -27.83
CA LEU E 325 93.07 9.29 -29.12
C LEU E 325 94.40 9.09 -29.82
N GLU E 326 95.31 10.06 -29.71
CA GLU E 326 96.64 9.91 -30.30
C GLU E 326 97.46 8.84 -29.58
N ARG E 327 97.22 8.66 -28.28
CA ARG E 327 97.98 7.67 -27.51
C ARG E 327 97.65 6.25 -27.96
N ILE E 328 96.38 5.97 -28.24
CA ILE E 328 95.94 4.63 -28.62
C ILE E 328 96.03 4.46 -30.13
N GLY E 329 96.64 5.43 -30.82
CA GLY E 329 96.89 5.30 -32.24
C GLY E 329 95.75 5.71 -33.14
N LEU E 330 94.88 6.60 -32.70
CA LEU E 330 93.76 7.10 -33.50
C LEU E 330 93.83 8.62 -33.63
N GLY E 331 95.05 9.15 -33.80
CA GLY E 331 95.24 10.58 -33.92
C GLY E 331 94.67 11.21 -35.18
N HIS E 332 94.26 10.39 -36.15
CA HIS E 332 93.71 10.93 -37.39
C HIS E 332 92.25 11.35 -37.27
N ARG E 333 91.58 11.04 -36.16
CA ARG E 333 90.19 11.42 -35.97
C ARG E 333 90.09 12.79 -35.30
N GLU E 334 88.88 13.34 -35.34
CA GLU E 334 88.60 14.62 -34.69
C GLU E 334 88.69 14.48 -33.18
N GLU E 335 88.36 15.56 -32.47
CA GLU E 335 88.49 15.60 -31.02
C GLU E 335 87.66 14.50 -30.36
N ASN E 336 86.36 14.47 -30.64
CA ASN E 336 85.45 13.54 -29.98
C ASN E 336 84.87 12.50 -30.93
N ASP E 337 85.60 12.16 -32.00
CA ASP E 337 85.16 11.11 -32.93
C ASP E 337 85.49 9.77 -32.28
N LEU E 338 84.52 9.24 -31.54
CA LEU E 338 84.74 8.00 -30.78
C LEU E 338 84.81 6.77 -31.68
N GLY E 339 84.49 6.90 -32.96
CA GLY E 339 84.54 5.77 -33.87
C GLY E 339 83.32 4.89 -33.74
N PRO E 340 83.30 3.78 -34.49
CA PRO E 340 82.12 2.90 -34.47
C PRO E 340 81.99 2.11 -33.18
N ILE E 341 81.14 2.57 -32.27
CA ILE E 341 81.02 1.97 -30.94
C ILE E 341 79.57 1.57 -30.73
N TYR E 342 79.14 1.52 -29.47
CA TYR E 342 77.72 1.32 -29.18
C TYR E 342 76.88 2.26 -30.04
N GLY E 343 75.82 1.70 -30.63
CA GLY E 343 74.96 2.45 -31.50
C GLY E 343 75.39 2.54 -32.95
N PHE E 344 76.62 2.13 -33.26
CA PHE E 344 76.96 1.93 -34.66
C PHE E 344 76.94 0.46 -35.04
N GLN E 345 77.19 -0.43 -34.09
CA GLN E 345 76.92 -1.84 -34.30
C GLN E 345 75.45 -2.19 -34.06
N TRP E 346 74.71 -1.30 -33.39
CA TRP E 346 73.29 -1.51 -33.19
C TRP E 346 72.49 -1.19 -34.45
N ARG E 347 72.84 -0.12 -35.14
CA ARG E 347 72.07 0.35 -36.29
C ARG E 347 72.75 0.14 -37.63
N HIS E 348 74.08 0.02 -37.68
CA HIS E 348 74.81 -0.14 -38.92
C HIS E 348 75.95 -1.15 -38.72
N TYR E 349 75.59 -2.37 -38.31
CA TYR E 349 76.59 -3.39 -38.05
C TYR E 349 77.33 -3.76 -39.33
N ASN E 350 78.65 -3.93 -39.20
CA ASN E 350 79.55 -4.24 -40.32
C ASN E 350 79.58 -3.14 -41.38
N GLY E 351 79.20 -1.91 -41.01
CA GLY E 351 79.25 -0.82 -41.96
C GLY E 351 80.63 -0.19 -42.02
N GLU E 352 81.05 0.16 -43.23
CA GLU E 352 82.36 0.78 -43.44
C GLU E 352 82.35 2.16 -42.81
N TYR E 353 82.96 2.28 -41.64
CA TYR E 353 83.00 3.55 -40.92
C TYR E 353 84.04 4.47 -41.54
N LYS E 354 83.68 5.74 -41.68
CA LYS E 354 84.59 6.75 -42.19
C LYS E 354 84.90 7.77 -41.10
N THR E 355 84.01 8.74 -40.91
CA THR E 355 84.09 9.71 -39.82
C THR E 355 82.72 9.79 -39.15
N MET E 356 82.63 10.62 -38.11
CA MET E 356 81.36 10.79 -37.41
C MET E 356 80.40 11.71 -38.14
N HIS E 357 80.84 12.40 -39.18
CA HIS E 357 79.98 13.33 -39.90
C HIS E 357 79.32 12.72 -41.12
N ASP E 358 79.79 11.56 -41.59
CA ASP E 358 79.20 10.95 -42.76
C ASP E 358 77.81 10.40 -42.44
N ASP E 359 77.03 10.16 -43.50
CA ASP E 359 75.67 9.66 -43.37
C ASP E 359 75.69 8.15 -43.59
N TYR E 360 75.32 7.40 -42.55
CA TYR E 360 75.32 5.94 -42.60
C TYR E 360 73.92 5.36 -42.67
N THR E 361 72.93 6.16 -43.05
CA THR E 361 71.55 5.69 -43.14
C THR E 361 71.43 4.65 -44.25
N GLY E 362 71.02 3.43 -43.88
CA GLY E 362 70.83 2.34 -44.80
C GLY E 362 72.00 1.39 -44.92
N VAL E 363 73.20 1.80 -44.49
CA VAL E 363 74.37 0.95 -44.58
C VAL E 363 74.45 0.08 -43.33
N GLY E 364 75.07 -1.09 -43.47
CA GLY E 364 75.19 -2.00 -42.36
C GLY E 364 73.88 -2.72 -42.05
N VAL E 365 73.92 -3.51 -40.99
CA VAL E 365 72.77 -4.28 -40.53
C VAL E 365 72.15 -3.54 -39.35
N ASP E 366 70.89 -3.15 -39.49
CA ASP E 366 70.17 -2.47 -38.42
C ASP E 366 69.68 -3.53 -37.44
N GLN E 367 70.49 -3.79 -36.43
CA GLN E 367 70.17 -4.85 -35.47
C GLN E 367 68.98 -4.45 -34.60
N LEU E 368 68.94 -3.19 -34.14
CA LEU E 368 67.86 -2.75 -33.26
C LEU E 368 66.52 -2.81 -33.97
N ALA E 369 66.47 -2.41 -35.25
CA ALA E 369 65.23 -2.50 -36.00
C ALA E 369 64.78 -3.94 -36.15
N LYS E 370 65.71 -4.82 -36.55
CA LYS E 370 65.39 -6.25 -36.64
C LYS E 370 65.00 -6.82 -35.28
N LEU E 371 65.55 -6.27 -34.20
CA LEU E 371 65.18 -6.72 -32.86
C LEU E 371 63.73 -6.35 -32.54
N ILE E 372 63.35 -5.10 -32.82
CA ILE E 372 61.98 -4.66 -32.53
C ILE E 372 60.98 -5.44 -33.36
N GLU E 373 61.28 -5.66 -34.64
CA GLU E 373 60.35 -6.38 -35.50
C GLU E 373 60.19 -7.83 -35.07
N THR E 374 61.27 -8.45 -34.57
CA THR E 374 61.18 -9.82 -34.11
C THR E 374 60.44 -9.93 -32.78
N LEU E 375 60.51 -8.89 -31.95
CA LEU E 375 59.90 -8.96 -30.62
C LEU E 375 58.37 -9.00 -30.68
N LYS E 376 57.77 -8.35 -31.68
CA LYS E 376 56.31 -8.34 -31.80
C LYS E 376 55.77 -9.37 -32.78
N ASN E 377 56.54 -9.74 -33.80
CA ASN E 377 56.10 -10.73 -34.76
C ASN E 377 56.37 -12.17 -34.32
N ASN E 378 57.34 -12.37 -33.44
CA ASN E 378 57.66 -13.70 -32.94
C ASN E 378 58.21 -13.57 -31.52
N PRO E 379 57.33 -13.44 -30.54
CA PRO E 379 57.81 -13.15 -29.17
C PRO E 379 58.54 -14.32 -28.53
N LYS E 380 58.12 -15.55 -28.78
CA LYS E 380 58.75 -16.71 -28.18
C LYS E 380 60.03 -17.13 -28.89
N ASP E 381 60.50 -16.34 -29.85
CA ASP E 381 61.78 -16.63 -30.49
C ASP E 381 62.92 -16.52 -29.50
N ARG E 382 63.89 -17.42 -29.62
CA ARG E 382 65.03 -17.48 -28.70
C ARG E 382 66.29 -16.83 -29.28
N ARG E 383 66.13 -15.77 -30.09
CA ARG E 383 67.27 -15.11 -30.71
C ARG E 383 67.16 -13.59 -30.64
N HIS E 384 66.40 -13.05 -29.69
CA HIS E 384 66.25 -11.60 -29.55
C HIS E 384 67.53 -11.07 -28.91
N ILE E 385 68.57 -10.94 -29.74
CA ILE E 385 69.92 -10.62 -29.29
C ILE E 385 70.39 -9.34 -29.94
N LEU E 386 70.96 -8.44 -29.14
CA LEU E 386 71.58 -7.21 -29.62
C LEU E 386 73.06 -7.27 -29.24
N THR E 387 73.93 -7.39 -30.23
CA THR E 387 75.35 -7.51 -29.99
C THR E 387 76.08 -6.22 -30.31
N ALA E 388 77.28 -6.09 -29.74
CA ALA E 388 78.14 -4.94 -30.01
C ALA E 388 79.59 -5.33 -30.27
N TRP E 389 79.94 -6.61 -30.14
CA TRP E 389 81.32 -7.06 -30.34
C TRP E 389 81.52 -7.37 -31.81
N ASN E 390 82.23 -6.48 -32.51
CA ASN E 390 82.59 -6.67 -33.91
C ASN E 390 84.11 -6.74 -34.02
N PRO E 391 84.70 -7.93 -34.07
CA PRO E 391 86.17 -8.01 -34.10
C PRO E 391 86.80 -7.41 -35.34
N SER E 392 86.02 -7.15 -36.40
CA SER E 392 86.56 -6.51 -37.58
C SER E 392 86.72 -5.00 -37.42
N ALA E 393 86.13 -4.41 -36.37
CA ALA E 393 86.17 -2.96 -36.18
C ALA E 393 86.67 -2.56 -34.80
N LEU E 394 87.21 -3.50 -34.02
CA LEU E 394 87.66 -3.16 -32.68
C LEU E 394 88.80 -2.15 -32.71
N SER E 395 89.71 -2.30 -33.68
CA SER E 395 90.85 -1.39 -33.76
C SER E 395 90.44 0.04 -34.09
N GLN E 396 89.27 0.23 -34.72
CA GLN E 396 88.77 1.56 -35.04
C GLN E 396 88.01 2.19 -33.88
N MET E 397 87.72 1.45 -32.82
CA MET E 397 86.94 1.97 -31.71
C MET E 397 87.84 2.70 -30.72
N ALA E 398 87.36 3.83 -30.20
CA ALA E 398 88.06 4.53 -29.14
C ALA E 398 88.09 3.73 -27.85
N LEU E 399 87.17 2.79 -27.68
CA LEU E 399 87.09 1.92 -26.51
C LEU E 399 86.21 0.72 -26.86
N PRO E 400 86.73 -0.50 -26.73
CA PRO E 400 85.93 -1.69 -27.06
C PRO E 400 84.68 -1.76 -26.20
N PRO E 401 83.65 -2.46 -26.66
CA PRO E 401 82.38 -2.49 -25.92
C PRO E 401 82.54 -3.19 -24.58
N CYS E 402 82.01 -2.56 -23.53
CA CYS E 402 81.96 -3.18 -22.20
C CYS E 402 80.70 -4.02 -22.04
N HIS E 403 79.53 -3.42 -22.22
CA HIS E 403 78.30 -4.19 -22.33
C HIS E 403 78.26 -4.74 -23.76
N VAL E 404 78.64 -6.01 -23.90
CA VAL E 404 78.96 -6.60 -25.19
C VAL E 404 77.73 -7.18 -25.87
N LEU E 405 76.98 -8.00 -25.16
CA LEU E 405 75.87 -8.74 -25.73
C LEU E 405 74.65 -8.64 -24.81
N SER E 406 73.47 -8.52 -25.40
CA SER E 406 72.23 -8.48 -24.64
C SER E 406 71.20 -9.34 -25.33
N GLN E 407 70.42 -10.08 -24.53
CA GLN E 407 69.36 -10.93 -25.04
C GLN E 407 68.05 -10.58 -24.35
N TYR E 408 66.96 -10.67 -25.09
CA TYR E 408 65.64 -10.26 -24.60
C TYR E 408 64.67 -11.41 -24.73
N TYR E 409 63.68 -11.43 -23.83
CA TYR E 409 62.83 -12.58 -23.62
C TYR E 409 61.43 -12.11 -23.27
N VAL E 410 60.44 -12.62 -23.98
CA VAL E 410 59.04 -12.27 -23.74
C VAL E 410 58.39 -13.41 -22.96
N THR E 411 57.95 -13.11 -21.74
CA THR E 411 57.34 -14.12 -20.91
C THR E 411 55.91 -14.42 -21.37
N ASN E 412 55.31 -15.42 -20.73
CA ASN E 412 53.95 -15.81 -21.11
C ASN E 412 52.93 -14.75 -20.75
N ASP E 413 53.18 -13.97 -19.69
CA ASP E 413 52.31 -12.86 -19.30
C ASP E 413 52.72 -11.54 -19.93
N ASN E 414 53.32 -11.58 -21.13
CA ASN E 414 53.62 -10.38 -21.92
C ASN E 414 54.51 -9.40 -21.16
N CYS E 415 55.60 -9.93 -20.60
CA CYS E 415 56.64 -9.13 -19.97
C CYS E 415 57.95 -9.33 -20.71
N LEU E 416 58.76 -8.28 -20.77
CA LEU E 416 60.02 -8.27 -21.49
C LEU E 416 61.17 -8.29 -20.50
N SER E 417 61.90 -9.40 -20.45
CA SER E 417 63.09 -9.52 -19.63
C SER E 417 64.33 -9.25 -20.47
N CYS E 418 65.45 -9.05 -19.78
CA CYS E 418 66.71 -8.69 -20.43
C CYS E 418 67.87 -9.35 -19.72
N ASN E 419 68.78 -9.93 -20.49
CA ASN E 419 70.05 -10.46 -20.00
C ASN E 419 71.18 -9.71 -20.70
N LEU E 420 72.13 -9.23 -19.91
CA LEU E 420 73.27 -8.49 -20.43
C LEU E 420 74.56 -9.15 -19.98
N TYR E 421 75.49 -9.36 -20.91
CA TYR E 421 76.83 -9.79 -20.57
C TYR E 421 77.80 -8.62 -20.69
N GLN E 422 78.55 -8.37 -19.62
CA GLN E 422 79.50 -7.27 -19.55
C GLN E 422 80.90 -7.82 -19.32
N ARG E 423 81.81 -7.57 -20.26
CA ARG E 423 83.15 -8.14 -20.17
C ARG E 423 83.97 -7.46 -19.08
N SER E 424 83.78 -6.15 -18.87
CA SER E 424 84.53 -5.41 -17.87
C SER E 424 83.59 -4.40 -17.23
N CYS E 425 83.56 -4.39 -15.89
CA CYS E 425 82.58 -3.63 -15.14
C CYS E 425 83.28 -2.78 -14.09
N ASP E 426 83.37 -1.48 -14.34
CA ASP E 426 83.84 -0.53 -13.32
C ASP E 426 82.74 -0.35 -12.28
N LEU E 427 82.87 -1.04 -11.16
CA LEU E 427 81.83 -1.02 -10.13
C LEU E 427 81.64 0.35 -9.50
N GLY E 428 82.59 1.25 -9.67
CA GLY E 428 82.48 2.58 -9.09
C GLY E 428 81.64 3.53 -9.93
N LEU E 429 81.77 3.44 -11.25
CA LEU E 429 81.10 4.37 -12.15
C LEU E 429 80.21 3.66 -13.17
N GLY E 430 80.76 2.72 -13.94
CA GLY E 430 80.00 2.13 -15.04
C GLY E 430 78.82 1.29 -14.57
N SER E 431 78.99 0.54 -13.47
CA SER E 431 77.95 -0.39 -13.04
C SER E 431 76.63 0.31 -12.71
N PRO E 432 76.58 1.36 -11.87
CA PRO E 432 75.29 2.02 -11.65
C PRO E 432 74.68 2.59 -12.91
N PHE E 433 75.51 3.01 -13.88
CA PHE E 433 74.98 3.47 -15.15
C PHE E 433 74.44 2.30 -15.97
N ASN E 434 75.16 1.18 -16.01
CA ASN E 434 74.74 0.05 -16.81
C ASN E 434 73.46 -0.59 -16.28
N ILE E 435 73.24 -0.53 -14.97
CA ILE E 435 72.01 -1.09 -14.40
C ILE E 435 70.81 -0.28 -14.90
N ALA E 436 70.90 1.04 -14.81
CA ALA E 436 69.78 1.89 -15.22
C ALA E 436 69.65 1.97 -16.74
N SER E 437 70.78 2.00 -17.46
CA SER E 437 70.72 2.18 -18.91
C SER E 437 69.98 1.02 -19.58
N TYR E 438 70.37 -0.22 -19.27
CA TYR E 438 69.69 -1.37 -19.85
C TYR E 438 68.33 -1.61 -19.21
N ALA E 439 68.06 -1.02 -18.05
CA ALA E 439 66.70 -1.05 -17.51
C ALA E 439 65.78 -0.15 -18.32
N ILE E 440 66.25 1.07 -18.61
CA ILE E 440 65.46 2.00 -19.43
C ILE E 440 65.25 1.43 -20.82
N LEU E 441 66.30 0.85 -21.41
CA LEU E 441 66.20 0.31 -22.76
C LEU E 441 65.15 -0.81 -22.83
N THR E 442 65.10 -1.66 -21.81
CA THR E 442 64.10 -2.72 -21.78
C THR E 442 62.70 -2.14 -21.70
N MET E 443 62.52 -1.10 -20.89
CA MET E 443 61.21 -0.46 -20.77
C MET E 443 60.81 0.22 -22.08
N MET E 444 61.78 0.85 -22.76
CA MET E 444 61.50 1.44 -24.06
C MET E 444 61.06 0.38 -25.05
N LEU E 445 61.80 -0.73 -25.11
CA LEU E 445 61.42 -1.83 -25.99
C LEU E 445 60.08 -2.42 -25.60
N ALA E 446 59.74 -2.39 -24.31
CA ALA E 446 58.48 -2.96 -23.85
C ALA E 446 57.30 -2.12 -24.33
N GLN E 447 57.44 -0.80 -24.33
CA GLN E 447 56.33 0.07 -24.74
C GLN E 447 56.14 0.02 -26.26
N VAL E 448 57.23 0.06 -27.02
CA VAL E 448 57.11 0.04 -28.48
C VAL E 448 56.56 -1.30 -28.95
N CYS E 449 56.86 -2.38 -28.24
CA CYS E 449 56.36 -3.70 -28.60
C CYS E 449 55.06 -4.06 -27.91
N GLY E 450 54.60 -3.25 -26.96
CA GLY E 450 53.34 -3.50 -26.30
C GLY E 450 53.41 -4.48 -25.15
N TYR E 451 54.57 -4.63 -24.53
CA TYR E 451 54.74 -5.50 -23.38
C TYR E 451 54.97 -4.66 -22.13
N GLU E 452 55.20 -5.34 -21.02
CA GLU E 452 55.53 -4.71 -19.75
C GLU E 452 56.96 -5.06 -19.35
N PRO E 453 57.62 -4.22 -18.54
CA PRO E 453 58.98 -4.56 -18.10
C PRO E 453 58.97 -5.80 -17.22
N GLY E 454 60.01 -6.63 -17.37
CA GLY E 454 60.13 -7.86 -16.63
C GLY E 454 61.31 -7.86 -15.68
N GLU E 455 62.30 -8.70 -15.94
CA GLU E 455 63.47 -8.81 -15.10
C GLU E 455 64.71 -8.34 -15.85
N LEU E 456 65.74 -8.01 -15.08
CA LEU E 456 67.03 -7.58 -15.62
C LEU E 456 68.12 -8.35 -14.89
N ALA E 457 68.86 -9.18 -15.63
CA ALA E 457 69.98 -9.92 -15.10
C ALA E 457 71.24 -9.48 -15.84
N ILE E 458 72.28 -9.16 -15.10
CA ILE E 458 73.54 -8.69 -15.67
C ILE E 458 74.62 -9.70 -15.29
N PHE E 459 75.19 -10.36 -16.30
CA PHE E 459 76.28 -11.28 -16.11
C PHE E 459 77.59 -10.57 -16.41
N ILE E 460 78.53 -10.64 -15.47
CA ILE E 460 79.74 -9.83 -15.51
C ILE E 460 80.95 -10.74 -15.62
N GLY E 461 81.90 -10.37 -16.48
CA GLY E 461 83.17 -11.03 -16.54
C GLY E 461 84.14 -10.48 -15.52
N ASP E 462 84.89 -9.44 -15.89
CA ASP E 462 85.89 -8.84 -15.02
C ASP E 462 85.21 -7.77 -14.16
N ALA E 463 84.73 -8.16 -12.99
CA ALA E 463 84.14 -7.25 -12.03
C ALA E 463 85.23 -6.72 -11.12
N HIS E 464 85.50 -5.42 -11.20
CA HIS E 464 86.67 -4.83 -10.55
C HIS E 464 86.32 -3.49 -9.91
N ILE E 465 87.15 -3.10 -8.94
CA ILE E 465 87.05 -1.81 -8.28
C ILE E 465 88.39 -1.10 -8.40
N TYR E 466 88.37 0.13 -8.92
CA TYR E 466 89.60 0.92 -9.00
C TYR E 466 90.03 1.38 -7.62
N GLU E 467 91.36 1.39 -7.39
CA GLU E 467 91.89 1.60 -6.05
C GLU E 467 91.62 3.02 -5.52
N ASN E 468 91.36 3.98 -6.40
CA ASN E 468 91.00 5.32 -5.95
C ASN E 468 89.51 5.44 -5.61
N HIS E 469 88.76 4.33 -5.70
CA HIS E 469 87.37 4.29 -5.30
C HIS E 469 87.17 3.59 -3.96
N LEU E 470 88.27 3.25 -3.27
CA LEU E 470 88.17 2.42 -2.07
C LEU E 470 87.49 3.16 -0.94
N THR E 471 87.96 4.37 -0.61
CA THR E 471 87.32 5.14 0.46
C THR E 471 85.91 5.56 0.08
N GLN E 472 85.63 5.73 -1.22
CA GLN E 472 84.29 6.12 -1.64
C GLN E 472 83.31 4.97 -1.54
N LEU E 473 83.68 3.79 -2.08
CA LEU E 473 82.76 2.65 -2.06
C LEU E 473 82.56 2.10 -0.66
N LYS E 474 83.57 2.18 0.20
CA LYS E 474 83.38 1.81 1.59
C LYS E 474 82.43 2.78 2.30
N GLU E 475 82.47 4.05 1.91
CA GLU E 475 81.50 5.01 2.43
C GLU E 475 80.09 4.67 1.97
N GLN E 476 79.95 4.26 0.71
CA GLN E 476 78.62 3.91 0.19
C GLN E 476 78.07 2.66 0.87
N LEU E 477 78.94 1.73 1.27
CA LEU E 477 78.49 0.51 1.94
C LEU E 477 78.00 0.75 3.36
N SER E 478 78.25 1.94 3.92
CA SER E 478 77.78 2.26 5.26
C SER E 478 76.34 2.77 5.28
N ARG E 479 75.68 2.81 4.13
CA ARG E 479 74.35 3.40 3.99
C ARG E 479 73.33 2.28 3.75
N THR E 480 72.36 2.17 4.65
CA THR E 480 71.30 1.19 4.49
C THR E 480 70.41 1.58 3.31
N PRO E 481 70.14 0.66 2.38
CA PRO E 481 69.41 1.04 1.17
C PRO E 481 67.99 1.51 1.46
N ARG E 482 67.44 2.22 0.49
CA ARG E 482 66.09 2.75 0.51
C ARG E 482 65.31 2.17 -0.67
N PRO E 483 63.98 2.20 -0.63
CA PRO E 483 63.20 1.61 -1.73
C PRO E 483 63.50 2.27 -3.07
N PHE E 484 63.50 1.45 -4.11
CA PHE E 484 63.78 1.92 -5.46
C PHE E 484 62.73 2.95 -5.89
N PRO E 485 63.09 3.86 -6.79
CA PRO E 485 62.08 4.80 -7.32
C PRO E 485 61.21 4.13 -8.37
N GLN E 486 60.37 4.92 -9.03
CA GLN E 486 59.55 4.44 -10.14
C GLN E 486 59.90 5.23 -11.39
N LEU E 487 59.91 4.55 -12.53
CA LEU E 487 60.15 5.20 -13.82
C LEU E 487 58.95 4.94 -14.71
N LYS E 488 58.27 6.01 -15.10
CA LYS E 488 57.11 5.92 -15.97
C LYS E 488 57.28 6.88 -17.13
N PHE E 489 56.75 6.47 -18.29
CA PHE E 489 56.79 7.29 -19.49
C PHE E 489 55.53 8.14 -19.58
N LYS E 490 55.70 9.41 -19.95
CA LYS E 490 54.58 10.34 -19.99
C LYS E 490 53.71 10.14 -21.22
N ARG E 491 54.28 9.67 -22.33
CA ARG E 491 53.54 9.47 -23.56
C ARG E 491 53.98 8.18 -24.23
N LYS E 492 53.14 7.69 -25.13
CA LYS E 492 53.46 6.54 -25.97
C LYS E 492 54.01 7.03 -27.30
N VAL E 493 55.17 6.51 -27.68
CA VAL E 493 55.84 6.95 -28.89
C VAL E 493 55.57 5.96 -30.02
N GLU E 494 55.70 6.44 -31.25
CA GLU E 494 55.52 5.60 -32.43
C GLU E 494 56.80 4.90 -32.84
N ASN E 495 57.94 5.58 -32.70
CA ASN E 495 59.24 5.00 -32.98
C ASN E 495 60.15 5.19 -31.77
N ILE E 496 61.06 4.24 -31.57
CA ILE E 496 61.91 4.25 -30.37
C ILE E 496 62.86 5.44 -30.34
N GLU E 497 63.16 6.04 -31.49
CA GLU E 497 64.08 7.17 -31.53
C GLU E 497 63.47 8.47 -31.03
N ASP E 498 62.16 8.49 -30.76
CA ASP E 498 61.47 9.73 -30.44
C ASP E 498 61.46 10.08 -28.96
N PHE E 499 62.06 9.24 -28.11
CA PHE E 499 62.09 9.52 -26.68
C PHE E 499 62.91 10.77 -26.40
N LYS E 500 62.45 11.56 -25.43
CA LYS E 500 63.16 12.75 -24.98
C LYS E 500 63.20 12.77 -23.46
N TRP E 501 64.13 13.56 -22.92
CA TRP E 501 64.31 13.63 -21.47
C TRP E 501 63.07 14.18 -20.78
N GLU E 502 62.31 15.03 -21.46
CA GLU E 502 61.08 15.55 -20.88
C GLU E 502 60.00 14.48 -20.77
N ASP E 503 60.11 13.39 -21.54
CA ASP E 503 59.14 12.31 -21.53
C ASP E 503 59.33 11.32 -20.37
N ILE E 504 60.26 11.57 -19.46
CA ILE E 504 60.59 10.64 -18.39
C ILE E 504 60.22 11.27 -17.05
N GLU E 505 59.49 10.51 -16.23
CA GLU E 505 59.08 10.95 -14.90
C GLU E 505 59.65 10.00 -13.86
N LEU E 506 60.52 10.52 -12.99
CA LEU E 506 61.15 9.75 -11.93
C LEU E 506 60.40 10.04 -10.62
N ILE E 507 59.70 9.03 -10.10
CA ILE E 507 58.78 9.20 -8.98
C ILE E 507 59.38 8.50 -7.76
N GLY E 508 59.53 9.26 -6.68
CA GLY E 508 59.91 8.68 -5.40
C GLY E 508 61.37 8.30 -5.28
N TYR E 509 62.27 9.15 -5.77
CA TYR E 509 63.71 8.89 -5.70
C TYR E 509 64.29 9.76 -4.59
N TYR E 510 64.60 9.16 -3.45
CA TYR E 510 65.16 9.84 -2.29
C TYR E 510 66.49 9.20 -1.94
N PRO E 511 67.54 9.49 -2.69
CA PRO E 511 68.83 8.81 -2.49
C PRO E 511 69.69 9.51 -1.44
N TYR E 512 70.78 8.84 -1.08
CA TYR E 512 71.82 9.41 -0.25
C TYR E 512 72.65 10.39 -1.07
N PRO E 513 73.39 11.29 -0.42
CA PRO E 513 74.16 12.29 -1.17
C PRO E 513 75.10 11.67 -2.19
N THR E 514 75.35 12.40 -3.27
CA THR E 514 76.21 11.92 -4.33
C THR E 514 77.64 11.74 -3.83
N ILE E 515 78.36 10.83 -4.48
CA ILE E 515 79.74 10.50 -4.12
C ILE E 515 80.62 10.73 -5.35
N LYS E 516 81.58 11.64 -5.23
CA LYS E 516 82.45 11.97 -6.35
C LYS E 516 83.53 10.89 -6.53
N MET E 517 83.66 10.39 -7.75
CA MET E 517 84.69 9.40 -8.09
C MET E 517 85.26 9.70 -9.47
N ASP E 518 86.58 9.62 -9.59
CA ASP E 518 87.27 9.95 -10.83
C ASP E 518 87.29 8.76 -11.77
N MET E 519 87.17 9.06 -13.07
CA MET E 519 87.20 8.02 -14.10
C MET E 519 88.64 7.72 -14.50
N ALA E 520 88.94 6.44 -14.68
CA ALA E 520 90.26 6.00 -15.14
C ALA E 520 90.26 6.03 -16.66
N VAL E 521 91.04 6.96 -17.24
CA VAL E 521 91.11 7.10 -18.68
C VAL E 521 92.01 6.04 -19.28
PA NDP F . -71.90 -37.73 -12.60
O1A NDP F . -70.39 -37.83 -12.57
O2A NDP F . -72.31 -36.29 -12.59
O5B NDP F . -72.44 -38.36 -13.89
C5B NDP F . -72.16 -39.71 -14.16
C4B NDP F . -72.79 -40.28 -15.37
O4B NDP F . -72.13 -39.79 -16.52
C3B NDP F . -72.64 -41.73 -15.44
O3B NDP F . -73.65 -42.38 -14.75
C2B NDP F . -72.73 -41.96 -16.85
O2B NDP F . -74.05 -41.83 -17.28
C1B NDP F . -71.94 -40.88 -17.40
N9A NDP F . -70.58 -41.25 -17.42
C8A NDP F . -69.68 -41.01 -16.43
N7A NDP F . -68.47 -41.51 -16.79
C5A NDP F . -68.60 -42.07 -18.04
C6A NDP F . -67.70 -42.71 -18.92
N6A NDP F . -66.29 -42.89 -18.51
N1A NDP F . -68.14 -43.17 -20.12
C2A NDP F . -69.45 -43.00 -20.46
N3A NDP F . -70.33 -42.37 -19.67
C4A NDP F . -69.93 -41.89 -18.43
O3 NDP F . -72.54 -38.45 -11.32
PN NDP F . -72.01 -38.18 -9.85
O1N NDP F . -72.85 -38.98 -8.84
O2N NDP F . -70.57 -38.64 -9.73
O5D NDP F . -72.12 -36.59 -9.57
C5D NDP F . -73.35 -36.00 -9.21
C4D NDP F . -73.44 -35.46 -7.86
O4D NDP F . -72.34 -34.58 -7.65
C3D NDP F . -74.65 -34.67 -7.68
O3D NDP F . -75.10 -34.76 -6.36
C2D NDP F . -74.24 -33.34 -7.95
O2D NDP F . -75.03 -32.41 -7.29
C1D NDP F . -72.86 -33.31 -7.44
N1N NDP F . -72.10 -32.29 -8.10
C2N NDP F . -71.45 -31.38 -7.36
C3N NDP F . -70.70 -30.36 -7.96
C7N NDP F . -69.98 -29.36 -7.06
O7N NDP F . -69.20 -28.54 -7.56
N7N NDP F . -70.20 -29.35 -5.63
C4N NDP F . -70.61 -30.28 -9.36
C5N NDP F . -71.30 -31.25 -10.11
C6N NDP F . -72.05 -32.25 -9.47
P2B NDP F . -74.76 -42.97 -18.06
O1X NDP F . -75.63 -43.76 -17.06
O2X NDP F . -75.61 -42.39 -19.12
O3X NDP F . -73.75 -43.87 -18.70
N1 UFP G . -47.57 -10.96 25.52
C2 UFP G . -48.22 -10.73 24.35
N3 UFP G . -49.53 -10.44 24.34
C4 UFP G . -50.24 -10.36 25.48
C5 UFP G . -49.58 -10.61 26.71
C6 UFP G . -48.27 -10.90 26.69
O2 UFP G . -47.66 -10.78 23.25
O4 UFP G . -51.43 -10.10 25.46
F5 UFP G . -50.25 -10.55 27.89
C1' UFP G . -46.14 -11.30 25.66
C2' UFP G . -45.16 -10.36 24.92
C3' UFP G . -43.86 -10.78 25.62
C4' UFP G . -44.32 -10.83 27.08
O3' UFP G . -43.49 -12.08 25.19
O4' UFP G . -45.75 -11.12 27.05
C5' UFP G . -44.04 -9.50 27.81
O5' UFP G . -42.67 -9.45 28.18
P UFP G . -42.19 -7.92 28.07
O1P UFP G . -40.59 -7.85 28.22
O2P UFP G . -42.58 -7.37 26.75
O3P UFP G . -42.87 -7.03 29.23
C1 OEP H . -47.55 -13.46 28.99
C10 OEP H . -50.61 -17.66 28.17
C11 OEP H . -51.18 -18.15 27.00
C12 OEP H . -51.68 -17.27 26.05
C13 OEP H . -51.63 -15.89 26.27
C14 OEP H . -51.23 -19.64 26.74
C15 OEP H . -52.13 -21.13 24.89
C16 OEP H . -52.78 -22.23 25.46
C17 OEP H . -52.97 -23.37 24.67
C18 OEP H . -52.54 -23.43 23.36
C19 OEP H . -51.90 -22.33 22.81
C2 OEP H . -48.42 -13.89 27.98
C20 OEP H . -51.71 -21.19 23.58
C21 OEP H . -51.41 -22.33 21.39
C22 OEP H . -53.27 -22.25 26.88
C23 OEP H . -54.71 -22.70 26.94
C3 OEP H . -47.83 -14.46 26.76
C4 OEP H . -45.67 -14.04 27.88
C5 OEP H . -49.73 -13.63 28.42
C6 OEP H . -49.62 -13.06 29.69
C7 OEP H . -51.01 -13.92 27.71
C8 OEP H . -51.07 -15.40 27.45
C9 OEP H . -50.57 -16.28 28.40
N1 OEP H . -46.18 -13.53 28.95
N2 OEP H . -46.46 -14.48 26.84
N3 OEP H . -48.29 -12.95 30.01
N4 OEP H . -44.23 -14.17 27.71
N5 OEP H . -51.86 -19.87 25.58
O1 OEP H . -48.40 -14.90 25.76
O2 OEP H . -50.76 -20.51 27.44
O3 OEP H . -50.71 -23.17 20.86
O4 OEP H . -51.88 -21.23 20.74
O5 OEP H . -55.71 -22.00 27.08
O6 OEP H . -54.77 -24.06 26.80
N1 MTX I . -69.99 -24.73 -7.54
C2 MTX I . -68.74 -24.65 -8.02
NA2 MTX I . -67.79 -23.78 -7.35
N3 MTX I . -68.33 -25.36 -9.08
C4 MTX I . -69.18 -26.18 -9.71
NA4 MTX I . -68.78 -26.95 -10.85
C4A MTX I . -70.50 -26.30 -9.26
N5 MTX I . -71.39 -27.12 -9.88
C6 MTX I . -72.65 -27.21 -9.41
C7 MTX I . -73.08 -26.48 -8.30
N8 MTX I . -72.19 -25.66 -7.69
C8A MTX I . -70.89 -25.55 -8.16
C9 MTX I . -73.59 -28.13 -10.14
N10 MTX I . -73.78 -27.68 -11.51
CM MTX I . -73.23 -28.43 -12.60
C11 MTX I . -75.80 -24.03 -12.17
C12 MTX I . -76.11 -24.79 -11.04
C13 MTX I . -75.45 -26.00 -10.84
C14 MTX I . -74.49 -26.43 -11.73
C15 MTX I . -74.16 -25.65 -12.85
C16 MTX I . -74.83 -24.45 -13.05
C MTX I . -76.49 -22.71 -12.42
O MTX I . -77.62 -22.51 -11.99
N MTX I . -75.80 -21.68 -13.16
CA MTX I . -76.38 -20.39 -13.42
CT MTX I . -75.52 -19.73 -14.43
O1 MTX I . -74.44 -20.28 -14.77
O2 MTX I . -75.88 -18.63 -14.95
CB MTX I . -76.28 -19.60 -12.17
CG MTX I . -77.16 -18.41 -11.94
CD MTX I . -76.74 -17.48 -10.86
OE1 MTX I . -76.16 -16.41 -11.18
OE2 MTX I . -77.20 -17.61 -9.70
PA NDP J . -16.40 13.84 -23.90
O1A NDP J . -17.84 13.80 -24.34
O2A NDP J . -16.18 12.80 -22.84
O5B NDP J . -15.48 13.49 -25.08
C5B NDP J . -15.48 14.26 -26.25
C4B NDP J . -14.49 13.90 -27.27
O4B NDP J . -14.89 12.71 -27.93
C3B NDP J . -14.37 14.89 -28.35
O3B NDP J . -13.46 15.89 -28.01
C2B NDP J . -13.89 14.09 -29.44
O2B NDP J . -12.56 13.70 -29.26
C1B NDP J . -14.72 12.91 -29.32
N9A NDP J . -15.96 13.10 -29.97
C8A NDP J . -17.10 13.56 -29.38
N7A NDP J . -18.08 13.61 -30.31
C5A NDP J . -17.58 13.16 -31.50
C6A NDP J . -18.11 12.98 -32.80
N6A NDP J . -19.53 13.32 -33.06
N1A NDP J . -17.33 12.50 -33.80
C2A NDP J . -16.03 12.20 -33.54
N3A NDP J . -15.48 12.35 -32.33
C4A NDP J . -16.24 12.84 -31.28
O3 NDP J . -16.05 15.28 -23.30
PN NDP J . -16.95 15.96 -22.18
O1N NDP J . -16.37 17.31 -21.77
O2N NDP J . -18.35 16.17 -22.72
O5D NDP J . -16.99 14.96 -20.89
C5D NDP J . -16.00 15.07 -19.90
C4D NDP J . -16.41 15.55 -18.58
O4D NDP J . -17.60 14.86 -18.20
C3D NDP J . -15.41 15.23 -17.56
O3D NDP J . -15.47 16.18 -16.54
C2D NDP J . -15.84 13.97 -17.04
O2D NDP J . -15.36 13.78 -15.74
C1D NDP J . -17.31 14.12 -17.07
N1N NDP J . -17.96 12.84 -17.09
C2N NDP J . -18.87 12.57 -16.15
C3N NDP J . -19.54 11.35 -16.12
C7N NDP J . -20.56 11.09 -15.02
O7N NDP J . -21.26 10.07 -15.08
N7N NDP J . -20.74 12.01 -13.93
C4N NDP J . -19.24 10.36 -17.08
C5N NDP J . -18.28 10.68 -18.06
C6N NDP J . -17.65 11.93 -18.05
P2B NDP J . -11.42 14.24 -30.19
O1X NDP J . -10.71 15.40 -29.48
O2X NDP J . -10.46 13.17 -30.45
O3X NDP J . -12.00 14.70 -31.49
N1 UFP K . -53.13 16.88 13.32
C2 UFP K . -52.21 15.97 12.91
N3 UFP K . -51.01 15.87 13.53
C4 UFP K . -50.70 16.68 14.56
C5 UFP K . -51.64 17.64 15.00
C6 UFP K . -52.82 17.72 14.36
O2 UFP K . -52.40 15.19 12.00
O4 UFP K . -49.61 16.59 15.12
F5 UFP K . -51.37 18.48 16.02
C1' UFP K . -54.48 17.09 12.75
C2' UFP K . -55.31 15.80 12.56
C3' UFP K . -56.72 16.38 12.52
C4' UFP K . -56.65 17.43 13.64
O3' UFP K . -56.97 17.04 11.28
O4' UFP K . -55.26 17.86 13.69
C5' UFP K . -57.09 16.80 14.98
O5' UFP K . -58.45 17.15 15.20
P UFP K . -59.21 15.87 15.80
O1P UFP K . -58.87 14.57 14.93
O2P UFP K . -58.73 15.61 17.32
O3P UFP K . -60.67 16.11 15.78
C1 OEP L . -54.10 21.16 14.21
C10 OEP L . -50.35 23.92 11.80
C11 OEP L . -49.42 23.52 10.85
C12 OEP L . -48.82 22.26 10.98
C13 OEP L . -49.12 21.44 12.05
C14 OEP L . -49.07 24.38 9.67
C15 OEP L . -47.48 24.15 7.70
C16 OEP L . -46.87 25.37 7.41
C17 OEP L . -46.30 25.55 6.15
C18 OEP L . -46.35 24.55 5.18
C19 OEP L . -46.96 23.35 5.48
C2 OEP L . -52.91 20.86 13.54
C20 OEP L . -47.52 23.16 6.73
C21 OEP L . -47.04 22.23 4.49
C22 OEP L . -46.79 26.49 8.40
C23 OEP L . -45.37 27.01 8.50
C3 OEP L . -52.99 20.37 12.17
C4 OEP L . -55.42 20.62 12.47
C5 OEP L . -51.85 21.11 14.44
C6 OEP L . -52.43 21.58 15.62
C7 OEP L . -50.39 20.96 14.16
C8 OEP L . -50.04 21.85 13.00
C9 OEP L . -50.65 23.10 12.88
N1 OEP L . -55.35 21.04 13.69
N2 OEP L . -54.30 20.30 11.75
N3 OEP L . -53.79 21.59 15.47
N4 OEP L . -56.71 20.45 11.80
N5 OEP L . -48.13 23.78 8.96
O1 OEP L . -52.08 20.06 11.40
O2 OEP L . -49.58 25.46 9.37
O3 OEP L . -47.47 22.30 3.34
O4 OEP L . -46.58 21.09 5.04
O5 OEP L . -44.55 26.77 9.38
O6 OEP L . -45.11 27.82 7.45
N1 MTX M . -20.94 7.30 -12.12
C2 MTX M . -22.02 6.77 -12.72
NA2 MTX M . -23.16 6.42 -11.91
N3 MTX M . -22.08 6.55 -14.04
C4 MTX M . -21.02 6.86 -14.83
NA4 MTX M . -21.04 6.64 -16.24
C4A MTX M . -19.87 7.42 -14.25
N5 MTX M . -18.80 7.76 -15.02
C6 MTX M . -17.72 8.29 -14.43
C7 MTX M . -17.66 8.52 -13.05
N8 MTX M . -18.74 8.18 -12.29
C8A MTX M . -19.85 7.64 -12.88
C9 MTX M . -16.55 8.62 -15.31
N10 MTX M . -16.04 7.42 -15.91
CM MTX M . -16.20 7.18 -17.33
C11 MTX M . -14.27 4.52 -13.39
C12 MTX M . -14.23 5.87 -13.04
C13 MTX M . -14.80 6.82 -13.88
C14 MTX M . -15.43 6.42 -15.06
C15 MTX M . -15.48 5.08 -15.40
C16 MTX M . -14.89 4.13 -14.56
C MTX M . -13.66 3.46 -12.50
O MTX M . -12.72 3.75 -11.77
N MTX M . -14.21 2.13 -12.52
CA MTX M . -13.67 1.08 -11.69
CT MTX M . -14.22 -0.19 -12.21
O1 MTX M . -14.98 -0.16 -13.20
O2 MTX M . -13.94 -1.30 -11.65
CB MTX M . -14.20 1.28 -10.30
CG MTX M . -13.48 0.66 -9.15
CD MTX M . -14.26 0.59 -7.87
OE1 MTX M . -14.76 -0.51 -7.53
OE2 MTX M . -14.13 1.51 -7.02
PA NDP N . -16.95 -17.24 24.38
O1A NDP N . -15.50 -17.63 24.56
O2A NDP N . -17.15 -16.71 23.00
O5B NDP N . -17.85 -18.46 24.59
C5B NDP N . -17.82 -19.18 25.80
C4B NDP N . -18.80 -20.27 25.97
O4B NDP N . -18.47 -21.38 25.17
C3B NDP N . -18.83 -20.77 27.34
O3B NDP N . -19.68 -20.03 28.14
C2B NDP N . -19.35 -22.10 27.14
O2B NDP N . -20.71 -22.02 26.84
C1B NDP N . -18.61 -22.55 25.97
N9A NDP N . -17.33 -23.04 26.33
C8A NDP N . -16.19 -22.31 26.42
N7A NDP N . -15.16 -23.11 26.78
C5A NDP N . -15.64 -24.39 26.91
C6A NDP N . -15.06 -25.64 27.26
N6A NDP N . -13.61 -25.71 27.56
N1A NDP N . -15.83 -26.76 27.30
C2A NDP N . -17.15 -26.66 27.02
N3A NDP N . -17.74 -25.51 26.69
C4A NDP N . -17.01 -24.34 26.63
O3 NDP N . -17.36 -16.13 25.45
PN NDP N . -16.51 -14.79 25.63
O1N NDP N . -17.18 -13.91 26.70
O2N NDP N . -15.11 -15.15 26.08
O5D NDP N . -16.47 -14.00 24.21
C5D NDP N . -17.53 -13.15 23.87
C4D NDP N . -17.25 -11.72 23.83
O4D NDP N . -16.05 -11.50 23.08
C3D NDP N . -18.29 -10.98 23.12
O3D NDP N . -18.30 -9.66 23.57
C2D NDP N . -17.87 -11.02 21.76
O2D NDP N . -18.44 -9.97 21.03
C1D NDP N . -16.40 -10.88 21.89
N1N NDP N . -15.71 -11.46 20.77
C2N NDP N . -14.77 -10.74 20.15
C3N NDP N . -14.06 -11.27 19.06
C7N NDP N . -13.00 -10.41 18.39
O7N NDP N . -12.27 -10.90 17.53
N7N NDP N . -12.85 -9.02 18.75
C4N NDP N . -14.34 -12.57 18.61
C5N NDP N . -15.33 -13.29 19.27
C6N NDP N . -16.01 -12.74 20.35
P2B NDP N . -21.75 -23.06 27.37
O1X NDP N . -22.46 -22.44 28.60
O2X NDP N . -22.75 -23.33 26.32
O3X NDP N . -21.08 -24.35 27.75
N1 UFP O . 18.58 19.38 12.50
C2 UFP O . 17.69 18.56 11.87
N3 UFP O . 16.45 19.00 11.56
C4 UFP O . 16.06 20.26 11.85
C5 UFP O . 16.98 21.14 12.49
C6 UFP O . 18.20 20.67 12.79
O2 UFP O . 17.93 17.41 11.58
O4 UFP O . 14.95 20.65 11.56
F5 UFP O . 16.63 22.41 12.79
C1' UFP O . 19.96 19.04 12.89
C2' UFP O . 20.82 18.38 11.79
C3' UFP O . 22.23 18.63 12.35
C4' UFP O . 22.11 20.04 12.95
O3' UFP O . 22.52 17.69 13.38
O4' UFP O . 20.68 20.26 13.17
C5' UFP O . 22.67 21.10 11.99
O5' UFP O . 24.08 21.25 12.23
P UFP O . 24.81 21.34 10.80
O1P UFP O . 26.39 21.11 10.99
O2P UFP O . 24.29 20.28 9.90
O3P UFP O . 24.56 22.78 10.13
C1 OEP P . 19.31 21.92 16.02
C10 OEP P . 15.65 20.58 19.50
C11 OEP P . 14.74 19.53 19.47
C12 OEP P . 14.13 19.18 18.26
C13 OEP P . 14.41 19.90 17.10
C14 OEP P . 14.46 18.74 20.70
C15 OEP P . 12.97 16.80 21.38
C16 OEP P . 12.42 17.02 22.64
C17 OEP P . 11.93 15.95 23.37
C18 OEP P . 11.99 14.66 22.87
C19 OEP P . 12.53 14.43 21.61
C2 OEP P . 18.14 21.17 16.02
C20 OEP P . 13.03 15.50 20.88
C21 OEP P . 12.63 13.05 21.02
C22 OEP P . 12.31 18.40 23.25
C23 OEP P . 10.92 18.65 23.76
C3 OEP P . 18.24 19.71 16.09
C4 OEP P . 20.67 20.13 16.18
C5 OEP P . 17.07 22.08 15.92
C6 OEP P . 17.62 23.36 15.88
C7 OEP P . 15.61 21.74 15.88
C8 OEP P . 15.30 20.96 17.13
C9 OEP P . 15.92 21.30 18.33
N1 OEP P . 20.57 21.41 16.10
N2 OEP P . 19.55 19.32 16.17
N3 OEP P . 18.99 23.23 15.94
N4 OEP P . 21.97 19.45 16.26
N5 OEP P . 13.52 17.82 20.48
O1 OEP P . 17.34 18.87 16.09
O2 OEP P . 15.01 18.89 21.80
O3 OEP P . 13.13 12.08 21.56
O4 OEP P . 12.08 13.05 19.79
O5 OEP P . 10.04 19.32 23.23
O6 OEP P . 10.75 18.00 24.94
N1 MTX Q . -12.36 -9.13 13.85
C2 MTX Q . -11.28 -9.90 13.63
NA2 MTX Q . -10.11 -9.31 13.03
N3 MTX Q . -11.26 -11.21 13.92
C4 MTX Q . -12.34 -11.80 14.48
NA4 MTX Q . -12.34 -13.18 14.81
C4A MTX Q . -13.49 -11.02 14.74
N5 MTX Q . -14.59 -11.60 15.31
C6 MTX Q . -15.67 -10.83 15.53
C7 MTX Q . -15.70 -9.47 15.22
N8 MTX Q . -14.60 -8.92 14.67
C8A MTX Q . -13.48 -9.69 14.42
C9 MTX Q . -16.87 -11.51 16.15
N10 MTX Q . -17.36 -12.57 15.30
CM MTX Q . -17.22 -13.94 15.70
C11 MTX Q . -19.06 -11.66 11.54
C12 MTX Q . -19.17 -10.75 12.59
C13 MTX Q . -18.62 -11.05 13.83
C14 MTX Q . -17.96 -12.26 14.01
C15 MTX Q . -17.84 -13.16 12.96
C16 MTX Q . -18.39 -12.87 11.73
C MTX Q . -19.65 -11.35 10.19
O MTX Q . -20.64 -10.64 10.10
N MTX Q . -19.05 -11.90 9.00
CA MTX Q . -19.60 -11.61 7.70
CT MTX Q . -19.04 -12.62 6.77
O1 MTX Q . -18.31 -13.54 7.23
O2 MTX Q . -19.30 -12.57 5.52
CB MTX Q . -19.09 -10.27 7.30
CG MTX Q . -19.81 -9.43 6.29
CD MTX Q . -19.04 -8.30 5.71
OE1 MTX Q . -18.54 -8.41 4.56
OE2 MTX Q . -19.05 -7.17 6.27
PA NDP R . 40.33 -25.67 -26.63
O1A NDP R . 38.81 -25.65 -26.80
O2A NDP R . 40.67 -25.13 -25.27
O5B NDP R . 40.84 -27.11 -26.72
C5B NDP R . 40.64 -27.89 -27.88
C4B NDP R . 41.28 -29.23 -27.88
O4B NDP R . 40.56 -30.10 -27.03
C3B NDP R . 41.26 -29.88 -29.19
O3B NDP R . 42.30 -29.48 -30.00
C2B NDP R . 41.40 -31.27 -28.80
O2B NDP R . 42.70 -31.55 -28.38
C1B NDP R . 40.52 -31.37 -27.65
N9A NDP R . 39.20 -31.69 -28.07
C8A NDP R . 38.21 -30.81 -28.35
N7A NDP R . 37.09 -31.47 -28.69
C5A NDP R . 37.36 -32.83 -28.63
C6A NDP R . 36.61 -34.01 -28.86
N6A NDP R . 35.19 -33.90 -29.29
N1A NDP R . 37.19 -35.23 -28.70
C2A NDP R . 38.49 -35.30 -28.31
N3A NDP R . 39.24 -34.22 -28.08
C4A NDP R . 38.69 -32.95 -28.22
O3 NDP R . 41.02 -24.75 -27.74
PN NDP R . 40.52 -23.27 -28.02
O1N NDP R . 41.37 -22.60 -29.11
O2N NDP R . 39.08 -23.31 -28.50
O5D NDP R . 40.64 -22.39 -26.66
C5D NDP R . 41.84 -21.71 -26.39
C4D NDP R . 41.85 -20.26 -26.44
O4D NDP R . 40.72 -19.76 -25.71
C3D NDP R . 43.03 -19.70 -25.78
O3D NDP R . 43.32 -18.45 -26.33
C2D NDP R . 42.61 -19.53 -24.44
O2D NDP R . 43.40 -18.55 -23.82
C1D NDP R . 41.21 -19.09 -24.59
N1N NDP R . 40.43 -19.40 -23.43
C2N NDP R . 39.65 -18.43 -22.91
C3N NDP R . 38.87 -18.66 -21.77
C7N NDP R . 38.01 -17.53 -21.24
O7N NDP R . 37.21 -17.76 -20.32
N7N NDP R . 38.13 -16.19 -21.75
C4N NDP R . 38.88 -19.93 -21.17
C5N NDP R . 39.70 -20.93 -21.74
C6N NDP R . 40.46 -20.64 -22.87
P2B NDP R . 43.60 -32.60 -29.10
O1X NDP R . 44.57 -31.85 -30.03
O2X NDP R . 44.35 -33.37 -28.09
O3X NDP R . 42.78 -33.56 -29.90
N1 UFP S . 13.67 18.59 -18.01
C2 UFP S . 14.37 17.67 -17.28
N3 UFP S . 15.66 17.89 -16.96
C4 UFP S . 16.30 19.00 -17.36
C5 UFP S . 15.60 19.97 -18.11
C6 UFP S . 14.31 19.73 -18.42
O2 UFP S . 13.88 16.64 -16.88
O4 UFP S . 17.48 19.18 -17.06
F5 UFP S . 16.19 21.11 -18.54
C1' UFP S . 12.26 18.50 -18.42
C2' UFP S . 11.26 18.11 -17.32
C3' UFP S . 9.95 18.64 -17.91
C4' UFP S . 10.39 19.96 -18.56
O3' UFP S . 9.46 17.76 -18.92
O4' UFP S . 11.82 19.82 -18.81
C5' UFP S . 10.10 21.16 -17.65
O5' UFP S . 8.76 21.59 -17.87
P UFP S . 8.14 22.02 -16.44
O1P UFP S . 8.11 20.75 -15.46
O2P UFP S . 9.03 23.17 -15.78
O3P UFP S . 6.75 22.51 -16.64
C1 OEP T . 13.42 20.85 -21.72
C10 OEP T . 16.76 18.67 -25.03
C11 OEP T . 17.42 17.45 -24.93
C12 OEP T . 17.93 17.05 -23.70
C13 OEP T . 17.81 17.86 -22.58
C14 OEP T . 17.55 16.55 -26.13
C15 OEP T . 18.55 14.28 -26.65
C16 OEP T . 19.23 14.32 -27.87
C17 OEP T . 19.47 13.13 -28.55
C18 OEP T . 19.04 11.90 -28.06
C19 OEP T . 18.36 11.87 -26.85
C2 OEP T . 14.43 19.89 -21.63
C20 OEP T . 18.12 13.05 -26.16
C21 OEP T . 17.87 10.57 -26.28
C22 OEP T . 19.74 15.60 -28.47
C23 OEP T . 21.19 15.43 -28.86
C3 OEP T . 14.06 18.49 -21.62
C4 OEP T . 11.76 19.33 -21.80
C5 OEP T . 15.65 20.59 -21.56
C6 OEP T . 15.36 21.96 -21.62
C7 OEP T . 17.02 19.98 -21.48
C8 OEP T . 17.17 19.09 -22.68
C9 OEP T . 16.64 19.49 -23.91
N1 OEP T . 12.08 20.58 -21.80
N2 OEP T . 12.71 18.34 -21.71
N3 OEP T . 13.99 22.09 -21.71
N4 OEP T . 10.36 18.91 -21.88
N5 OEP T . 18.22 15.44 -25.82
O1 OEP T . 14.79 17.49 -21.55
O2 OEP T . 17.08 16.78 -27.24
O3 OEP T . 17.18 9.72 -26.85
O4 OEP T . 18.29 10.45 -24.99
O5 OEP T . 22.17 15.82 -28.25
O6 OEP T . 21.27 14.73 -30.02
N1 MTX U . 37.83 -15.78 -16.81
C2 MTX U . 36.61 -16.26 -16.52
NA2 MTX U . 35.63 -15.35 -15.97
N3 MTX U . 36.25 -17.54 -16.73
C4 MTX U . 37.16 -18.41 -17.25
NA4 MTX U . 36.82 -19.77 -17.48
C4A MTX U . 38.46 -17.96 -17.57
N5 MTX U . 39.38 -18.81 -18.09
C6 MTX U . 40.61 -18.34 -18.38
C7 MTX U . 40.96 -17.01 -18.16
N8 MTX U . 40.03 -16.18 -17.64
C8A MTX U . 38.77 -16.63 -17.33
C9 MTX U . 41.60 -19.32 -18.95
N10 MTX U . 41.84 -20.39 -18.01
CM MTX U . 41.39 -21.72 -18.30
C11 MTX U . 43.74 -19.59 -14.31
C12 MTX U . 44.05 -18.82 -15.43
C13 MTX U . 43.43 -19.08 -16.65
C14 MTX U . 42.50 -20.12 -16.74
C15 MTX U . 42.18 -20.88 -15.62
C16 MTX U . 42.80 -20.61 -14.41
C MTX U . 44.37 -19.33 -12.96
O MTX U . 45.49 -18.84 -12.89
N MTX U . 43.64 -19.65 -11.75
CA MTX U . 44.19 -19.42 -10.45
CT MTX U . 43.34 -20.18 -9.51
O1 MTX U . 42.50 -21.00 -9.97
O2 MTX U . 43.45 -20.01 -8.25
CB MTX U . 44.05 -17.97 -10.13
CG MTX U . 45.01 -17.34 -9.17
CD MTX U . 44.59 -16.01 -8.61
OE1 MTX U . 44.14 -15.96 -7.43
OE2 MTX U . 44.37 -15.05 -9.38
PA NDP V . 47.16 8.42 19.08
O1A NDP V . 48.57 8.16 19.55
O2A NDP V . 46.74 7.34 18.13
O5B NDP V . 46.20 8.40 20.27
C5B NDP V . 46.38 9.30 21.34
C4B NDP V . 45.37 9.31 22.40
O4B NDP V . 45.45 8.12 23.17
C3B NDP V . 45.57 10.39 23.36
O3B NDP V . 44.97 11.57 22.93
C2B NDP V . 44.89 9.88 24.51
O2B NDP V . 43.51 9.98 24.34
C1B NDP V . 45.27 8.49 24.52
N9A NDP V . 46.50 8.33 25.23
C8A NDP V . 47.74 8.37 24.69
N7A NDP V . 48.65 8.19 25.66
C5A NDP V . 48.00 8.02 26.85
C6A NDP V . 48.41 7.79 28.19
N6A NDP V . 49.85 7.70 28.51
N1A NDP V . 47.48 7.66 29.18
C2A NDP V . 46.16 7.76 28.86
N3A NDP V . 45.73 7.97 27.62
C4A NDP V . 46.63 8.10 26.58
O3 NDP V . 47.08 9.83 18.34
PN NDP V . 48.07 10.23 17.14
O1N NDP V . 47.73 11.63 16.62
O2N NDP V . 49.49 10.21 17.66
O5D NDP V . 47.90 9.17 15.94
C5D NDP V . 46.90 9.39 14.96
C4D NDP V . 47.33 9.71 13.61
O4D NDP V . 48.34 8.79 13.19
C3D NDP V . 46.23 9.54 12.66
O3D NDP V . 46.47 10.31 11.52
C2D NDP V . 46.31 8.17 12.32
O2D NDP V . 45.64 7.91 11.12
C1D NDP V . 47.77 7.98 12.22
N1N NDP V . 48.14 6.61 12.38
C2N NDP V . 49.04 6.07 11.54
C3N NDP V . 49.43 4.72 11.66
C7N NDP V . 50.45 4.17 10.67
O7N NDP V . 50.91 3.03 10.86
N7N NDP V . 50.90 4.94 9.55
C4N NDP V . 48.89 3.93 12.68
C5N NDP V . 47.96 4.52 13.54
C6N NDP V . 47.59 5.85 13.39
P2B NDP V . 42.60 10.59 25.45
O1X NDP V . 42.30 12.05 25.09
O2X NDP V . 41.35 9.80 25.51
O3X NDP V . 43.28 10.51 26.79
N1 UFP W . 83.20 0.67 -18.23
C2 UFP W . 82.07 0.10 -17.71
N3 UFP W . 80.88 0.30 -18.30
C4 UFP W . 80.76 1.04 -19.42
C5 UFP W . 81.92 1.63 -19.97
C6 UFP W . 83.10 1.43 -19.37
O2 UFP W . 82.08 -0.58 -16.71
O4 UFP W . 79.68 1.20 -19.95
F5 UFP W . 81.85 2.38 -21.10
C1' UFP W . 84.56 0.54 -17.69
C2' UFP W . 85.02 -0.91 -17.40
C3' UFP W . 86.55 -0.72 -17.35
C4' UFP W . 86.78 0.27 -18.51
O3' UFP W . 86.95 -0.12 -16.12
O4' UFP W . 85.51 0.97 -18.70
C5' UFP W . 87.20 -0.47 -19.78
O5' UFP W . 88.62 -0.61 -19.79
P UFP W . 89.00 -2.01 -20.51
O1P UFP W . 90.46 -2.20 -20.47
O2P UFP W . 88.51 -1.97 -22.04
O3P UFP W . 88.27 -3.22 -19.74
C1 OEP X . 85.00 4.42 -19.15
C10 OEP X . 82.11 8.23 -16.94
C11 OEP X . 81.10 8.11 -15.99
C12 OEP X . 80.19 7.07 -16.07
C13 OEP X . 80.27 6.15 -17.11
C14 OEP X . 81.00 9.10 -14.85
C15 OEP X . 79.49 9.49 -12.86
C16 OEP X . 79.21 10.85 -12.73
C17 OEP X . 78.79 11.36 -11.50
C18 OEP X . 78.66 10.52 -10.40
C19 OEP X . 78.95 9.17 -10.52
C2 OEP X . 83.77 4.51 -18.49
C20 OEP X . 79.37 8.66 -11.74
C21 OEP X . 78.83 8.24 -9.35
C22 OEP X . 79.32 11.80 -13.89
C23 OEP X . 78.07 12.64 -13.98
C3 OEP X . 83.71 4.12 -17.08
C4 OEP X . 86.12 3.66 -17.35
C5 OEP X . 82.84 5.00 -19.44
C6 OEP X . 83.51 5.17 -20.63
C7 OEP X . 81.37 5.26 -19.18
C8 OEP X . 81.27 6.26 -18.07
C9 OEP X . 82.19 7.30 -17.98
N1 OEP X . 86.16 4.00 -18.60
N2 OEP X . 84.95 3.72 -16.64
N3 OEP X . 84.83 4.82 -20.45
N4 OEP X . 87.30 3.19 -16.65
N5 OEP X . 79.95 8.82 -14.08
O1 OEP X . 82.75 4.13 -16.32
O2 OEP X . 81.78 10.01 -14.64
O3 OEP X . 79.33 8.37 -8.25
O4 OEP X . 78.06 7.17 -9.70
O5 OEP X . 77.14 12.50 -14.77
O6 OEP X . 78.10 13.63 -13.06
N1 MTX Y . 50.06 0.31 7.89
C2 MTX Y . 51.00 -0.38 8.56
NA2 MTX Y . 52.06 -1.01 7.82
N3 MTX Y . 50.97 -0.50 9.90
C4 MTX Y . 49.99 0.08 10.61
NA4 MTX Y . 49.93 -0.03 12.04
C4A MTX Y . 48.98 0.82 9.96
N5 MTX Y . 47.98 1.41 10.65
C6 MTX Y . 47.05 2.11 9.97
C7 MTX Y . 47.08 2.23 8.57
N8 MTX Y . 48.08 1.63 7.90
C8A MTX Y . 49.05 0.92 8.58
C9 MTX Y . 45.93 2.76 10.76
N10 MTX Y . 45.11 1.78 11.45
CM MTX Y . 45.14 1.71 12.89
C11 MTX Y . 42.80 -0.93 9.18
C12 MTX Y . 43.06 0.33 8.68
C13 MTX Y . 43.82 1.24 9.43
C14 MTX Y . 44.31 0.86 10.68
C15 MTX Y . 44.05 -0.42 11.18
C16 MTX Y . 43.29 -1.30 10.43
C MTX Y . 41.98 -1.93 8.40
O MTX Y . 41.13 -1.55 7.62
N MTX Y . 42.23 -3.35 8.59
CA MTX Y . 41.49 -4.35 7.87
CT MTX Y . 41.81 -5.65 8.50
O1 MTX Y . 42.58 -5.67 9.49
O2 MTX Y . 41.32 -6.72 8.05
CB MTX Y . 42.00 -4.39 6.46
CG MTX Y . 41.14 -4.91 5.36
CD MTX Y . 41.83 -5.26 4.09
OE1 MTX Y . 42.06 -6.46 3.82
OE2 MTX Y . 42.37 -4.36 3.39
#